data_5WBG
#
_entry.id   5WBG
#
_cell.length_a   103.293
_cell.length_b   197.786
_cell.length_c   119.222
_cell.angle_alpha   90.00
_cell.angle_beta   98.51
_cell.angle_gamma   90.00
#
_symmetry.space_group_name_H-M   'P 1 21 1'
#
loop_
_entity.id
_entity.type
_entity.pdbx_description
1 polymer 'Cytochrome P450 2B6'
2 non-polymer 'PROTOPORPHYRIN IX CONTAINING FE'
3 non-polymer (2R,4S)-6-chloro-4-(cyclopropylethynyl)-2-methyl-4-(trifluoromethyl)-1,4-dihydro-2H-3,1-benzoxazine
4 non-polymer 5-cyclohexylpentan-1-ol
5 non-polymer 5-CYCLOHEXYL-1-PENTYL-BETA-D-MALTOSIDE
6 water water
#
_entity_poly.entity_id   1
_entity_poly.type   'polypeptide(L)'
_entity_poly.pdbx_seq_one_letter_code
;MAKKTSSKGKLPPGPRPLPLLGNLLQMDRRGLLKSFLRFREKYGDVFTVHLGPRPVVMLCGVEAIREALVDKAEAFSGRG
KIAMVDPFFRGYGVIFANGNRWKVLRRFSVTTMRDFGMGKRSVEERIQEEAQCLIEELRKSKGALMDPTFLFQSITANII
CSIVFGKRFHYQDQEFLKMLNLFYQTFSLISSVFGQLFELFSGFLKHFPGAHRQVYKNLQEINAYIGHSVEKHRETLDPS
APRDLIDTYLLHMEKEKSNAHSEFSHQNLNLNTLSLFFAGTETTSTTLRYGFLLMLKYPHVAERVYREIEQVIGPHRPPE
LHDRAKMPYTEAVIYEIQRFSDLLPMGVPHIVTQHTSFRGYIIPKDTEVFLILSTALHDPHYFEKPDAFNPDHFLDANGA
LKKTEAFIPFSLGKRICLGEGIARAELFLFFTTILQNFSMASPVAPEDIDLTPQECGVGKIPPTYQIRFLPRHHHH
;
_entity_poly.pdbx_strand_id   A,B,C,D,E,F
#
# COMPACT_ATOMS: atom_id res chain seq x y z
N GLY A 9 44.79 -8.79 -1.03
CA GLY A 9 43.32 -8.91 -1.31
C GLY A 9 42.51 -9.57 -0.19
N LYS A 10 43.13 -9.68 0.99
CA LYS A 10 42.45 -10.22 2.18
C LYS A 10 42.02 -9.03 3.08
N LEU A 11 41.71 -9.31 4.36
CA LEU A 11 41.52 -8.26 5.37
C LEU A 11 42.80 -7.42 5.46
N PRO A 12 42.72 -6.13 5.90
CA PRO A 12 43.95 -5.35 6.08
C PRO A 12 44.97 -5.99 7.05
N PRO A 13 46.25 -5.59 6.93
CA PRO A 13 47.24 -6.23 7.78
C PRO A 13 47.21 -5.71 9.22
N GLY A 14 48.02 -6.32 10.08
CA GLY A 14 48.04 -5.98 11.49
C GLY A 14 48.95 -6.91 12.22
N PRO A 15 48.94 -6.88 13.54
CA PRO A 15 49.65 -7.88 14.32
C PRO A 15 49.06 -9.30 14.14
N ARG A 16 49.91 -10.32 14.15
CA ARG A 16 49.41 -11.73 14.11
C ARG A 16 48.72 -12.11 15.41
N PRO A 17 47.45 -12.52 15.33
CA PRO A 17 46.64 -12.82 16.50
C PRO A 17 46.94 -14.23 17.03
N LEU A 18 46.43 -14.54 18.21
CA LEU A 18 46.50 -15.89 18.78
C LEU A 18 45.09 -16.42 18.96
N PRO A 19 44.89 -17.72 18.69
CA PRO A 19 43.51 -18.27 18.83
C PRO A 19 42.99 -18.19 20.27
N LEU A 20 41.77 -17.71 20.46
CA LEU A 20 41.18 -17.56 21.78
C LEU A 20 41.56 -16.31 22.61
N LEU A 21 42.57 -15.57 22.17
CA LEU A 21 43.05 -14.41 22.91
C LEU A 21 43.12 -13.23 21.98
N GLY A 22 43.17 -13.51 20.68
CA GLY A 22 43.43 -12.44 19.68
C GLY A 22 44.76 -11.76 19.89
N ASN A 23 44.77 -10.44 19.70
CA ASN A 23 46.00 -9.66 19.82
C ASN A 23 46.23 -9.16 21.23
N LEU A 24 45.63 -9.85 22.22
CA LEU A 24 45.76 -9.43 23.60
C LEU A 24 47.19 -9.09 23.96
N LEU A 25 48.14 -9.96 23.64
CA LEU A 25 49.50 -9.79 24.14
C LEU A 25 50.34 -8.81 23.32
N GLN A 26 49.71 -8.01 22.47
CA GLN A 26 50.44 -6.91 21.79
C GLN A 26 49.80 -5.54 22.04
N MET A 27 48.80 -5.56 22.91
CA MET A 27 48.10 -4.37 23.31
C MET A 27 48.96 -3.45 24.19
N ASP A 28 48.36 -2.46 24.82
CA ASP A 28 49.15 -1.55 25.60
C ASP A 28 48.46 -1.22 26.90
N ARG A 29 48.95 -1.74 28.00
CA ARG A 29 48.28 -1.59 29.27
C ARG A 29 47.58 -0.26 29.33
N ARG A 30 48.16 0.75 28.75
CA ARG A 30 47.45 2.00 28.80
C ARG A 30 46.02 1.87 28.31
N GLY A 31 45.80 1.73 27.01
CA GLY A 31 44.47 1.43 26.53
C GLY A 31 44.25 0.87 25.15
N LEU A 32 42.98 0.79 24.81
CA LEU A 32 42.52 0.37 23.53
C LEU A 32 43.10 1.35 22.53
N LEU A 33 42.99 2.65 22.82
CA LEU A 33 43.47 3.67 21.89
C LEU A 33 44.99 3.68 21.82
N LYS A 34 45.65 3.72 22.98
CA LYS A 34 47.12 3.78 22.96
C LYS A 34 47.65 2.57 22.20
N SER A 35 47.03 1.42 22.44
CA SER A 35 47.28 0.20 21.67
C SER A 35 47.21 0.45 20.18
N PHE A 36 46.04 0.92 19.73
CA PHE A 36 45.83 1.16 18.30
C PHE A 36 46.82 2.17 17.72
N LEU A 37 47.14 3.22 18.47
CA LEU A 37 48.17 4.15 18.04
C LEU A 37 49.53 3.49 17.72
N ARG A 38 49.96 2.54 18.57
CA ARG A 38 51.23 1.79 18.36
C ARG A 38 51.17 1.02 17.06
N PHE A 39 50.05 0.33 16.84
CA PHE A 39 49.85 -0.49 15.64
C PHE A 39 49.95 0.38 14.40
N ARG A 40 49.31 1.54 14.43
CA ARG A 40 49.39 2.50 13.33
C ARG A 40 50.83 2.86 12.91
N GLU A 41 51.73 2.98 13.87
CA GLU A 41 53.12 3.29 13.55
C GLU A 41 53.70 2.17 12.67
N LYS A 42 53.29 0.94 12.95
CA LYS A 42 53.87 -0.21 12.27
C LYS A 42 53.16 -0.51 10.94
N TYR A 43 51.84 -0.41 10.91
CA TYR A 43 51.06 -0.88 9.76
C TYR A 43 50.40 0.20 8.93
N GLY A 44 50.54 1.47 9.30
CA GLY A 44 49.94 2.54 8.49
C GLY A 44 48.49 2.82 8.81
N ASP A 45 47.80 3.53 7.91
CA ASP A 45 46.48 4.16 8.23
C ASP A 45 45.26 3.22 8.26
N VAL A 46 45.42 2.03 7.69
CA VAL A 46 44.37 1.02 7.62
C VAL A 46 44.96 -0.31 8.05
N PHE A 47 44.38 -0.94 9.06
CA PHE A 47 44.94 -2.18 9.62
C PHE A 47 43.92 -2.94 10.44
N THR A 48 44.29 -4.18 10.80
CA THR A 48 43.34 -5.12 11.42
C THR A 48 43.80 -5.61 12.78
N VAL A 49 42.94 -5.45 13.77
CA VAL A 49 43.24 -5.91 15.11
C VAL A 49 42.17 -6.89 15.54
N HIS A 50 42.61 -7.94 16.22
CA HIS A 50 41.68 -8.95 16.70
C HIS A 50 41.33 -8.71 18.17
N LEU A 51 40.23 -7.99 18.40
CA LEU A 51 39.74 -7.79 19.74
C LEU A 51 39.09 -9.08 20.23
N GLY A 52 39.83 -9.85 21.00
CA GLY A 52 39.39 -11.17 21.36
C GLY A 52 39.12 -11.95 20.09
N PRO A 53 37.97 -12.63 20.03
CA PRO A 53 37.67 -13.50 18.91
C PRO A 53 37.50 -12.81 17.54
N ARG A 54 37.09 -11.55 17.48
CA ARG A 54 36.77 -10.90 16.17
C ARG A 54 37.87 -10.08 15.56
N PRO A 55 37.89 -10.02 14.22
CA PRO A 55 38.70 -8.98 13.62
C PRO A 55 37.92 -7.68 13.61
N VAL A 56 38.62 -6.57 13.84
CA VAL A 56 38.03 -5.25 13.76
C VAL A 56 39.03 -4.42 12.97
N VAL A 57 38.50 -3.64 12.03
CA VAL A 57 39.35 -2.86 11.13
C VAL A 57 39.41 -1.44 11.63
N MET A 58 40.63 -0.94 11.78
CA MET A 58 40.86 0.43 12.23
C MET A 58 41.11 1.32 11.04
N LEU A 59 40.51 2.51 11.04
CA LEU A 59 40.85 3.52 10.04
C LEU A 59 41.33 4.82 10.65
N CYS A 60 42.52 5.23 10.25
CA CYS A 60 43.19 6.37 10.85
C CYS A 60 43.46 7.47 9.84
N GLY A 61 43.47 8.69 10.33
CA GLY A 61 43.80 9.82 9.48
C GLY A 61 42.57 10.32 8.80
N VAL A 62 42.58 11.60 8.44
CA VAL A 62 41.39 12.20 7.88
C VAL A 62 41.07 11.68 6.47
N GLU A 63 42.10 11.37 5.67
CA GLU A 63 41.88 10.92 4.29
C GLU A 63 41.14 9.59 4.28
N ALA A 64 41.64 8.64 5.07
CA ALA A 64 41.04 7.31 5.18
C ALA A 64 39.61 7.39 5.72
N ILE A 65 39.41 8.15 6.79
CA ILE A 65 38.08 8.22 7.38
C ILE A 65 37.04 8.79 6.39
N ARG A 66 37.42 9.85 5.68
CA ARG A 66 36.53 10.48 4.69
C ARG A 66 36.24 9.51 3.57
N GLU A 67 37.30 8.89 3.03
CA GLU A 67 37.16 7.84 2.03
C GLU A 67 36.09 6.79 2.40
N ALA A 68 36.12 6.34 3.64
CA ALA A 68 35.15 5.39 4.10
C ALA A 68 33.79 6.03 4.29
N LEU A 69 33.68 6.98 5.22
CA LEU A 69 32.35 7.49 5.63
C LEU A 69 31.59 8.32 4.58
N VAL A 70 32.35 8.95 3.67
CA VAL A 70 31.75 9.84 2.67
C VAL A 70 31.75 9.19 1.29
N ASP A 71 32.92 8.82 0.77
CA ASP A 71 33.02 8.26 -0.58
C ASP A 71 32.37 6.89 -0.67
N LYS A 72 32.70 6.02 0.28
CA LYS A 72 32.06 4.73 0.34
C LYS A 72 30.95 4.70 1.40
N ALA A 73 30.14 5.77 1.42
CA ALA A 73 29.11 5.93 2.46
C ALA A 73 28.15 4.75 2.57
N GLU A 74 27.55 4.32 1.47
CA GLU A 74 26.59 3.21 1.52
C GLU A 74 27.17 1.96 2.19
N ALA A 75 28.38 1.58 1.78
CA ALA A 75 29.05 0.42 2.35
C ALA A 75 29.36 0.54 3.87
N PHE A 76 29.73 1.73 4.33
CA PHE A 76 30.23 1.95 5.70
C PHE A 76 29.23 2.54 6.68
N SER A 77 27.93 2.34 6.46
CA SER A 77 26.93 3.05 7.23
C SER A 77 26.33 2.29 8.37
N GLY A 78 26.80 1.09 8.61
CA GLY A 78 26.15 0.25 9.60
C GLY A 78 26.68 0.54 10.97
N ARG A 79 25.89 0.18 11.98
CA ARG A 79 26.30 0.38 13.36
C ARG A 79 26.77 -0.93 13.98
N GLY A 80 27.95 -0.94 14.56
CA GLY A 80 28.45 -2.07 15.34
C GLY A 80 27.88 -1.98 16.74
N LYS A 81 28.49 -2.66 17.68
CA LYS A 81 27.92 -2.61 19.01
C LYS A 81 29.00 -2.47 20.06
N ILE A 82 28.58 -1.96 21.22
CA ILE A 82 29.45 -1.75 22.35
C ILE A 82 29.09 -2.77 23.42
N ALA A 83 30.01 -3.71 23.65
CA ALA A 83 29.75 -4.91 24.45
C ALA A 83 29.13 -4.61 25.81
N MET A 84 29.50 -3.48 26.41
CA MET A 84 29.05 -3.13 27.75
C MET A 84 27.56 -2.81 27.83
N VAL A 85 27.00 -2.30 26.73
CA VAL A 85 25.61 -1.88 26.74
C VAL A 85 24.73 -2.69 25.80
N ASP A 86 25.33 -3.54 24.99
CA ASP A 86 24.54 -4.28 24.01
C ASP A 86 23.45 -5.09 24.67
N PRO A 87 23.72 -5.71 25.83
CA PRO A 87 22.65 -6.53 26.41
C PRO A 87 21.43 -5.69 26.75
N PHE A 88 21.67 -4.43 27.07
CA PHE A 88 20.56 -3.54 27.29
C PHE A 88 19.85 -3.16 25.99
N PHE A 89 20.58 -2.61 25.03
CA PHE A 89 19.98 -2.14 23.79
C PHE A 89 19.59 -3.18 22.78
N ARG A 90 20.44 -4.14 22.52
CA ARG A 90 20.20 -5.23 21.57
C ARG A 90 19.55 -4.76 20.30
N GLY A 91 20.10 -3.73 19.70
CA GLY A 91 19.62 -3.26 18.40
C GLY A 91 18.49 -2.23 18.34
N TYR A 92 17.93 -1.88 19.50
CA TYR A 92 16.88 -0.86 19.58
C TYR A 92 17.33 0.58 19.89
N GLY A 93 16.58 1.55 19.40
CA GLY A 93 16.91 2.97 19.61
C GLY A 93 17.92 3.48 18.60
N VAL A 94 17.78 4.72 18.15
CA VAL A 94 18.56 5.21 17.00
C VAL A 94 20.08 5.02 17.03
N ILE A 95 20.70 5.24 18.16
CA ILE A 95 22.17 5.07 18.22
C ILE A 95 22.59 3.66 17.76
N PHE A 96 21.98 2.63 18.31
CA PHE A 96 22.37 1.29 17.95
C PHE A 96 21.50 0.54 17.00
N ALA A 97 20.61 1.24 16.34
CA ALA A 97 19.69 0.68 15.38
C ALA A 97 20.35 0.47 14.05
N ASN A 98 19.95 -0.57 13.32
CA ASN A 98 20.44 -0.83 11.98
C ASN A 98 19.34 -1.04 10.96
N GLY A 99 19.72 -1.12 9.69
CA GLY A 99 18.74 -1.26 8.61
C GLY A 99 17.56 -0.30 8.66
N ASN A 100 16.36 -0.83 8.44
CA ASN A 100 15.21 0.03 8.35
C ASN A 100 14.78 0.62 9.67
N ARG A 101 14.93 -0.14 10.75
CA ARG A 101 14.65 0.42 12.05
C ARG A 101 15.40 1.76 12.26
N TRP A 102 16.63 1.81 11.79
CA TRP A 102 17.40 3.01 11.93
C TRP A 102 16.90 4.09 11.01
N LYS A 103 16.71 3.77 9.73
CA LYS A 103 16.20 4.76 8.75
C LYS A 103 15.02 5.48 9.38
N VAL A 104 14.09 4.71 9.94
CA VAL A 104 12.88 5.27 10.57
C VAL A 104 13.18 6.12 11.80
N LEU A 105 13.92 5.54 12.74
CA LEU A 105 14.17 6.19 14.02
C LEU A 105 14.92 7.49 13.82
N ARG A 106 15.93 7.46 12.95
CA ARG A 106 16.73 8.64 12.66
C ARG A 106 15.87 9.76 12.07
N ARG A 107 15.19 9.45 10.97
CA ARG A 107 14.28 10.42 10.35
C ARG A 107 13.40 11.06 11.41
N PHE A 108 12.75 10.24 12.24
CA PHE A 108 11.90 10.75 13.30
C PHE A 108 12.67 11.65 14.26
N SER A 109 13.74 11.12 14.83
CA SER A 109 14.54 11.85 15.79
C SER A 109 15.05 13.20 15.27
N VAL A 110 15.46 13.26 14.00
CA VAL A 110 15.90 14.52 13.39
C VAL A 110 14.74 15.50 13.23
N THR A 111 13.66 15.08 12.55
CA THR A 111 12.51 15.95 12.32
C THR A 111 11.80 16.31 13.61
N THR A 112 12.40 16.06 14.77
CA THR A 112 11.79 16.51 16.03
C THR A 112 12.80 17.27 16.90
N MET A 113 13.54 18.13 16.22
CA MET A 113 14.36 19.19 16.79
C MET A 113 14.05 20.14 15.61
N ARG A 114 14.51 19.71 14.43
CA ARG A 114 14.37 20.46 13.17
C ARG A 114 12.89 20.76 12.84
N ASP A 115 11.96 20.12 13.53
CA ASP A 115 10.54 20.51 13.46
C ASP A 115 10.00 20.76 14.86
N PHE A 116 9.94 22.04 15.21
CA PHE A 116 9.51 22.46 16.54
C PHE A 116 8.04 22.85 16.61
N GLY A 117 7.43 22.49 17.74
CA GLY A 117 6.03 22.80 18.06
C GLY A 117 5.48 24.16 17.66
N MET A 118 4.28 24.16 17.08
CA MET A 118 3.65 25.37 16.53
C MET A 118 3.71 26.55 17.52
N GLY A 119 3.05 26.41 18.67
CA GLY A 119 3.11 27.44 19.71
C GLY A 119 4.40 27.46 20.51
N LYS A 120 4.87 26.28 20.93
CA LYS A 120 6.07 26.06 21.76
C LYS A 120 7.37 26.81 21.31
N ARG A 121 8.31 26.97 22.25
CA ARG A 121 9.53 27.82 22.07
C ARG A 121 10.61 27.35 21.07
N SER A 122 11.51 28.27 20.75
CA SER A 122 12.64 28.01 19.87
C SER A 122 13.67 27.18 20.63
N VAL A 123 14.61 26.59 19.90
CA VAL A 123 15.69 25.82 20.52
C VAL A 123 16.70 26.76 21.18
N GLU A 124 17.08 27.81 20.44
CA GLU A 124 17.94 28.87 20.96
C GLU A 124 17.35 29.42 22.25
N GLU A 125 16.08 29.79 22.21
CA GLU A 125 15.39 30.33 23.38
C GLU A 125 15.41 29.41 24.60
N ARG A 126 15.20 28.12 24.38
CA ARG A 126 15.29 27.13 25.45
C ARG A 126 16.67 27.22 26.11
N ILE A 127 17.72 27.28 25.29
CA ILE A 127 19.10 27.40 25.77
C ILE A 127 19.35 28.73 26.46
N GLN A 128 18.83 29.81 25.88
CA GLN A 128 19.01 31.16 26.42
C GLN A 128 18.41 31.30 27.81
N GLU A 129 17.30 30.61 28.06
CA GLU A 129 16.65 30.60 29.35
C GLU A 129 17.46 29.78 30.31
N GLU A 130 17.84 28.59 29.88
CA GLU A 130 18.68 27.75 30.74
C GLU A 130 19.89 28.55 31.25
N ALA A 131 20.67 29.11 30.33
CA ALA A 131 21.85 29.89 30.69
C ALA A 131 21.62 30.88 31.81
N GLN A 132 20.50 31.60 31.74
CA GLN A 132 20.11 32.53 32.78
C GLN A 132 19.97 31.80 34.12
N CYS A 133 19.07 30.83 34.19
CA CYS A 133 18.88 30.05 35.41
C CYS A 133 20.25 29.70 35.97
N LEU A 134 21.13 29.24 35.09
CA LEU A 134 22.50 28.90 35.44
C LEU A 134 23.24 30.09 36.05
N ILE A 135 23.23 31.25 35.39
CA ILE A 135 23.98 32.35 35.99
C ILE A 135 23.33 32.78 37.30
N GLU A 136 22.01 32.72 37.35
CA GLU A 136 21.27 33.07 38.56
C GLU A 136 21.45 32.04 39.67
N GLU A 137 22.39 31.11 39.51
CA GLU A 137 22.60 30.03 40.46
C GLU A 137 24.06 30.00 40.82
N LEU A 138 24.89 30.40 39.86
CA LEU A 138 26.30 30.73 40.10
C LEU A 138 26.50 31.89 41.08
N ARG A 139 25.64 32.90 40.95
CA ARG A 139 25.62 34.02 41.87
C ARG A 139 25.13 33.56 43.25
N LYS A 140 24.09 32.73 43.28
CA LYS A 140 23.58 32.23 44.55
C LYS A 140 24.61 31.38 45.31
N SER A 141 25.71 30.97 44.67
CA SER A 141 26.83 30.28 45.35
C SER A 141 27.81 31.26 46.01
N LYS A 142 27.58 32.55 45.73
CA LYS A 142 28.38 33.70 46.18
C LYS A 142 29.92 33.56 46.09
N GLY A 143 30.42 32.84 45.08
CA GLY A 143 31.86 32.70 44.83
C GLY A 143 32.56 31.46 45.41
N ALA A 144 31.77 30.54 45.96
CA ALA A 144 32.29 29.33 46.63
C ALA A 144 33.04 28.38 45.68
N LEU A 145 34.04 27.64 46.16
CA LEU A 145 34.55 26.49 45.38
C LEU A 145 33.46 25.43 45.23
N MET A 146 33.35 24.89 44.02
CA MET A 146 32.41 23.84 43.70
C MET A 146 33.02 22.97 42.62
N ASP A 147 32.50 21.75 42.53
CA ASP A 147 32.74 20.92 41.37
C ASP A 147 31.63 21.15 40.38
N PRO A 148 31.96 21.73 39.21
CA PRO A 148 30.91 22.13 38.26
C PRO A 148 30.16 20.93 37.63
N THR A 149 30.72 19.71 37.77
CA THR A 149 30.17 18.51 37.14
C THR A 149 28.64 18.42 37.14
N PHE A 150 28.04 18.53 38.32
CA PHE A 150 26.59 18.36 38.47
C PHE A 150 25.81 19.47 37.77
N LEU A 151 26.41 20.65 37.61
CA LEU A 151 25.73 21.77 36.96
C LEU A 151 25.86 21.73 35.47
N PHE A 152 27.05 21.38 34.99
CA PHE A 152 27.22 21.28 33.56
C PHE A 152 26.33 20.18 33.01
N GLN A 153 26.19 19.10 33.77
CA GLN A 153 25.25 18.03 33.42
C GLN A 153 23.84 18.58 33.43
N SER A 154 23.49 19.30 34.49
CA SER A 154 22.15 19.84 34.67
C SER A 154 21.67 20.68 33.49
N ILE A 155 22.47 21.66 33.08
CA ILE A 155 22.05 22.52 32.00
C ILE A 155 21.86 21.79 30.65
N THR A 156 22.78 20.91 30.27
CA THR A 156 22.64 20.22 28.98
C THR A 156 21.48 19.23 28.96
N ALA A 157 21.25 18.56 30.09
CA ALA A 157 20.14 17.64 30.25
C ALA A 157 18.79 18.34 30.16
N ASN A 158 18.72 19.55 30.73
CA ASN A 158 17.48 20.31 30.71
C ASN A 158 17.08 20.76 29.32
N ILE A 159 18.06 20.88 28.42
CA ILE A 159 17.75 21.19 27.06
C ILE A 159 17.02 20.05 26.36
N ILE A 160 17.43 18.81 26.61
CA ILE A 160 16.75 17.64 26.06
C ILE A 160 15.38 17.46 26.68
N CYS A 161 15.34 17.35 28.00
CA CYS A 161 14.07 17.16 28.71
C CYS A 161 13.05 18.14 28.17
N SER A 162 13.52 19.35 27.88
CA SER A 162 12.69 20.38 27.32
C SER A 162 12.05 19.89 26.05
N ILE A 163 12.83 19.35 25.12
CA ILE A 163 12.33 18.83 23.87
C ILE A 163 11.58 17.51 24.05
N VAL A 164 12.11 16.64 24.89
CA VAL A 164 11.54 15.32 25.11
C VAL A 164 10.29 15.34 25.97
N PHE A 165 10.41 15.81 27.22
CA PHE A 165 9.25 15.81 28.15
C PHE A 165 8.51 17.15 28.23
N GLY A 166 9.03 18.15 27.54
CA GLY A 166 8.44 19.48 27.53
C GLY A 166 8.51 20.16 28.89
N LYS A 167 9.70 20.24 29.46
CA LYS A 167 9.88 20.83 30.80
C LYS A 167 11.32 20.70 31.28
N ARG A 168 11.61 21.32 32.41
CA ARG A 168 12.94 21.26 33.01
C ARG A 168 12.89 20.82 34.48
N PHE A 169 14.07 20.63 35.07
CA PHE A 169 14.19 20.25 36.48
C PHE A 169 15.02 21.30 37.21
N HIS A 170 14.77 21.48 38.51
CA HIS A 170 15.51 22.45 39.31
C HIS A 170 16.84 21.91 39.82
N TYR A 171 17.89 22.72 39.71
CA TYR A 171 19.22 22.27 40.06
C TYR A 171 19.31 21.58 41.44
N GLN A 172 18.52 22.06 42.41
CA GLN A 172 18.50 21.52 43.78
C GLN A 172 17.48 20.39 43.99
N ASP A 173 16.92 19.86 42.90
CA ASP A 173 16.02 18.70 42.95
C ASP A 173 16.79 17.36 43.10
N GLN A 174 16.24 16.46 43.93
CA GLN A 174 16.89 15.19 44.31
C GLN A 174 16.79 14.06 43.30
N GLU A 175 15.58 13.66 42.93
CA GLU A 175 15.41 12.55 41.98
C GLU A 175 16.18 12.84 40.70
N PHE A 176 16.28 14.12 40.39
CA PHE A 176 17.00 14.62 39.20
C PHE A 176 18.48 14.41 39.36
N LEU A 177 19.05 14.91 40.44
CA LEU A 177 20.46 14.71 40.77
C LEU A 177 20.87 13.22 40.84
N LYS A 178 19.93 12.35 41.22
CA LYS A 178 20.16 10.90 41.26
C LYS A 178 20.27 10.32 39.84
N MET A 179 19.39 10.77 38.94
CA MET A 179 19.45 10.37 37.54
C MET A 179 20.77 10.74 36.87
N LEU A 180 21.16 12.02 36.98
CA LEU A 180 22.36 12.52 36.32
C LEU A 180 23.57 11.82 36.84
N ASN A 181 23.56 11.49 38.11
CA ASN A 181 24.54 10.55 38.66
C ASN A 181 24.56 9.13 38.05
N LEU A 182 23.41 8.57 37.69
CA LEU A 182 23.41 7.28 37.00
C LEU A 182 24.04 7.38 35.62
N PHE A 183 23.83 8.52 34.96
CA PHE A 183 24.42 8.78 33.65
C PHE A 183 25.92 8.86 33.76
N TYR A 184 26.38 9.72 34.66
CA TYR A 184 27.80 9.97 34.83
C TYR A 184 28.61 8.71 35.13
N GLN A 185 28.04 7.88 35.99
CA GLN A 185 28.70 6.68 36.45
C GLN A 185 28.68 5.65 35.33
N THR A 186 27.61 5.62 34.56
CA THR A 186 27.46 4.63 33.51
C THR A 186 28.46 4.90 32.43
N PHE A 187 28.56 6.18 32.06
CA PHE A 187 29.45 6.64 31.01
C PHE A 187 30.92 6.38 31.32
N SER A 188 31.24 6.45 32.59
CA SER A 188 32.58 6.30 33.14
C SER A 188 32.97 4.85 33.31
N LEU A 189 32.00 4.01 33.60
CA LEU A 189 32.19 2.57 33.67
C LEU A 189 32.42 2.00 32.27
N ILE A 190 31.66 2.47 31.28
CA ILE A 190 31.91 2.14 29.87
C ILE A 190 33.31 2.58 29.40
N SER A 191 33.79 3.71 29.93
CA SER A 191 35.05 4.25 29.47
C SER A 191 36.20 3.70 30.28
N SER A 192 35.86 2.92 31.32
CA SER A 192 36.83 2.36 32.25
C SER A 192 37.70 1.32 31.60
N VAL A 193 38.69 0.82 32.33
CA VAL A 193 39.62 -0.15 31.78
C VAL A 193 38.95 -1.49 31.68
N PHE A 194 38.12 -1.83 32.67
CA PHE A 194 37.29 -3.02 32.56
C PHE A 194 36.44 -2.88 31.33
N GLY A 195 35.76 -1.75 31.19
CA GLY A 195 34.90 -1.52 30.05
C GLY A 195 35.58 -1.86 28.74
N GLN A 196 36.89 -1.60 28.65
CA GLN A 196 37.63 -1.91 27.43
C GLN A 196 37.85 -3.42 27.30
N LEU A 197 38.45 -4.01 28.33
CA LEU A 197 38.65 -5.44 28.38
C LEU A 197 37.33 -6.16 28.09
N PHE A 198 36.21 -5.59 28.52
CA PHE A 198 34.93 -6.20 28.24
C PHE A 198 34.69 -6.26 26.73
N GLU A 199 35.16 -5.25 26.00
CA GLU A 199 34.99 -5.24 24.55
C GLU A 199 35.66 -6.42 23.96
N LEU A 200 36.81 -6.76 24.53
CA LEU A 200 37.61 -7.86 24.04
C LEU A 200 36.99 -9.19 24.40
N PHE A 201 36.64 -9.37 25.66
CA PHE A 201 36.24 -10.67 26.13
C PHE A 201 34.91 -10.70 26.79
N SER A 202 33.92 -10.03 26.20
CA SER A 202 32.59 -10.04 26.79
C SER A 202 32.05 -11.45 26.93
N GLY A 203 32.26 -12.27 25.90
CA GLY A 203 31.74 -13.66 25.84
C GLY A 203 32.00 -14.44 27.11
N PHE A 204 33.22 -14.28 27.62
CA PHE A 204 33.65 -14.95 28.82
C PHE A 204 33.28 -14.14 30.06
N LEU A 205 33.52 -12.82 30.05
CA LEU A 205 33.25 -12.03 31.25
C LEU A 205 31.78 -11.92 31.64
N LYS A 206 30.89 -11.96 30.64
CA LYS A 206 29.43 -11.96 30.86
C LYS A 206 29.09 -12.77 32.12
N HIS A 207 29.72 -13.92 32.30
CA HIS A 207 29.38 -14.85 33.37
C HIS A 207 29.92 -14.54 34.77
N PHE A 208 30.62 -13.43 34.94
CA PHE A 208 31.15 -13.07 36.24
C PHE A 208 30.80 -11.66 36.68
N PRO A 209 30.84 -11.39 37.98
CA PRO A 209 30.64 -10.04 38.49
C PRO A 209 31.56 -9.03 37.82
N GLY A 210 31.12 -7.80 37.71
CA GLY A 210 31.92 -6.75 37.13
C GLY A 210 31.05 -5.58 36.72
N ALA A 211 31.68 -4.51 36.23
CA ALA A 211 30.93 -3.33 35.83
C ALA A 211 29.72 -3.57 34.93
N HIS A 212 29.88 -4.36 33.88
CA HIS A 212 28.77 -4.61 32.94
C HIS A 212 27.41 -4.78 33.61
N ARG A 213 27.41 -5.41 34.78
CA ARG A 213 26.19 -5.63 35.56
C ARG A 213 25.60 -4.34 36.12
N GLN A 214 26.47 -3.47 36.62
CA GLN A 214 26.09 -2.14 37.05
C GLN A 214 25.58 -1.24 35.89
N VAL A 215 26.33 -1.21 34.79
CA VAL A 215 25.91 -0.43 33.63
C VAL A 215 24.51 -0.87 33.21
N TYR A 216 24.24 -2.18 33.17
CA TYR A 216 22.88 -2.71 32.98
C TYR A 216 21.86 -2.17 33.98
N LYS A 217 22.15 -2.34 35.27
CA LYS A 217 21.21 -1.92 36.34
C LYS A 217 20.88 -0.46 36.24
N ASN A 218 21.91 0.34 35.91
CA ASN A 218 21.72 1.77 35.67
C ASN A 218 20.83 2.08 34.48
N LEU A 219 21.11 1.45 33.34
CA LEU A 219 20.29 1.62 32.14
C LEU A 219 18.87 1.19 32.40
N GLN A 220 18.69 0.09 33.10
CA GLN A 220 17.33 -0.34 33.40
C GLN A 220 16.59 0.73 34.23
N GLU A 221 17.29 1.28 35.21
CA GLU A 221 16.68 2.25 36.12
C GLU A 221 16.28 3.59 35.48
N ILE A 222 17.13 4.11 34.61
CA ILE A 222 16.75 5.28 33.85
C ILE A 222 15.54 4.95 32.98
N ASN A 223 15.67 3.89 32.18
CA ASN A 223 14.60 3.38 31.33
C ASN A 223 13.28 3.20 32.07
N ALA A 224 13.34 2.84 33.36
CA ALA A 224 12.14 2.71 34.17
C ALA A 224 11.45 4.05 34.31
N TYR A 225 12.23 5.11 34.54
CA TYR A 225 11.70 6.45 34.72
C TYR A 225 11.05 6.91 33.43
N ILE A 226 11.76 6.73 32.32
CA ILE A 226 11.25 7.09 31.01
C ILE A 226 9.94 6.37 30.79
N GLY A 227 9.90 5.09 31.16
CA GLY A 227 8.72 4.25 30.99
C GLY A 227 7.48 4.82 31.66
N HIS A 228 7.62 5.15 32.95
CA HIS A 228 6.53 5.77 33.71
C HIS A 228 6.12 7.05 33.05
N SER A 229 7.09 7.90 32.73
CA SER A 229 6.80 9.17 32.08
C SER A 229 6.03 9.00 30.78
N VAL A 230 6.39 7.99 29.99
CA VAL A 230 5.61 7.70 28.78
C VAL A 230 4.18 7.37 29.15
N GLU A 231 3.97 6.49 30.13
CA GLU A 231 2.60 6.17 30.62
C GLU A 231 1.80 7.43 31.03
N LYS A 232 2.42 8.31 31.82
CA LYS A 232 1.80 9.60 32.21
C LYS A 232 1.41 10.43 30.98
N HIS A 233 2.31 10.59 30.02
CA HIS A 233 2.00 11.24 28.74
C HIS A 233 0.80 10.65 27.99
N ARG A 234 0.76 9.32 27.87
CA ARG A 234 -0.32 8.61 27.17
C ARG A 234 -1.71 8.91 27.76
N GLU A 235 -1.79 9.10 29.07
CA GLU A 235 -3.06 9.49 29.70
C GLU A 235 -3.52 10.88 29.29
N THR A 236 -2.66 11.87 29.46
CA THR A 236 -3.04 13.27 29.22
C THR A 236 -2.91 13.71 27.77
N LEU A 237 -2.73 12.75 26.87
CA LEU A 237 -2.42 13.02 25.46
C LEU A 237 -3.54 13.74 24.69
N ASP A 238 -3.17 14.79 23.95
CA ASP A 238 -4.12 15.51 23.09
C ASP A 238 -3.79 15.45 21.59
N PRO A 239 -4.45 14.51 20.86
CA PRO A 239 -4.22 14.19 19.44
C PRO A 239 -3.97 15.37 18.49
N SER A 240 -4.43 16.57 18.83
CA SER A 240 -4.28 17.72 17.93
C SER A 240 -3.52 18.89 18.58
N ALA A 241 -2.90 18.61 19.72
CA ALA A 241 -1.93 19.53 20.34
C ALA A 241 -0.84 18.76 21.10
N PRO A 242 0.14 18.17 20.37
CA PRO A 242 1.26 17.48 20.96
C PRO A 242 2.23 18.38 21.75
N ARG A 243 2.64 17.93 22.93
CA ARG A 243 3.47 18.75 23.80
C ARG A 243 4.97 18.66 23.49
N ASP A 244 5.40 17.50 23.00
CA ASP A 244 6.83 17.20 22.92
C ASP A 244 7.13 15.97 22.06
N LEU A 245 8.41 15.57 22.04
CA LEU A 245 8.89 14.38 21.34
C LEU A 245 7.99 13.18 21.64
N ILE A 246 7.84 12.84 22.92
CA ILE A 246 7.03 11.71 23.34
C ILE A 246 5.62 11.74 22.73
N ASP A 247 4.94 12.87 22.81
CA ASP A 247 3.61 12.98 22.21
C ASP A 247 3.66 12.62 20.72
N THR A 248 4.57 13.26 20.00
CA THR A 248 4.73 13.04 18.57
C THR A 248 4.83 11.55 18.24
N TYR A 249 5.64 10.85 19.02
CA TYR A 249 5.90 9.44 18.80
C TYR A 249 4.66 8.59 19.14
N LEU A 250 3.96 8.94 20.22
CA LEU A 250 2.74 8.25 20.59
C LEU A 250 1.66 8.37 19.50
N LEU A 251 1.73 9.45 18.74
CA LEU A 251 0.81 9.66 17.61
C LEU A 251 1.21 8.93 16.34
N HIS A 252 2.49 8.62 16.18
CA HIS A 252 2.91 7.71 15.12
C HIS A 252 2.53 6.28 15.47
N MET A 253 2.43 5.97 16.75
CA MET A 253 1.95 4.67 17.19
C MET A 253 0.49 4.70 16.75
N GLU A 254 0.12 5.73 16.00
CA GLU A 254 -1.16 5.71 15.31
C GLU A 254 -1.10 4.60 14.25
N LYS A 255 0.12 4.12 13.96
CA LYS A 255 0.34 3.04 12.99
C LYS A 255 0.15 1.57 13.48
N GLU A 256 -0.67 1.44 14.53
CA GLU A 256 -1.09 0.18 15.14
C GLU A 256 -1.55 -0.90 14.15
N LYS A 257 -1.95 -0.51 12.95
CA LYS A 257 -2.41 -1.48 11.94
C LYS A 257 -1.40 -1.73 10.81
N SER A 258 -0.41 -0.85 10.67
CA SER A 258 0.49 -0.81 9.51
C SER A 258 1.94 -1.11 9.90
N ALA A 260 0.79 -3.61 10.83
CA ALA A 260 1.10 -4.62 9.83
C ALA A 260 2.53 -5.11 9.93
N HIS A 261 3.28 -4.65 10.94
CA HIS A 261 4.73 -4.92 11.06
C HIS A 261 5.49 -3.58 10.97
N SER A 262 5.67 -2.93 12.14
CA SER A 262 6.02 -1.51 12.20
C SER A 262 7.03 -1.13 13.27
N GLU A 263 7.82 -0.11 12.97
CA GLU A 263 9.00 0.19 13.78
C GLU A 263 8.76 1.04 15.05
N PHE A 264 7.51 1.41 15.31
CA PHE A 264 7.22 2.27 16.45
C PHE A 264 6.69 1.46 17.61
N SER A 265 7.57 0.62 18.17
CA SER A 265 7.29 -0.17 19.39
C SER A 265 7.51 0.69 20.62
N HIS A 266 7.00 0.21 21.75
CA HIS A 266 7.33 0.83 23.02
C HIS A 266 8.79 0.63 23.29
N GLN A 267 9.30 -0.56 22.97
CA GLN A 267 10.70 -0.79 23.23
C GLN A 267 11.52 0.30 22.56
N ASN A 268 11.20 0.60 21.30
CA ASN A 268 11.91 1.65 20.62
C ASN A 268 11.75 3.00 21.28
N LEU A 269 10.51 3.32 21.66
CA LEU A 269 10.22 4.56 22.35
C LEU A 269 11.12 4.74 23.59
N ASN A 270 11.03 3.82 24.51
CA ASN A 270 11.81 3.97 25.70
C ASN A 270 13.28 4.06 25.35
N LEU A 271 13.76 3.06 24.62
CA LEU A 271 15.18 2.95 24.28
C LEU A 271 15.68 4.13 23.46
N ASN A 272 14.82 4.68 22.61
CA ASN A 272 15.25 5.79 21.77
C ASN A 272 15.47 7.03 22.63
N THR A 273 14.47 7.29 23.47
CA THR A 273 14.51 8.41 24.39
C THR A 273 15.74 8.31 25.28
N LEU A 274 15.88 7.16 25.94
CA LEU A 274 17.06 6.86 26.73
C LEU A 274 18.28 7.24 25.90
N SER A 275 18.32 6.77 24.66
CA SER A 275 19.44 7.06 23.78
C SER A 275 19.70 8.58 23.66
N LEU A 276 18.68 9.38 23.41
CA LEU A 276 18.87 10.80 23.28
C LEU A 276 19.30 11.51 24.53
N PHE A 277 18.53 11.39 25.58
CA PHE A 277 18.89 11.95 26.85
C PHE A 277 20.34 11.81 27.13
N PHE A 278 20.75 10.57 27.06
CA PHE A 278 22.03 10.09 27.50
C PHE A 278 23.08 10.78 26.64
N ALA A 279 22.95 10.68 25.32
CA ALA A 279 23.93 11.28 24.40
C ALA A 279 23.94 12.79 24.51
N GLY A 280 22.77 13.38 24.62
CA GLY A 280 22.65 14.84 24.67
C GLY A 280 23.04 15.49 25.99
N THR A 281 23.19 14.66 27.02
CA THR A 281 23.49 15.16 28.36
C THR A 281 24.97 15.08 28.65
N GLU A 282 25.49 13.87 28.51
CA GLU A 282 26.84 13.54 28.96
C GLU A 282 27.98 13.91 28.02
N THR A 283 27.67 14.32 26.81
CA THR A 283 28.75 14.65 25.88
C THR A 283 29.04 16.15 25.86
N THR A 284 27.99 16.96 25.83
CA THR A 284 28.17 18.42 25.87
C THR A 284 28.68 18.82 27.24
N SER A 285 28.03 18.32 28.27
CA SER A 285 28.47 18.55 29.63
C SER A 285 29.95 18.25 29.73
N THR A 286 30.38 17.09 29.22
CA THR A 286 31.80 16.73 29.24
C THR A 286 32.70 17.77 28.56
N THR A 287 32.25 18.29 27.41
CA THR A 287 33.03 19.24 26.64
C THR A 287 33.16 20.54 27.43
N LEU A 288 32.03 21.04 27.94
CA LEU A 288 32.03 22.24 28.75
C LEU A 288 32.95 22.08 29.96
N ARG A 289 32.82 20.94 30.65
CA ARG A 289 33.65 20.67 31.82
C ARG A 289 35.10 20.83 31.48
N TYR A 290 35.50 20.30 30.32
CA TYR A 290 36.88 20.39 29.89
C TYR A 290 37.21 21.84 29.50
N GLY A 291 36.22 22.52 28.91
CA GLY A 291 36.39 23.87 28.46
C GLY A 291 36.86 24.72 29.62
N PHE A 292 36.16 24.60 30.74
CA PHE A 292 36.46 25.45 31.87
C PHE A 292 37.75 25.08 32.59
N LEU A 293 38.06 23.80 32.64
CA LEU A 293 39.39 23.42 33.08
C LEU A 293 40.47 24.09 32.21
N LEU A 294 40.26 24.11 30.90
CA LEU A 294 41.24 24.69 30.01
C LEU A 294 41.38 26.20 30.26
N MET A 295 40.24 26.86 30.51
CA MET A 295 40.23 28.27 30.85
C MET A 295 41.01 28.55 32.13
N LEU A 296 40.92 27.66 33.12
CA LEU A 296 41.72 27.82 34.32
C LEU A 296 43.21 27.79 34.03
N LYS A 297 43.61 26.92 33.11
CA LYS A 297 45.01 26.77 32.78
C LYS A 297 45.51 27.86 31.83
N TYR A 298 44.59 28.55 31.17
CA TYR A 298 44.99 29.55 30.18
C TYR A 298 44.18 30.82 30.35
N PRO A 299 44.35 31.50 31.49
CA PRO A 299 43.52 32.67 31.79
C PRO A 299 43.63 33.72 30.69
N HIS A 300 44.76 33.77 30.01
CA HIS A 300 44.97 34.71 28.92
C HIS A 300 43.93 34.51 27.83
N VAL A 301 43.58 33.25 27.58
CA VAL A 301 42.56 32.89 26.62
C VAL A 301 41.19 33.32 27.13
N ALA A 302 40.87 32.94 28.36
CA ALA A 302 39.63 33.38 29.00
C ALA A 302 39.46 34.90 28.89
N GLU A 303 40.51 35.64 29.28
CA GLU A 303 40.49 37.12 29.20
C GLU A 303 40.26 37.65 27.79
N ARG A 304 40.89 37.01 26.81
CA ARG A 304 40.77 37.42 25.42
C ARG A 304 39.38 37.07 24.85
N VAL A 305 38.81 35.97 25.33
CA VAL A 305 37.42 35.67 25.02
C VAL A 305 36.53 36.68 25.71
N TYR A 306 36.82 36.98 26.98
CA TYR A 306 36.00 37.97 27.67
C TYR A 306 35.96 39.28 26.92
N ARG A 307 37.12 39.75 26.47
CA ARG A 307 37.19 41.01 25.75
C ARG A 307 36.30 41.05 24.53
N GLU A 308 36.35 40.00 23.71
CA GLU A 308 35.51 39.94 22.51
C GLU A 308 34.01 40.02 22.85
N ILE A 309 33.58 39.31 23.90
CA ILE A 309 32.20 39.36 24.37
C ILE A 309 31.88 40.79 24.72
N GLU A 310 32.81 41.42 25.45
CA GLU A 310 32.65 42.80 25.87
C GLU A 310 32.66 43.72 24.65
N GLN A 311 33.48 43.41 23.66
CA GLN A 311 33.61 44.24 22.46
C GLN A 311 32.54 44.00 21.38
N VAL A 312 31.76 42.93 21.51
CA VAL A 312 30.72 42.60 20.52
C VAL A 312 29.31 42.50 21.07
N ILE A 313 29.16 41.98 22.28
CA ILE A 313 27.84 41.81 22.90
C ILE A 313 27.52 42.85 23.96
N GLY A 314 28.55 43.18 24.75
CA GLY A 314 28.40 44.12 25.85
C GLY A 314 28.18 43.34 27.12
N PRO A 315 28.12 44.04 28.27
CA PRO A 315 28.03 43.34 29.53
C PRO A 315 26.61 42.92 29.92
N HIS A 316 25.58 43.48 29.31
CA HIS A 316 24.22 43.19 29.77
C HIS A 316 23.43 42.21 28.91
N ARG A 317 23.08 42.59 27.67
CA ARG A 317 22.18 41.78 26.85
C ARG A 317 22.74 40.37 26.66
N PRO A 318 21.88 39.34 26.84
CA PRO A 318 22.33 37.95 26.81
C PRO A 318 22.84 37.62 25.41
N PRO A 319 23.90 36.80 25.33
CA PRO A 319 24.42 36.43 24.02
C PRO A 319 23.34 35.69 23.26
N GLU A 320 23.46 35.71 21.93
CA GLU A 320 22.54 35.01 21.05
C GLU A 320 23.32 34.47 19.84
N LEU A 321 22.73 33.47 19.16
CA LEU A 321 23.45 32.76 18.08
C LEU A 321 23.95 33.72 17.02
N HIS A 322 23.19 34.78 16.79
CA HIS A 322 23.50 35.76 15.78
C HIS A 322 24.92 36.30 15.92
N ASP A 323 25.41 36.37 17.16
CA ASP A 323 26.69 37.01 17.47
C ASP A 323 27.88 36.19 17.00
N ARG A 324 27.63 34.92 16.73
CA ARG A 324 28.68 33.97 16.46
C ARG A 324 29.53 34.38 15.26
N ALA A 325 28.86 34.78 14.17
CA ALA A 325 29.53 35.28 12.96
C ALA A 325 30.48 36.43 13.27
N LYS A 326 30.01 37.37 14.10
CA LYS A 326 30.77 38.57 14.49
C LYS A 326 31.90 38.34 15.52
N MET A 327 32.06 37.11 16.03
CA MET A 327 33.11 36.87 17.05
C MET A 327 33.97 35.60 16.90
N PRO A 328 34.97 35.65 15.99
CA PRO A 328 35.74 34.47 15.59
C PRO A 328 36.60 33.88 16.70
N TYR A 329 37.24 34.74 17.49
CA TYR A 329 38.14 34.23 18.52
C TYR A 329 37.42 33.21 19.42
N THR A 330 36.19 33.56 19.83
CA THR A 330 35.42 32.71 20.72
C THR A 330 35.14 31.40 20.01
N GLU A 331 34.71 31.50 18.76
CA GLU A 331 34.46 30.31 17.97
C GLU A 331 35.71 29.43 17.88
N ALA A 332 36.84 30.02 17.50
CA ALA A 332 38.09 29.27 17.44
C ALA A 332 38.42 28.60 18.78
N VAL A 333 38.13 29.26 19.90
CA VAL A 333 38.43 28.71 21.22
C VAL A 333 37.56 27.50 21.46
N ILE A 334 36.28 27.65 21.15
CA ILE A 334 35.32 26.55 21.26
C ILE A 334 35.75 25.36 20.39
N TYR A 335 36.05 25.61 19.12
CA TYR A 335 36.51 24.55 18.22
C TYR A 335 37.70 23.85 18.89
N GLU A 336 38.66 24.63 19.38
CA GLU A 336 39.85 24.04 19.97
C GLU A 336 39.53 23.23 21.19
N ILE A 337 38.60 23.71 22.02
CA ILE A 337 38.13 22.91 23.15
C ILE A 337 37.68 21.54 22.70
N GLN A 338 36.70 21.48 21.78
CA GLN A 338 36.21 20.20 21.29
C GLN A 338 37.30 19.33 20.67
N ARG A 339 38.17 19.95 19.88
CA ARG A 339 39.22 19.24 19.20
C ARG A 339 40.16 18.62 20.21
N PHE A 340 40.40 19.32 21.31
CA PHE A 340 41.42 18.93 22.27
C PHE A 340 40.72 18.04 23.28
N SER A 341 39.44 18.29 23.52
CA SER A 341 38.65 17.48 24.43
C SER A 341 38.63 16.07 23.88
N ASP A 342 38.52 15.97 22.55
CA ASP A 342 38.54 14.69 21.88
C ASP A 342 37.63 13.62 22.55
N LEU A 343 36.37 13.96 22.65
CA LEU A 343 35.44 13.22 23.47
C LEU A 343 35.21 11.73 23.11
N LEU A 344 35.19 11.41 21.82
CA LEU A 344 34.94 10.04 21.39
C LEU A 344 36.08 9.57 20.53
N PRO A 345 37.18 9.20 21.18
CA PRO A 345 38.41 8.91 20.49
C PRO A 345 38.30 7.91 19.37
N MET A 346 37.58 6.81 19.58
CA MET A 346 37.39 5.81 18.52
C MET A 346 36.05 5.90 17.85
N GLY A 347 35.41 7.05 17.95
CA GLY A 347 34.09 7.26 17.44
C GLY A 347 33.21 6.27 18.14
N VAL A 348 32.21 5.76 17.42
CA VAL A 348 31.39 4.62 17.86
C VAL A 348 31.51 3.56 16.78
N PRO A 349 31.50 2.25 17.15
CA PRO A 349 31.71 1.17 16.15
C PRO A 349 30.71 1.18 15.02
N HIS A 350 31.22 1.06 13.78
CA HIS A 350 30.43 0.93 12.56
C HIS A 350 30.59 -0.52 12.15
N ILE A 351 29.79 -0.97 11.18
CA ILE A 351 30.02 -2.24 10.48
C ILE A 351 29.83 -2.01 9.01
N VAL A 352 30.46 -2.83 8.17
CA VAL A 352 30.20 -2.70 6.76
C VAL A 352 28.98 -3.50 6.34
N THR A 353 28.23 -2.91 5.43
CA THR A 353 26.91 -3.42 5.06
C THR A 353 26.95 -4.36 3.85
N GLN A 354 28.17 -4.56 3.31
CA GLN A 354 28.42 -5.43 2.17
C GLN A 354 29.86 -5.90 2.22
N HIS A 355 30.19 -6.95 1.47
CA HIS A 355 31.58 -7.26 1.16
C HIS A 355 32.09 -5.98 0.50
N THR A 356 33.20 -5.44 0.97
CA THR A 356 33.53 -4.07 0.65
C THR A 356 34.97 -3.97 0.28
N SER A 357 35.25 -3.28 -0.83
CA SER A 357 36.61 -3.12 -1.30
C SER A 357 37.16 -1.80 -0.78
N PHE A 358 38.39 -1.83 -0.25
CA PHE A 358 39.00 -0.62 0.33
C PHE A 358 40.52 -0.56 0.25
N ARG A 359 41.05 0.44 -0.47
CA ARG A 359 42.49 0.59 -0.70
C ARG A 359 43.17 -0.76 -1.03
N GLY A 360 42.51 -1.55 -1.87
CA GLY A 360 43.00 -2.87 -2.24
C GLY A 360 42.76 -3.99 -1.25
N TYR A 361 42.15 -3.70 -0.12
CA TYR A 361 41.81 -4.73 0.83
C TYR A 361 40.36 -5.05 0.72
N ILE A 362 39.98 -6.21 1.24
CA ILE A 362 38.59 -6.60 1.25
C ILE A 362 38.09 -6.83 2.66
N ILE A 363 37.05 -6.05 3.02
CA ILE A 363 36.38 -6.13 4.31
C ILE A 363 35.02 -6.79 4.15
N PRO A 364 34.87 -8.03 4.66
CA PRO A 364 33.63 -8.80 4.53
C PRO A 364 32.44 -8.16 5.21
N LYS A 365 31.25 -8.30 4.61
CA LYS A 365 29.97 -7.89 5.21
C LYS A 365 29.99 -8.21 6.70
N ASP A 366 29.73 -7.18 7.52
CA ASP A 366 29.51 -7.31 8.98
C ASP A 366 30.76 -7.21 9.82
N THR A 367 31.90 -7.06 9.19
CA THR A 367 33.11 -6.73 9.93
C THR A 367 32.91 -5.42 10.70
N GLU A 368 33.32 -5.38 11.97
CA GLU A 368 33.25 -4.11 12.72
C GLU A 368 34.34 -3.18 12.26
N VAL A 369 34.04 -1.89 12.22
CA VAL A 369 35.03 -0.92 11.81
C VAL A 369 35.05 0.29 12.74
N PHE A 370 36.18 0.52 13.40
CA PHE A 370 36.34 1.73 14.20
C PHE A 370 36.88 2.83 13.33
N LEU A 371 36.32 4.03 13.49
CA LEU A 371 36.85 5.23 12.85
C LEU A 371 37.57 6.00 13.97
N ILE A 372 38.87 5.78 14.10
CA ILE A 372 39.70 6.45 15.13
C ILE A 372 39.67 7.96 14.85
N LEU A 373 38.57 8.58 15.22
CA LEU A 373 38.33 9.99 15.00
C LEU A 373 39.48 10.85 15.53
N SER A 374 40.12 10.35 16.56
CA SER A 374 41.00 11.19 17.27
C SER A 374 42.36 11.25 16.57
N THR A 375 42.53 10.45 15.51
CA THR A 375 43.74 10.55 14.70
C THR A 375 43.59 11.67 13.70
N ALA A 376 42.35 12.09 13.48
CA ALA A 376 42.06 13.26 12.68
C ALA A 376 42.30 14.53 13.48
N LEU A 377 41.53 14.73 14.55
CA LEU A 377 41.68 15.87 15.44
C LEU A 377 43.11 16.13 15.83
N HIS A 378 43.96 15.10 15.83
CA HIS A 378 45.36 15.24 16.28
C HIS A 378 46.41 15.10 15.17
N ASP A 379 45.96 15.21 13.92
CA ASP A 379 46.82 15.14 12.75
C ASP A 379 47.83 16.28 12.76
N PRO A 380 49.15 15.96 12.71
CA PRO A 380 50.16 17.01 12.76
C PRO A 380 50.17 17.88 11.51
N HIS A 381 49.75 17.30 10.39
CA HIS A 381 49.73 18.01 9.11
C HIS A 381 48.70 19.13 9.08
N TYR A 382 47.77 19.10 10.02
CA TYR A 382 46.73 20.12 10.09
C TYR A 382 46.88 21.02 11.30
N PHE A 383 47.63 20.56 12.31
CA PHE A 383 47.79 21.34 13.52
C PHE A 383 49.25 21.27 14.01
N GLU A 384 49.97 22.36 13.84
CA GLU A 384 51.30 22.50 14.40
C GLU A 384 51.28 22.20 15.87
N LYS A 385 52.12 21.30 16.31
CA LYS A 385 52.11 20.94 17.75
C LYS A 385 50.71 20.60 18.32
N PRO A 386 50.13 19.48 17.86
CA PRO A 386 48.72 19.09 18.07
C PRO A 386 48.40 18.58 19.46
N ASP A 387 49.43 18.22 20.22
CA ASP A 387 49.23 17.74 21.58
C ASP A 387 48.86 18.88 22.53
N ALA A 388 49.00 20.11 22.06
CA ALA A 388 48.89 21.25 22.93
C ALA A 388 47.64 22.07 22.62
N PHE A 389 47.00 22.57 23.67
CA PHE A 389 45.79 23.40 23.52
C PHE A 389 46.15 24.81 22.98
N ASN A 390 45.67 25.15 21.79
CA ASN A 390 45.96 26.41 21.17
C ASN A 390 44.93 26.86 20.12
N PRO A 391 44.06 27.81 20.50
CA PRO A 391 43.06 28.42 19.63
C PRO A 391 43.58 28.87 18.25
N ASP A 392 44.86 29.15 18.14
CA ASP A 392 45.44 29.58 16.87
C ASP A 392 45.18 28.58 15.75
N HIS A 393 45.05 27.31 16.12
CA HIS A 393 44.75 26.22 15.20
C HIS A 393 43.55 26.53 14.31
N PHE A 394 42.67 27.43 14.76
CA PHE A 394 41.45 27.75 14.02
C PHE A 394 41.37 29.21 13.58
N LEU A 395 42.53 29.86 13.56
CA LEU A 395 42.61 31.22 13.09
C LEU A 395 43.65 31.35 12.00
N ASP A 396 43.35 32.17 10.99
CA ASP A 396 44.34 32.52 9.96
C ASP A 396 45.30 33.59 10.50
N ALA A 397 45.98 34.30 9.61
CA ALA A 397 46.99 35.26 10.04
C ALA A 397 46.37 36.52 10.66
N ASN A 398 45.10 36.80 10.36
CA ASN A 398 44.44 38.02 10.84
C ASN A 398 43.49 37.82 11.99
N GLY A 399 43.45 36.61 12.54
CA GLY A 399 42.50 36.28 13.60
C GLY A 399 41.10 36.17 13.05
N ALA A 400 41.00 35.72 11.80
CA ALA A 400 39.72 35.33 11.21
C ALA A 400 39.57 33.83 11.29
N LEU A 401 38.32 33.36 11.41
CA LEU A 401 38.04 31.95 11.65
C LEU A 401 38.50 31.05 10.49
N LYS A 402 39.38 30.11 10.79
CA LYS A 402 39.88 29.18 9.78
C LYS A 402 39.34 27.75 10.00
N LYS A 403 38.18 27.48 9.42
CA LYS A 403 37.57 26.15 9.46
C LYS A 403 38.50 25.16 8.75
N THR A 404 38.53 23.91 9.21
CA THR A 404 39.30 22.87 8.55
C THR A 404 38.59 21.55 8.52
N GLU A 405 38.82 20.84 7.42
CA GLU A 405 38.13 19.62 7.09
C GLU A 405 38.60 18.43 7.91
N ALA A 406 39.65 18.64 8.70
CA ALA A 406 40.12 17.64 9.67
C ALA A 406 39.50 17.80 11.04
N PHE A 407 38.66 18.83 11.21
CA PHE A 407 37.88 18.98 12.42
C PHE A 407 36.59 18.19 12.29
N ILE A 408 36.63 16.93 12.69
CA ILE A 408 35.47 16.07 12.57
C ILE A 408 35.09 15.44 13.91
N PRO A 409 34.90 16.25 14.96
CA PRO A 409 34.61 15.60 16.26
C PRO A 409 33.21 14.98 16.30
N PHE A 410 32.38 15.33 15.32
CA PHE A 410 31.05 14.78 15.19
C PHE A 410 31.00 13.71 14.13
N SER A 411 32.15 13.21 13.67
CA SER A 411 32.16 12.15 12.66
C SER A 411 31.58 12.67 11.32
N LEU A 412 31.36 11.78 10.35
CA LEU A 412 30.92 12.17 9.01
C LEU A 412 29.88 11.22 8.44
N GLY A 413 29.21 11.66 7.37
CA GLY A 413 28.37 10.77 6.57
C GLY A 413 27.03 10.43 7.19
N LYS A 414 26.56 9.21 6.94
CA LYS A 414 25.17 8.84 7.27
C LYS A 414 24.86 8.79 8.74
N ARG A 415 25.85 8.37 9.52
CA ARG A 415 25.66 8.22 10.94
C ARG A 415 25.98 9.45 11.81
N ILE A 416 26.69 10.41 11.25
CA ILE A 416 27.06 11.66 11.89
C ILE A 416 26.11 12.29 12.88
N CYS A 417 26.63 12.78 13.99
CA CYS A 417 25.80 13.22 15.12
C CYS A 417 24.58 14.06 14.69
N LEU A 418 23.39 13.71 15.13
CA LEU A 418 22.27 14.53 14.80
C LEU A 418 22.09 15.63 15.80
N GLY A 419 22.92 15.66 16.82
CA GLY A 419 22.91 16.76 17.77
C GLY A 419 23.81 17.92 17.35
N GLU A 420 24.66 17.72 16.34
CA GLU A 420 25.64 18.75 16.01
C GLU A 420 25.08 20.15 16.16
N GLY A 421 23.93 20.39 15.55
CA GLY A 421 23.29 21.70 15.62
C GLY A 421 23.11 22.18 17.04
N ILE A 422 22.41 21.37 17.83
CA ILE A 422 22.14 21.66 19.23
C ILE A 422 23.43 21.81 20.02
N ALA A 423 24.34 20.87 19.91
CA ALA A 423 25.56 20.95 20.71
C ALA A 423 26.32 22.25 20.44
N ARG A 424 26.54 22.57 19.18
CA ARG A 424 27.29 23.74 18.82
C ARG A 424 26.60 25.01 19.31
N ALA A 425 25.29 24.93 19.46
CA ALA A 425 24.52 26.02 20.01
C ALA A 425 24.65 26.10 21.53
N GLU A 426 24.81 24.97 22.20
CA GLU A 426 24.85 25.01 23.64
C GLU A 426 26.23 25.51 23.97
N LEU A 427 27.22 24.98 23.28
CA LEU A 427 28.59 25.29 23.64
C LEU A 427 28.84 26.78 23.48
N PHE A 428 28.25 27.38 22.47
CA PHE A 428 28.44 28.79 22.28
C PHE A 428 27.71 29.62 23.30
N LEU A 429 26.39 29.46 23.39
CA LEU A 429 25.60 30.19 24.36
C LEU A 429 26.08 29.99 25.81
N PHE A 430 26.21 28.74 26.26
CA PHE A 430 26.57 28.48 27.64
C PHE A 430 27.91 29.03 27.99
N PHE A 431 28.85 28.86 27.07
CA PHE A 431 30.20 29.32 27.28
C PHE A 431 30.26 30.84 27.40
N THR A 432 29.78 31.52 26.37
CA THR A 432 29.82 32.97 26.35
C THR A 432 28.93 33.63 27.39
N THR A 433 27.76 33.06 27.69
CA THR A 433 26.91 33.63 28.77
C THR A 433 27.61 33.54 30.14
N ILE A 434 28.26 32.42 30.42
CA ILE A 434 28.92 32.23 31.71
C ILE A 434 30.05 33.21 31.82
N LEU A 435 30.87 33.26 30.78
CA LEU A 435 31.99 34.20 30.72
C LEU A 435 31.60 35.67 30.74
N GLN A 436 30.47 35.99 30.12
CA GLN A 436 29.92 37.34 30.14
C GLN A 436 29.80 37.80 31.57
N ASN A 437 29.35 36.92 32.45
CA ASN A 437 29.02 37.31 33.81
C ASN A 437 30.04 36.93 34.88
N PHE A 438 31.07 36.17 34.49
CA PHE A 438 31.98 35.63 35.47
C PHE A 438 33.41 35.58 34.98
N SER A 439 34.27 35.26 35.94
CA SER A 439 35.66 35.02 35.68
C SER A 439 36.02 33.84 36.53
N MET A 440 37.16 33.25 36.23
CA MET A 440 37.50 31.94 36.74
C MET A 440 38.56 32.02 37.81
N ALA A 441 38.40 31.24 38.88
CA ALA A 441 39.50 31.08 39.81
C ALA A 441 39.60 29.68 40.39
N SER A 442 40.83 29.32 40.71
CA SER A 442 41.17 28.04 41.34
C SER A 442 42.27 28.26 42.37
N PRO A 443 42.28 27.41 43.42
CA PRO A 443 43.47 27.32 44.29
C PRO A 443 44.73 26.93 43.51
N VAL A 444 44.58 26.01 42.56
CA VAL A 444 45.68 25.51 41.75
C VAL A 444 46.18 26.55 40.75
N ALA A 445 47.49 26.60 40.56
CA ALA A 445 48.05 27.52 39.59
C ALA A 445 47.94 26.93 38.18
N PRO A 446 47.87 27.81 37.17
CA PRO A 446 47.92 27.46 35.76
C PRO A 446 49.02 26.46 35.43
N GLU A 447 50.28 26.76 35.79
CA GLU A 447 51.42 25.87 35.51
C GLU A 447 51.22 24.46 36.08
N ASP A 448 50.33 24.34 37.06
CA ASP A 448 50.20 23.12 37.85
C ASP A 448 48.95 22.33 37.54
N ILE A 449 48.08 22.91 36.73
CA ILE A 449 46.84 22.24 36.35
C ILE A 449 47.11 21.03 35.45
N ASP A 450 46.70 19.85 35.91
CA ASP A 450 46.93 18.65 35.12
C ASP A 450 45.72 18.27 34.26
N LEU A 451 45.96 18.18 32.95
CA LEU A 451 44.91 17.96 31.96
C LEU A 451 44.63 16.49 31.69
N THR A 452 45.59 15.65 32.06
CA THR A 452 45.46 14.20 31.93
C THR A 452 44.09 13.72 32.45
N PRO A 453 43.34 13.02 31.59
CA PRO A 453 42.00 12.52 31.96
C PRO A 453 42.04 11.36 32.93
N GLN A 454 40.96 11.19 33.69
CA GLN A 454 40.69 9.98 34.43
C GLN A 454 39.78 9.25 33.44
N GLU A 455 39.95 7.94 33.27
CA GLU A 455 39.20 7.27 32.18
C GLU A 455 39.49 7.75 30.73
N CYS A 456 39.96 6.82 29.90
CA CYS A 456 40.18 7.11 28.48
C CYS A 456 39.84 5.92 27.59
N GLY A 457 38.56 5.72 27.33
CA GLY A 457 38.08 4.53 26.60
C GLY A 457 37.21 4.93 25.43
N VAL A 458 35.99 4.42 25.44
CA VAL A 458 35.02 4.87 24.45
C VAL A 458 34.93 6.41 24.50
N GLY A 459 34.98 6.95 25.71
CA GLY A 459 34.96 8.40 25.94
C GLY A 459 36.16 8.88 26.74
N LYS A 460 36.63 10.10 26.46
CA LYS A 460 37.69 10.77 27.23
C LYS A 460 36.96 11.53 28.35
N ILE A 461 37.30 11.24 29.61
CA ILE A 461 36.62 11.90 30.73
C ILE A 461 37.59 12.83 31.49
N PRO A 462 37.29 14.15 31.55
CA PRO A 462 38.27 15.02 32.16
C PRO A 462 38.49 14.74 33.66
N PRO A 463 39.68 15.08 34.16
CA PRO A 463 39.99 14.87 35.58
C PRO A 463 39.06 15.74 36.40
N THR A 464 38.81 15.32 37.62
CA THR A 464 37.84 15.98 38.45
C THR A 464 38.49 17.20 39.13
N TYR A 465 37.87 18.37 39.05
CA TYR A 465 38.50 19.57 39.56
C TYR A 465 37.51 20.51 40.26
N GLN A 466 38.06 21.41 41.08
CA GLN A 466 37.32 22.45 41.83
C GLN A 466 37.47 23.81 41.13
N ILE A 467 36.37 24.56 41.02
CA ILE A 467 36.43 25.90 40.45
C ILE A 467 35.52 26.87 41.17
N ARG A 468 35.80 28.17 41.03
CA ARG A 468 34.97 29.21 41.61
C ARG A 468 34.54 30.23 40.56
N PHE A 469 33.37 30.81 40.73
CA PHE A 469 32.85 31.82 39.76
C PHE A 469 32.60 33.21 40.35
N LEU A 470 33.39 34.16 39.86
CA LEU A 470 33.58 35.48 40.46
C LEU A 470 32.95 36.55 39.61
N PRO A 471 31.88 37.17 40.11
CA PRO A 471 31.08 38.15 39.36
C PRO A 471 31.92 39.30 38.74
N ARG A 472 31.50 39.79 37.58
CA ARG A 472 32.32 40.74 36.84
C ARG A 472 31.69 42.13 36.93
N LYS B 8 9.39 -45.20 9.45
CA LYS B 8 7.93 -45.27 9.52
C LYS B 8 7.31 -43.88 9.50
N GLY B 9 6.86 -43.42 10.67
CA GLY B 9 6.25 -42.11 10.78
C GLY B 9 7.34 -41.10 11.13
N LYS B 10 8.58 -41.59 11.14
CA LYS B 10 9.73 -40.78 11.47
C LYS B 10 10.40 -40.34 10.16
N LEU B 11 11.65 -39.85 10.25
CA LEU B 11 12.52 -39.54 9.11
C LEU B 11 12.71 -40.84 8.34
N PRO B 12 13.01 -40.77 7.03
CA PRO B 12 13.25 -42.03 6.29
C PRO B 12 14.42 -42.87 6.83
N PRO B 13 14.47 -44.16 6.48
CA PRO B 13 15.49 -44.98 7.12
C PRO B 13 16.81 -44.84 6.40
N GLY B 14 17.84 -45.43 6.97
CA GLY B 14 19.18 -45.38 6.42
C GLY B 14 20.12 -46.03 7.41
N PRO B 15 21.43 -45.87 7.20
CA PRO B 15 22.41 -46.45 8.10
C PRO B 15 22.36 -45.80 9.47
N ARG B 16 22.64 -46.57 10.52
CA ARG B 16 22.66 -46.05 11.90
C ARG B 16 23.87 -45.15 12.12
N PRO B 17 23.64 -43.89 12.51
CA PRO B 17 24.70 -42.91 12.66
C PRO B 17 25.38 -43.08 13.98
N LEU B 18 26.45 -42.31 14.18
CA LEU B 18 27.20 -42.31 15.42
C LEU B 18 27.28 -40.88 15.87
N PRO B 19 27.09 -40.62 17.17
CA PRO B 19 27.12 -39.22 17.59
C PRO B 19 28.45 -38.56 17.26
N LEU B 20 28.41 -37.33 16.76
CA LEU B 20 29.62 -36.57 16.44
C LEU B 20 30.34 -36.87 15.11
N LEU B 21 30.03 -38.01 14.52
CA LEU B 21 30.68 -38.47 13.28
C LEU B 21 29.64 -38.73 12.23
N GLY B 22 28.43 -38.97 12.65
CA GLY B 22 27.37 -39.37 11.73
C GLY B 22 27.69 -40.69 11.08
N ASN B 23 27.33 -40.82 9.82
CA ASN B 23 27.53 -42.05 9.09
C ASN B 23 28.89 -42.10 8.43
N LEU B 24 29.86 -41.36 8.98
CA LEU B 24 31.21 -41.34 8.41
C LEU B 24 31.78 -42.71 8.11
N LEU B 25 31.72 -43.62 9.06
CA LEU B 25 32.31 -44.93 8.84
C LEU B 25 31.51 -45.91 7.96
N GLN B 26 30.47 -45.45 7.27
CA GLN B 26 29.75 -46.34 6.31
C GLN B 26 29.80 -45.75 4.90
N MET B 27 30.53 -44.66 4.80
CA MET B 27 30.70 -43.97 3.56
C MET B 27 31.65 -44.77 2.68
N ASP B 28 32.05 -44.17 1.59
CA ASP B 28 32.93 -44.79 0.65
C ASP B 28 34.02 -43.84 0.30
N ARG B 29 35.25 -44.17 0.60
CA ARG B 29 36.37 -43.34 0.23
C ARG B 29 36.30 -42.59 -1.09
N ARG B 30 35.66 -43.11 -2.11
CA ARG B 30 35.72 -42.40 -3.37
C ARG B 30 34.87 -41.17 -3.53
N GLY B 31 34.15 -40.76 -2.52
CA GLY B 31 33.15 -39.77 -2.73
C GLY B 31 31.84 -39.92 -2.04
N LEU B 32 31.04 -38.91 -2.20
CA LEU B 32 29.78 -38.81 -1.53
C LEU B 32 28.76 -39.53 -2.33
N LEU B 33 28.82 -39.39 -3.63
CA LEU B 33 27.87 -40.02 -4.51
C LEU B 33 28.00 -41.53 -4.48
N LYS B 34 29.22 -42.04 -4.65
CA LYS B 34 29.41 -43.49 -4.60
C LYS B 34 28.89 -44.08 -3.29
N SER B 35 29.08 -43.36 -2.19
CA SER B 35 28.45 -43.64 -0.90
C SER B 35 26.93 -43.75 -0.95
N PHE B 36 26.28 -42.71 -1.48
CA PHE B 36 24.83 -42.66 -1.52
C PHE B 36 24.30 -43.78 -2.40
N LEU B 37 24.99 -44.06 -3.50
CA LEU B 37 24.61 -45.19 -4.33
C LEU B 37 24.57 -46.54 -3.57
N ARG B 38 25.55 -46.79 -2.70
CA ARG B 38 25.58 -48.02 -1.89
C ARG B 38 24.38 -48.10 -0.99
N PHE B 39 24.06 -46.98 -0.34
CA PHE B 39 22.98 -46.90 0.60
C PHE B 39 21.69 -47.22 -0.10
N ARG B 40 21.52 -46.64 -1.30
CA ARG B 40 20.33 -46.90 -2.12
C ARG B 40 20.07 -48.40 -2.34
N GLU B 41 21.12 -49.18 -2.53
CA GLU B 41 20.96 -50.60 -2.76
C GLU B 41 20.34 -51.26 -1.55
N LYS B 42 20.61 -50.71 -0.37
CA LYS B 42 20.14 -51.31 0.87
C LYS B 42 18.77 -50.79 1.31
N TYR B 43 18.54 -49.49 1.10
CA TYR B 43 17.39 -48.81 1.71
C TYR B 43 16.35 -48.29 0.72
N GLY B 44 16.63 -48.43 -0.57
CA GLY B 44 15.63 -48.04 -1.56
C GLY B 44 15.70 -46.58 -1.94
N ASP B 45 14.64 -46.07 -2.55
CA ASP B 45 14.73 -44.82 -3.27
C ASP B 45 14.77 -43.55 -2.38
N VAL B 46 14.32 -43.71 -1.13
CA VAL B 46 14.19 -42.61 -0.20
C VAL B 46 14.86 -43.08 1.06
N PHE B 47 15.89 -42.38 1.50
CA PHE B 47 16.60 -42.77 2.72
C PHE B 47 17.34 -41.60 3.36
N THR B 48 17.85 -41.81 4.58
CA THR B 48 18.43 -40.75 5.39
C THR B 48 19.86 -41.03 5.73
N VAL B 49 20.72 -40.05 5.43
CA VAL B 49 22.13 -40.11 5.76
C VAL B 49 22.52 -38.94 6.64
N HIS B 50 23.33 -39.23 7.65
CA HIS B 50 23.82 -38.18 8.56
C HIS B 50 25.19 -37.71 8.15
N LEU B 51 25.20 -36.65 7.38
CA LEU B 51 26.45 -35.98 6.98
C LEU B 51 27.02 -35.17 8.14
N GLY B 52 27.96 -35.75 8.86
CA GLY B 52 28.36 -35.18 10.13
C GLY B 52 27.16 -35.05 11.06
N PRO B 53 27.00 -33.89 11.66
CA PRO B 53 25.94 -33.69 12.65
C PRO B 53 24.54 -33.67 12.00
N ARG B 54 24.39 -33.53 10.69
CA ARG B 54 23.03 -33.33 10.16
C ARG B 54 22.38 -34.51 9.44
N PRO B 55 21.06 -34.61 9.56
CA PRO B 55 20.31 -35.65 8.85
C PRO B 55 19.84 -35.12 7.50
N VAL B 56 20.39 -35.66 6.41
CA VAL B 56 20.06 -35.20 5.07
C VAL B 56 19.29 -36.30 4.38
N VAL B 57 18.20 -35.93 3.71
CA VAL B 57 17.35 -36.91 3.04
C VAL B 57 17.72 -36.98 1.57
N MET B 58 18.02 -38.21 1.14
CA MET B 58 18.32 -38.51 -0.29
C MET B 58 17.10 -39.00 -1.05
N LEU B 59 16.90 -38.44 -2.25
CA LEU B 59 15.84 -38.90 -3.13
C LEU B 59 16.41 -39.38 -4.46
N CYS B 60 16.07 -40.61 -4.80
CA CYS B 60 16.61 -41.30 -5.97
C CYS B 60 15.56 -41.82 -6.92
N GLY B 61 15.90 -41.82 -8.20
CA GLY B 61 15.03 -42.33 -9.23
C GLY B 61 14.12 -41.22 -9.66
N VAL B 62 13.65 -41.32 -10.90
CA VAL B 62 12.82 -40.27 -11.48
C VAL B 62 11.44 -40.12 -10.81
N GLU B 63 10.82 -41.23 -10.40
CA GLU B 63 9.51 -41.18 -9.76
C GLU B 63 9.54 -40.32 -8.50
N ALA B 64 10.47 -40.68 -7.60
CA ALA B 64 10.63 -39.98 -6.34
C ALA B 64 10.97 -38.51 -6.54
N ILE B 65 11.96 -38.21 -7.35
CA ILE B 65 12.32 -36.81 -7.60
C ILE B 65 11.14 -35.96 -8.11
N ARG B 66 10.38 -36.50 -9.07
CA ARG B 66 9.22 -35.79 -9.60
C ARG B 66 8.17 -35.56 -8.48
N GLU B 67 7.88 -36.64 -7.74
CA GLU B 67 6.97 -36.57 -6.61
C GLU B 67 7.32 -35.43 -5.65
N ALA B 68 8.61 -35.27 -5.41
CA ALA B 68 9.06 -34.20 -4.56
C ALA B 68 9.00 -32.84 -5.25
N LEU B 69 9.73 -32.69 -6.36
CA LEU B 69 9.93 -31.36 -7.00
C LEU B 69 8.73 -30.80 -7.74
N VAL B 70 7.82 -31.69 -8.14
CA VAL B 70 6.66 -31.26 -8.92
C VAL B 70 5.35 -31.36 -8.15
N ASP B 71 5.01 -32.57 -7.72
CA ASP B 71 3.76 -32.82 -6.99
C ASP B 71 3.75 -32.10 -5.66
N LYS B 72 4.79 -32.29 -4.87
CA LYS B 72 4.92 -31.57 -3.63
C LYS B 72 5.83 -30.34 -3.76
N ALA B 73 5.68 -29.59 -4.85
CA ALA B 73 6.56 -28.43 -5.13
C ALA B 73 6.68 -27.41 -4.01
N GLU B 74 5.56 -26.87 -3.53
CA GLU B 74 5.58 -25.87 -2.47
C GLU B 74 6.45 -26.35 -1.30
N ALA B 75 6.23 -27.58 -0.84
CA ALA B 75 7.01 -28.12 0.29
C ALA B 75 8.50 -28.23 0.01
N PHE B 76 8.85 -28.54 -1.24
CA PHE B 76 10.25 -28.87 -1.54
C PHE B 76 11.04 -27.80 -2.28
N SER B 77 10.70 -26.53 -2.11
CA SER B 77 11.25 -25.49 -2.95
C SER B 77 12.40 -24.70 -2.36
N GLY B 78 12.76 -25.04 -1.12
CA GLY B 78 13.74 -24.26 -0.38
C GLY B 78 15.12 -24.64 -0.85
N ARG B 79 16.07 -23.72 -0.69
CA ARG B 79 17.47 -23.94 -1.04
C ARG B 79 18.26 -24.29 0.22
N GLY B 80 18.96 -25.42 0.20
CA GLY B 80 19.96 -25.72 1.25
C GLY B 80 21.26 -24.96 1.01
N LYS B 81 22.33 -25.38 1.67
CA LYS B 81 23.55 -24.64 1.42
C LYS B 81 24.73 -25.57 1.18
N ILE B 82 25.76 -24.99 0.56
CA ILE B 82 26.97 -25.73 0.26
C ILE B 82 28.12 -25.21 1.15
N ALA B 83 28.51 -26.07 2.08
CA ALA B 83 29.42 -25.64 3.13
C ALA B 83 30.59 -24.82 2.61
N MET B 84 31.13 -25.18 1.44
CA MET B 84 32.39 -24.59 0.98
C MET B 84 32.26 -23.13 0.55
N VAL B 85 31.06 -22.73 0.15
CA VAL B 85 30.87 -21.36 -0.30
C VAL B 85 29.89 -20.58 0.59
N ASP B 86 29.24 -21.26 1.54
CA ASP B 86 28.24 -20.55 2.34
C ASP B 86 28.83 -19.32 3.05
N PRO B 87 30.05 -19.42 3.61
CA PRO B 87 30.59 -18.24 4.28
C PRO B 87 30.63 -17.02 3.37
N PHE B 88 30.77 -17.25 2.07
CA PHE B 88 30.80 -16.14 1.17
C PHE B 88 29.39 -15.65 0.86
N PHE B 89 28.48 -16.56 0.55
CA PHE B 89 27.15 -16.16 0.07
C PHE B 89 26.19 -15.81 1.20
N ARG B 90 26.21 -16.63 2.25
CA ARG B 90 25.34 -16.49 3.41
C ARG B 90 23.93 -16.05 3.07
N GLY B 91 23.27 -16.76 2.16
CA GLY B 91 21.89 -16.47 1.78
C GLY B 91 21.60 -15.41 0.72
N TYR B 92 22.63 -14.79 0.14
CA TYR B 92 22.47 -13.73 -0.88
C TYR B 92 22.64 -14.20 -2.32
N GLY B 93 21.95 -13.55 -3.24
CA GLY B 93 22.02 -13.87 -4.66
C GLY B 93 21.14 -15.05 -4.96
N VAL B 94 20.55 -15.07 -6.16
CA VAL B 94 19.50 -16.05 -6.49
C VAL B 94 19.77 -17.54 -6.22
N ILE B 95 20.97 -18.00 -6.51
CA ILE B 95 21.24 -19.43 -6.32
C ILE B 95 20.97 -19.86 -4.88
N PHE B 96 21.47 -19.10 -3.93
CA PHE B 96 21.33 -19.47 -2.55
C PHE B 96 20.29 -18.76 -1.72
N ALA B 97 19.60 -17.84 -2.32
CA ALA B 97 18.56 -17.03 -1.66
C ALA B 97 17.38 -17.91 -1.33
N ASN B 98 16.71 -17.59 -0.24
CA ASN B 98 15.46 -18.25 0.10
C ASN B 98 14.26 -17.32 0.29
N GLY B 99 13.07 -17.89 0.50
CA GLY B 99 11.87 -17.06 0.71
C GLY B 99 11.70 -15.85 -0.23
N ASN B 100 11.32 -14.69 0.30
CA ASN B 100 11.05 -13.58 -0.60
C ASN B 100 12.26 -13.03 -1.32
N ARG B 101 13.44 -13.07 -0.69
CA ARG B 101 14.63 -12.59 -1.39
C ARG B 101 14.77 -13.33 -2.70
N TRP B 102 14.45 -14.61 -2.66
CA TRP B 102 14.56 -15.43 -3.84
C TRP B 102 13.46 -15.13 -4.81
N LYS B 103 12.22 -15.06 -4.33
CA LYS B 103 11.09 -14.71 -5.21
C LYS B 103 11.48 -13.50 -6.06
N VAL B 104 12.02 -12.47 -5.42
CA VAL B 104 12.37 -11.25 -6.14
C VAL B 104 13.55 -11.42 -7.06
N LEU B 105 14.62 -12.04 -6.56
CA LEU B 105 15.85 -12.14 -7.33
C LEU B 105 15.65 -12.97 -8.57
N ARG B 106 14.98 -14.10 -8.41
CA ARG B 106 14.61 -14.99 -9.52
C ARG B 106 13.79 -14.24 -10.58
N ARG B 107 12.64 -13.73 -10.18
CA ARG B 107 11.82 -12.98 -11.11
C ARG B 107 12.70 -12.02 -11.90
N PHE B 108 13.50 -11.20 -11.22
CA PHE B 108 14.37 -10.26 -11.88
C PHE B 108 15.30 -10.96 -12.84
N SER B 109 16.03 -11.96 -12.36
CA SER B 109 17.04 -12.65 -13.15
C SER B 109 16.45 -13.30 -14.42
N VAL B 110 15.29 -13.90 -14.30
CA VAL B 110 14.59 -14.42 -15.48
C VAL B 110 14.20 -13.30 -16.47
N THR B 111 13.43 -12.31 -16.02
CA THR B 111 12.97 -11.25 -16.91
C THR B 111 14.09 -10.39 -17.45
N THR B 112 15.33 -10.84 -17.36
CA THR B 112 16.45 -10.10 -17.95
C THR B 112 17.36 -11.03 -18.75
N MET B 113 16.70 -11.94 -19.46
CA MET B 113 17.24 -12.75 -20.57
C MET B 113 15.97 -12.77 -21.45
N ARG B 114 14.88 -13.25 -20.83
CA ARG B 114 13.54 -13.27 -21.43
C ARG B 114 13.00 -11.87 -21.74
N ASP B 115 13.62 -10.82 -21.20
CA ASP B 115 13.32 -9.44 -21.65
C ASP B 115 14.60 -8.78 -22.13
N PHE B 116 14.75 -8.72 -23.44
CA PHE B 116 15.94 -8.14 -23.99
C PHE B 116 15.87 -6.76 -24.62
N GLY B 117 16.86 -5.95 -24.27
CA GLY B 117 16.98 -4.58 -24.71
C GLY B 117 16.22 -4.22 -25.97
N MET B 118 15.63 -3.02 -25.96
CA MET B 118 14.91 -2.52 -27.12
C MET B 118 15.78 -2.53 -28.38
N GLY B 119 16.84 -1.71 -28.41
CA GLY B 119 17.78 -1.67 -29.54
C GLY B 119 18.76 -2.84 -29.61
N LYS B 120 19.33 -3.19 -28.45
CA LYS B 120 20.34 -4.25 -28.31
C LYS B 120 19.98 -5.63 -28.93
N ARG B 121 21.02 -6.46 -29.16
CA ARG B 121 20.93 -7.75 -29.91
C ARG B 121 20.12 -8.91 -29.29
N SER B 122 19.85 -9.91 -30.13
CA SER B 122 19.16 -11.13 -29.74
C SER B 122 20.13 -12.00 -28.96
N VAL B 123 19.60 -12.95 -28.22
CA VAL B 123 20.44 -13.91 -27.48
C VAL B 123 21.13 -14.86 -28.46
N GLU B 124 20.33 -15.38 -29.40
CA GLU B 124 20.82 -16.24 -30.46
C GLU B 124 21.97 -15.50 -31.14
N GLU B 125 21.72 -14.26 -31.54
CA GLU B 125 22.70 -13.50 -32.29
C GLU B 125 23.99 -13.31 -31.54
N ARG B 126 23.90 -13.11 -30.22
CA ARG B 126 25.10 -13.00 -29.39
C ARG B 126 25.94 -14.28 -29.46
N ILE B 127 25.26 -15.43 -29.39
CA ILE B 127 25.90 -16.75 -29.49
C ILE B 127 26.46 -16.97 -30.88
N GLN B 128 25.69 -16.61 -31.90
CA GLN B 128 26.10 -16.78 -33.29
C GLN B 128 27.37 -16.07 -33.63
N GLU B 129 27.55 -14.86 -33.06
CA GLU B 129 28.74 -14.04 -33.25
C GLU B 129 29.88 -14.65 -32.48
N GLU B 130 29.64 -15.03 -31.22
CA GLU B 130 30.67 -15.70 -30.45
C GLU B 130 31.24 -16.88 -31.23
N ALA B 131 30.40 -17.85 -31.59
CA ALA B 131 30.85 -19.00 -32.39
C ALA B 131 31.83 -18.68 -33.54
N GLN B 132 31.48 -17.66 -34.32
CA GLN B 132 32.34 -17.18 -35.38
C GLN B 132 33.72 -16.80 -34.83
N CYS B 133 33.75 -15.92 -33.83
CA CYS B 133 35.04 -15.50 -33.24
C CYS B 133 35.81 -16.75 -32.91
N LEU B 134 35.10 -17.72 -32.34
CA LEU B 134 35.68 -18.98 -31.94
C LEU B 134 36.24 -19.73 -33.12
N ILE B 135 35.49 -19.90 -34.20
CA ILE B 135 36.05 -20.62 -35.34
C ILE B 135 37.22 -19.82 -35.92
N GLU B 136 37.11 -18.50 -35.95
CA GLU B 136 38.15 -17.62 -36.51
C GLU B 136 39.43 -17.65 -35.69
N GLU B 137 39.44 -18.49 -34.67
CA GLU B 137 40.51 -18.54 -33.69
C GLU B 137 41.06 -19.95 -33.61
N LEU B 138 40.20 -20.93 -33.89
CA LEU B 138 40.65 -22.28 -34.08
C LEU B 138 41.46 -22.42 -35.39
N ARG B 139 41.06 -21.64 -36.38
CA ARG B 139 41.80 -21.54 -37.62
C ARG B 139 43.16 -20.87 -37.36
N LYS B 140 43.17 -19.83 -36.53
CA LYS B 140 44.42 -19.14 -36.17
C LYS B 140 45.43 -20.08 -35.47
N SER B 141 44.97 -21.19 -34.93
CA SER B 141 45.88 -22.14 -34.27
C SER B 141 46.55 -23.10 -35.26
N LYS B 142 46.15 -22.98 -36.52
CA LYS B 142 46.67 -23.78 -37.66
C LYS B 142 46.80 -25.32 -37.42
N GLY B 143 45.88 -25.89 -36.64
CA GLY B 143 45.82 -27.35 -36.51
C GLY B 143 46.62 -27.95 -35.36
N ALA B 144 47.26 -27.08 -34.57
CA ALA B 144 48.04 -27.49 -33.41
C ALA B 144 47.20 -28.29 -32.34
N LEU B 145 47.87 -29.11 -31.53
CA LEU B 145 47.29 -29.57 -30.26
C LEU B 145 47.10 -28.44 -29.27
N MET B 146 45.95 -28.43 -28.61
CA MET B 146 45.62 -27.49 -27.55
C MET B 146 44.69 -28.18 -26.53
N ASP B 147 44.65 -27.61 -25.33
CA ASP B 147 43.68 -27.99 -24.35
C ASP B 147 42.55 -27.01 -24.56
N PRO B 148 41.39 -27.50 -24.99
CA PRO B 148 40.29 -26.59 -25.28
C PRO B 148 39.72 -25.85 -24.06
N THR B 149 40.08 -26.27 -22.84
CA THR B 149 39.50 -25.75 -21.58
C THR B 149 39.30 -24.23 -21.57
N PHE B 150 40.38 -23.50 -21.83
CA PHE B 150 40.35 -22.05 -21.69
C PHE B 150 39.39 -21.44 -22.71
N LEU B 151 39.28 -22.05 -23.88
CA LEU B 151 38.37 -21.56 -24.91
C LEU B 151 36.93 -21.94 -24.68
N PHE B 152 36.66 -23.15 -24.23
CA PHE B 152 35.27 -23.47 -23.93
C PHE B 152 34.77 -22.57 -22.81
N GLN B 153 35.61 -22.30 -21.83
CA GLN B 153 35.25 -21.32 -20.80
C GLN B 153 34.96 -19.94 -21.34
N SER B 154 35.89 -19.42 -22.15
CA SER B 154 35.76 -18.08 -22.73
C SER B 154 34.47 -17.84 -23.52
N ILE B 155 34.10 -18.78 -24.39
CA ILE B 155 32.93 -18.59 -25.21
C ILE B 155 31.69 -18.54 -24.35
N THR B 156 31.56 -19.43 -23.37
CA THR B 156 30.33 -19.45 -22.60
C THR B 156 30.25 -18.22 -21.69
N ALA B 157 31.38 -17.86 -21.11
CA ALA B 157 31.49 -16.64 -20.28
C ALA B 157 31.13 -15.36 -21.05
N ASN B 158 31.55 -15.30 -22.31
CA ASN B 158 31.29 -14.14 -23.11
C ASN B 158 29.83 -13.94 -23.41
N ILE B 159 29.05 -15.01 -23.35
CA ILE B 159 27.62 -14.86 -23.55
C ILE B 159 26.94 -14.17 -22.36
N ILE B 160 27.41 -14.48 -21.15
CA ILE B 160 26.89 -13.83 -19.95
C ILE B 160 27.35 -12.37 -19.92
N CYS B 161 28.67 -12.17 -19.97
CA CYS B 161 29.27 -10.83 -19.99
C CYS B 161 28.48 -9.95 -20.91
N SER B 162 28.14 -10.52 -22.07
CA SER B 162 27.34 -9.84 -23.02
C SER B 162 26.02 -9.35 -22.38
N ILE B 163 25.30 -10.23 -21.72
CA ILE B 163 24.03 -9.84 -21.07
C ILE B 163 24.22 -8.97 -19.84
N VAL B 164 25.19 -9.34 -19.00
CA VAL B 164 25.47 -8.63 -17.76
C VAL B 164 26.19 -7.32 -18.00
N PHE B 165 27.41 -7.30 -18.51
CA PHE B 165 28.15 -6.03 -18.69
C PHE B 165 27.99 -5.39 -20.05
N GLY B 166 27.27 -6.08 -20.95
CA GLY B 166 27.04 -5.57 -22.32
C GLY B 166 28.32 -5.46 -23.12
N LYS B 167 29.03 -6.58 -23.22
CA LYS B 167 30.31 -6.62 -23.95
C LYS B 167 30.98 -7.97 -23.78
N ARG B 168 32.07 -8.16 -24.51
CA ARG B 168 32.86 -9.39 -24.48
C ARG B 168 34.36 -9.11 -24.29
N PHE B 169 35.12 -10.17 -24.04
CA PHE B 169 36.58 -10.09 -23.85
C PHE B 169 37.30 -10.93 -24.91
N HIS B 170 38.51 -10.50 -25.28
CA HIS B 170 39.28 -11.20 -26.32
C HIS B 170 40.01 -12.41 -25.77
N TYR B 171 39.93 -13.52 -26.49
CA TYR B 171 40.51 -14.78 -26.02
C TYR B 171 41.95 -14.66 -25.52
N GLN B 172 42.74 -13.77 -26.13
CA GLN B 172 44.14 -13.56 -25.76
C GLN B 172 44.33 -12.44 -24.70
N ASP B 173 43.25 -12.01 -24.04
CA ASP B 173 43.33 -11.03 -22.93
C ASP B 173 43.71 -11.68 -21.60
N GLN B 174 44.59 -10.98 -20.86
CA GLN B 174 45.15 -11.50 -19.60
C GLN B 174 44.26 -11.50 -18.36
N GLU B 175 43.80 -10.33 -17.93
CA GLU B 175 42.97 -10.24 -16.73
C GLU B 175 41.77 -11.17 -16.86
N PHE B 176 41.33 -11.35 -18.10
CA PHE B 176 40.21 -12.22 -18.44
C PHE B 176 40.54 -13.66 -18.11
N LEU B 177 41.59 -14.18 -18.74
CA LEU B 177 42.03 -15.55 -18.50
C LEU B 177 42.28 -15.81 -17.01
N LYS B 178 42.73 -14.77 -16.31
CA LYS B 178 43.02 -14.89 -14.88
C LYS B 178 41.71 -15.12 -14.11
N MET B 179 40.67 -14.35 -14.46
CA MET B 179 39.32 -14.59 -13.92
C MET B 179 38.79 -16.00 -14.18
N LEU B 180 38.82 -16.44 -15.44
CA LEU B 180 38.26 -17.71 -15.78
C LEU B 180 38.95 -18.80 -14.99
N ASN B 181 40.24 -18.63 -14.78
CA ASN B 181 41.02 -19.56 -13.97
C ASN B 181 40.52 -19.62 -12.53
N LEU B 182 40.09 -18.47 -12.00
CA LEU B 182 39.60 -18.44 -10.62
C LEU B 182 38.31 -19.19 -10.52
N PHE B 183 37.49 -19.11 -11.56
CA PHE B 183 36.29 -19.91 -11.61
C PHE B 183 36.67 -21.39 -11.65
N TYR B 184 37.58 -21.76 -12.57
CA TYR B 184 37.86 -23.15 -12.82
C TYR B 184 38.36 -23.82 -11.55
N GLN B 185 39.20 -23.11 -10.85
CA GLN B 185 39.87 -23.66 -9.69
C GLN B 185 38.90 -23.73 -8.50
N THR B 186 37.97 -22.79 -8.47
CA THR B 186 37.01 -22.75 -7.42
C THR B 186 36.07 -23.91 -7.55
N PHE B 187 35.53 -24.08 -8.76
CA PHE B 187 34.59 -25.18 -9.02
C PHE B 187 35.28 -26.52 -8.78
N SER B 188 36.57 -26.54 -9.09
CA SER B 188 37.42 -27.71 -8.92
C SER B 188 37.62 -28.09 -7.44
N LEU B 189 37.81 -27.07 -6.60
CA LEU B 189 37.98 -27.26 -5.15
C LEU B 189 36.69 -27.72 -4.43
N ILE B 190 35.57 -27.10 -4.79
CA ILE B 190 34.27 -27.48 -4.28
C ILE B 190 33.96 -28.94 -4.63
N SER B 191 34.40 -29.36 -5.80
CA SER B 191 34.12 -30.68 -6.29
C SER B 191 35.17 -31.64 -5.77
N SER B 192 36.22 -31.10 -5.18
CA SER B 192 37.28 -31.94 -4.65
C SER B 192 36.86 -32.90 -3.53
N VAL B 193 37.79 -33.73 -3.07
CA VAL B 193 37.48 -34.66 -2.01
C VAL B 193 37.39 -33.92 -0.70
N PHE B 194 38.29 -32.97 -0.49
CA PHE B 194 38.23 -32.14 0.70
C PHE B 194 36.90 -31.46 0.71
N GLY B 195 36.53 -30.90 -0.45
CA GLY B 195 35.26 -30.22 -0.64
C GLY B 195 34.11 -31.05 -0.09
N GLN B 196 34.15 -32.35 -0.33
CA GLN B 196 33.10 -33.23 0.17
C GLN B 196 33.11 -33.42 1.68
N LEU B 197 34.25 -33.85 2.21
CA LEU B 197 34.44 -33.94 3.64
C LEU B 197 34.05 -32.61 4.31
N PHE B 198 34.36 -31.49 3.66
CA PHE B 198 33.98 -30.19 4.24
C PHE B 198 32.48 -30.08 4.42
N GLU B 199 31.68 -30.65 3.52
CA GLU B 199 30.22 -30.73 3.71
C GLU B 199 29.88 -31.45 4.98
N LEU B 200 30.65 -32.50 5.27
CA LEU B 200 30.40 -33.28 6.44
C LEU B 200 30.78 -32.55 7.71
N PHE B 201 31.97 -32.00 7.76
CA PHE B 201 32.53 -31.50 9.01
C PHE B 201 33.01 -30.06 8.96
N SER B 202 32.28 -29.20 8.25
CA SER B 202 32.66 -27.79 8.15
C SER B 202 32.82 -27.17 9.53
N GLY B 203 31.91 -27.53 10.43
CA GLY B 203 31.92 -26.96 11.77
C GLY B 203 33.28 -27.02 12.45
N PHE B 204 33.93 -28.16 12.30
CA PHE B 204 35.27 -28.34 12.83
C PHE B 204 36.36 -27.84 11.86
N LEU B 205 36.23 -28.12 10.56
CA LEU B 205 37.31 -27.83 9.63
C LEU B 205 37.51 -26.35 9.39
N LYS B 206 36.44 -25.57 9.60
CA LYS B 206 36.44 -24.10 9.48
C LYS B 206 37.69 -23.46 10.08
N HIS B 207 38.16 -24.00 11.20
CA HIS B 207 39.25 -23.37 11.93
C HIS B 207 40.64 -23.71 11.44
N PHE B 208 40.75 -24.56 10.43
CA PHE B 208 42.06 -24.96 9.99
C PHE B 208 42.28 -24.64 8.53
N PRO B 209 43.54 -24.45 8.13
CA PRO B 209 43.88 -24.31 6.73
C PRO B 209 43.16 -25.34 5.85
N GLY B 210 42.83 -24.96 4.63
CA GLY B 210 42.31 -25.95 3.69
C GLY B 210 41.69 -25.25 2.54
N ALA B 211 41.20 -26.02 1.57
CA ALA B 211 40.63 -25.45 0.36
C ALA B 211 39.60 -24.33 0.62
N HIS B 212 38.66 -24.55 1.53
CA HIS B 212 37.61 -23.56 1.86
C HIS B 212 38.11 -22.12 1.93
N ARG B 213 39.33 -21.95 2.43
CA ARG B 213 39.89 -20.62 2.49
C ARG B 213 40.22 -20.08 1.12
N GLN B 214 40.70 -20.95 0.23
CA GLN B 214 41.02 -20.55 -1.14
C GLN B 214 39.72 -20.23 -1.87
N VAL B 215 38.72 -21.08 -1.69
CA VAL B 215 37.47 -20.88 -2.41
C VAL B 215 36.96 -19.50 -2.03
N TYR B 216 37.11 -19.17 -0.75
CA TYR B 216 36.69 -17.85 -0.24
C TYR B 216 37.46 -16.68 -0.87
N LYS B 217 38.80 -16.73 -0.82
CA LYS B 217 39.64 -15.71 -1.42
C LYS B 217 39.31 -15.53 -2.91
N ASN B 218 39.12 -16.63 -3.64
CA ASN B 218 38.74 -16.52 -5.04
C ASN B 218 37.42 -15.74 -5.18
N LEU B 219 36.40 -16.14 -4.40
CA LEU B 219 35.05 -15.60 -4.53
C LEU B 219 35.11 -14.14 -4.26
N GLN B 220 35.81 -13.77 -3.19
CA GLN B 220 36.05 -12.36 -2.91
C GLN B 220 36.69 -11.61 -4.06
N GLU B 221 37.73 -12.17 -4.67
CA GLU B 221 38.46 -11.49 -5.74
C GLU B 221 37.61 -11.23 -6.97
N ILE B 222 36.79 -12.22 -7.36
CA ILE B 222 35.88 -12.10 -8.52
C ILE B 222 34.84 -11.05 -8.18
N ASN B 223 34.25 -11.19 -7.00
CA ASN B 223 33.32 -10.18 -6.48
C ASN B 223 33.83 -8.74 -6.42
N ALA B 224 35.12 -8.58 -6.16
CA ALA B 224 35.75 -7.28 -6.21
C ALA B 224 35.71 -6.69 -7.62
N TYR B 225 35.99 -7.51 -8.64
CA TYR B 225 35.93 -7.05 -10.04
C TYR B 225 34.51 -6.61 -10.39
N ILE B 226 33.53 -7.45 -10.05
CA ILE B 226 32.10 -7.15 -10.26
C ILE B 226 31.72 -5.85 -9.57
N GLY B 227 32.26 -5.66 -8.38
CA GLY B 227 32.01 -4.45 -7.61
C GLY B 227 32.51 -3.19 -8.28
N HIS B 228 33.77 -3.19 -8.71
CA HIS B 228 34.30 -2.03 -9.44
C HIS B 228 33.49 -1.78 -10.69
N SER B 229 33.15 -2.85 -11.40
CA SER B 229 32.40 -2.74 -12.62
C SER B 229 31.04 -2.11 -12.36
N VAL B 230 30.42 -2.49 -11.26
CA VAL B 230 29.13 -1.87 -10.89
C VAL B 230 29.34 -0.36 -10.66
N GLU B 231 30.35 0.01 -9.88
CA GLU B 231 30.71 1.44 -9.69
C GLU B 231 30.89 2.18 -11.03
N LYS B 232 31.66 1.61 -11.97
CA LYS B 232 31.83 2.20 -13.30
C LYS B 232 30.48 2.41 -14.01
N HIS B 233 29.63 1.37 -14.02
CA HIS B 233 28.24 1.49 -14.53
C HIS B 233 27.44 2.63 -13.89
N ARG B 234 27.43 2.73 -12.56
CA ARG B 234 26.64 3.75 -11.86
C ARG B 234 27.02 5.19 -12.26
N GLU B 235 28.30 5.40 -12.59
CA GLU B 235 28.72 6.69 -13.10
C GLU B 235 28.08 7.02 -14.44
N THR B 236 28.28 6.18 -15.45
CA THR B 236 27.85 6.49 -16.81
C THR B 236 26.37 6.19 -17.07
N LEU B 237 25.62 5.88 -16.01
CA LEU B 237 24.23 5.36 -16.12
C LEU B 237 23.25 6.33 -16.78
N ASP B 238 22.43 5.81 -17.71
CA ASP B 238 21.39 6.60 -18.39
C ASP B 238 19.95 6.08 -18.15
N PRO B 239 19.25 6.70 -17.20
CA PRO B 239 17.92 6.32 -16.71
C PRO B 239 16.91 5.86 -17.76
N SER B 240 17.06 6.32 -18.99
CA SER B 240 16.08 5.95 -20.02
C SER B 240 16.71 5.27 -21.23
N ALA B 241 17.94 4.80 -21.06
CA ALA B 241 18.59 3.86 -22.00
C ALA B 241 19.56 2.91 -21.28
N PRO B 242 19.00 1.87 -20.61
CA PRO B 242 19.79 0.84 -19.93
C PRO B 242 20.61 -0.03 -20.89
N ARG B 243 21.87 -0.30 -20.55
CA ARG B 243 22.76 -1.06 -21.41
C ARG B 243 22.67 -2.56 -21.20
N ASP B 244 22.35 -3.00 -19.98
CA ASP B 244 22.51 -4.40 -19.61
C ASP B 244 21.80 -4.79 -18.30
N LEU B 245 22.08 -5.99 -17.81
CA LEU B 245 21.55 -6.47 -16.56
C LEU B 245 21.85 -5.48 -15.43
N ILE B 246 23.13 -5.16 -15.24
CA ILE B 246 23.54 -4.22 -14.19
C ILE B 246 22.78 -2.87 -14.23
N ASP B 247 22.59 -2.29 -15.40
CA ASP B 247 21.83 -1.05 -15.49
C ASP B 247 20.42 -1.23 -14.94
N THR B 248 19.73 -2.27 -15.44
CA THR B 248 18.37 -2.59 -15.06
C THR B 248 18.23 -2.69 -13.55
N TYR B 249 19.15 -3.41 -12.91
CA TYR B 249 19.16 -3.56 -11.47
C TYR B 249 19.39 -2.22 -10.76
N LEU B 250 20.38 -1.43 -11.19
CA LEU B 250 20.64 -0.10 -10.61
C LEU B 250 19.43 0.83 -10.64
N LEU B 251 18.60 0.67 -11.66
CA LEU B 251 17.33 1.39 -11.75
C LEU B 251 16.22 0.85 -10.86
N HIS B 252 16.23 -0.43 -10.50
CA HIS B 252 15.30 -0.92 -9.48
C HIS B 252 15.74 -0.43 -8.10
N MET B 253 17.03 -0.20 -7.92
CA MET B 253 17.53 0.43 -6.71
C MET B 253 16.94 1.87 -6.72
N GLU B 254 16.07 2.14 -7.68
CA GLU B 254 15.25 3.32 -7.61
C GLU B 254 14.29 3.14 -6.42
N LYS B 255 14.24 1.93 -5.87
CA LYS B 255 13.39 1.60 -4.70
C LYS B 255 13.96 1.96 -3.31
N GLU B 256 14.87 2.94 -3.34
CA GLU B 256 15.57 3.49 -2.19
C GLU B 256 14.67 3.85 -1.02
N LYS B 257 13.39 4.08 -1.30
CA LYS B 257 12.46 4.45 -0.23
C LYS B 257 11.52 3.32 0.20
N SER B 258 11.45 2.26 -0.59
CA SER B 258 10.42 1.22 -0.45
C SER B 258 11.01 -0.15 -0.11
N ALA B 260 12.00 1.25 2.16
CA ALA B 260 11.18 0.88 3.30
C ALA B 260 11.49 -0.52 3.82
N HIS B 261 12.54 -1.15 3.32
CA HIS B 261 12.87 -2.56 3.61
C HIS B 261 12.75 -3.39 2.32
N SER B 262 13.85 -3.47 1.55
CA SER B 262 13.83 -3.86 0.14
C SER B 262 14.99 -4.76 -0.33
N GLU B 263 14.70 -5.62 -1.30
CA GLU B 263 15.61 -6.72 -1.61
C GLU B 263 16.73 -6.40 -2.60
N PHE B 264 16.80 -5.17 -3.07
CA PHE B 264 17.79 -4.79 -4.06
C PHE B 264 18.97 -4.22 -3.32
N SER B 265 19.77 -5.05 -2.66
CA SER B 265 20.94 -4.58 -1.93
C SER B 265 22.20 -4.68 -2.79
N HIS B 266 23.20 -3.84 -2.52
CA HIS B 266 24.44 -3.88 -3.30
C HIS B 266 24.93 -5.27 -3.09
N GLN B 267 24.80 -5.78 -1.86
CA GLN B 267 25.19 -7.17 -1.58
C GLN B 267 24.51 -8.10 -2.57
N ASN B 268 23.20 -7.93 -2.76
CA ASN B 268 22.54 -8.80 -3.74
C ASN B 268 23.02 -8.63 -5.16
N LEU B 269 23.24 -7.38 -5.54
CA LEU B 269 23.74 -7.07 -6.85
C LEU B 269 25.03 -7.84 -7.10
N ASN B 270 26.03 -7.60 -6.26
CA ASN B 270 27.32 -8.20 -6.52
C ASN B 270 27.23 -9.71 -6.46
N LEU B 271 26.55 -10.21 -5.43
CA LEU B 271 26.39 -11.64 -5.22
C LEU B 271 25.57 -12.29 -6.33
N ASN B 272 24.48 -11.66 -6.75
CA ASN B 272 23.68 -12.25 -7.78
C ASN B 272 24.45 -12.38 -9.09
N THR B 273 25.10 -11.29 -9.47
CA THR B 273 25.94 -11.25 -10.67
C THR B 273 27.01 -12.33 -10.62
N LEU B 274 27.80 -12.32 -9.58
CA LEU B 274 28.71 -13.38 -9.30
C LEU B 274 28.02 -14.73 -9.45
N SER B 275 26.83 -14.92 -8.91
CA SER B 275 26.09 -16.16 -9.09
C SER B 275 25.91 -16.48 -10.57
N LEU B 276 25.39 -15.52 -11.33
CA LEU B 276 25.03 -15.75 -12.73
C LEU B 276 26.24 -16.18 -13.53
N PHE B 277 27.16 -15.25 -13.66
CA PHE B 277 28.47 -15.45 -14.23
C PHE B 277 29.03 -16.84 -13.97
N PHE B 278 29.12 -17.21 -12.72
CA PHE B 278 29.77 -18.44 -12.39
C PHE B 278 28.99 -19.61 -12.95
N ALA B 279 27.69 -19.66 -12.68
CA ALA B 279 26.86 -20.78 -13.15
C ALA B 279 26.83 -20.88 -14.67
N GLY B 280 26.74 -19.73 -15.33
CA GLY B 280 26.63 -19.71 -16.79
C GLY B 280 27.92 -19.95 -17.55
N THR B 281 29.03 -19.94 -16.85
CA THR B 281 30.31 -20.07 -17.49
C THR B 281 30.84 -21.46 -17.31
N GLU B 282 30.77 -21.93 -16.06
CA GLU B 282 31.42 -23.17 -15.66
C GLU B 282 30.64 -24.46 -15.91
N THR B 283 29.37 -24.37 -16.28
CA THR B 283 28.61 -25.59 -16.49
C THR B 283 28.45 -25.97 -17.99
N THR B 284 28.26 -24.95 -18.83
CA THR B 284 28.14 -25.19 -20.24
C THR B 284 29.51 -25.55 -20.76
N SER B 285 30.51 -24.78 -20.36
CA SER B 285 31.88 -25.07 -20.77
C SER B 285 32.19 -26.51 -20.39
N THR B 286 31.85 -26.91 -19.20
CA THR B 286 32.11 -28.30 -18.82
C THR B 286 31.42 -29.37 -19.71
N THR B 287 30.16 -29.14 -20.07
CA THR B 287 29.42 -30.00 -20.97
C THR B 287 30.07 -30.07 -22.35
N LEU B 288 30.36 -28.90 -22.94
CA LEU B 288 31.10 -28.85 -24.19
C LEU B 288 32.41 -29.63 -24.10
N ARG B 289 33.19 -29.35 -23.08
CA ARG B 289 34.45 -30.02 -22.93
C ARG B 289 34.31 -31.52 -22.95
N TYR B 290 33.32 -32.05 -22.24
CA TYR B 290 33.00 -33.47 -22.30
C TYR B 290 32.48 -33.91 -23.67
N GLY B 291 31.59 -33.12 -24.24
CA GLY B 291 31.09 -33.37 -25.59
C GLY B 291 32.25 -33.71 -26.53
N PHE B 292 33.23 -32.83 -26.63
CA PHE B 292 34.30 -33.09 -27.59
C PHE B 292 35.16 -34.29 -27.24
N LEU B 293 35.43 -34.52 -25.96
CA LEU B 293 36.18 -35.69 -25.58
C LEU B 293 35.36 -36.92 -26.03
N LEU B 294 34.03 -36.85 -25.94
CA LEU B 294 33.22 -37.97 -26.37
C LEU B 294 33.34 -38.19 -27.88
N MET B 295 33.32 -37.11 -28.66
CA MET B 295 33.52 -37.19 -30.11
C MET B 295 34.88 -37.83 -30.48
N LEU B 296 35.92 -37.55 -29.71
CA LEU B 296 37.20 -38.16 -29.97
C LEU B 296 37.10 -39.64 -29.82
N LYS B 297 36.31 -40.07 -28.83
CA LYS B 297 36.16 -41.47 -28.56
C LYS B 297 35.22 -42.16 -29.54
N TYR B 298 34.38 -41.39 -30.22
CA TYR B 298 33.34 -41.96 -31.06
C TYR B 298 33.25 -41.26 -32.41
N PRO B 299 34.29 -41.42 -33.24
CA PRO B 299 34.40 -40.56 -34.40
C PRO B 299 33.27 -40.83 -35.33
N HIS B 300 32.73 -42.04 -35.24
CA HIS B 300 31.55 -42.40 -36.04
C HIS B 300 30.37 -41.47 -35.78
N VAL B 301 30.21 -41.07 -34.53
CA VAL B 301 29.15 -40.16 -34.10
C VAL B 301 29.42 -38.75 -34.62
N ALA B 302 30.66 -38.28 -34.45
CA ALA B 302 31.10 -36.99 -34.99
C ALA B 302 30.86 -36.89 -36.48
N GLU B 303 31.23 -37.95 -37.21
CA GLU B 303 31.00 -38.05 -38.66
C GLU B 303 29.50 -38.04 -39.00
N ARG B 304 28.72 -38.76 -38.22
CA ARG B 304 27.31 -38.84 -38.49
C ARG B 304 26.58 -37.54 -38.16
N VAL B 305 27.03 -36.85 -37.11
CA VAL B 305 26.62 -35.47 -36.87
C VAL B 305 27.05 -34.57 -38.00
N TYR B 306 28.33 -34.67 -38.42
CA TYR B 306 28.81 -33.83 -39.51
C TYR B 306 27.93 -33.94 -40.73
N ARG B 307 27.57 -35.18 -41.09
CA ARG B 307 26.71 -35.44 -42.25
C ARG B 307 25.42 -34.66 -42.15
N GLU B 308 24.74 -34.77 -41.01
CA GLU B 308 23.44 -34.11 -40.87
C GLU B 308 23.55 -32.61 -41.06
N ILE B 309 24.63 -32.02 -40.57
CA ILE B 309 24.90 -30.57 -40.71
C ILE B 309 25.00 -30.15 -42.17
N GLU B 310 25.81 -30.90 -42.92
CA GLU B 310 25.99 -30.64 -44.34
C GLU B 310 24.72 -30.88 -45.14
N GLN B 311 23.98 -31.93 -44.79
CA GLN B 311 22.75 -32.25 -45.49
C GLN B 311 21.56 -31.33 -45.10
N VAL B 312 21.65 -30.66 -43.96
CA VAL B 312 20.56 -29.76 -43.50
C VAL B 312 20.93 -28.27 -43.53
N ILE B 313 22.16 -27.94 -43.19
CA ILE B 313 22.60 -26.55 -43.13
C ILE B 313 23.49 -26.19 -44.32
N GLY B 314 24.36 -27.12 -44.70
CA GLY B 314 25.36 -26.86 -45.73
C GLY B 314 26.65 -26.42 -45.09
N PRO B 315 27.70 -26.26 -45.92
CA PRO B 315 29.03 -25.98 -45.37
C PRO B 315 29.27 -24.51 -45.10
N HIS B 316 28.43 -23.64 -45.60
CA HIS B 316 28.73 -22.23 -45.43
C HIS B 316 27.90 -21.49 -44.40
N ARG B 317 26.60 -21.28 -44.65
CA ARG B 317 25.79 -20.42 -43.78
C ARG B 317 25.82 -20.95 -42.34
N PRO B 318 26.04 -20.04 -41.36
CA PRO B 318 26.21 -20.42 -39.97
C PRO B 318 24.95 -21.07 -39.44
N PRO B 319 25.10 -22.07 -38.54
CA PRO B 319 23.91 -22.70 -37.98
C PRO B 319 23.07 -21.67 -37.24
N GLU B 320 21.77 -21.96 -37.09
CA GLU B 320 20.84 -21.13 -36.35
C GLU B 320 19.80 -22.03 -35.64
N LEU B 321 19.15 -21.50 -34.60
CA LEU B 321 18.27 -22.33 -33.76
C LEU B 321 17.15 -22.96 -34.53
N HIS B 322 16.74 -22.30 -35.60
CA HIS B 322 15.70 -22.80 -36.49
C HIS B 322 15.99 -24.24 -36.94
N ASP B 323 17.26 -24.52 -37.23
CA ASP B 323 17.68 -25.81 -37.76
C ASP B 323 17.43 -27.01 -36.84
N ARG B 324 17.16 -26.73 -35.58
CA ARG B 324 17.21 -27.75 -34.55
C ARG B 324 16.13 -28.79 -34.80
N ALA B 325 14.93 -28.31 -35.11
CA ALA B 325 13.79 -29.18 -35.43
C ALA B 325 14.10 -30.14 -36.58
N LYS B 326 14.73 -29.61 -37.63
CA LYS B 326 15.08 -30.37 -38.82
C LYS B 326 16.28 -31.32 -38.62
N MET B 327 16.93 -31.33 -37.46
CA MET B 327 18.09 -32.22 -37.29
C MET B 327 18.18 -33.04 -35.99
N PRO B 328 17.35 -34.12 -35.89
CA PRO B 328 17.22 -34.89 -34.66
C PRO B 328 18.49 -35.58 -34.23
N TYR B 329 19.31 -36.09 -35.14
CA TYR B 329 20.46 -36.86 -34.68
C TYR B 329 21.39 -35.96 -33.81
N THR B 330 21.61 -34.73 -34.25
CA THR B 330 22.45 -33.81 -33.49
C THR B 330 21.85 -33.53 -32.11
N GLU B 331 20.59 -33.15 -32.09
CA GLU B 331 19.88 -33.06 -30.84
C GLU B 331 20.07 -34.28 -29.93
N ALA B 332 19.75 -35.49 -30.42
CA ALA B 332 19.94 -36.71 -29.60
C ALA B 332 21.38 -36.85 -29.08
N VAL B 333 22.37 -36.48 -29.90
CA VAL B 333 23.77 -36.53 -29.48
C VAL B 333 23.98 -35.55 -28.34
N ILE B 334 23.41 -34.36 -28.48
CA ILE B 334 23.61 -33.33 -27.47
C ILE B 334 22.96 -33.73 -26.14
N TYR B 335 21.69 -34.11 -26.20
CA TYR B 335 21.02 -34.74 -25.05
C TYR B 335 21.92 -35.82 -24.41
N GLU B 336 22.39 -36.79 -25.20
CA GLU B 336 23.21 -37.85 -24.66
C GLU B 336 24.47 -37.31 -24.02
N ILE B 337 25.06 -36.26 -24.61
CA ILE B 337 26.22 -35.65 -23.97
C ILE B 337 25.87 -35.21 -22.56
N GLN B 338 24.89 -34.31 -22.42
CA GLN B 338 24.45 -33.85 -21.11
C GLN B 338 24.10 -34.99 -20.16
N ARG B 339 23.32 -35.97 -20.65
CA ARG B 339 22.90 -37.09 -19.83
C ARG B 339 24.06 -37.88 -19.32
N PHE B 340 25.07 -38.06 -20.16
CA PHE B 340 26.23 -38.86 -19.83
C PHE B 340 27.23 -38.09 -18.98
N SER B 341 27.48 -36.82 -19.32
CA SER B 341 28.40 -36.00 -18.55
C SER B 341 27.90 -35.95 -17.11
N ASP B 342 26.59 -35.78 -16.96
CA ASP B 342 25.98 -35.78 -15.63
C ASP B 342 26.64 -34.72 -14.70
N LEU B 343 26.54 -33.47 -15.07
CA LEU B 343 27.32 -32.45 -14.43
C LEU B 343 27.07 -32.11 -13.01
N LEU B 344 25.83 -32.23 -12.56
CA LEU B 344 25.52 -31.98 -11.15
C LEU B 344 24.87 -33.21 -10.55
N PRO B 345 25.68 -34.22 -10.22
CA PRO B 345 25.17 -35.51 -9.81
C PRO B 345 24.15 -35.45 -8.67
N MET B 346 24.36 -34.57 -7.68
CA MET B 346 23.45 -34.49 -6.55
C MET B 346 22.55 -33.30 -6.62
N GLY B 347 22.40 -32.77 -7.82
CA GLY B 347 21.78 -31.49 -7.96
C GLY B 347 22.47 -30.47 -7.05
N VAL B 348 21.68 -29.51 -6.56
CA VAL B 348 22.11 -28.57 -5.52
C VAL B 348 21.15 -28.72 -4.33
N PRO B 349 21.66 -28.67 -3.09
CA PRO B 349 20.82 -29.01 -1.92
C PRO B 349 19.55 -28.17 -1.84
N HIS B 350 18.43 -28.85 -1.59
CA HIS B 350 17.17 -28.18 -1.29
C HIS B 350 16.97 -28.26 0.23
N ILE B 351 15.98 -27.50 0.74
CA ILE B 351 15.42 -27.76 2.09
C ILE B 351 13.92 -27.82 2.02
N VAL B 352 13.28 -28.52 2.94
CA VAL B 352 11.81 -28.44 2.96
C VAL B 352 11.30 -27.20 3.72
N THR B 353 10.22 -26.65 3.21
CA THR B 353 9.75 -25.40 3.75
C THR B 353 8.62 -25.59 4.76
N GLN B 354 8.32 -26.85 5.08
CA GLN B 354 7.31 -27.21 6.08
C GLN B 354 7.60 -28.58 6.62
N HIS B 355 7.07 -28.91 7.79
CA HIS B 355 6.94 -30.31 8.19
C HIS B 355 6.18 -30.97 7.06
N THR B 356 6.76 -32.03 6.51
CA THR B 356 6.36 -32.49 5.18
C THR B 356 6.20 -33.97 5.14
N SER B 357 5.09 -34.39 4.60
CA SER B 357 4.79 -35.79 4.56
C SER B 357 5.23 -36.34 3.22
N PHE B 358 5.86 -37.52 3.24
CA PHE B 358 6.42 -38.14 2.02
C PHE B 358 6.57 -39.66 2.05
N ARG B 359 5.82 -40.33 1.17
CA ARG B 359 5.82 -41.79 1.12
C ARG B 359 5.73 -42.40 2.51
N GLY B 360 4.88 -41.83 3.34
CA GLY B 360 4.74 -42.32 4.69
C GLY B 360 5.77 -41.85 5.70
N TYR B 361 6.82 -41.17 5.25
CA TYR B 361 7.81 -40.63 6.15
C TYR B 361 7.53 -39.20 6.44
N ILE B 362 8.09 -38.69 7.53
CA ILE B 362 7.93 -37.28 7.83
C ILE B 362 9.30 -36.63 7.83
N ILE B 363 9.42 -35.60 7.00
CA ILE B 363 10.61 -34.74 6.92
C ILE B 363 10.29 -33.39 7.56
N PRO B 364 10.89 -33.09 8.73
CA PRO B 364 10.70 -31.79 9.42
C PRO B 364 11.14 -30.57 8.65
N LYS B 365 10.40 -29.46 8.79
CA LYS B 365 10.81 -28.13 8.27
C LYS B 365 12.30 -27.95 8.43
N ASP B 366 12.95 -27.55 7.33
CA ASP B 366 14.38 -27.20 7.27
C ASP B 366 15.38 -28.32 7.12
N THR B 367 14.90 -29.55 7.05
CA THR B 367 15.75 -30.68 6.71
C THR B 367 16.34 -30.46 5.32
N GLU B 368 17.63 -30.70 5.15
CA GLU B 368 18.24 -30.57 3.83
C GLU B 368 17.85 -31.76 3.00
N VAL B 369 17.62 -31.54 1.70
CA VAL B 369 17.27 -32.67 0.84
C VAL B 369 18.07 -32.61 -0.44
N PHE B 370 18.85 -33.65 -0.70
CA PHE B 370 19.50 -33.82 -2.01
C PHE B 370 18.63 -34.63 -2.96
N LEU B 371 18.48 -34.11 -4.18
CA LEU B 371 17.80 -34.85 -5.25
C LEU B 371 18.85 -35.44 -6.19
N ILE B 372 19.30 -36.65 -5.89
CA ILE B 372 20.37 -37.31 -6.65
C ILE B 372 19.67 -37.21 -8.02
N LEU B 373 20.16 -36.29 -8.84
CA LEU B 373 19.69 -36.14 -10.20
C LEU B 373 20.31 -37.22 -11.01
N SER B 374 21.44 -37.71 -10.55
CA SER B 374 22.21 -38.61 -11.35
C SER B 374 21.68 -40.04 -11.29
N THR B 375 20.73 -40.31 -10.41
CA THR B 375 20.05 -41.61 -10.47
C THR B 375 18.92 -41.63 -11.49
N ALA B 376 18.51 -40.43 -11.94
CA ALA B 376 17.51 -40.32 -13.02
C ALA B 376 18.16 -40.51 -14.38
N LEU B 377 19.08 -39.61 -14.74
CA LEU B 377 19.90 -39.74 -15.94
C LEU B 377 20.46 -41.16 -16.17
N HIS B 378 20.74 -41.91 -15.12
CA HIS B 378 21.30 -43.26 -15.29
C HIS B 378 20.32 -44.40 -14.95
N ASP B 379 19.03 -44.12 -14.97
CA ASP B 379 18.01 -45.11 -14.67
C ASP B 379 17.99 -46.21 -15.73
N PRO B 380 18.10 -47.50 -15.34
CA PRO B 380 18.21 -48.55 -16.36
C PRO B 380 16.91 -48.77 -17.10
N HIS B 381 15.81 -48.43 -16.45
CA HIS B 381 14.48 -48.63 -17.02
C HIS B 381 14.21 -47.68 -18.19
N TYR B 382 15.00 -46.62 -18.28
CA TYR B 382 14.81 -45.67 -19.36
C TYR B 382 15.95 -45.73 -20.36
N PHE B 383 17.07 -46.33 -19.98
CA PHE B 383 18.21 -46.40 -20.88
C PHE B 383 18.89 -47.79 -20.88
N GLU B 384 18.64 -48.56 -21.94
CA GLU B 384 19.40 -49.77 -22.23
C GLU B 384 20.89 -49.50 -22.00
N LYS B 385 21.52 -50.27 -21.12
CA LYS B 385 22.96 -50.11 -20.81
C LYS B 385 23.38 -48.62 -20.61
N PRO B 386 22.97 -48.03 -19.47
CA PRO B 386 23.03 -46.60 -19.18
C PRO B 386 24.43 -46.10 -18.83
N ASP B 387 25.34 -47.02 -18.53
CA ASP B 387 26.69 -46.62 -18.17
C ASP B 387 27.48 -46.18 -19.39
N ALA B 388 26.91 -46.38 -20.58
CA ALA B 388 27.65 -46.22 -21.80
C ALA B 388 27.08 -45.10 -22.66
N PHE B 389 27.96 -44.37 -23.33
CA PHE B 389 27.52 -43.25 -24.15
C PHE B 389 26.90 -43.70 -25.45
N ASN B 390 25.62 -43.43 -25.63
CA ASN B 390 24.94 -43.86 -26.87
C ASN B 390 23.74 -43.00 -27.27
N PRO B 391 23.89 -42.21 -28.35
CA PRO B 391 22.84 -41.31 -28.81
C PRO B 391 21.52 -42.00 -29.05
N ASP B 392 21.54 -43.31 -29.21
CA ASP B 392 20.34 -44.06 -29.53
C ASP B 392 19.31 -43.88 -28.43
N HIS B 393 19.78 -43.62 -27.22
CA HIS B 393 18.91 -43.42 -26.05
C HIS B 393 17.84 -42.33 -26.28
N PHE B 394 18.04 -41.49 -27.29
CA PHE B 394 17.14 -40.37 -27.56
C PHE B 394 16.53 -40.42 -28.97
N LEU B 395 16.57 -41.60 -29.59
CA LEU B 395 16.00 -41.79 -30.91
C LEU B 395 15.06 -42.96 -30.83
N ASP B 396 13.96 -42.88 -31.57
CA ASP B 396 13.05 -44.04 -31.73
C ASP B 396 13.58 -44.99 -32.81
N ALA B 397 12.71 -45.85 -33.35
CA ALA B 397 13.15 -46.82 -34.36
C ALA B 397 13.51 -46.20 -35.75
N ASN B 398 13.04 -44.98 -36.01
CA ASN B 398 13.29 -44.31 -37.29
C ASN B 398 14.31 -43.20 -37.26
N GLY B 399 15.01 -43.05 -36.14
CA GLY B 399 15.96 -41.95 -35.96
C GLY B 399 15.23 -40.62 -35.83
N ALA B 400 14.00 -40.67 -35.33
CA ALA B 400 13.29 -39.47 -34.88
C ALA B 400 13.55 -39.23 -33.38
N LEU B 401 13.55 -37.95 -32.97
CA LEU B 401 13.93 -37.56 -31.62
C LEU B 401 12.94 -38.06 -30.56
N LYS B 402 13.44 -38.86 -29.61
CA LYS B 402 12.57 -39.46 -28.58
C LYS B 402 12.86 -38.86 -27.21
N LYS B 403 12.20 -37.73 -26.92
CA LYS B 403 12.32 -37.03 -25.63
C LYS B 403 11.82 -37.97 -24.52
N THR B 404 12.47 -37.92 -23.36
CA THR B 404 12.04 -38.69 -22.19
C THR B 404 12.03 -37.88 -20.90
N GLU B 405 11.05 -38.18 -20.07
CA GLU B 405 10.77 -37.43 -18.84
C GLU B 405 11.79 -37.74 -17.75
N ALA B 406 12.65 -38.72 -17.98
CA ALA B 406 13.77 -39.03 -17.08
C ALA B 406 15.03 -38.22 -17.42
N PHE B 407 14.98 -37.47 -18.51
CA PHE B 407 16.04 -36.54 -18.85
C PHE B 407 15.85 -35.25 -18.08
N ILE B 408 16.40 -35.19 -16.88
CA ILE B 408 16.24 -34.01 -16.05
C ILE B 408 17.59 -33.38 -15.59
N PRO B 409 18.50 -33.09 -16.54
CA PRO B 409 19.81 -32.62 -16.09
C PRO B 409 19.75 -31.19 -15.55
N PHE B 410 18.62 -30.53 -15.74
CA PHE B 410 18.41 -29.19 -15.27
C PHE B 410 17.51 -29.16 -14.04
N SER B 411 17.22 -30.33 -13.46
CA SER B 411 16.30 -30.44 -12.33
C SER B 411 14.85 -30.06 -12.73
N LEU B 412 13.98 -29.90 -11.73
CA LEU B 412 12.56 -29.72 -11.97
C LEU B 412 11.94 -28.74 -10.98
N GLY B 413 10.77 -28.22 -11.32
CA GLY B 413 9.99 -27.44 -10.37
C GLY B 413 10.47 -26.01 -10.19
N LYS B 414 10.30 -25.51 -8.96
CA LYS B 414 10.41 -24.10 -8.72
C LYS B 414 11.82 -23.61 -8.86
N ARG B 415 12.79 -24.45 -8.52
CA ARG B 415 14.19 -24.01 -8.53
C ARG B 415 14.92 -24.29 -9.87
N ILE B 416 14.42 -25.22 -10.64
CA ILE B 416 14.96 -25.54 -11.95
C ILE B 416 15.62 -24.51 -12.83
N CYS B 417 16.79 -24.82 -13.38
CA CYS B 417 17.75 -23.88 -13.94
C CYS B 417 17.11 -22.77 -14.73
N LEU B 418 17.54 -21.55 -14.47
CA LEU B 418 17.05 -20.43 -15.20
C LEU B 418 17.87 -20.19 -16.44
N GLY B 419 18.90 -20.96 -16.64
CA GLY B 419 19.65 -20.92 -17.88
C GLY B 419 19.26 -21.93 -18.95
N GLU B 420 18.35 -22.86 -18.63
CA GLU B 420 18.04 -23.96 -19.54
C GLU B 420 17.98 -23.45 -20.96
N GLY B 421 17.11 -22.48 -21.21
CA GLY B 421 17.00 -21.88 -22.54
C GLY B 421 18.35 -21.55 -23.14
N ILE B 422 19.11 -20.69 -22.46
CA ILE B 422 20.41 -20.29 -22.94
C ILE B 422 21.33 -21.48 -23.13
N ALA B 423 21.38 -22.38 -22.17
CA ALA B 423 22.36 -23.44 -22.25
C ALA B 423 22.09 -24.28 -23.48
N ARG B 424 20.82 -24.63 -23.66
CA ARG B 424 20.44 -25.50 -24.74
C ARG B 424 20.76 -24.85 -26.05
N ALA B 425 20.69 -23.53 -26.07
CA ALA B 425 21.06 -22.77 -27.24
C ALA B 425 22.58 -22.75 -27.46
N GLU B 426 23.36 -22.76 -26.39
CA GLU B 426 24.77 -22.63 -26.60
C GLU B 426 25.29 -23.97 -27.05
N LEU B 427 24.79 -25.01 -26.42
CA LEU B 427 25.25 -26.33 -26.77
C LEU B 427 24.93 -26.66 -28.25
N PHE B 428 23.79 -26.21 -28.74
CA PHE B 428 23.47 -26.51 -30.09
C PHE B 428 24.32 -25.72 -31.07
N LEU B 429 24.29 -24.40 -30.94
CA LEU B 429 25.05 -23.51 -31.83
C LEU B 429 26.56 -23.76 -31.83
N PHE B 430 27.15 -23.82 -30.64
CA PHE B 430 28.58 -23.97 -30.52
C PHE B 430 29.04 -25.30 -31.03
N PHE B 431 28.26 -26.32 -30.68
CA PHE B 431 28.57 -27.68 -31.11
C PHE B 431 28.54 -27.83 -32.64
N THR B 432 27.41 -27.48 -33.23
CA THR B 432 27.24 -27.60 -34.64
C THR B 432 28.07 -26.61 -35.43
N THR B 433 28.25 -25.37 -34.96
CA THR B 433 29.17 -24.47 -35.67
C THR B 433 30.62 -24.97 -35.70
N ILE B 434 31.11 -25.51 -34.56
CA ILE B 434 32.48 -26.01 -34.54
C ILE B 434 32.60 -27.14 -35.52
N LEU B 435 31.68 -28.09 -35.42
CA LEU B 435 31.67 -29.26 -36.25
C LEU B 435 31.46 -28.96 -37.72
N GLN B 436 30.65 -27.96 -38.03
CA GLN B 436 30.48 -27.53 -39.40
C GLN B 436 31.83 -27.21 -40.02
N ASN B 437 32.76 -26.59 -39.28
CA ASN B 437 34.03 -26.14 -39.88
C ASN B 437 35.25 -27.00 -39.56
N PHE B 438 35.09 -27.99 -38.68
CA PHE B 438 36.24 -28.72 -38.22
C PHE B 438 35.98 -30.20 -38.05
N SER B 439 37.06 -30.92 -37.81
CA SER B 439 37.01 -32.31 -37.50
C SER B 439 38.04 -32.51 -36.43
N MET B 440 37.94 -33.65 -35.76
CA MET B 440 38.61 -33.87 -34.48
C MET B 440 39.79 -34.81 -34.62
N ALA B 441 40.90 -34.49 -33.98
CA ALA B 441 41.95 -35.49 -33.88
C ALA B 441 42.68 -35.43 -32.57
N SER B 442 43.22 -36.59 -32.21
CA SER B 442 44.00 -36.77 -31.01
C SER B 442 45.14 -37.72 -31.28
N PRO B 443 46.29 -37.53 -30.61
CA PRO B 443 47.32 -38.57 -30.61
C PRO B 443 46.74 -39.90 -30.06
N VAL B 444 45.90 -39.79 -29.03
CA VAL B 444 45.29 -40.96 -28.37
C VAL B 444 44.25 -41.63 -29.26
N ALA B 445 44.23 -42.95 -29.21
CA ALA B 445 43.29 -43.74 -29.98
C ALA B 445 41.97 -43.81 -29.26
N PRO B 446 40.86 -43.90 -30.01
CA PRO B 446 39.49 -44.09 -29.50
C PRO B 446 39.36 -45.18 -28.44
N GLU B 447 39.88 -46.36 -28.72
CA GLU B 447 39.79 -47.45 -27.75
C GLU B 447 40.47 -47.08 -26.44
N ASP B 448 41.40 -46.12 -26.46
CA ASP B 448 42.26 -45.86 -25.31
C ASP B 448 41.85 -44.65 -24.52
N ILE B 449 40.90 -43.89 -25.06
CA ILE B 449 40.49 -42.63 -24.45
C ILE B 449 39.79 -42.93 -23.14
N ASP B 450 40.30 -42.36 -22.05
CA ASP B 450 39.69 -42.63 -20.74
C ASP B 450 38.70 -41.53 -20.33
N LEU B 451 37.45 -41.95 -20.10
CA LEU B 451 36.33 -41.05 -19.76
C LEU B 451 36.22 -40.69 -18.28
N THR B 452 36.81 -41.51 -17.43
CA THR B 452 36.83 -41.29 -15.98
C THR B 452 37.20 -39.84 -15.63
N PRO B 453 36.34 -39.15 -14.86
CA PRO B 453 36.56 -37.76 -14.46
C PRO B 453 37.68 -37.57 -13.47
N GLN B 454 38.23 -36.37 -13.43
CA GLN B 454 39.10 -35.90 -12.36
C GLN B 454 38.24 -35.21 -11.31
N GLU B 455 38.12 -35.77 -10.12
CA GLU B 455 37.24 -35.24 -9.09
C GLU B 455 35.75 -35.32 -9.46
N CYS B 456 34.95 -35.96 -8.60
CA CYS B 456 33.51 -36.10 -8.79
C CYS B 456 32.71 -35.78 -7.52
N GLY B 457 32.31 -34.52 -7.38
CA GLY B 457 31.65 -34.12 -6.15
C GLY B 457 30.32 -33.46 -6.43
N VAL B 458 30.23 -32.20 -6.05
CA VAL B 458 29.05 -31.42 -6.36
C VAL B 458 28.94 -31.39 -7.85
N GLY B 459 30.09 -31.37 -8.50
CA GLY B 459 30.21 -31.33 -9.97
C GLY B 459 31.07 -32.47 -10.50
N LYS B 460 30.73 -32.98 -11.69
CA LYS B 460 31.54 -33.98 -12.39
C LYS B 460 32.45 -33.13 -13.30
N ILE B 461 33.77 -33.29 -13.17
CA ILE B 461 34.72 -32.52 -13.98
C ILE B 461 35.52 -33.44 -14.92
N PRO B 462 35.40 -33.25 -16.24
CA PRO B 462 36.05 -34.19 -17.17
C PRO B 462 37.57 -34.18 -17.09
N PRO B 463 38.18 -35.34 -17.43
CA PRO B 463 39.63 -35.46 -17.36
C PRO B 463 40.23 -34.50 -18.35
N THR B 464 41.44 -34.05 -18.04
CA THR B 464 42.17 -33.10 -18.86
C THR B 464 42.66 -33.82 -20.10
N TYR B 465 42.45 -33.20 -21.25
CA TYR B 465 42.83 -33.83 -22.55
C TYR B 465 43.24 -32.78 -23.61
N GLN B 466 44.10 -33.23 -24.53
CA GLN B 466 44.62 -32.46 -25.67
C GLN B 466 43.84 -32.79 -26.94
N ILE B 467 43.50 -31.78 -27.73
CA ILE B 467 42.80 -32.04 -28.99
C ILE B 467 43.29 -31.09 -30.07
N ARG B 468 43.01 -31.43 -31.33
CA ARG B 468 43.36 -30.60 -32.47
C ARG B 468 42.15 -30.42 -33.40
N PHE B 469 42.05 -29.23 -33.99
CA PHE B 469 40.94 -28.90 -34.89
C PHE B 469 41.35 -28.68 -36.34
N LEU B 470 40.90 -29.64 -37.17
CA LEU B 470 41.31 -29.80 -38.58
C LEU B 470 40.30 -29.30 -39.60
N PRO B 471 40.63 -28.18 -40.31
CA PRO B 471 39.68 -27.55 -41.24
C PRO B 471 39.00 -28.57 -42.20
N ARG B 472 37.75 -28.31 -42.57
CA ARG B 472 37.01 -29.21 -43.42
C ARG B 472 36.85 -28.57 -44.79
N LYS C 8 15.48 -5.95 43.60
CA LYS C 8 15.17 -4.52 43.96
C LYS C 8 14.89 -3.65 42.71
N GLY C 9 15.88 -2.94 42.15
CA GLY C 9 15.77 -2.45 40.75
C GLY C 9 16.24 -3.50 39.73
N LYS C 10 16.51 -4.71 40.21
CA LYS C 10 16.96 -5.82 39.41
C LYS C 10 15.74 -6.74 39.13
N LEU C 11 15.99 -7.98 38.70
CA LEU C 11 14.94 -8.99 38.53
C LEU C 11 14.33 -9.23 39.91
N PRO C 12 13.08 -9.75 39.98
CA PRO C 12 12.48 -10.04 41.30
C PRO C 12 13.28 -11.06 42.13
N PRO C 13 13.06 -11.08 43.45
CA PRO C 13 13.92 -11.92 44.24
C PRO C 13 13.42 -13.36 44.23
N GLY C 14 14.21 -14.25 44.81
CA GLY C 14 13.91 -15.66 44.78
C GLY C 14 15.07 -16.44 45.36
N PRO C 15 15.00 -17.77 45.30
CA PRO C 15 16.08 -18.55 45.83
C PRO C 15 17.38 -18.32 45.04
N ARG C 16 18.54 -18.36 45.72
CA ARG C 16 19.84 -18.24 45.05
C ARG C 16 20.09 -19.48 44.19
N PRO C 17 20.33 -19.26 42.87
CA PRO C 17 20.54 -20.33 41.91
C PRO C 17 21.98 -20.81 41.93
N LEU C 18 22.23 -21.94 41.29
CA LEU C 18 23.59 -22.46 41.14
C LEU C 18 23.91 -22.51 39.66
N PRO C 19 25.14 -22.16 39.26
CA PRO C 19 25.42 -22.17 37.84
C PRO C 19 25.20 -23.56 37.26
N LEU C 20 24.60 -23.65 36.08
CA LEU C 20 24.37 -24.93 35.42
C LEU C 20 23.26 -25.84 35.92
N LEU C 21 22.73 -25.54 37.10
CA LEU C 21 21.70 -26.37 37.70
C LEU C 21 20.52 -25.50 38.04
N GLY C 22 20.76 -24.20 38.16
CA GLY C 22 19.73 -23.26 38.59
C GLY C 22 19.28 -23.60 39.99
N ASN C 23 17.98 -23.46 40.26
CA ASN C 23 17.41 -23.71 41.56
C ASN C 23 16.97 -25.14 41.73
N LEU C 24 17.61 -26.05 40.99
CA LEU C 24 17.22 -27.44 41.04
C LEU C 24 17.13 -27.97 42.47
N LEU C 25 18.15 -27.69 43.27
CA LEU C 25 18.18 -28.26 44.62
C LEU C 25 17.29 -27.56 45.66
N GLN C 26 16.37 -26.69 45.24
CA GLN C 26 15.42 -26.11 46.20
C GLN C 26 14.02 -26.41 45.76
N MET C 27 13.90 -27.21 44.71
CA MET C 27 12.62 -27.59 44.16
C MET C 27 11.96 -28.62 45.07
N ASP C 28 10.83 -29.14 44.66
CA ASP C 28 10.12 -30.05 45.50
C ASP C 28 9.72 -31.20 44.66
N ARG C 29 10.32 -32.34 44.89
CA ARG C 29 10.04 -33.50 44.08
C ARG C 29 8.67 -33.73 43.54
N ARG C 30 7.68 -33.65 44.38
CA ARG C 30 6.33 -33.51 43.91
C ARG C 30 6.15 -32.76 42.59
N GLY C 31 6.74 -31.59 42.37
CA GLY C 31 6.39 -30.94 41.14
C GLY C 31 6.83 -29.50 40.98
N LEU C 32 6.58 -28.97 39.81
CA LEU C 32 6.97 -27.63 39.48
C LEU C 32 6.10 -26.65 40.20
N LEU C 33 4.82 -26.95 40.25
CA LEU C 33 3.88 -26.11 40.94
C LEU C 33 4.09 -26.16 42.45
N LYS C 34 4.17 -27.36 43.03
CA LYS C 34 4.34 -27.42 44.47
C LYS C 34 5.60 -26.64 44.87
N SER C 35 6.64 -26.74 44.04
CA SER C 35 7.88 -25.95 44.17
C SER C 35 7.61 -24.46 44.23
N PHE C 36 6.91 -23.97 43.22
CA PHE C 36 6.63 -22.55 43.17
C PHE C 36 5.80 -22.10 44.37
N LEU C 37 4.85 -22.92 44.80
CA LEU C 37 4.07 -22.60 46.01
C LEU C 37 4.97 -22.35 47.24
N ARG C 38 5.97 -23.21 47.46
CA ARG C 38 6.90 -23.06 48.58
C ARG C 38 7.64 -21.75 48.50
N PHE C 39 8.08 -21.40 47.30
CA PHE C 39 8.84 -20.17 47.09
C PHE C 39 7.98 -18.97 47.44
N ARG C 40 6.71 -19.03 47.04
CA ARG C 40 5.76 -17.95 47.29
C ARG C 40 5.65 -17.62 48.77
N GLU C 41 5.67 -18.65 49.63
CA GLU C 41 5.62 -18.46 51.07
C GLU C 41 6.78 -17.63 51.56
N LYS C 42 7.92 -17.82 50.94
CA LYS C 42 9.12 -17.14 51.37
C LYS C 42 9.25 -15.77 50.73
N TYR C 43 8.91 -15.63 49.45
CA TYR C 43 9.26 -14.41 48.71
C TYR C 43 8.08 -13.56 48.29
N GLY C 44 6.88 -14.01 48.56
CA GLY C 44 5.69 -13.22 48.22
C GLY C 44 5.17 -13.45 46.81
N ASP C 45 4.36 -12.52 46.33
CA ASP C 45 3.55 -12.76 45.11
C ASP C 45 4.31 -12.67 43.79
N VAL C 46 5.47 -12.01 43.80
CA VAL C 46 6.30 -11.80 42.61
C VAL C 46 7.67 -12.27 42.99
N PHE C 47 8.24 -13.22 42.24
CA PHE C 47 9.58 -13.75 42.54
C PHE C 47 10.24 -14.42 41.34
N THR C 48 11.54 -14.71 41.45
CA THR C 48 12.28 -15.28 40.33
C THR C 48 12.83 -16.66 40.60
N VAL C 49 12.52 -17.61 39.72
CA VAL C 49 13.07 -18.96 39.78
C VAL C 49 13.89 -19.26 38.54
N HIS C 50 15.05 -19.90 38.76
CA HIS C 50 15.93 -20.33 37.68
C HIS C 50 15.68 -21.78 37.29
N LEU C 51 14.83 -21.96 36.28
CA LEU C 51 14.56 -23.27 35.72
C LEU C 51 15.70 -23.63 34.80
N GLY C 52 16.61 -24.43 35.33
CA GLY C 52 17.86 -24.65 34.64
C GLY C 52 18.61 -23.36 34.37
N PRO C 53 19.06 -23.18 33.14
CA PRO C 53 19.86 -22.00 32.80
C PRO C 53 19.12 -20.64 32.87
N ARG C 54 17.80 -20.58 32.67
CA ARG C 54 17.08 -19.29 32.57
C ARG C 54 16.45 -18.81 33.85
N PRO C 55 16.35 -17.49 33.99
CA PRO C 55 15.41 -16.98 34.98
C PRO C 55 14.02 -17.00 34.39
N VAL C 56 13.06 -17.40 35.21
CA VAL C 56 11.64 -17.28 34.89
C VAL C 56 10.93 -16.59 36.05
N VAL C 57 10.09 -15.61 35.73
CA VAL C 57 9.43 -14.76 36.73
C VAL C 57 8.04 -15.29 36.97
N MET C 58 7.74 -15.59 38.23
CA MET C 58 6.42 -16.11 38.65
C MET C 58 5.55 -15.02 39.18
N LEU C 59 4.29 -14.99 38.76
CA LEU C 59 3.33 -14.04 39.33
C LEU C 59 2.16 -14.77 39.95
N CYS C 60 1.92 -14.47 41.22
CA CYS C 60 0.89 -15.15 41.99
C CYS C 60 -0.18 -14.22 42.54
N GLY C 61 -1.38 -14.77 42.72
CA GLY C 61 -2.50 -14.01 43.25
C GLY C 61 -3.16 -13.15 42.19
N VAL C 62 -4.43 -12.85 42.42
CA VAL C 62 -5.22 -12.21 41.41
C VAL C 62 -4.78 -10.78 41.14
N GLU C 63 -4.34 -10.07 42.17
CA GLU C 63 -3.95 -8.67 42.02
C GLU C 63 -2.78 -8.56 41.05
N ALA C 64 -1.72 -9.31 41.33
CA ALA C 64 -0.53 -9.34 40.49
C ALA C 64 -0.83 -9.76 39.05
N ILE C 65 -1.50 -10.87 38.89
CA ILE C 65 -1.82 -11.33 37.55
C ILE C 65 -2.51 -10.23 36.72
N ARG C 66 -3.51 -9.58 37.31
CA ARG C 66 -4.32 -8.63 36.59
C ARG C 66 -3.44 -7.45 36.26
N GLU C 67 -2.63 -7.02 37.24
CA GLU C 67 -1.71 -5.90 37.03
C GLU C 67 -0.84 -6.14 35.81
N ALA C 68 -0.34 -7.36 35.68
CA ALA C 68 0.44 -7.77 34.52
C ALA C 68 -0.43 -7.86 33.25
N LEU C 69 -1.35 -8.83 33.20
CA LEU C 69 -2.08 -9.16 31.98
C LEU C 69 -3.02 -8.09 31.45
N VAL C 70 -3.52 -7.25 32.34
CA VAL C 70 -4.49 -6.23 31.98
C VAL C 70 -3.89 -4.83 31.97
N ASP C 71 -3.35 -4.40 33.10
CA ASP C 71 -2.84 -3.03 33.24
C ASP C 71 -1.58 -2.80 32.39
N LYS C 72 -0.65 -3.74 32.46
CA LYS C 72 0.55 -3.70 31.62
C LYS C 72 0.45 -4.69 30.44
N ALA C 73 -0.74 -4.77 29.83
CA ALA C 73 -1.04 -5.75 28.78
C ALA C 73 -0.04 -5.72 27.63
N GLU C 74 0.26 -4.54 27.08
CA GLU C 74 1.17 -4.45 25.93
C GLU C 74 2.52 -5.11 26.28
N ALA C 75 3.05 -4.80 27.46
CA ALA C 75 4.31 -5.38 27.89
C ALA C 75 4.27 -6.90 28.13
N PHE C 76 3.13 -7.41 28.55
CA PHE C 76 3.02 -8.81 28.98
C PHE C 76 2.32 -9.76 28.01
N SER C 77 2.32 -9.42 26.73
CA SER C 77 1.47 -10.14 25.76
C SER C 77 2.15 -11.28 25.02
N GLY C 78 3.46 -11.42 25.25
CA GLY C 78 4.25 -12.31 24.42
C GLY C 78 4.07 -13.73 24.86
N ARG C 79 4.28 -14.67 23.94
CA ARG C 79 4.19 -16.09 24.25
C ARG C 79 5.60 -16.67 24.50
N GLY C 80 5.75 -17.39 25.60
CA GLY C 80 6.95 -18.18 25.84
C GLY C 80 6.80 -19.54 25.17
N LYS C 81 7.69 -20.47 25.50
CA LYS C 81 7.57 -21.76 24.86
C LYS C 81 7.60 -22.92 25.83
N ILE C 82 7.11 -24.05 25.38
CA ILE C 82 7.04 -25.24 26.20
C ILE C 82 8.02 -26.25 25.69
N ALA C 83 9.06 -26.49 26.45
CA ALA C 83 10.21 -27.23 25.95
C ALA C 83 9.84 -28.53 25.26
N MET C 84 8.82 -29.22 25.76
CA MET C 84 8.45 -30.53 25.23
C MET C 84 7.85 -30.48 23.84
N VAL C 85 7.27 -29.36 23.44
CA VAL C 85 6.64 -29.31 22.13
C VAL C 85 7.26 -28.27 21.23
N ASP C 86 8.16 -27.44 21.75
CA ASP C 86 8.78 -26.40 20.92
C ASP C 86 9.44 -26.92 19.67
N PRO C 87 10.16 -28.06 19.75
CA PRO C 87 10.76 -28.58 18.50
C PRO C 87 9.73 -28.86 17.40
N PHE C 88 8.50 -29.15 17.78
CA PHE C 88 7.49 -29.38 16.78
C PHE C 88 6.91 -28.08 16.28
N PHE C 89 6.57 -27.16 17.17
CA PHE C 89 5.92 -25.90 16.77
C PHE C 89 6.84 -24.79 16.28
N ARG C 90 7.98 -24.66 16.95
CA ARG C 90 8.98 -23.63 16.67
C ARG C 90 8.41 -22.30 16.22
N GLY C 91 7.45 -21.77 16.99
CA GLY C 91 6.86 -20.46 16.70
C GLY C 91 5.69 -20.35 15.73
N TYR C 92 5.19 -21.48 15.22
CA TYR C 92 4.08 -21.47 14.26
C TYR C 92 2.77 -21.89 14.88
N GLY C 93 1.68 -21.34 14.34
CA GLY C 93 0.31 -21.66 14.77
C GLY C 93 -0.01 -20.76 15.95
N VAL C 94 -1.26 -20.30 16.05
CA VAL C 94 -1.65 -19.27 17.03
C VAL C 94 -1.19 -19.43 18.49
N ILE C 95 -1.29 -20.65 19.04
CA ILE C 95 -0.92 -20.84 20.46
C ILE C 95 0.50 -20.36 20.70
N PHE C 96 1.45 -20.80 19.87
CA PHE C 96 2.85 -20.48 20.09
C PHE C 96 3.44 -19.38 19.22
N ALA C 97 2.59 -18.74 18.41
CA ALA C 97 3.00 -17.65 17.52
C ALA C 97 3.29 -16.38 18.30
N ASN C 98 4.22 -15.57 17.81
CA ASN C 98 4.44 -14.26 18.41
C ASN C 98 4.36 -13.13 17.39
N GLY C 99 4.48 -11.89 17.87
CA GLY C 99 4.42 -10.73 17.00
C GLY C 99 3.35 -10.76 15.92
N ASN C 100 3.70 -10.38 14.70
CA ASN C 100 2.68 -10.21 13.69
C ASN C 100 2.06 -11.52 13.27
N ARG C 101 2.86 -12.57 13.23
CA ARG C 101 2.31 -13.87 12.90
C ARG C 101 1.11 -14.19 13.81
N TRP C 102 1.24 -13.84 15.08
CA TRP C 102 0.15 -14.08 15.97
C TRP C 102 -1.00 -13.15 15.71
N LYS C 103 -0.74 -11.85 15.61
CA LYS C 103 -1.80 -10.89 15.32
C LYS C 103 -2.69 -11.47 14.26
N VAL C 104 -2.10 -11.90 13.14
CA VAL C 104 -2.84 -12.44 12.00
C VAL C 104 -3.55 -13.74 12.29
N LEU C 105 -2.86 -14.69 12.90
CA LEU C 105 -3.44 -16.02 13.12
C LEU C 105 -4.59 -15.96 14.09
N ARG C 106 -4.40 -15.21 15.17
CA ARG C 106 -5.46 -14.92 16.14
C ARG C 106 -6.71 -14.34 15.47
N ARG C 107 -6.57 -13.12 14.93
CA ARG C 107 -7.66 -12.49 14.20
C ARG C 107 -8.41 -13.51 13.35
N PHE C 108 -7.68 -14.25 12.51
CA PHE C 108 -8.28 -15.28 11.68
C PHE C 108 -9.01 -16.35 12.51
N SER C 109 -8.32 -16.92 13.49
CA SER C 109 -8.91 -18.03 14.28
C SER C 109 -10.19 -17.62 15.01
N VAL C 110 -10.20 -16.39 15.53
CA VAL C 110 -11.40 -15.85 16.19
C VAL C 110 -12.54 -15.65 15.19
N THR C 111 -12.32 -14.85 14.15
CA THR C 111 -13.37 -14.57 13.16
C THR C 111 -13.84 -15.83 12.43
N THR C 112 -13.44 -17.01 12.87
CA THR C 112 -13.97 -18.23 12.25
C THR C 112 -14.56 -19.20 13.28
N MET C 113 -15.28 -18.62 14.20
CA MET C 113 -16.18 -19.30 15.14
C MET C 113 -17.21 -18.16 15.11
N ARG C 114 -16.76 -16.99 15.58
CA ARG C 114 -17.54 -15.76 15.65
C ARG C 114 -18.05 -15.30 14.27
N ASP C 115 -17.53 -15.88 13.18
CA ASP C 115 -18.15 -15.71 11.86
C ASP C 115 -18.49 -17.08 11.27
N PHE C 116 -19.76 -17.43 11.37
CA PHE C 116 -20.19 -18.73 10.89
C PHE C 116 -20.94 -18.81 9.57
N GLY C 117 -20.56 -19.83 8.78
CA GLY C 117 -21.05 -20.06 7.41
C GLY C 117 -22.48 -19.63 7.11
N MET C 118 -22.67 -18.95 5.97
CA MET C 118 -23.97 -18.42 5.57
C MET C 118 -25.10 -19.45 5.74
N GLY C 119 -25.04 -20.55 4.97
CA GLY C 119 -26.02 -21.62 5.09
C GLY C 119 -25.82 -22.51 6.31
N LYS C 120 -24.57 -22.92 6.54
CA LYS C 120 -24.17 -23.84 7.63
C LYS C 120 -24.70 -23.51 9.06
N ARG C 121 -24.66 -24.52 9.94
CA ARG C 121 -25.31 -24.47 11.27
C ARG C 121 -24.72 -23.52 12.34
N SER C 122 -25.48 -23.35 13.41
CA SER C 122 -25.09 -22.56 14.56
C SER C 122 -24.09 -23.36 15.38
N VAL C 123 -23.35 -22.68 16.26
CA VAL C 123 -22.40 -23.35 17.16
C VAL C 123 -23.14 -24.11 18.25
N GLU C 124 -24.14 -23.44 18.82
CA GLU C 124 -25.05 -24.05 19.77
C GLU C 124 -25.65 -25.34 19.18
N GLU C 125 -26.21 -25.22 17.98
CA GLU C 125 -26.84 -26.35 17.31
C GLU C 125 -25.92 -27.52 17.11
N ARG C 126 -24.67 -27.24 16.77
CA ARG C 126 -23.66 -28.30 16.61
C ARG C 126 -23.52 -29.07 17.92
N ILE C 127 -23.32 -28.33 19.00
CA ILE C 127 -23.27 -28.90 20.33
C ILE C 127 -24.55 -29.67 20.72
N GLN C 128 -25.71 -29.08 20.47
CA GLN C 128 -27.00 -29.69 20.81
C GLN C 128 -27.19 -31.03 20.12
N GLU C 129 -26.70 -31.13 18.88
CA GLU C 129 -26.78 -32.39 18.13
C GLU C 129 -25.80 -33.37 18.71
N GLU C 130 -24.57 -32.92 18.94
CA GLU C 130 -23.60 -33.82 19.55
C GLU C 130 -24.20 -34.46 20.82
N ALA C 131 -24.64 -33.62 21.76
CA ALA C 131 -25.19 -34.08 23.03
C ALA C 131 -26.20 -35.21 22.88
N GLN C 132 -27.09 -35.08 21.90
CA GLN C 132 -28.05 -36.12 21.60
C GLN C 132 -27.34 -37.44 21.23
N CYS C 133 -26.48 -37.38 20.22
CA CYS C 133 -25.74 -38.59 19.81
C CYS C 133 -25.18 -39.21 21.05
N LEU C 134 -24.67 -38.35 21.93
CA LEU C 134 -24.04 -38.81 23.15
C LEU C 134 -25.03 -39.56 24.05
N ILE C 135 -26.20 -38.98 24.31
CA ILE C 135 -27.15 -39.67 25.18
C ILE C 135 -27.64 -40.92 24.47
N GLU C 136 -27.82 -40.85 23.15
CA GLU C 136 -28.31 -42.01 22.38
C GLU C 136 -27.31 -43.17 22.38
N GLU C 137 -26.21 -43.00 23.12
CA GLU C 137 -25.08 -43.90 23.06
C GLU C 137 -24.81 -44.39 24.46
N LEU C 138 -25.14 -43.53 25.42
CA LEU C 138 -25.11 -43.88 26.82
C LEU C 138 -26.18 -44.90 27.13
N ARG C 139 -27.36 -44.71 26.54
CA ARG C 139 -28.43 -45.69 26.64
C ARG C 139 -28.02 -47.00 25.96
N LYS C 140 -27.38 -46.91 24.78
CA LYS C 140 -26.93 -48.11 24.05
C LYS C 140 -25.97 -48.93 24.92
N SER C 141 -25.41 -48.32 25.96
CA SER C 141 -24.52 -49.03 26.90
C SER C 141 -25.31 -49.76 27.98
N LYS C 142 -26.63 -49.57 27.95
CA LYS C 142 -27.59 -50.20 28.87
C LYS C 142 -27.16 -50.24 30.37
N GLY C 143 -26.48 -49.19 30.84
CA GLY C 143 -26.17 -49.05 32.28
C GLY C 143 -24.85 -49.63 32.77
N ALA C 144 -24.03 -50.12 31.83
CA ALA C 144 -22.73 -50.76 32.13
C ALA C 144 -21.71 -49.76 32.77
N LEU C 145 -20.75 -50.29 33.53
CA LEU C 145 -19.57 -49.51 33.89
C LEU C 145 -18.74 -49.23 32.68
N MET C 146 -18.27 -47.99 32.61
CA MET C 146 -17.38 -47.58 31.52
C MET C 146 -16.43 -46.55 32.05
N ASP C 147 -15.30 -46.39 31.36
CA ASP C 147 -14.44 -45.21 31.55
C ASP C 147 -14.86 -44.15 30.55
N PRO C 148 -15.45 -43.06 31.05
CA PRO C 148 -15.99 -42.05 30.14
C PRO C 148 -14.95 -41.32 29.29
N THR C 149 -13.67 -41.46 29.65
CA THR C 149 -12.55 -40.78 28.96
C THR C 149 -12.70 -40.64 27.44
N PHE C 150 -12.89 -41.77 26.76
CA PHE C 150 -12.92 -41.80 25.30
C PHE C 150 -14.15 -41.05 24.75
N LEU C 151 -15.24 -41.06 25.51
CA LEU C 151 -16.45 -40.36 25.08
C LEU C 151 -16.41 -38.87 25.32
N PHE C 152 -15.87 -38.45 26.46
CA PHE C 152 -15.80 -37.03 26.74
C PHE C 152 -14.86 -36.37 25.76
N GLN C 153 -13.82 -37.10 25.37
CA GLN C 153 -12.92 -36.63 24.31
C GLN C 153 -13.63 -36.47 22.98
N SER C 154 -14.33 -37.51 22.54
CA SER C 154 -15.01 -37.51 21.24
C SER C 154 -15.99 -36.33 21.08
N ILE C 155 -16.88 -36.17 22.05
CA ILE C 155 -17.89 -35.11 21.93
C ILE C 155 -17.23 -33.73 21.78
N THR C 156 -16.18 -33.43 22.55
CA THR C 156 -15.58 -32.10 22.45
C THR C 156 -14.81 -31.93 21.18
N ALA C 157 -14.15 -33.02 20.75
CA ALA C 157 -13.40 -33.05 19.51
C ALA C 157 -14.31 -32.90 18.30
N ASN C 158 -15.48 -33.54 18.36
CA ASN C 158 -16.44 -33.45 17.25
C ASN C 158 -16.95 -32.06 17.02
N ILE C 159 -16.93 -31.24 18.07
CA ILE C 159 -17.35 -29.86 17.91
C ILE C 159 -16.36 -29.05 17.06
N ILE C 160 -15.07 -29.26 17.29
CA ILE C 160 -14.04 -28.60 16.48
C ILE C 160 -14.12 -29.13 15.05
N CYS C 161 -13.85 -30.43 14.88
CA CYS C 161 -13.95 -31.07 13.58
C CYS C 161 -15.08 -30.44 12.81
N SER C 162 -16.23 -30.33 13.46
CA SER C 162 -17.38 -29.73 12.86
C SER C 162 -16.99 -28.39 12.25
N ILE C 163 -16.35 -27.52 13.02
CA ILE C 163 -15.95 -26.18 12.51
C ILE C 163 -14.79 -26.23 11.50
N VAL C 164 -13.76 -27.00 11.84
CA VAL C 164 -12.56 -27.17 11.03
C VAL C 164 -12.80 -27.96 9.75
N PHE C 165 -13.17 -29.24 9.84
CA PHE C 165 -13.36 -30.07 8.64
C PHE C 165 -14.76 -30.11 8.10
N GLY C 166 -15.72 -29.55 8.83
CA GLY C 166 -17.11 -29.58 8.42
C GLY C 166 -17.73 -30.96 8.51
N LYS C 167 -17.60 -31.62 9.67
CA LYS C 167 -18.13 -32.96 9.86
C LYS C 167 -17.76 -33.53 11.21
N ARG C 168 -18.28 -34.73 11.50
CA ARG C 168 -18.03 -35.43 12.76
C ARG C 168 -17.68 -36.90 12.54
N PHE C 169 -17.22 -37.57 13.59
CA PHE C 169 -16.79 -38.96 13.54
C PHE C 169 -17.60 -39.81 14.50
N HIS C 170 -17.83 -41.07 14.15
CA HIS C 170 -18.67 -41.95 14.96
C HIS C 170 -17.91 -42.55 16.13
N TYR C 171 -18.54 -42.53 17.29
CA TYR C 171 -17.88 -42.96 18.52
C TYR C 171 -17.17 -44.31 18.40
N GLN C 172 -17.73 -45.22 17.61
CA GLN C 172 -17.17 -46.57 17.43
C GLN C 172 -16.19 -46.67 16.24
N ASP C 173 -15.77 -45.53 15.69
CA ASP C 173 -14.79 -45.47 14.58
C ASP C 173 -13.37 -45.65 15.11
N GLN C 174 -12.57 -46.42 14.38
CA GLN C 174 -11.19 -46.77 14.75
C GLN C 174 -10.09 -45.73 14.63
N GLU C 175 -9.85 -45.26 13.41
CA GLU C 175 -8.85 -44.24 13.15
C GLU C 175 -9.13 -43.04 14.04
N PHE C 176 -10.40 -42.79 14.32
CA PHE C 176 -10.73 -41.66 15.20
C PHE C 176 -10.25 -41.89 16.62
N LEU C 177 -10.59 -43.00 17.22
CA LEU C 177 -10.10 -43.23 18.57
C LEU C 177 -8.60 -43.24 18.62
N LYS C 178 -7.97 -43.74 17.58
CA LYS C 178 -6.51 -43.81 17.56
C LYS C 178 -5.93 -42.40 17.65
N MET C 179 -6.52 -41.44 16.92
CA MET C 179 -6.16 -40.02 17.04
C MET C 179 -6.34 -39.45 18.45
N LEU C 180 -7.54 -39.64 19.01
CA LEU C 180 -7.82 -39.09 20.33
C LEU C 180 -6.84 -39.66 21.32
N ASN C 181 -6.54 -40.95 21.20
CA ASN C 181 -5.49 -41.55 21.98
C ASN C 181 -4.12 -40.92 21.85
N LEU C 182 -3.79 -40.37 20.68
CA LEU C 182 -2.51 -39.67 20.54
C LEU C 182 -2.50 -38.33 21.24
N PHE C 183 -3.64 -37.65 21.23
CA PHE C 183 -3.81 -36.42 22.00
C PHE C 183 -3.68 -36.73 23.49
N TYR C 184 -4.41 -37.74 23.98
CA TYR C 184 -4.48 -38.00 25.41
C TYR C 184 -3.09 -38.23 25.95
N GLN C 185 -2.35 -39.07 25.24
CA GLN C 185 -1.06 -39.54 25.68
C GLN C 185 -0.05 -38.41 25.57
N THR C 186 -0.23 -37.53 24.60
CA THR C 186 0.68 -36.41 24.41
C THR C 186 0.53 -35.44 25.54
N PHE C 187 -0.70 -35.06 25.84
CA PHE C 187 -0.98 -34.12 26.92
C PHE C 187 -0.58 -34.73 28.26
N SER C 188 -0.64 -36.06 28.33
CA SER C 188 -0.28 -36.79 29.52
C SER C 188 1.22 -36.79 29.75
N LEU C 189 1.98 -36.95 28.67
CA LEU C 189 3.44 -36.86 28.69
C LEU C 189 4.00 -35.44 28.96
N ILE C 190 3.36 -34.41 28.40
CA ILE C 190 3.75 -33.04 28.67
C ILE C 190 3.55 -32.67 30.13
N SER C 191 2.56 -33.30 30.75
CA SER C 191 2.18 -32.96 32.10
C SER C 191 2.90 -33.84 33.05
N SER C 192 3.65 -34.81 32.51
CA SER C 192 4.35 -35.81 33.32
C SER C 192 5.50 -35.19 34.10
N VAL C 193 6.14 -35.99 34.94
CA VAL C 193 7.24 -35.48 35.75
C VAL C 193 8.45 -35.26 34.86
N PHE C 194 8.66 -36.17 33.92
CA PHE C 194 9.72 -36.00 32.93
C PHE C 194 9.47 -34.70 32.22
N GLY C 195 8.21 -34.48 31.85
CA GLY C 195 7.78 -33.30 31.11
C GLY C 195 8.23 -32.01 31.78
N GLN C 196 8.22 -32.03 33.11
CA GLN C 196 8.62 -30.88 33.90
C GLN C 196 10.12 -30.77 33.93
N LEU C 197 10.79 -31.85 34.29
CA LEU C 197 12.25 -31.88 34.28
C LEU C 197 12.77 -31.39 32.93
N PHE C 198 12.07 -31.76 31.86
CA PHE C 198 12.46 -31.34 30.53
C PHE C 198 12.42 -29.80 30.35
N GLU C 199 11.44 -29.15 30.98
CA GLU C 199 11.38 -27.69 30.95
C GLU C 199 12.63 -27.08 31.52
N LEU C 200 13.20 -27.74 32.52
CA LEU C 200 14.39 -27.27 33.19
C LEU C 200 15.63 -27.55 32.35
N PHE C 201 15.77 -28.79 31.86
CA PHE C 201 17.01 -29.21 31.22
C PHE C 201 16.84 -29.83 29.83
N SER C 202 15.95 -29.27 29.01
CA SER C 202 15.79 -29.70 27.62
C SER C 202 17.12 -29.62 26.87
N GLY C 203 17.92 -28.57 27.13
CA GLY C 203 19.20 -28.39 26.46
C GLY C 203 20.08 -29.61 26.52
N PHE C 204 20.11 -30.25 27.68
CA PHE C 204 20.88 -31.46 27.85
C PHE C 204 20.06 -32.68 27.50
N LEU C 205 18.78 -32.73 27.90
CA LEU C 205 18.00 -33.94 27.71
C LEU C 205 17.69 -34.26 26.26
N LYS C 206 17.65 -33.23 25.41
CA LYS C 206 17.34 -33.37 23.97
C LYS C 206 18.05 -34.58 23.36
N HIS C 207 19.28 -34.85 23.79
CA HIS C 207 20.10 -35.80 23.09
C HIS C 207 19.85 -37.25 23.51
N PHE C 208 19.00 -37.45 24.50
CA PHE C 208 18.78 -38.80 24.97
C PHE C 208 17.35 -39.25 24.79
N PRO C 209 17.13 -40.57 24.74
CA PRO C 209 15.77 -41.09 24.72
C PRO C 209 14.90 -40.48 25.82
N GLY C 210 13.63 -40.36 25.55
CA GLY C 210 12.70 -39.94 26.60
C GLY C 210 11.39 -39.45 26.01
N ALA C 211 10.46 -39.04 26.87
CA ALA C 211 9.13 -38.68 26.42
C ALA C 211 9.12 -37.70 25.24
N HIS C 212 9.90 -36.63 25.33
CA HIS C 212 9.98 -35.61 24.28
C HIS C 212 9.96 -36.17 22.86
N ARG C 213 10.62 -37.31 22.68
CA ARG C 213 10.67 -37.93 21.37
C ARG C 213 9.31 -38.48 20.97
N GLN C 214 8.60 -39.12 21.91
CA GLN C 214 7.25 -39.63 21.68
C GLN C 214 6.25 -38.49 21.40
N VAL C 215 6.36 -37.39 22.17
CA VAL C 215 5.49 -36.22 21.99
C VAL C 215 5.64 -35.73 20.57
N TYR C 216 6.88 -35.67 20.11
CA TYR C 216 7.20 -35.29 18.72
C TYR C 216 6.59 -36.22 17.66
N LYS C 217 6.88 -37.51 17.75
CA LYS C 217 6.27 -38.52 16.86
C LYS C 217 4.74 -38.45 16.86
N ASN C 218 4.11 -38.33 18.04
CA ASN C 218 2.66 -38.08 18.08
C ASN C 218 2.28 -36.80 17.29
N LEU C 219 2.92 -35.66 17.62
CA LEU C 219 2.52 -34.41 16.99
C LEU C 219 2.67 -34.54 15.47
N GLN C 220 3.82 -35.05 15.03
CA GLN C 220 3.99 -35.30 13.61
C GLN C 220 2.86 -36.11 12.98
N GLU C 221 2.47 -37.21 13.64
CA GLU C 221 1.45 -38.13 13.12
C GLU C 221 0.09 -37.47 12.97
N ILE C 222 -0.32 -36.71 13.98
CA ILE C 222 -1.58 -35.97 13.91
C ILE C 222 -1.50 -35.00 12.73
N ASN C 223 -0.45 -34.16 12.74
CA ASN C 223 -0.15 -33.22 11.68
C ASN C 223 -0.12 -33.80 10.29
N ALA C 224 0.36 -35.03 10.17
CA ALA C 224 0.19 -35.79 8.91
C ALA C 224 -1.26 -35.98 8.48
N TYR C 225 -2.15 -36.38 9.40
CA TYR C 225 -3.57 -36.52 9.08
C TYR C 225 -4.21 -35.22 8.64
N ILE C 226 -3.93 -34.16 9.39
CA ILE C 226 -4.34 -32.79 9.05
C ILE C 226 -3.83 -32.37 7.67
N GLY C 227 -2.59 -32.73 7.38
CA GLY C 227 -2.01 -32.44 6.09
C GLY C 227 -2.77 -33.05 4.91
N HIS C 228 -3.05 -34.35 4.99
CA HIS C 228 -3.76 -35.05 3.93
C HIS C 228 -5.12 -34.45 3.78
N SER C 229 -5.79 -34.21 4.89
CA SER C 229 -7.12 -33.61 4.85
C SER C 229 -7.11 -32.21 4.21
N VAL C 230 -6.09 -31.40 4.49
CA VAL C 230 -5.94 -30.14 3.77
C VAL C 230 -5.84 -30.42 2.28
N GLU C 231 -4.94 -31.31 1.84
CA GLU C 231 -4.86 -31.70 0.41
C GLU C 231 -6.25 -32.09 -0.19
N LYS C 232 -6.99 -32.98 0.47
CA LYS C 232 -8.33 -33.38 0.02
C LYS C 232 -9.27 -32.15 -0.10
N HIS C 233 -9.22 -31.25 0.86
CA HIS C 233 -9.94 -29.96 0.76
C HIS C 233 -9.56 -29.09 -0.46
N ARG C 234 -8.27 -28.93 -0.72
CA ARG C 234 -7.79 -28.10 -1.85
C ARG C 234 -8.28 -28.58 -3.22
N GLU C 235 -8.47 -29.90 -3.35
CA GLU C 235 -9.05 -30.49 -4.56
C GLU C 235 -10.50 -30.08 -4.79
N THR C 236 -11.35 -30.36 -3.82
CA THR C 236 -12.79 -30.14 -3.99
C THR C 236 -13.22 -28.70 -3.71
N LEU C 237 -12.26 -27.79 -3.59
CA LEU C 237 -12.51 -26.41 -3.14
C LEU C 237 -13.41 -25.59 -4.04
N ASP C 238 -14.42 -24.93 -3.45
CA ASP C 238 -15.31 -24.02 -4.19
C ASP C 238 -15.20 -22.55 -3.72
N PRO C 239 -14.41 -21.73 -4.46
CA PRO C 239 -14.11 -20.31 -4.19
C PRO C 239 -15.25 -19.44 -3.68
N SER C 240 -16.51 -19.79 -4.00
CA SER C 240 -17.64 -18.95 -3.55
C SER C 240 -18.65 -19.68 -2.65
N ALA C 241 -18.26 -20.85 -2.16
CA ALA C 241 -19.00 -21.60 -1.14
C ALA C 241 -18.05 -22.41 -0.24
N PRO C 242 -17.33 -21.72 0.68
CA PRO C 242 -16.44 -22.37 1.65
C PRO C 242 -17.20 -23.29 2.61
N ARG C 243 -16.64 -24.47 2.88
CA ARG C 243 -17.26 -25.43 3.77
C ARG C 243 -16.96 -25.25 5.27
N ASP C 244 -15.77 -24.74 5.57
CA ASP C 244 -15.26 -24.74 6.92
C ASP C 244 -14.02 -23.84 7.12
N LEU C 245 -13.40 -23.97 8.28
CA LEU C 245 -12.18 -23.27 8.63
C LEU C 245 -11.13 -23.46 7.55
N ILE C 246 -10.83 -24.72 7.25
CA ILE C 246 -9.81 -25.02 6.25
C ILE C 246 -10.05 -24.27 4.91
N ASP C 247 -11.28 -24.34 4.38
CA ASP C 247 -11.58 -23.64 3.12
C ASP C 247 -11.26 -22.17 3.24
N THR C 248 -11.77 -21.54 4.30
CA THR C 248 -11.58 -20.11 4.52
C THR C 248 -10.12 -19.76 4.44
N TYR C 249 -9.28 -20.56 5.09
CA TYR C 249 -7.85 -20.33 5.10
C TYR C 249 -7.22 -20.48 3.71
N LEU C 250 -7.59 -21.55 3.02
CA LEU C 250 -7.07 -21.78 1.67
C LEU C 250 -7.38 -20.62 0.72
N LEU C 251 -8.46 -19.89 1.01
CA LEU C 251 -8.85 -18.74 0.20
C LEU C 251 -8.09 -17.50 0.58
N HIS C 252 -7.59 -17.43 1.80
CA HIS C 252 -6.69 -16.34 2.17
C HIS C 252 -5.33 -16.60 1.57
N MET C 253 -5.00 -17.87 1.33
CA MET C 253 -3.78 -18.21 0.62
C MET C 253 -3.65 -17.83 -0.86
N GLU C 254 -4.70 -17.23 -1.35
CA GLU C 254 -4.60 -16.50 -2.57
C GLU C 254 -4.38 -15.08 -2.09
N LYS C 255 -3.42 -15.03 -1.19
CA LYS C 255 -2.53 -13.89 -0.87
C LYS C 255 -1.13 -14.28 -1.36
N GLU C 256 -1.10 -15.26 -2.26
CA GLU C 256 0.10 -15.77 -2.91
C GLU C 256 1.07 -14.70 -3.42
N LYS C 257 0.58 -13.50 -3.67
CA LYS C 257 1.45 -12.45 -4.19
C LYS C 257 1.84 -11.38 -3.18
N SER C 258 1.13 -11.37 -2.04
CA SER C 258 1.22 -10.29 -1.05
C SER C 258 1.78 -10.76 0.29
N ALA C 260 4.01 -11.42 -1.20
CA ALA C 260 5.06 -10.43 -1.05
C ALA C 260 5.79 -10.63 0.25
N HIS C 261 5.44 -11.68 0.98
CA HIS C 261 5.91 -11.94 2.33
C HIS C 261 4.62 -11.97 3.12
N SER C 262 4.18 -13.16 3.53
CA SER C 262 2.82 -13.30 4.07
C SER C 262 2.61 -14.44 5.03
N GLU C 263 1.73 -14.26 6.00
CA GLU C 263 1.67 -15.18 7.12
C GLU C 263 0.81 -16.44 6.93
N PHE C 264 0.22 -16.62 5.76
CA PHE C 264 -0.59 -17.79 5.50
C PHE C 264 0.18 -18.89 4.77
N SER C 265 1.20 -19.44 5.43
CA SER C 265 1.90 -20.64 4.96
C SER C 265 1.11 -21.94 5.20
N HIS C 266 1.51 -23.00 4.52
CA HIS C 266 1.00 -24.33 4.82
C HIS C 266 1.44 -24.72 6.20
N GLN C 267 2.66 -24.31 6.58
CA GLN C 267 3.15 -24.67 7.90
C GLN C 267 2.17 -24.10 8.91
N ASN C 268 1.78 -22.83 8.72
CA ASN C 268 0.80 -22.26 9.64
C ASN C 268 -0.53 -22.97 9.62
N LEU C 269 -1.02 -23.24 8.42
CA LEU C 269 -2.24 -23.99 8.28
C LEU C 269 -2.22 -25.24 9.13
N ASN C 270 -1.29 -26.13 8.86
CA ASN C 270 -1.33 -27.41 9.54
C ASN C 270 -1.29 -27.30 11.05
N LEU C 271 -0.27 -26.62 11.55
CA LEU C 271 -0.05 -26.48 12.98
C LEU C 271 -1.14 -25.65 13.65
N ASN C 272 -1.66 -24.65 12.94
CA ASN C 272 -2.68 -23.81 13.52
C ASN C 272 -3.84 -24.74 13.81
N THR C 273 -4.29 -25.45 12.79
CA THR C 273 -5.31 -26.48 12.94
C THR C 273 -4.95 -27.45 14.07
N LEU C 274 -3.77 -28.06 13.99
CA LEU C 274 -3.33 -28.92 15.04
C LEU C 274 -3.53 -28.21 16.36
N SER C 275 -3.14 -26.93 16.42
CA SER C 275 -3.26 -26.16 17.66
C SER C 275 -4.72 -26.16 18.13
N LEU C 276 -5.64 -25.82 17.24
CA LEU C 276 -7.01 -25.67 17.61
C LEU C 276 -7.57 -26.96 18.13
N PHE C 277 -7.59 -27.93 17.26
CA PHE C 277 -8.00 -29.27 17.52
C PHE C 277 -7.69 -29.83 18.87
N PHE C 278 -6.43 -29.71 19.26
CA PHE C 278 -5.93 -30.34 20.47
C PHE C 278 -6.33 -29.58 21.71
N ALA C 279 -6.37 -28.26 21.62
CA ALA C 279 -6.72 -27.47 22.76
C ALA C 279 -8.19 -27.65 22.96
N GLY C 280 -8.93 -27.52 21.88
CA GLY C 280 -10.38 -27.65 22.01
C GLY C 280 -10.88 -29.02 22.39
N THR C 281 -10.02 -30.01 22.29
CA THR C 281 -10.48 -31.35 22.55
C THR C 281 -10.10 -31.73 23.94
N GLU C 282 -8.83 -31.52 24.27
CA GLU C 282 -8.23 -32.06 25.49
C GLU C 282 -8.47 -31.28 26.76
N THR C 283 -9.12 -30.15 26.63
CA THR C 283 -9.30 -29.26 27.73
C THR C 283 -10.64 -29.41 28.32
N THR C 284 -11.63 -29.25 27.48
CA THR C 284 -13.02 -29.37 27.85
C THR C 284 -13.29 -30.78 28.29
N SER C 285 -12.89 -31.75 27.49
CA SER C 285 -13.03 -33.13 27.88
C SER C 285 -12.44 -33.33 29.28
N THR C 286 -11.30 -32.71 29.58
CA THR C 286 -10.71 -32.91 30.90
C THR C 286 -11.64 -32.35 31.99
N THR C 287 -12.20 -31.18 31.73
CA THR C 287 -13.08 -30.52 32.71
C THR C 287 -14.34 -31.32 32.97
N LEU C 288 -14.97 -31.78 31.89
CA LEU C 288 -16.10 -32.67 31.99
C LEU C 288 -15.79 -33.93 32.78
N ARG C 289 -14.66 -34.55 32.48
CA ARG C 289 -14.27 -35.79 33.16
C ARG C 289 -14.15 -35.56 34.66
N TYR C 290 -13.53 -34.46 35.05
CA TYR C 290 -13.49 -34.05 36.45
C TYR C 290 -14.91 -33.78 36.99
N GLY C 291 -15.70 -33.06 36.21
CA GLY C 291 -17.06 -32.70 36.58
C GLY C 291 -17.74 -33.93 37.11
N PHE C 292 -17.75 -35.00 36.32
CA PHE C 292 -18.51 -36.19 36.67
C PHE C 292 -17.94 -36.98 37.81
N LEU C 293 -16.62 -36.95 37.95
CA LEU C 293 -16.02 -37.53 39.13
C LEU C 293 -16.50 -36.78 40.34
N LEU C 294 -16.59 -35.46 40.21
CA LEU C 294 -17.05 -34.68 41.35
C LEU C 294 -18.50 -35.04 41.71
N MET C 295 -19.34 -35.23 40.69
CA MET C 295 -20.73 -35.58 40.92
C MET C 295 -20.89 -36.92 41.64
N LEU C 296 -19.98 -37.86 41.36
CA LEU C 296 -19.99 -39.14 42.04
C LEU C 296 -19.71 -38.96 43.52
N LYS C 297 -18.82 -38.03 43.82
CA LYS C 297 -18.44 -37.76 45.20
C LYS C 297 -19.46 -36.93 45.93
N TYR C 298 -20.32 -36.23 45.19
CA TYR C 298 -21.27 -35.28 45.80
C TYR C 298 -22.67 -35.41 45.23
N PRO C 299 -23.29 -36.59 45.45
CA PRO C 299 -24.53 -36.90 44.72
C PRO C 299 -25.59 -35.89 45.08
N HIS C 300 -25.44 -35.25 46.24
CA HIS C 300 -26.35 -34.18 46.70
C HIS C 300 -26.34 -33.02 45.73
N VAL C 301 -25.15 -32.70 45.22
CA VAL C 301 -24.99 -31.65 44.21
C VAL C 301 -25.60 -32.07 42.86
N ALA C 302 -25.30 -33.30 42.42
CA ALA C 302 -25.90 -33.89 41.22
C ALA C 302 -27.42 -33.86 41.30
N GLU C 303 -27.97 -34.30 42.43
CA GLU C 303 -29.42 -34.28 42.67
C GLU C 303 -30.00 -32.87 42.60
N ARG C 304 -29.29 -31.93 43.22
CA ARG C 304 -29.79 -30.56 43.28
C ARG C 304 -29.69 -29.88 41.92
N VAL C 305 -28.67 -30.27 41.13
CA VAL C 305 -28.60 -29.84 39.74
C VAL C 305 -29.74 -30.47 38.98
N TYR C 306 -29.98 -31.76 39.19
CA TYR C 306 -31.06 -32.43 38.48
C TYR C 306 -32.37 -31.73 38.69
N ARG C 307 -32.68 -31.41 39.94
CA ARG C 307 -33.91 -30.71 40.27
C ARG C 307 -34.10 -29.43 39.49
N GLU C 308 -33.07 -28.59 39.47
CA GLU C 308 -33.15 -27.32 38.74
C GLU C 308 -33.44 -27.54 37.24
N ILE C 309 -32.87 -28.59 36.65
CA ILE C 309 -33.11 -28.91 35.25
C ILE C 309 -34.58 -29.31 35.10
N GLU C 310 -35.03 -30.13 36.05
CA GLU C 310 -36.42 -30.59 36.06
C GLU C 310 -37.40 -29.43 36.19
N GLN C 311 -37.09 -28.47 37.07
CA GLN C 311 -37.99 -27.34 37.31
C GLN C 311 -37.88 -26.16 36.33
N VAL C 312 -36.83 -26.14 35.51
CA VAL C 312 -36.61 -25.04 34.54
C VAL C 312 -36.72 -25.47 33.09
N ILE C 313 -36.27 -26.68 32.78
CA ILE C 313 -36.27 -27.17 31.40
C ILE C 313 -37.34 -28.25 31.21
N GLY C 314 -37.45 -29.13 32.19
CA GLY C 314 -38.35 -30.26 32.07
C GLY C 314 -37.57 -31.46 31.62
N PRO C 315 -38.23 -32.63 31.59
CA PRO C 315 -37.52 -33.87 31.30
C PRO C 315 -37.35 -34.17 29.83
N HIS C 316 -38.10 -33.49 28.97
CA HIS C 316 -38.00 -33.82 27.54
C HIS C 316 -37.17 -32.86 26.66
N ARG C 317 -37.64 -31.62 26.47
CA ARG C 317 -37.00 -30.69 25.52
C ARG C 317 -35.55 -30.47 25.89
N PRO C 318 -34.64 -30.60 24.90
CA PRO C 318 -33.22 -30.55 25.14
C PRO C 318 -32.80 -29.17 25.67
N PRO C 319 -31.83 -29.14 26.60
CA PRO C 319 -31.41 -27.86 27.12
C PRO C 319 -30.91 -26.99 25.98
N GLU C 320 -30.89 -25.68 26.19
CA GLU C 320 -30.36 -24.69 25.24
C GLU C 320 -29.74 -23.53 26.02
N LEU C 321 -28.83 -22.79 25.39
CA LEU C 321 -28.07 -21.74 26.09
C LEU C 321 -28.94 -20.70 26.79
N HIS C 322 -30.15 -20.52 26.23
CA HIS C 322 -31.10 -19.56 26.78
C HIS C 322 -31.43 -19.83 28.24
N ASP C 323 -31.41 -21.10 28.63
CA ASP C 323 -31.79 -21.53 29.96
C ASP C 323 -30.77 -21.11 31.02
N ARG C 324 -29.58 -20.75 30.58
CA ARG C 324 -28.48 -20.51 31.50
C ARG C 324 -28.76 -19.40 32.51
N ALA C 325 -29.28 -18.27 32.02
CA ALA C 325 -29.75 -17.16 32.86
C ALA C 325 -30.74 -17.57 33.94
N LYS C 326 -31.71 -18.41 33.57
CA LYS C 326 -32.75 -18.92 34.47
C LYS C 326 -32.29 -20.03 35.44
N MET C 327 -31.04 -20.49 35.37
CA MET C 327 -30.61 -21.57 36.27
C MET C 327 -29.24 -21.46 36.97
N PRO C 328 -29.16 -20.61 38.00
CA PRO C 328 -27.91 -20.24 38.63
C PRO C 328 -27.19 -21.36 39.34
N TYR C 329 -27.91 -22.30 39.96
CA TYR C 329 -27.20 -23.34 40.70
C TYR C 329 -26.28 -24.13 39.75
N THR C 330 -26.81 -24.43 38.56
CA THR C 330 -26.07 -25.26 37.62
C THR C 330 -24.84 -24.50 37.18
N GLU C 331 -25.05 -23.24 36.81
CA GLU C 331 -23.94 -22.34 36.53
C GLU C 331 -22.91 -22.30 37.65
N ALA C 332 -23.32 -22.07 38.88
CA ALA C 332 -22.37 -22.07 39.98
C ALA C 332 -21.60 -23.39 40.10
N VAL C 333 -22.29 -24.52 39.89
CA VAL C 333 -21.65 -25.85 39.96
C VAL C 333 -20.57 -25.94 38.91
N ILE C 334 -20.93 -25.58 37.67
CA ILE C 334 -20.01 -25.60 36.54
C ILE C 334 -18.81 -24.73 36.84
N TYR C 335 -19.02 -23.46 37.20
CA TYR C 335 -17.93 -22.59 37.60
C TYR C 335 -17.05 -23.27 38.63
N GLU C 336 -17.64 -23.87 39.67
CA GLU C 336 -16.85 -24.52 40.71
C GLU C 336 -16.06 -25.69 40.14
N ILE C 337 -16.67 -26.46 39.25
CA ILE C 337 -15.94 -27.54 38.59
C ILE C 337 -14.66 -27.01 37.98
N GLN C 338 -14.75 -26.07 37.05
CA GLN C 338 -13.56 -25.49 36.44
C GLN C 338 -12.56 -24.96 37.48
N ARG C 339 -13.06 -24.16 38.42
CA ARG C 339 -12.22 -23.56 39.45
C ARG C 339 -11.45 -24.62 40.22
N PHE C 340 -12.13 -25.72 40.52
CA PHE C 340 -11.55 -26.81 41.31
C PHE C 340 -10.73 -27.74 40.43
N SER C 341 -11.17 -27.93 39.19
CA SER C 341 -10.42 -28.75 38.24
C SER C 341 -9.05 -28.13 38.03
N ASP C 342 -9.02 -26.80 37.97
CA ASP C 342 -7.78 -26.07 37.83
C ASP C 342 -6.88 -26.65 36.72
N LEU C 343 -7.36 -26.61 35.50
CA LEU C 343 -6.75 -27.32 34.39
C LEU C 343 -5.37 -26.88 33.94
N LEU C 344 -5.08 -25.60 33.97
CA LEU C 344 -3.77 -25.13 33.58
C LEU C 344 -3.14 -24.35 34.72
N PRO C 345 -2.57 -25.07 35.70
CA PRO C 345 -2.12 -24.46 36.94
C PRO C 345 -1.19 -23.29 36.75
N MET C 346 -0.25 -23.38 35.82
CA MET C 346 0.68 -22.28 35.58
C MET C 346 0.36 -21.48 34.32
N GLY C 347 -0.89 -21.58 33.90
CA GLY C 347 -1.28 -21.03 32.60
C GLY C 347 -0.34 -21.58 31.54
N VAL C 348 -0.17 -20.81 30.47
CA VAL C 348 0.86 -21.10 29.45
C VAL C 348 1.92 -19.97 29.46
N PRO C 349 3.22 -20.29 29.30
CA PRO C 349 4.28 -19.29 29.51
C PRO C 349 4.12 -18.07 28.63
N HIS C 350 4.32 -16.91 29.20
CA HIS C 350 4.30 -15.65 28.49
C HIS C 350 5.75 -15.19 28.43
N ILE C 351 6.03 -14.13 27.67
CA ILE C 351 7.31 -13.41 27.75
C ILE C 351 7.03 -11.92 27.71
N VAL C 352 7.88 -11.12 28.31
CA VAL C 352 7.68 -9.68 28.16
C VAL C 352 8.25 -9.16 26.87
N THR C 353 7.56 -8.19 26.28
CA THR C 353 7.87 -7.72 24.94
C THR C 353 8.71 -6.43 24.97
N GLN C 354 9.11 -6.05 26.19
CA GLN C 354 9.96 -4.90 26.40
C GLN C 354 10.67 -5.03 27.72
N HIS C 355 11.74 -4.25 27.93
CA HIS C 355 12.29 -4.04 29.26
C HIS C 355 11.16 -3.41 30.03
N THR C 356 10.78 -4.02 31.14
CA THR C 356 9.46 -3.81 31.70
C THR C 356 9.57 -3.55 33.18
N SER C 357 8.93 -2.51 33.64
CA SER C 357 8.97 -2.17 35.05
C SER C 357 7.77 -2.81 35.76
N PHE C 358 7.99 -3.38 36.94
CA PHE C 358 6.89 -4.04 37.67
C PHE C 358 7.10 -4.10 39.18
N ARG C 359 6.20 -3.42 39.92
CA ARG C 359 6.27 -3.36 41.41
C ARG C 359 7.68 -3.08 41.86
N GLY C 360 8.32 -2.14 41.17
CA GLY C 360 9.68 -1.74 41.48
C GLY C 360 10.78 -2.68 41.02
N TYR C 361 10.42 -3.73 40.28
CA TYR C 361 11.41 -4.67 39.71
C TYR C 361 11.55 -4.45 38.25
N ILE C 362 12.65 -4.91 37.67
CA ILE C 362 12.78 -4.77 36.24
C ILE C 362 12.94 -6.13 35.62
N ILE C 363 12.00 -6.45 34.73
CA ILE C 363 12.01 -7.67 33.92
C ILE C 363 12.45 -7.37 32.47
N PRO C 364 13.65 -7.82 32.06
CA PRO C 364 14.19 -7.48 30.74
C PRO C 364 13.41 -8.12 29.59
N LYS C 365 13.34 -7.43 28.46
CA LYS C 365 12.73 -7.97 27.23
C LYS C 365 13.06 -9.42 27.05
N ASP C 366 12.03 -10.24 26.89
CA ASP C 366 12.16 -11.64 26.54
C ASP C 366 12.26 -12.57 27.72
N THR C 367 12.23 -12.05 28.92
CA THR C 367 12.19 -12.91 30.09
C THR C 367 10.90 -13.73 30.05
N GLU C 368 10.98 -15.03 30.32
CA GLU C 368 9.76 -15.82 30.39
C GLU C 368 9.00 -15.47 31.66
N VAL C 369 7.66 -15.46 31.58
CA VAL C 369 6.83 -15.18 32.76
C VAL C 369 5.68 -16.17 32.86
N PHE C 370 5.66 -17.00 33.91
CA PHE C 370 4.48 -17.79 34.22
C PHE C 370 3.45 -17.05 35.04
N LEU C 371 2.18 -17.16 34.64
CA LEU C 371 1.08 -16.62 35.42
C LEU C 371 0.40 -17.77 36.16
N ILE C 372 0.87 -18.04 37.38
CA ILE C 372 0.39 -19.14 38.17
C ILE C 372 -1.08 -18.78 38.36
N LEU C 373 -1.91 -19.29 37.46
CA LEU C 373 -3.37 -19.08 37.44
C LEU C 373 -3.99 -19.70 38.65
N SER C 374 -3.37 -20.76 39.12
CA SER C 374 -4.02 -21.53 40.11
C SER C 374 -3.88 -20.94 41.49
N THR C 375 -3.08 -19.90 41.63
CA THR C 375 -3.04 -19.19 42.89
C THR C 375 -4.25 -18.26 42.96
N ALA C 376 -4.87 -17.98 41.81
CA ALA C 376 -6.05 -17.12 41.78
C ALA C 376 -7.25 -17.98 42.14
N LEU C 377 -7.53 -18.97 41.33
CA LEU C 377 -8.59 -19.94 41.60
C LEU C 377 -8.62 -20.46 43.05
N HIS C 378 -7.48 -20.46 43.73
CA HIS C 378 -7.41 -21.00 45.08
C HIS C 378 -7.10 -19.96 46.16
N ASP C 379 -7.35 -18.69 45.82
CA ASP C 379 -7.15 -17.58 46.75
C ASP C 379 -8.11 -17.71 47.96
N PRO C 380 -7.57 -17.72 49.19
CA PRO C 380 -8.46 -17.92 50.35
C PRO C 380 -9.35 -16.70 50.56
N HIS C 381 -8.85 -15.56 50.12
CA HIS C 381 -9.47 -14.27 50.29
C HIS C 381 -10.75 -14.14 49.46
N TYR C 382 -10.95 -15.09 48.54
CA TYR C 382 -12.10 -15.10 47.66
C TYR C 382 -12.91 -16.37 47.86
N PHE C 383 -12.34 -17.38 48.48
CA PHE C 383 -13.07 -18.62 48.67
C PHE C 383 -12.84 -19.23 50.04
N GLU C 384 -13.83 -19.09 50.92
CA GLU C 384 -13.86 -19.84 52.17
C GLU C 384 -13.46 -21.32 51.93
N LYS C 385 -12.44 -21.79 52.65
CA LYS C 385 -11.92 -23.17 52.49
C LYS C 385 -11.78 -23.61 51.00
N PRO C 386 -10.79 -23.05 50.28
CA PRO C 386 -10.62 -23.16 48.83
C PRO C 386 -10.09 -24.50 48.34
N ASP C 387 -9.59 -25.33 49.26
CA ASP C 387 -9.12 -26.65 48.87
C ASP C 387 -10.27 -27.62 48.61
N ALA C 388 -11.47 -27.22 48.97
CA ALA C 388 -12.60 -28.11 48.94
C ALA C 388 -13.61 -27.71 47.87
N PHE C 389 -14.20 -28.71 47.22
CA PHE C 389 -15.20 -28.47 46.18
C PHE C 389 -16.51 -28.01 46.80
N ASN C 390 -16.94 -26.80 46.47
CA ASN C 390 -18.19 -26.26 47.00
C ASN C 390 -18.85 -25.17 46.15
N PRO C 391 -19.95 -25.52 45.44
CA PRO C 391 -20.66 -24.59 44.58
C PRO C 391 -21.01 -23.28 45.25
N ASP C 392 -21.07 -23.28 46.57
CA ASP C 392 -21.50 -22.09 47.31
C ASP C 392 -20.59 -20.91 47.02
N HIS C 393 -19.35 -21.21 46.62
CA HIS C 393 -18.34 -20.20 46.26
C HIS C 393 -18.84 -19.25 45.17
N PHE C 394 -19.85 -19.67 44.42
CA PHE C 394 -20.40 -18.85 43.31
C PHE C 394 -21.87 -18.48 43.49
N LEU C 395 -22.33 -18.52 44.73
CA LEU C 395 -23.68 -18.14 45.09
C LEU C 395 -23.62 -17.13 46.23
N ASP C 396 -24.50 -16.13 46.17
CA ASP C 396 -24.72 -15.21 47.29
C ASP C 396 -25.61 -15.85 48.36
N ALA C 397 -26.20 -15.04 49.23
CA ALA C 397 -27.03 -15.58 50.32
C ALA C 397 -28.38 -16.19 49.85
N ASN C 398 -28.85 -15.80 48.67
CA ASN C 398 -30.15 -16.28 48.17
C ASN C 398 -30.09 -17.41 47.15
N GLY C 399 -28.89 -17.90 46.85
CA GLY C 399 -28.67 -18.84 45.75
C GLY C 399 -28.79 -18.18 44.38
N ALA C 400 -28.43 -16.89 44.29
CA ALA C 400 -28.26 -16.18 43.02
C ALA C 400 -26.80 -16.25 42.62
N LEU C 401 -26.53 -16.21 41.32
CA LEU C 401 -25.16 -16.38 40.83
C LEU C 401 -24.20 -15.22 41.20
N LYS C 402 -23.11 -15.55 41.90
CA LYS C 402 -22.16 -14.56 42.35
C LYS C 402 -20.84 -14.68 41.60
N LYS C 403 -20.76 -14.02 40.45
CA LYS C 403 -19.52 -13.96 39.63
C LYS C 403 -18.42 -13.28 40.44
N THR C 404 -17.17 -13.72 40.26
CA THR C 404 -16.05 -13.09 40.93
C THR C 404 -14.85 -12.92 40.03
N GLU C 405 -14.14 -11.82 40.23
CA GLU C 405 -13.05 -11.41 39.35
C GLU C 405 -11.77 -12.25 39.54
N ALA C 406 -11.79 -13.12 40.53
CA ALA C 406 -10.70 -14.05 40.77
C ALA C 406 -10.93 -15.37 40.04
N PHE C 407 -12.06 -15.51 39.35
CA PHE C 407 -12.34 -16.72 38.58
C PHE C 407 -11.79 -16.53 37.19
N ILE C 408 -10.53 -16.86 37.02
CA ILE C 408 -9.85 -16.61 35.75
C ILE C 408 -9.23 -17.89 35.16
N PRO C 409 -10.03 -18.95 35.01
CA PRO C 409 -9.45 -20.20 34.53
C PRO C 409 -9.09 -20.14 33.07
N PHE C 410 -9.57 -19.09 32.38
CA PHE C 410 -9.21 -18.87 30.99
C PHE C 410 -8.13 -17.80 30.79
N SER C 411 -7.44 -17.43 31.87
CA SER C 411 -6.49 -16.30 31.86
C SER C 411 -7.13 -14.94 31.49
N LEU C 412 -6.31 -13.94 31.16
CA LEU C 412 -6.80 -12.59 30.94
C LEU C 412 -6.04 -11.86 29.84
N GLY C 413 -6.63 -10.79 29.32
CA GLY C 413 -5.90 -9.90 28.42
C GLY C 413 -5.74 -10.40 26.99
N LYS C 414 -4.63 -10.03 26.37
CA LYS C 414 -4.48 -10.23 24.93
C LYS C 414 -4.43 -11.69 24.53
N ARG C 415 -3.84 -12.52 25.37
CA ARG C 415 -3.69 -13.93 25.06
C ARG C 415 -4.87 -14.86 25.47
N ILE C 416 -5.67 -14.39 26.42
CA ILE C 416 -6.82 -15.14 26.89
C ILE C 416 -7.59 -16.02 25.91
N CYS C 417 -7.96 -17.20 26.37
CA CYS C 417 -8.47 -18.30 25.55
C CYS C 417 -9.54 -17.83 24.58
N LEU C 418 -9.36 -18.14 23.32
CA LEU C 418 -10.28 -17.89 22.26
C LEU C 418 -11.50 -18.75 22.41
N GLY C 419 -11.31 -19.88 23.04
CA GLY C 419 -12.35 -20.88 23.09
C GLY C 419 -13.38 -20.59 24.17
N GLU C 420 -13.08 -19.62 25.05
CA GLU C 420 -13.95 -19.38 26.20
C GLU C 420 -15.43 -19.56 25.85
N GLY C 421 -15.86 -18.86 24.80
CA GLY C 421 -17.25 -18.92 24.35
C GLY C 421 -17.71 -20.34 24.13
N ILE C 422 -16.99 -21.04 23.28
CA ILE C 422 -17.32 -22.41 22.98
C ILE C 422 -17.25 -23.31 24.22
N ALA C 423 -16.21 -23.20 25.02
CA ALA C 423 -16.04 -24.14 26.12
C ALA C 423 -17.21 -23.97 27.10
N ARG C 424 -17.51 -22.72 27.43
CA ARG C 424 -18.58 -22.42 28.36
C ARG C 424 -19.90 -22.97 27.83
N ALA C 425 -20.04 -22.93 26.52
CA ALA C 425 -21.20 -23.47 25.88
C ALA C 425 -21.25 -25.00 25.90
N GLU C 426 -20.10 -25.66 25.86
CA GLU C 426 -20.12 -27.12 25.78
C GLU C 426 -20.31 -27.64 27.17
N LEU C 427 -19.66 -26.99 28.12
CA LEU C 427 -19.75 -27.43 29.49
C LEU C 427 -21.22 -27.38 29.92
N PHE C 428 -21.93 -26.33 29.52
CA PHE C 428 -23.29 -26.17 29.99
C PHE C 428 -24.22 -27.19 29.35
N LEU C 429 -24.25 -27.19 28.02
CA LEU C 429 -25.11 -28.10 27.27
C LEU C 429 -24.84 -29.56 27.58
N PHE C 430 -23.59 -29.99 27.46
CA PHE C 430 -23.22 -31.39 27.68
C PHE C 430 -23.52 -31.84 29.07
N PHE C 431 -23.25 -30.95 30.04
CA PHE C 431 -23.43 -31.27 31.44
C PHE C 431 -24.90 -31.47 31.70
N THR C 432 -25.67 -30.41 31.42
CA THR C 432 -27.09 -30.42 31.66
C THR C 432 -27.85 -31.42 30.83
N THR C 433 -27.48 -31.62 29.57
CA THR C 433 -28.11 -32.68 28.77
C THR C 433 -27.92 -34.09 29.35
N ILE C 434 -26.69 -34.42 29.76
CA ILE C 434 -26.40 -35.75 30.29
C ILE C 434 -27.23 -35.94 31.54
N LEU C 435 -27.19 -34.92 32.40
CA LEU C 435 -27.88 -34.98 33.67
C LEU C 435 -29.38 -35.06 33.51
N GLN C 436 -29.89 -34.32 32.54
CA GLN C 436 -31.30 -34.38 32.20
C GLN C 436 -31.77 -35.81 31.99
N ASN C 437 -30.92 -36.65 31.40
CA ASN C 437 -31.36 -37.99 31.03
C ASN C 437 -30.83 -39.12 31.90
N PHE C 438 -29.86 -38.81 32.77
CA PHE C 438 -29.17 -39.83 33.52
C PHE C 438 -28.87 -39.44 34.95
N SER C 439 -28.41 -40.44 35.69
CA SER C 439 -27.97 -40.27 37.06
C SER C 439 -26.74 -41.11 37.18
N MET C 440 -25.98 -40.87 38.23
CA MET C 440 -24.61 -41.35 38.34
C MET C 440 -24.50 -42.49 39.32
N ALA C 441 -23.66 -43.46 39.01
CA ALA C 441 -23.37 -44.49 40.00
C ALA C 441 -21.97 -45.04 39.83
N SER C 442 -21.40 -45.40 40.96
CA SER C 442 -20.10 -46.03 41.02
C SER C 442 -20.13 -47.20 42.02
N PRO C 443 -19.29 -48.22 41.79
CA PRO C 443 -19.02 -49.19 42.85
C PRO C 443 -18.45 -48.51 44.10
N VAL C 444 -17.57 -47.52 43.89
CA VAL C 444 -16.90 -46.77 44.97
C VAL C 444 -17.87 -45.84 45.69
N ALA C 445 -17.72 -45.78 47.01
CA ALA C 445 -18.55 -44.89 47.83
C ALA C 445 -18.03 -43.47 47.79
N PRO C 446 -18.93 -42.48 47.90
CA PRO C 446 -18.60 -41.05 47.97
C PRO C 446 -17.46 -40.71 48.93
N GLU C 447 -17.53 -41.20 50.16
CA GLU C 447 -16.49 -40.93 51.16
C GLU C 447 -15.12 -41.41 50.68
N ASP C 448 -15.10 -42.38 49.77
CA ASP C 448 -13.88 -43.10 49.39
C ASP C 448 -13.30 -42.64 48.05
N ILE C 449 -14.02 -41.77 47.35
CA ILE C 449 -13.60 -41.31 46.04
C ILE C 449 -12.38 -40.41 46.16
N ASP C 450 -11.28 -40.80 45.53
CA ASP C 450 -10.07 -40.00 45.62
C ASP C 450 -9.96 -39.04 44.47
N LEU C 451 -9.87 -37.75 44.80
CA LEU C 451 -9.80 -36.66 43.82
C LEU C 451 -8.39 -36.34 43.34
N THR C 452 -7.39 -36.79 44.08
CA THR C 452 -5.98 -36.59 43.72
C THR C 452 -5.70 -36.97 42.25
N PRO C 453 -5.15 -36.02 41.47
CA PRO C 453 -4.84 -36.26 40.05
C PRO C 453 -3.67 -37.22 39.88
N GLN C 454 -3.67 -38.03 38.82
CA GLN C 454 -2.42 -38.58 38.28
C GLN C 454 -1.81 -37.51 37.41
N GLU C 455 -0.51 -37.24 37.57
CA GLU C 455 0.14 -36.18 36.80
C GLU C 455 -0.43 -34.78 37.04
N CYS C 456 0.44 -33.86 37.48
CA CYS C 456 0.12 -32.47 37.70
C CYS C 456 1.26 -31.55 37.22
N GLY C 457 1.24 -31.21 35.93
CA GLY C 457 2.31 -30.40 35.36
C GLY C 457 1.76 -29.17 34.69
N VAL C 458 2.00 -29.05 33.39
CA VAL C 458 1.38 -27.99 32.61
C VAL C 458 -0.14 -28.13 32.69
N GLY C 459 -0.61 -29.37 32.76
CA GLY C 459 -2.04 -29.64 32.92
C GLY C 459 -2.30 -30.50 34.13
N LYS C 460 -3.42 -30.29 34.80
CA LYS C 460 -3.92 -31.19 35.88
C LYS C 460 -4.77 -32.29 35.21
N ILE C 461 -4.36 -33.54 35.36
CA ILE C 461 -5.12 -34.65 34.75
C ILE C 461 -5.88 -35.55 35.77
N PRO C 462 -7.22 -35.60 35.67
CA PRO C 462 -7.92 -36.30 36.75
C PRO C 462 -7.60 -37.80 36.79
N PRO C 463 -7.79 -38.40 37.98
CA PRO C 463 -7.48 -39.79 38.15
C PRO C 463 -8.45 -40.63 37.34
N THR C 464 -7.99 -41.82 36.99
CA THR C 464 -8.76 -42.73 36.15
C THR C 464 -9.89 -43.34 36.96
N TYR C 465 -11.09 -43.31 36.39
CA TYR C 465 -12.25 -43.84 37.13
C TYR C 465 -13.33 -44.47 36.26
N GLN C 466 -14.09 -45.36 36.88
CA GLN C 466 -15.20 -46.08 36.26
C GLN C 466 -16.51 -45.45 36.69
N ILE C 467 -17.46 -45.31 35.77
CA ILE C 467 -18.79 -44.81 36.09
C ILE C 467 -19.85 -45.54 35.28
N ARG C 468 -21.10 -45.39 35.70
CA ARG C 468 -22.25 -45.96 34.99
C ARG C 468 -23.36 -44.90 34.87
N PHE C 469 -24.11 -44.95 33.76
CA PHE C 469 -25.19 -44.00 33.51
C PHE C 469 -26.58 -44.66 33.49
N LEU C 470 -27.40 -44.23 34.46
CA LEU C 470 -28.68 -44.84 34.75
C LEU C 470 -29.84 -43.97 34.31
N PRO C 471 -30.57 -44.40 33.25
CA PRO C 471 -31.68 -43.64 32.69
C PRO C 471 -32.66 -43.13 33.78
N ARG C 472 -33.22 -41.94 33.58
CA ARG C 472 -34.12 -41.35 34.57
C ARG C 472 -35.56 -41.40 34.08
N LYS D 8 -36.71 -7.96 -29.36
CA LYS D 8 -36.58 -6.51 -29.17
C LYS D 8 -35.23 -6.16 -28.55
N GLY D 9 -34.18 -6.86 -28.97
CA GLY D 9 -32.85 -6.63 -28.45
C GLY D 9 -32.56 -5.22 -27.99
N LYS D 10 -33.55 -4.38 -28.05
CA LYS D 10 -33.48 -2.98 -27.60
C LYS D 10 -33.89 -2.93 -26.11
N LEU D 11 -34.19 -1.75 -25.59
CA LEU D 11 -34.80 -1.57 -24.26
C LEU D 11 -36.14 -2.31 -24.23
N PRO D 12 -36.63 -2.75 -23.05
CA PRO D 12 -37.98 -3.41 -23.00
C PRO D 12 -39.15 -2.55 -23.53
N PRO D 13 -40.23 -3.19 -23.96
CA PRO D 13 -41.27 -2.41 -24.58
C PRO D 13 -42.12 -1.67 -23.56
N GLY D 14 -43.05 -0.85 -24.04
CA GLY D 14 -43.93 -0.06 -23.19
C GLY D 14 -44.75 0.86 -24.06
N PRO D 15 -45.43 1.82 -23.44
CA PRO D 15 -46.12 2.86 -24.20
C PRO D 15 -45.15 3.75 -25.02
N ARG D 16 -45.59 4.16 -26.22
CA ARG D 16 -44.81 5.12 -27.02
C ARG D 16 -44.75 6.54 -26.38
N PRO D 17 -43.54 7.06 -26.16
CA PRO D 17 -43.37 8.31 -25.46
C PRO D 17 -43.52 9.47 -26.40
N LEU D 18 -43.59 10.68 -25.84
CA LEU D 18 -43.60 11.89 -26.65
C LEU D 18 -42.38 12.73 -26.27
N PRO D 19 -41.77 13.39 -27.22
CA PRO D 19 -40.65 14.23 -26.90
C PRO D 19 -41.00 15.19 -25.82
N LEU D 20 -40.10 15.40 -24.87
CA LEU D 20 -40.30 16.39 -23.84
C LEU D 20 -41.26 16.10 -22.71
N LEU D 21 -42.10 15.10 -22.87
CA LEU D 21 -43.26 14.92 -22.05
C LEU D 21 -43.29 13.47 -21.76
N GLY D 22 -42.39 12.73 -22.34
CA GLY D 22 -42.38 11.28 -22.11
C GLY D 22 -43.76 10.67 -22.19
N ASN D 23 -44.03 9.71 -21.30
CA ASN D 23 -45.33 9.00 -21.25
C ASN D 23 -46.38 9.70 -20.39
N LEU D 24 -46.17 10.99 -20.12
CA LEU D 24 -47.11 11.76 -19.31
C LEU D 24 -48.57 11.47 -19.64
N LEU D 25 -48.94 11.52 -20.92
CA LEU D 25 -50.34 11.40 -21.29
C LEU D 25 -50.92 9.96 -21.27
N GLN D 26 -50.18 9.01 -20.71
CA GLN D 26 -50.74 7.67 -20.58
C GLN D 26 -50.69 7.24 -19.13
N MET D 27 -50.30 8.17 -18.27
CA MET D 27 -50.22 7.92 -16.85
C MET D 27 -51.60 7.81 -16.25
N ASP D 28 -51.68 7.82 -14.95
CA ASP D 28 -52.97 7.70 -14.33
C ASP D 28 -53.01 8.65 -13.15
N ARG D 29 -53.83 9.68 -13.26
CA ARG D 29 -53.81 10.74 -12.29
C ARG D 29 -53.83 10.25 -10.87
N ARG D 30 -53.94 8.96 -10.66
CA ARG D 30 -53.95 8.51 -9.28
C ARG D 30 -52.60 8.04 -8.84
N GLY D 31 -51.62 8.11 -9.70
CA GLY D 31 -50.32 7.66 -9.30
C GLY D 31 -49.30 7.02 -10.18
N LEU D 32 -48.07 7.17 -9.75
CA LEU D 32 -46.93 6.59 -10.39
C LEU D 32 -47.14 5.09 -10.35
N LEU D 33 -47.56 4.57 -9.20
CA LEU D 33 -47.83 3.13 -9.08
C LEU D 33 -49.04 2.65 -9.87
N LYS D 34 -50.20 3.27 -9.66
CA LYS D 34 -51.40 2.85 -10.39
C LYS D 34 -51.13 2.90 -11.91
N SER D 35 -50.40 3.93 -12.36
CA SER D 35 -49.91 4.05 -13.74
C SER D 35 -49.15 2.82 -14.18
N PHE D 36 -48.13 2.47 -13.40
CA PHE D 36 -47.30 1.32 -13.77
C PHE D 36 -48.08 0.02 -13.75
N LEU D 37 -49.02 -0.13 -12.82
CA LEU D 37 -49.89 -1.30 -12.82
C LEU D 37 -50.66 -1.48 -14.14
N ARG D 38 -51.20 -0.37 -14.68
CA ARG D 38 -51.95 -0.38 -15.94
C ARG D 38 -51.06 -0.87 -17.06
N PHE D 39 -49.84 -0.32 -17.11
CA PHE D 39 -48.87 -0.68 -18.15
C PHE D 39 -48.58 -2.16 -18.12
N ARG D 40 -48.39 -2.70 -16.90
CA ARG D 40 -48.14 -4.12 -16.70
C ARG D 40 -49.22 -5.03 -17.33
N GLU D 41 -50.48 -4.59 -17.27
CA GLU D 41 -51.54 -5.38 -17.86
C GLU D 41 -51.31 -5.49 -19.39
N LYS D 42 -50.73 -4.46 -19.99
CA LYS D 42 -50.58 -4.44 -21.43
C LYS D 42 -49.25 -5.03 -21.86
N TYR D 43 -48.18 -4.76 -21.13
CA TYR D 43 -46.82 -5.13 -21.57
C TYR D 43 -46.14 -6.27 -20.81
N GLY D 44 -46.79 -6.81 -19.78
CA GLY D 44 -46.21 -7.92 -19.00
C GLY D 44 -45.20 -7.47 -17.96
N ASP D 45 -44.44 -8.42 -17.44
CA ASP D 45 -43.66 -8.21 -16.21
C ASP D 45 -42.44 -7.28 -16.31
N VAL D 46 -41.94 -7.08 -17.53
CA VAL D 46 -40.77 -6.25 -17.79
C VAL D 46 -41.11 -5.25 -18.87
N PHE D 47 -41.00 -3.96 -18.58
CA PHE D 47 -41.39 -2.93 -19.55
C PHE D 47 -40.70 -1.59 -19.30
N THR D 48 -40.87 -0.64 -20.22
CA THR D 48 -40.18 0.63 -20.18
C THR D 48 -41.13 1.82 -20.17
N VAL D 49 -40.99 2.65 -19.15
CA VAL D 49 -41.72 3.90 -19.08
C VAL D 49 -40.79 5.10 -19.16
N HIS D 50 -41.23 6.14 -19.86
CA HIS D 50 -40.46 7.37 -19.96
C HIS D 50 -40.98 8.41 -18.99
N LEU D 51 -40.38 8.42 -17.81
CA LEU D 51 -40.65 9.42 -16.79
C LEU D 51 -40.03 10.76 -17.19
N GLY D 52 -40.81 11.58 -17.85
CA GLY D 52 -40.25 12.76 -18.46
C GLY D 52 -39.18 12.38 -19.47
N PRO D 53 -38.02 13.05 -19.40
CA PRO D 53 -36.97 12.79 -20.39
C PRO D 53 -36.32 11.38 -20.38
N ARG D 54 -36.29 10.68 -19.24
CA ARG D 54 -35.57 9.39 -19.17
C ARG D 54 -36.41 8.15 -19.40
N PRO D 55 -35.82 7.10 -19.98
CA PRO D 55 -36.47 5.81 -19.85
C PRO D 55 -36.16 5.23 -18.50
N VAL D 56 -37.15 4.59 -17.89
CA VAL D 56 -36.94 3.85 -16.66
C VAL D 56 -37.52 2.46 -16.83
N VAL D 57 -36.81 1.44 -16.41
CA VAL D 57 -37.28 0.05 -16.60
C VAL D 57 -37.96 -0.50 -15.36
N MET D 58 -39.21 -0.95 -15.53
CA MET D 58 -39.98 -1.52 -14.44
C MET D 58 -39.84 -3.01 -14.42
N LEU D 59 -39.62 -3.56 -13.24
CA LEU D 59 -39.70 -4.99 -13.07
C LEU D 59 -40.78 -5.41 -12.09
N CYS D 60 -41.65 -6.30 -12.54
CA CYS D 60 -42.80 -6.73 -11.75
C CYS D 60 -42.81 -8.22 -11.53
N GLY D 61 -43.38 -8.62 -10.40
CA GLY D 61 -43.55 -10.04 -10.12
C GLY D 61 -42.32 -10.55 -9.40
N VAL D 62 -42.50 -11.60 -8.59
CA VAL D 62 -41.40 -12.06 -7.77
C VAL D 62 -40.32 -12.72 -8.61
N GLU D 63 -40.72 -13.43 -9.67
CA GLU D 63 -39.77 -14.12 -10.53
C GLU D 63 -38.77 -13.11 -11.15
N ALA D 64 -39.31 -12.10 -11.83
CA ALA D 64 -38.47 -11.07 -12.46
C ALA D 64 -37.57 -10.37 -11.46
N ILE D 65 -38.13 -9.95 -10.32
CA ILE D 65 -37.36 -9.21 -9.33
C ILE D 65 -36.17 -10.02 -8.81
N ARG D 66 -36.41 -11.30 -8.53
CA ARG D 66 -35.34 -12.20 -8.05
C ARG D 66 -34.27 -12.37 -9.12
N GLU D 67 -34.71 -12.73 -10.33
CA GLU D 67 -33.81 -12.77 -11.49
C GLU D 67 -32.88 -11.56 -11.57
N ALA D 68 -33.41 -10.36 -11.35
CA ALA D 68 -32.62 -9.16 -11.41
C ALA D 68 -31.71 -9.01 -10.19
N LEU D 69 -32.30 -8.95 -8.99
CA LEU D 69 -31.56 -8.58 -7.78
C LEU D 69 -30.64 -9.67 -7.24
N VAL D 70 -30.99 -10.93 -7.49
CA VAL D 70 -30.23 -12.05 -7.00
C VAL D 70 -29.37 -12.68 -8.09
N ASP D 71 -29.99 -13.24 -9.13
CA ASP D 71 -29.22 -13.92 -10.20
C ASP D 71 -28.26 -12.97 -10.93
N LYS D 72 -28.76 -11.82 -11.34
CA LYS D 72 -27.91 -10.83 -11.98
C LYS D 72 -27.52 -9.73 -11.00
N ALA D 73 -27.18 -10.13 -9.77
CA ALA D 73 -26.90 -9.17 -8.71
C ALA D 73 -25.84 -8.11 -9.05
N GLU D 74 -24.72 -8.53 -9.59
CA GLU D 74 -23.63 -7.58 -9.88
C GLU D 74 -24.13 -6.48 -10.81
N ALA D 75 -24.76 -6.86 -11.90
CA ALA D 75 -25.31 -5.89 -12.85
C ALA D 75 -26.38 -4.93 -12.25
N PHE D 76 -27.25 -5.44 -11.37
CA PHE D 76 -28.35 -4.65 -10.86
C PHE D 76 -28.16 -4.02 -9.47
N SER D 77 -26.95 -3.66 -9.09
CA SER D 77 -26.71 -3.30 -7.69
C SER D 77 -26.61 -1.83 -7.46
N GLY D 78 -26.72 -1.05 -8.51
CA GLY D 78 -26.44 0.38 -8.40
C GLY D 78 -27.65 1.12 -7.84
N ARG D 79 -27.38 2.31 -7.28
CA ARG D 79 -28.45 3.13 -6.72
C ARG D 79 -28.83 4.22 -7.68
N GLY D 80 -30.12 4.35 -7.96
CA GLY D 80 -30.63 5.52 -8.68
C GLY D 80 -30.85 6.69 -7.74
N LYS D 81 -31.60 7.69 -8.16
CA LYS D 81 -31.79 8.78 -7.26
C LYS D 81 -33.23 9.23 -7.20
N ILE D 82 -33.59 9.89 -6.11
CA ILE D 82 -34.96 10.35 -5.94
C ILE D 82 -34.97 11.85 -6.06
N ALA D 83 -35.66 12.33 -7.10
CA ALA D 83 -35.56 13.71 -7.55
C ALA D 83 -35.76 14.73 -6.45
N MET D 84 -36.69 14.43 -5.52
CA MET D 84 -37.05 15.38 -4.46
C MET D 84 -35.95 15.59 -3.42
N VAL D 85 -35.07 14.60 -3.25
CA VAL D 85 -34.01 14.69 -2.24
C VAL D 85 -32.58 14.74 -2.82
N ASP D 86 -32.45 14.45 -4.11
CA ASP D 86 -31.11 14.38 -4.68
C ASP D 86 -30.30 15.65 -4.41
N PRO D 87 -30.93 16.83 -4.55
CA PRO D 87 -30.11 18.03 -4.38
C PRO D 87 -29.49 18.09 -3.02
N PHE D 88 -30.13 17.48 -2.04
CA PHE D 88 -29.56 17.46 -0.71
C PHE D 88 -28.45 16.43 -0.61
N PHE D 89 -28.74 15.20 -1.05
CA PHE D 89 -27.80 14.07 -0.88
C PHE D 89 -26.66 14.05 -1.91
N ARG D 90 -27.02 14.25 -3.17
CA ARG D 90 -26.08 14.23 -4.27
C ARG D 90 -25.04 13.11 -4.15
N GLY D 91 -25.50 11.90 -3.89
CA GLY D 91 -24.59 10.75 -3.86
C GLY D 91 -23.89 10.38 -2.56
N TYR D 92 -24.11 11.17 -1.50
CA TYR D 92 -23.51 10.95 -0.19
C TYR D 92 -24.40 10.17 0.80
N GLY D 93 -23.78 9.41 1.68
CA GLY D 93 -24.51 8.60 2.65
C GLY D 93 -24.96 7.26 2.06
N VAL D 94 -24.92 6.21 2.86
CA VAL D 94 -25.15 4.85 2.35
C VAL D 94 -26.38 4.64 1.44
N ILE D 95 -27.50 5.26 1.76
CA ILE D 95 -28.70 5.00 0.96
C ILE D 95 -28.47 5.39 -0.51
N PHE D 96 -27.96 6.58 -0.74
CA PHE D 96 -27.77 7.08 -2.11
C PHE D 96 -26.35 7.01 -2.66
N ALA D 97 -25.47 6.36 -1.93
CA ALA D 97 -24.09 6.22 -2.33
C ALA D 97 -23.97 5.18 -3.43
N ASN D 98 -23.00 5.38 -4.31
CA ASN D 98 -22.66 4.36 -5.30
C ASN D 98 -21.20 3.96 -5.34
N GLY D 99 -20.88 2.93 -6.11
CA GLY D 99 -19.50 2.42 -6.19
C GLY D 99 -18.78 2.21 -4.86
N ASN D 100 -17.55 2.67 -4.78
CA ASN D 100 -16.76 2.37 -3.59
C ASN D 100 -17.22 3.12 -2.36
N ARG D 101 -17.68 4.35 -2.55
CA ARG D 101 -18.24 5.09 -1.43
C ARG D 101 -19.31 4.27 -0.72
N TRP D 102 -20.11 3.54 -1.49
CA TRP D 102 -21.12 2.72 -0.92
C TRP D 102 -20.48 1.52 -0.24
N LYS D 103 -19.60 0.82 -0.96
CA LYS D 103 -18.98 -0.40 -0.39
C LYS D 103 -18.52 -0.09 1.04
N VAL D 104 -17.83 1.03 1.22
CA VAL D 104 -17.31 1.47 2.51
C VAL D 104 -18.38 1.81 3.53
N LEU D 105 -19.32 2.66 3.15
CA LEU D 105 -20.35 3.14 4.07
C LEU D 105 -21.23 2.02 4.57
N ARG D 106 -21.69 1.18 3.64
CA ARG D 106 -22.47 0.00 3.97
C ARG D 106 -21.71 -0.84 4.98
N ARG D 107 -20.51 -1.32 4.62
CA ARG D 107 -19.74 -2.19 5.51
C ARG D 107 -19.70 -1.58 6.90
N PHE D 108 -19.37 -0.28 6.97
CA PHE D 108 -19.29 0.43 8.25
C PHE D 108 -20.64 0.45 8.94
N SER D 109 -21.67 0.90 8.23
CA SER D 109 -23.01 0.97 8.81
C SER D 109 -23.50 -0.38 9.36
N VAL D 110 -23.26 -1.48 8.62
CA VAL D 110 -23.63 -2.82 9.09
C VAL D 110 -22.85 -3.20 10.33
N THR D 111 -21.52 -3.14 10.27
CA THR D 111 -20.69 -3.57 11.40
C THR D 111 -20.82 -2.66 12.61
N THR D 112 -21.82 -1.84 12.68
CA THR D 112 -21.89 -0.95 13.81
C THR D 112 -23.32 -1.02 14.22
N MET D 113 -23.78 -2.26 14.35
CA MET D 113 -25.14 -2.59 14.71
C MET D 113 -25.08 -4.09 14.90
N ARG D 114 -24.21 -4.72 14.14
CA ARG D 114 -24.04 -6.12 14.30
C ARG D 114 -23.27 -6.13 15.59
N ASP D 115 -22.59 -5.02 15.85
CA ASP D 115 -21.70 -4.99 16.98
C ASP D 115 -21.58 -3.67 17.67
N PHE D 116 -21.94 -3.67 18.95
CA PHE D 116 -21.86 -2.47 19.78
C PHE D 116 -20.87 -2.65 20.92
N GLY D 117 -20.69 -1.56 21.66
CA GLY D 117 -19.79 -1.48 22.78
C GLY D 117 -19.78 -2.72 23.63
N MET D 118 -18.59 -3.27 23.80
CA MET D 118 -18.36 -4.28 24.78
C MET D 118 -19.18 -3.91 26.00
N GLY D 119 -18.84 -2.85 26.73
CA GLY D 119 -19.68 -2.70 27.94
C GLY D 119 -21.16 -2.45 27.64
N LYS D 120 -21.42 -1.54 26.69
CA LYS D 120 -22.79 -1.05 26.31
C LYS D 120 -23.83 -2.16 26.01
N ARG D 121 -25.12 -1.79 26.05
CA ARG D 121 -26.25 -2.76 26.03
C ARG D 121 -26.50 -3.52 24.70
N SER D 122 -27.37 -4.52 24.80
CA SER D 122 -27.79 -5.32 23.66
C SER D 122 -28.79 -4.50 22.87
N VAL D 123 -29.06 -4.91 21.64
CA VAL D 123 -30.05 -4.27 20.78
C VAL D 123 -31.45 -4.63 21.26
N GLU D 124 -31.66 -5.91 21.53
CA GLU D 124 -32.90 -6.39 22.11
C GLU D 124 -33.22 -5.58 23.37
N GLU D 125 -32.26 -5.50 24.28
CA GLU D 125 -32.43 -4.80 25.54
C GLU D 125 -32.84 -3.34 25.37
N ARG D 126 -32.21 -2.65 24.41
CA ARG D 126 -32.53 -1.26 24.13
C ARG D 126 -34.01 -1.16 23.80
N ILE D 127 -34.48 -2.08 22.94
CA ILE D 127 -35.88 -2.13 22.53
C ILE D 127 -36.79 -2.48 23.70
N GLN D 128 -36.39 -3.48 24.49
CA GLN D 128 -37.19 -3.94 25.65
C GLN D 128 -37.42 -2.85 26.68
N GLU D 129 -36.42 -1.98 26.85
CA GLU D 129 -36.52 -0.80 27.71
C GLU D 129 -37.45 0.20 27.08
N GLU D 130 -37.24 0.50 25.82
CA GLU D 130 -38.09 1.44 25.15
C GLU D 130 -39.54 1.04 25.36
N ALA D 131 -39.87 -0.19 24.98
CA ALA D 131 -41.24 -0.71 25.14
C ALA D 131 -41.77 -0.44 26.55
N GLN D 132 -40.93 -0.62 27.56
CA GLN D 132 -41.30 -0.33 28.94
C GLN D 132 -41.68 1.15 29.17
N CYS D 133 -40.84 2.09 28.73
CA CYS D 133 -41.20 3.50 28.80
C CYS D 133 -42.52 3.77 28.12
N LEU D 134 -42.70 3.12 26.97
CA LEU D 134 -43.89 3.32 26.16
C LEU D 134 -45.14 2.89 26.94
N ILE D 135 -45.18 1.67 27.50
CA ILE D 135 -46.39 1.25 28.21
C ILE D 135 -46.61 2.10 29.45
N GLU D 136 -45.53 2.51 30.10
CA GLU D 136 -45.58 3.41 31.26
C GLU D 136 -46.04 4.83 30.91
N GLU D 137 -46.40 5.05 29.65
CA GLU D 137 -46.77 6.37 29.14
C GLU D 137 -48.19 6.29 28.57
N LEU D 138 -48.52 5.11 28.05
CA LEU D 138 -49.87 4.74 27.65
C LEU D 138 -50.85 4.67 28.83
N ARG D 139 -50.33 4.18 29.95
CA ARG D 139 -51.07 4.17 31.20
C ARG D 139 -51.23 5.61 31.71
N LYS D 140 -50.18 6.41 31.61
CA LYS D 140 -50.25 7.82 32.06
C LYS D 140 -51.30 8.63 31.27
N SER D 141 -51.75 8.11 30.12
CA SER D 141 -52.80 8.77 29.32
C SER D 141 -54.18 8.38 29.82
N LYS D 142 -54.19 7.47 30.79
CA LYS D 142 -55.40 6.95 31.47
C LYS D 142 -56.59 6.63 30.52
N GLY D 143 -56.30 6.12 29.32
CA GLY D 143 -57.34 5.66 28.38
C GLY D 143 -57.91 6.67 27.38
N ALA D 144 -57.27 7.84 27.30
CA ALA D 144 -57.75 8.92 26.45
C ALA D 144 -57.60 8.55 24.97
N LEU D 145 -58.40 9.19 24.11
CA LEU D 145 -58.14 9.20 22.66
C LEU D 145 -56.85 9.95 22.39
N MET D 146 -56.04 9.38 21.50
CA MET D 146 -54.82 10.01 21.04
C MET D 146 -54.55 9.63 19.61
N ASP D 147 -53.70 10.42 18.95
CA ASP D 147 -53.12 10.03 17.69
C ASP D 147 -51.77 9.40 17.95
N PRO D 148 -51.64 8.07 17.66
CA PRO D 148 -50.41 7.40 18.07
C PRO D 148 -49.18 7.86 17.31
N THR D 149 -49.39 8.57 16.19
CA THR D 149 -48.30 8.97 15.29
C THR D 149 -47.02 9.42 16.00
N PHE D 150 -47.14 10.43 16.85
CA PHE D 150 -45.98 10.98 17.54
C PHE D 150 -45.27 9.96 18.45
N LEU D 151 -46.01 8.98 18.99
CA LEU D 151 -45.42 7.99 19.86
C LEU D 151 -44.77 6.85 19.12
N PHE D 152 -45.40 6.41 18.04
CA PHE D 152 -44.82 5.32 17.26
C PHE D 152 -43.51 5.80 16.65
N GLN D 153 -43.48 7.07 16.23
CA GLN D 153 -42.25 7.70 15.77
C GLN D 153 -41.20 7.73 16.88
N SER D 154 -41.57 8.27 18.03
CA SER D 154 -40.66 8.38 19.16
C SER D 154 -39.93 7.08 19.53
N ILE D 155 -40.69 6.00 19.70
CA ILE D 155 -40.07 4.74 20.11
C ILE D 155 -39.07 4.17 19.09
N THR D 156 -39.39 4.20 17.79
CA THR D 156 -38.47 3.63 16.81
C THR D 156 -37.25 4.53 16.66
N ALA D 157 -37.46 5.84 16.80
CA ALA D 157 -36.37 6.82 16.70
C ALA D 157 -35.41 6.64 17.85
N ASN D 158 -35.96 6.38 19.03
CA ASN D 158 -35.12 6.24 20.22
C ASN D 158 -34.23 5.02 20.15
N ILE D 159 -34.60 4.05 19.34
CA ILE D 159 -33.73 2.90 19.16
C ILE D 159 -32.46 3.22 18.38
N ILE D 160 -32.56 4.05 17.34
CA ILE D 160 -31.39 4.45 16.58
C ILE D 160 -30.54 5.44 17.37
N CYS D 161 -31.19 6.47 17.91
CA CYS D 161 -30.52 7.48 18.72
C CYS D 161 -29.65 6.75 19.69
N SER D 162 -30.22 5.69 20.22
CA SER D 162 -29.52 4.86 21.16
C SER D 162 -28.19 4.37 20.56
N ILE D 163 -28.22 3.82 19.36
CA ILE D 163 -27.01 3.32 18.68
C ILE D 163 -26.13 4.45 18.13
N VAL D 164 -26.76 5.47 17.54
CA VAL D 164 -26.05 6.59 16.95
C VAL D 164 -25.46 7.56 17.99
N PHE D 165 -26.30 8.19 18.82
CA PHE D 165 -25.81 9.17 19.81
C PHE D 165 -25.59 8.61 21.20
N GLY D 166 -25.97 7.35 21.40
CA GLY D 166 -25.83 6.69 22.69
C GLY D 166 -26.73 7.29 23.76
N LYS D 167 -28.04 7.35 23.49
CA LYS D 167 -29.02 7.96 24.41
C LYS D 167 -30.41 8.03 23.81
N ARG D 168 -31.39 8.45 24.61
CA ARG D 168 -32.77 8.56 24.15
C ARG D 168 -33.35 9.93 24.50
N PHE D 169 -34.55 10.21 23.99
CA PHE D 169 -35.22 11.45 24.30
C PHE D 169 -36.57 11.17 24.98
N HIS D 170 -37.03 12.10 25.82
CA HIS D 170 -38.31 11.91 26.51
C HIS D 170 -39.52 12.29 25.63
N TYR D 171 -40.53 11.43 25.64
CA TYR D 171 -41.68 11.64 24.82
C TYR D 171 -42.26 13.07 24.89
N GLN D 172 -42.17 13.71 26.05
CA GLN D 172 -42.72 15.06 26.24
C GLN D 172 -41.67 16.18 25.99
N ASP D 173 -40.55 15.83 25.37
CA ASP D 173 -39.53 16.81 25.00
C ASP D 173 -39.89 17.56 23.72
N GLN D 174 -39.63 18.87 23.71
CA GLN D 174 -39.98 19.76 22.60
C GLN D 174 -39.07 19.68 21.36
N GLU D 175 -37.76 19.92 21.55
CA GLU D 175 -36.83 19.96 20.42
C GLU D 175 -36.87 18.65 19.65
N PHE D 176 -37.19 17.57 20.38
CA PHE D 176 -37.36 16.22 19.82
C PHE D 176 -38.64 16.11 19.01
N LEU D 177 -39.75 16.55 19.59
CA LEU D 177 -41.01 16.48 18.90
C LEU D 177 -40.99 17.33 17.62
N LYS D 178 -40.19 18.38 17.61
CA LYS D 178 -40.01 19.24 16.44
C LYS D 178 -39.25 18.49 15.31
N MET D 179 -38.21 17.75 15.69
CA MET D 179 -37.46 16.92 14.73
C MET D 179 -38.33 15.85 14.07
N LEU D 180 -39.00 15.03 14.86
CA LEU D 180 -39.81 13.95 14.32
C LEU D 180 -40.88 14.50 13.39
N ASN D 181 -41.39 15.68 13.73
CA ASN D 181 -42.27 16.39 12.81
C ASN D 181 -41.64 16.73 11.46
N LEU D 182 -40.38 17.15 11.44
CA LEU D 182 -39.70 17.39 10.18
C LEU D 182 -39.55 16.12 9.36
N PHE D 183 -39.33 15.00 10.04
CA PHE D 183 -39.25 13.71 9.39
C PHE D 183 -40.58 13.38 8.75
N TYR D 184 -41.63 13.45 9.55
CA TYR D 184 -42.94 13.04 9.07
C TYR D 184 -43.39 13.80 7.83
N GLN D 185 -43.17 15.10 7.87
CA GLN D 185 -43.62 16.00 6.85
C GLN D 185 -42.79 15.81 5.60
N THR D 186 -41.51 15.54 5.78
CA THR D 186 -40.59 15.33 4.67
C THR D 186 -40.99 14.07 3.89
N PHE D 187 -41.15 12.97 4.62
CA PHE D 187 -41.52 11.70 4.02
C PHE D 187 -42.90 11.82 3.39
N SER D 188 -43.70 12.71 3.97
CA SER D 188 -45.06 12.98 3.49
C SER D 188 -45.04 13.75 2.17
N LEU D 189 -44.16 14.73 2.04
CA LEU D 189 -44.03 15.50 0.81
C LEU D 189 -43.43 14.69 -0.35
N ILE D 190 -42.43 13.86 -0.05
CA ILE D 190 -41.80 12.98 -1.02
C ILE D 190 -42.83 12.01 -1.59
N SER D 191 -43.79 11.63 -0.75
CA SER D 191 -44.77 10.64 -1.15
C SER D 191 -45.99 11.29 -1.76
N SER D 192 -45.98 12.61 -1.77
CA SER D 192 -47.10 13.40 -2.28
C SER D 192 -47.25 13.28 -3.77
N VAL D 193 -48.29 13.90 -4.30
CA VAL D 193 -48.53 13.87 -5.75
C VAL D 193 -47.51 14.75 -6.44
N PHE D 194 -47.27 15.95 -5.89
CA PHE D 194 -46.23 16.80 -6.40
C PHE D 194 -44.93 16.02 -6.41
N GLY D 195 -44.69 15.30 -5.31
CA GLY D 195 -43.47 14.52 -5.16
C GLY D 195 -43.29 13.58 -6.34
N GLN D 196 -44.40 13.05 -6.85
CA GLN D 196 -44.32 12.16 -8.01
C GLN D 196 -44.04 12.90 -9.30
N LEU D 197 -44.86 13.90 -9.59
CA LEU D 197 -44.63 14.79 -10.72
C LEU D 197 -43.18 15.29 -10.70
N PHE D 198 -42.66 15.63 -9.53
CA PHE D 198 -41.29 16.09 -9.44
C PHE D 198 -40.32 15.06 -10.02
N GLU D 199 -40.60 13.75 -9.82
CA GLU D 199 -39.77 12.68 -10.38
C GLU D 199 -39.71 12.78 -11.87
N LEU D 200 -40.85 13.09 -12.46
CA LEU D 200 -40.97 13.25 -13.89
C LEU D 200 -40.27 14.49 -14.38
N PHE D 201 -40.58 15.63 -13.78
CA PHE D 201 -40.16 16.91 -14.36
C PHE D 201 -39.32 17.80 -13.46
N SER D 202 -38.44 17.20 -12.67
CA SER D 202 -37.59 17.98 -11.78
C SER D 202 -36.82 19.05 -12.55
N GLY D 203 -36.34 18.70 -13.74
CA GLY D 203 -35.49 19.61 -14.51
C GLY D 203 -36.13 20.97 -14.72
N PHE D 204 -37.44 20.95 -14.91
CA PHE D 204 -38.18 22.16 -15.12
C PHE D 204 -38.68 22.73 -13.80
N LEU D 205 -39.18 21.85 -12.92
CA LEU D 205 -39.83 22.31 -11.67
C LEU D 205 -38.85 22.88 -10.66
N LYS D 206 -37.60 22.43 -10.71
CA LYS D 206 -36.50 22.98 -9.90
C LYS D 206 -36.60 24.52 -9.80
N HIS D 207 -36.95 25.17 -10.90
CA HIS D 207 -36.94 26.64 -10.97
C HIS D 207 -38.16 27.36 -10.37
N PHE D 208 -39.10 26.61 -9.81
CA PHE D 208 -40.28 27.21 -9.22
C PHE D 208 -40.60 26.76 -7.79
N PRO D 209 -41.34 27.60 -7.05
CA PRO D 209 -41.83 27.23 -5.73
C PRO D 209 -42.53 25.90 -5.73
N GLY D 210 -42.39 25.15 -4.64
CA GLY D 210 -43.06 23.85 -4.52
C GLY D 210 -42.46 23.08 -3.38
N ALA D 211 -42.99 21.88 -3.14
CA ALA D 211 -42.52 21.04 -2.02
C ALA D 211 -41.00 20.75 -2.00
N HIS D 212 -40.40 20.43 -3.14
CA HIS D 212 -38.97 20.19 -3.19
C HIS D 212 -38.14 21.14 -2.31
N ARG D 213 -38.54 22.43 -2.28
CA ARG D 213 -37.84 23.44 -1.52
C ARG D 213 -37.99 23.23 -0.02
N GLN D 214 -39.20 22.86 0.40
CA GLN D 214 -39.44 22.49 1.80
C GLN D 214 -38.68 21.19 2.22
N VAL D 215 -38.69 20.19 1.36
CA VAL D 215 -37.98 18.96 1.67
C VAL D 215 -36.53 19.28 1.90
N TYR D 216 -35.95 20.12 1.05
CA TYR D 216 -34.58 20.64 1.22
C TYR D 216 -34.37 21.35 2.56
N LYS D 217 -35.20 22.35 2.87
CA LYS D 217 -35.10 23.10 4.15
C LYS D 217 -35.21 22.15 5.33
N ASN D 218 -36.12 21.19 5.25
CA ASN D 218 -36.15 20.17 6.31
C ASN D 218 -34.86 19.36 6.45
N LEU D 219 -34.37 18.82 5.33
CA LEU D 219 -33.20 18.00 5.36
C LEU D 219 -32.05 18.81 5.91
N GLN D 220 -31.91 20.05 5.47
CA GLN D 220 -30.84 20.89 5.98
C GLN D 220 -30.91 21.10 7.49
N GLU D 221 -32.13 21.28 8.00
CA GLU D 221 -32.32 21.55 9.41
C GLU D 221 -32.01 20.34 10.30
N ILE D 222 -32.37 19.16 9.85
CA ILE D 222 -32.04 17.97 10.61
C ILE D 222 -30.54 17.81 10.59
N ASN D 223 -29.98 17.80 9.41
CA ASN D 223 -28.54 17.77 9.23
C ASN D 223 -27.72 18.80 10.07
N ALA D 224 -28.31 19.96 10.35
CA ALA D 224 -27.67 20.93 11.19
C ALA D 224 -27.55 20.39 12.62
N TYR D 225 -28.63 19.78 13.12
CA TYR D 225 -28.62 19.21 14.47
C TYR D 225 -27.59 18.09 14.58
N ILE D 226 -27.60 17.21 13.60
CA ILE D 226 -26.63 16.14 13.50
C ILE D 226 -25.24 16.73 13.51
N GLY D 227 -25.05 17.82 12.77
CA GLY D 227 -23.75 18.49 12.69
C GLY D 227 -23.22 19.02 14.01
N HIS D 228 -24.06 19.75 14.73
CA HIS D 228 -23.69 20.18 16.07
C HIS D 228 -23.38 19.01 16.97
N SER D 229 -24.25 18.00 16.94
CA SER D 229 -24.03 16.82 17.76
C SER D 229 -22.68 16.12 17.49
N VAL D 230 -22.30 16.06 16.23
CA VAL D 230 -20.99 15.54 15.84
C VAL D 230 -19.91 16.39 16.50
N GLU D 231 -19.99 17.71 16.37
CA GLU D 231 -19.03 18.61 17.02
C GLU D 231 -18.91 18.34 18.53
N LYS D 232 -20.05 18.25 19.22
CA LYS D 232 -20.08 17.93 20.67
C LYS D 232 -19.36 16.60 20.94
N HIS D 233 -19.69 15.55 20.18
CA HIS D 233 -18.96 14.27 20.24
C HIS D 233 -17.43 14.41 20.11
N ARG D 234 -16.97 15.18 19.13
CA ARG D 234 -15.53 15.32 18.83
C ARG D 234 -14.76 15.92 19.99
N GLU D 235 -15.43 16.77 20.75
CA GLU D 235 -14.82 17.36 21.95
C GLU D 235 -14.60 16.33 23.04
N THR D 236 -15.65 15.59 23.40
CA THR D 236 -15.59 14.67 24.53
C THR D 236 -15.04 13.28 24.18
N LEU D 237 -14.49 13.16 22.98
CA LEU D 237 -14.12 11.85 22.42
C LEU D 237 -13.01 11.13 23.19
N ASP D 238 -13.22 9.84 23.45
CA ASP D 238 -12.20 9.02 24.10
C ASP D 238 -11.72 7.85 23.21
N PRO D 239 -10.57 8.04 22.52
CA PRO D 239 -9.97 7.11 21.59
C PRO D 239 -10.02 5.62 21.94
N SER D 240 -10.08 5.26 23.22
CA SER D 240 -10.09 3.84 23.60
C SER D 240 -11.35 3.39 24.35
N ALA D 241 -12.34 4.28 24.38
CA ALA D 241 -13.71 3.96 24.82
C ALA D 241 -14.76 4.75 23.99
N PRO D 242 -15.07 4.26 22.77
CA PRO D 242 -16.13 4.84 21.92
C PRO D 242 -17.55 4.62 22.48
N ARG D 243 -18.38 5.66 22.44
CA ARG D 243 -19.72 5.59 23.01
C ARG D 243 -20.76 5.01 22.07
N ASP D 244 -20.56 5.22 20.77
CA ASP D 244 -21.63 4.99 19.80
C ASP D 244 -21.12 5.01 18.35
N LEU D 245 -22.06 4.95 17.41
CA LEU D 245 -21.79 5.04 15.98
C LEU D 245 -20.90 6.23 15.62
N ILE D 246 -21.30 7.42 16.05
CA ILE D 246 -20.54 8.63 15.78
C ILE D 246 -19.08 8.52 16.24
N ASP D 247 -18.85 8.05 17.47
CA ASP D 247 -17.49 7.88 17.96
C ASP D 247 -16.70 6.98 17.02
N THR D 248 -17.22 5.78 16.78
CA THR D 248 -16.59 4.82 15.89
C THR D 248 -16.12 5.47 14.59
N TYR D 249 -16.99 6.31 14.01
CA TYR D 249 -16.73 6.93 12.70
C TYR D 249 -15.65 8.00 12.85
N LEU D 250 -15.72 8.81 13.89
CA LEU D 250 -14.70 9.82 14.11
C LEU D 250 -13.32 9.22 14.28
N LEU D 251 -13.26 7.98 14.75
CA LEU D 251 -12.01 7.23 14.87
C LEU D 251 -11.50 6.65 13.55
N HIS D 252 -12.41 6.35 12.61
CA HIS D 252 -11.98 5.96 11.28
C HIS D 252 -11.44 7.17 10.56
N MET D 253 -11.92 8.36 10.93
CA MET D 253 -11.40 9.60 10.38
C MET D 253 -9.94 10.04 10.64
N GLU D 254 -9.26 9.30 11.52
CA GLU D 254 -7.83 9.45 11.65
C GLU D 254 -7.21 8.80 10.41
N LYS D 255 -8.05 8.31 9.50
CA LYS D 255 -7.64 7.88 8.15
C LYS D 255 -7.31 9.15 7.37
N GLU D 256 -7.09 10.23 8.13
CA GLU D 256 -6.71 11.56 7.65
C GLU D 256 -5.54 11.59 6.65
N LYS D 257 -4.74 10.54 6.63
CA LYS D 257 -3.59 10.50 5.71
C LYS D 257 -3.80 9.57 4.51
N SER D 258 -4.79 8.67 4.62
CA SER D 258 -4.97 7.56 3.68
C SER D 258 -6.24 7.66 2.87
N ALA D 260 -5.09 10.15 2.01
CA ALA D 260 -4.58 9.98 0.67
C ALA D 260 -5.70 10.00 -0.39
N HIS D 261 -6.95 10.25 0.04
CA HIS D 261 -8.13 10.12 -0.83
C HIS D 261 -9.08 9.05 -0.24
N SER D 262 -9.98 9.50 0.64
CA SER D 262 -10.67 8.60 1.57
C SER D 262 -12.15 8.91 1.83
N GLU D 263 -12.93 7.86 2.06
CA GLU D 263 -14.38 7.94 2.03
C GLU D 263 -15.03 8.43 3.33
N PHE D 264 -14.23 8.70 4.35
CA PHE D 264 -14.78 9.16 5.64
C PHE D 264 -14.72 10.67 5.78
N SER D 265 -15.48 11.36 4.94
CA SER D 265 -15.68 12.80 5.02
C SER D 265 -16.68 13.17 6.09
N HIS D 266 -16.66 14.44 6.48
CA HIS D 266 -17.72 14.98 7.33
C HIS D 266 -19.04 14.89 6.57
N GLN D 267 -18.98 15.24 5.29
CA GLN D 267 -20.19 15.25 4.50
C GLN D 267 -20.81 13.89 4.62
N ASN D 268 -20.00 12.83 4.50
CA ASN D 268 -20.55 11.48 4.64
C ASN D 268 -21.11 11.25 6.02
N LEU D 269 -20.37 11.74 7.03
CA LEU D 269 -20.77 11.53 8.41
C LEU D 269 -22.19 12.05 8.61
N ASN D 270 -22.36 13.32 8.32
CA ASN D 270 -23.63 13.92 8.60
C ASN D 270 -24.68 13.22 7.76
N LEU D 271 -24.43 13.16 6.45
CA LEU D 271 -25.38 12.58 5.51
C LEU D 271 -25.74 11.13 5.83
N ASN D 272 -24.74 10.35 6.25
CA ASN D 272 -24.98 8.94 6.54
C ASN D 272 -25.86 8.80 7.77
N THR D 273 -25.52 9.54 8.81
CA THR D 273 -26.32 9.56 10.01
C THR D 273 -27.78 9.97 9.70
N LEU D 274 -27.95 11.16 9.13
CA LEU D 274 -29.24 11.58 8.64
C LEU D 274 -29.93 10.40 7.93
N SER D 275 -29.23 9.75 7.00
CA SER D 275 -29.80 8.62 6.29
C SER D 275 -30.34 7.56 7.24
N LEU D 276 -29.54 7.15 8.23
CA LEU D 276 -29.90 6.04 9.13
C LEU D 276 -31.13 6.41 9.95
N PHE D 277 -30.96 7.42 10.79
CA PHE D 277 -32.03 8.09 11.51
C PHE D 277 -33.36 8.13 10.75
N PHE D 278 -33.34 8.72 9.57
CA PHE D 278 -34.56 8.92 8.87
C PHE D 278 -35.16 7.58 8.52
N ALA D 279 -34.35 6.70 7.94
CA ALA D 279 -34.86 5.41 7.49
C ALA D 279 -35.36 4.55 8.65
N GLY D 280 -34.60 4.53 9.73
CA GLY D 280 -34.95 3.73 10.88
C GLY D 280 -36.10 4.24 11.69
N THR D 281 -36.49 5.49 11.49
CA THR D 281 -37.55 6.06 12.31
C THR D 281 -38.87 5.98 11.57
N GLU D 282 -38.87 6.60 10.39
CA GLU D 282 -40.08 6.84 9.63
C GLU D 282 -40.41 5.59 8.84
N THR D 283 -39.81 4.49 9.24
CA THR D 283 -40.01 3.22 8.53
C THR D 283 -40.85 2.24 9.36
N THR D 284 -40.35 1.95 10.56
CA THR D 284 -41.02 1.01 11.46
C THR D 284 -42.23 1.70 12.06
N SER D 285 -42.09 2.99 12.35
CA SER D 285 -43.19 3.73 12.89
C SER D 285 -44.40 3.63 11.95
N THR D 286 -44.18 3.78 10.65
CA THR D 286 -45.27 3.67 9.68
C THR D 286 -45.95 2.30 9.72
N THR D 287 -45.15 1.25 9.78
CA THR D 287 -45.65 -0.11 9.83
C THR D 287 -46.49 -0.33 11.09
N LEU D 288 -45.94 0.03 12.24
CA LEU D 288 -46.67 -0.06 13.49
C LEU D 288 -47.99 0.70 13.43
N ARG D 289 -47.95 1.91 12.89
CA ARG D 289 -49.12 2.73 12.83
C ARG D 289 -50.17 2.01 12.05
N TYR D 290 -49.77 1.41 10.93
CA TYR D 290 -50.72 0.65 10.13
C TYR D 290 -51.20 -0.59 10.89
N GLY D 291 -50.27 -1.24 11.60
CA GLY D 291 -50.58 -2.44 12.35
C GLY D 291 -51.76 -2.19 13.27
N PHE D 292 -51.68 -1.10 14.02
CA PHE D 292 -52.71 -0.83 14.99
C PHE D 292 -54.02 -0.41 14.36
N LEU D 293 -53.96 0.36 13.29
CA LEU D 293 -55.16 0.59 12.52
C LEU D 293 -55.78 -0.74 12.09
N LEU D 294 -54.97 -1.70 11.70
CA LEU D 294 -55.52 -2.95 11.26
C LEU D 294 -56.22 -3.68 12.42
N MET D 295 -55.60 -3.60 13.61
CA MET D 295 -56.13 -4.25 14.80
C MET D 295 -57.50 -3.70 15.17
N LEU D 296 -57.66 -2.39 14.99
CA LEU D 296 -58.95 -1.76 15.19
C LEU D 296 -60.00 -2.34 14.27
N LYS D 297 -59.62 -2.60 13.03
CA LYS D 297 -60.57 -3.12 12.09
C LYS D 297 -60.86 -4.61 12.30
N TYR D 298 -59.96 -5.31 12.96
CA TYR D 298 -60.05 -6.76 13.09
C TYR D 298 -59.79 -7.20 14.52
N PRO D 299 -60.70 -6.82 15.42
CA PRO D 299 -60.48 -7.08 16.84
C PRO D 299 -60.31 -8.57 17.10
N HIS D 300 -60.93 -9.42 16.26
CA HIS D 300 -60.78 -10.87 16.39
C HIS D 300 -59.31 -11.28 16.30
N VAL D 301 -58.56 -10.60 15.43
CA VAL D 301 -57.14 -10.86 15.26
C VAL D 301 -56.37 -10.38 16.47
N ALA D 302 -56.65 -9.15 16.92
CA ALA D 302 -56.06 -8.62 18.14
C ALA D 302 -56.26 -9.57 19.35
N GLU D 303 -57.51 -10.01 19.55
CA GLU D 303 -57.86 -10.97 20.59
C GLU D 303 -57.11 -12.32 20.45
N ARG D 304 -56.99 -12.80 19.23
CA ARG D 304 -56.34 -14.07 19.02
C ARG D 304 -54.84 -13.94 19.23
N VAL D 305 -54.28 -12.77 18.88
CA VAL D 305 -52.88 -12.46 19.21
C VAL D 305 -52.74 -12.32 20.70
N TYR D 306 -53.69 -11.62 21.33
CA TYR D 306 -53.62 -11.49 22.79
C TYR D 306 -53.57 -12.87 23.46
N ARG D 307 -54.47 -13.76 23.04
CA ARG D 307 -54.48 -15.11 23.60
C ARG D 307 -53.11 -15.80 23.57
N GLU D 308 -52.48 -15.81 22.40
CA GLU D 308 -51.19 -16.45 22.24
C GLU D 308 -50.16 -15.87 23.20
N ILE D 309 -50.17 -14.54 23.36
CA ILE D 309 -49.24 -13.86 24.27
C ILE D 309 -49.34 -14.40 25.67
N GLU D 310 -50.56 -14.43 26.19
CA GLU D 310 -50.82 -14.94 27.54
C GLU D 310 -50.51 -16.43 27.66
N GLN D 311 -50.88 -17.22 26.65
CA GLN D 311 -50.64 -18.66 26.70
C GLN D 311 -49.16 -19.01 26.53
N VAL D 312 -48.36 -18.09 26.01
CA VAL D 312 -46.92 -18.35 25.80
C VAL D 312 -45.99 -17.52 26.67
N ILE D 313 -46.34 -16.25 26.87
CA ILE D 313 -45.51 -15.36 27.68
C ILE D 313 -46.06 -15.14 29.09
N GLY D 314 -47.38 -15.02 29.16
CA GLY D 314 -48.05 -14.68 30.40
C GLY D 314 -48.29 -13.19 30.45
N PRO D 315 -48.99 -12.72 31.50
CA PRO D 315 -49.38 -11.33 31.55
C PRO D 315 -48.32 -10.42 32.18
N HIS D 316 -47.30 -10.97 32.84
CA HIS D 316 -46.32 -10.10 33.49
C HIS D 316 -44.97 -9.91 32.78
N ARG D 317 -44.14 -10.97 32.73
CA ARG D 317 -42.75 -10.87 32.22
C ARG D 317 -42.73 -10.33 30.80
N PRO D 318 -41.89 -9.31 30.55
CA PRO D 318 -41.92 -8.64 29.27
C PRO D 318 -41.59 -9.63 28.14
N PRO D 319 -42.18 -9.45 26.96
CA PRO D 319 -41.81 -10.30 25.85
C PRO D 319 -40.32 -10.16 25.51
N GLU D 320 -39.76 -11.20 24.87
CA GLU D 320 -38.37 -11.21 24.41
C GLU D 320 -38.28 -11.98 23.08
N LEU D 321 -37.23 -11.73 22.32
CA LEU D 321 -37.10 -12.32 20.98
C LEU D 321 -37.20 -13.83 20.98
N HIS D 322 -36.73 -14.46 22.04
CA HIS D 322 -36.78 -15.90 22.19
C HIS D 322 -38.20 -16.48 21.95
N ASP D 323 -39.22 -15.71 22.32
CA ASP D 323 -40.60 -16.21 22.30
C ASP D 323 -41.13 -16.37 20.89
N ARG D 324 -40.43 -15.75 19.95
CA ARG D 324 -40.93 -15.61 18.59
C ARG D 324 -41.16 -16.98 17.95
N ALA D 325 -40.18 -17.87 18.08
CA ALA D 325 -40.28 -19.25 17.58
C ALA D 325 -41.55 -19.96 18.11
N LYS D 326 -41.81 -19.79 19.41
CA LYS D 326 -42.93 -20.42 20.11
C LYS D 326 -44.29 -19.79 19.81
N MET D 327 -44.34 -18.71 19.02
CA MET D 327 -45.65 -18.06 18.76
C MET D 327 -45.97 -17.63 17.31
N PRO D 328 -46.34 -18.61 16.47
CA PRO D 328 -46.49 -18.40 15.02
C PRO D 328 -47.59 -17.40 14.65
N TYR D 329 -48.73 -17.48 15.33
CA TYR D 329 -49.84 -16.61 14.93
C TYR D 329 -49.46 -15.12 14.96
N THR D 330 -48.74 -14.70 16.00
CA THR D 330 -48.30 -13.31 16.10
C THR D 330 -47.32 -12.99 14.97
N GLU D 331 -46.37 -13.89 14.75
CA GLU D 331 -45.49 -13.78 13.59
C GLU D 331 -46.27 -13.62 12.29
N ALA D 332 -47.17 -14.55 12.01
CA ALA D 332 -47.98 -14.43 10.79
C ALA D 332 -48.71 -13.09 10.67
N VAL D 333 -49.20 -12.57 11.79
CA VAL D 333 -49.95 -11.31 11.82
C VAL D 333 -49.01 -10.19 11.49
N ILE D 334 -47.83 -10.23 12.09
CA ILE D 334 -46.81 -9.23 11.81
C ILE D 334 -46.42 -9.25 10.34
N TYR D 335 -46.07 -10.42 9.81
CA TYR D 335 -45.77 -10.55 8.39
C TYR D 335 -46.89 -9.93 7.54
N GLU D 336 -48.14 -10.31 7.83
CA GLU D 336 -49.29 -9.81 7.07
C GLU D 336 -49.40 -8.28 7.16
N ILE D 337 -49.19 -7.71 8.34
CA ILE D 337 -49.13 -6.26 8.47
C ILE D 337 -48.13 -5.61 7.47
N GLN D 338 -46.87 -6.04 7.50
CA GLN D 338 -45.86 -5.51 6.59
C GLN D 338 -46.22 -5.74 5.12
N ARG D 339 -46.75 -6.92 4.82
CA ARG D 339 -47.11 -7.27 3.46
C ARG D 339 -48.23 -6.41 2.98
N PHE D 340 -49.17 -6.13 3.85
CA PHE D 340 -50.36 -5.36 3.47
C PHE D 340 -50.06 -3.85 3.48
N SER D 341 -49.29 -3.39 4.46
CA SER D 341 -48.92 -1.97 4.58
C SER D 341 -48.11 -1.56 3.40
N ASP D 342 -47.40 -2.54 2.84
CA ASP D 342 -46.66 -2.34 1.59
C ASP D 342 -45.96 -0.95 1.54
N LEU D 343 -45.02 -0.75 2.44
CA LEU D 343 -44.47 0.56 2.72
C LEU D 343 -43.73 1.25 1.58
N LEU D 344 -42.99 0.49 0.78
CA LEU D 344 -42.20 1.09 -0.29
C LEU D 344 -42.57 0.45 -1.62
N PRO D 345 -43.69 0.90 -2.21
CA PRO D 345 -44.31 0.16 -3.31
C PRO D 345 -43.38 -0.07 -4.50
N MET D 346 -42.56 0.93 -4.82
CA MET D 346 -41.67 0.78 -5.94
C MET D 346 -40.23 0.55 -5.49
N GLY D 347 -40.10 0.08 -4.25
CA GLY D 347 -38.79 -0.02 -3.62
C GLY D 347 -38.11 1.34 -3.71
N VAL D 348 -36.80 1.32 -3.86
CA VAL D 348 -36.02 2.56 -4.10
C VAL D 348 -35.29 2.37 -5.43
N PRO D 349 -35.14 3.45 -6.25
CA PRO D 349 -34.56 3.32 -7.58
C PRO D 349 -33.18 2.70 -7.59
N HIS D 350 -32.97 1.71 -8.46
CA HIS D 350 -31.67 1.10 -8.69
C HIS D 350 -31.23 1.61 -10.05
N ILE D 351 -29.96 1.37 -10.39
CA ILE D 351 -29.43 1.57 -11.76
C ILE D 351 -28.59 0.38 -12.14
N VAL D 352 -28.51 0.09 -13.44
CA VAL D 352 -27.59 -0.99 -13.82
C VAL D 352 -26.18 -0.49 -13.99
N THR D 353 -25.24 -1.35 -13.59
CA THR D 353 -23.85 -0.96 -13.46
C THR D 353 -23.06 -1.32 -14.72
N GLN D 354 -23.76 -1.95 -15.68
CA GLN D 354 -23.20 -2.34 -16.97
C GLN D 354 -24.29 -2.33 -18.04
N HIS D 355 -23.91 -2.33 -19.31
CA HIS D 355 -24.81 -2.77 -20.37
C HIS D 355 -25.21 -4.19 -20.02
N THR D 356 -26.51 -4.41 -19.86
CA THR D 356 -26.99 -5.60 -19.16
C THR D 356 -28.02 -6.35 -20.01
N SER D 357 -27.83 -7.66 -20.10
CA SER D 357 -28.78 -8.49 -20.82
C SER D 357 -29.88 -9.02 -19.87
N PHE D 358 -31.15 -8.99 -20.31
CA PHE D 358 -32.28 -9.39 -19.48
C PHE D 358 -33.52 -9.86 -20.26
N ARG D 359 -33.88 -11.14 -20.07
CA ARG D 359 -35.00 -11.77 -20.78
C ARG D 359 -35.04 -11.36 -22.26
N GLY D 360 -33.86 -11.31 -22.89
CA GLY D 360 -33.74 -10.92 -24.31
C GLY D 360 -33.66 -9.41 -24.58
N TYR D 361 -33.80 -8.60 -23.54
CA TYR D 361 -33.76 -7.15 -23.69
C TYR D 361 -32.41 -6.68 -23.29
N ILE D 362 -32.04 -5.48 -23.75
CA ILE D 362 -30.78 -4.90 -23.35
C ILE D 362 -30.98 -3.56 -22.67
N ILE D 363 -30.53 -3.49 -21.40
CA ILE D 363 -30.61 -2.30 -20.57
C ILE D 363 -29.22 -1.70 -20.48
N PRO D 364 -29.01 -0.51 -21.05
CA PRO D 364 -27.71 0.14 -21.07
C PRO D 364 -27.26 0.56 -19.71
N LYS D 365 -25.95 0.50 -19.46
CA LYS D 365 -25.32 1.05 -18.25
C LYS D 365 -25.98 2.36 -17.86
N ASP D 366 -26.40 2.47 -16.59
CA ASP D 366 -26.96 3.68 -15.95
C ASP D 366 -28.44 3.93 -16.13
N THR D 367 -29.10 3.06 -16.87
CA THR D 367 -30.54 3.11 -16.93
C THR D 367 -31.11 2.92 -15.53
N GLU D 368 -32.11 3.72 -15.16
CA GLU D 368 -32.75 3.57 -13.85
C GLU D 368 -33.68 2.38 -13.88
N VAL D 369 -33.74 1.65 -12.76
CA VAL D 369 -34.60 0.48 -12.70
C VAL D 369 -35.41 0.43 -11.40
N PHE D 370 -36.74 0.57 -11.49
CA PHE D 370 -37.58 0.34 -10.34
C PHE D 370 -37.97 -1.15 -10.27
N LEU D 371 -37.82 -1.71 -9.08
CA LEU D 371 -38.35 -3.01 -8.84
C LEU D 371 -39.61 -2.80 -8.06
N ILE D 372 -40.75 -2.88 -8.74
CA ILE D 372 -42.07 -2.70 -8.08
C ILE D 372 -42.34 -3.82 -7.09
N LEU D 373 -41.83 -3.62 -5.87
CA LEU D 373 -41.87 -4.63 -4.81
C LEU D 373 -43.29 -5.05 -4.52
N SER D 374 -44.21 -4.14 -4.80
CA SER D 374 -45.51 -4.32 -4.29
C SER D 374 -46.26 -5.21 -5.22
N THR D 375 -45.68 -5.51 -6.39
CA THR D 375 -46.30 -6.53 -7.26
C THR D 375 -45.97 -7.93 -6.74
N ALA D 376 -44.91 -8.03 -5.93
CA ALA D 376 -44.58 -9.27 -5.24
C ALA D 376 -45.53 -9.52 -4.07
N LEU D 377 -45.48 -8.61 -3.09
CA LEU D 377 -46.37 -8.65 -1.94
C LEU D 377 -47.84 -8.89 -2.28
N HIS D 378 -48.27 -8.49 -3.48
CA HIS D 378 -49.67 -8.59 -3.86
C HIS D 378 -49.91 -9.59 -4.99
N ASP D 379 -48.93 -10.48 -5.22
CA ASP D 379 -49.07 -11.56 -6.19
C ASP D 379 -50.25 -12.50 -5.85
N PRO D 380 -51.19 -12.70 -6.77
CA PRO D 380 -52.37 -13.55 -6.43
C PRO D 380 -52.02 -15.05 -6.32
N HIS D 381 -50.92 -15.43 -6.97
CA HIS D 381 -50.45 -16.81 -7.09
C HIS D 381 -49.83 -17.29 -5.77
N TYR D 382 -49.64 -16.36 -4.85
CA TYR D 382 -49.01 -16.62 -3.56
C TYR D 382 -50.00 -16.32 -2.45
N PHE D 383 -50.97 -15.44 -2.72
CA PHE D 383 -51.92 -15.01 -1.69
C PHE D 383 -53.37 -15.00 -2.17
N GLU D 384 -54.14 -16.03 -1.77
CA GLU D 384 -55.60 -16.06 -2.03
C GLU D 384 -56.22 -14.69 -1.63
N LYS D 385 -56.94 -14.06 -2.56
CA LYS D 385 -57.50 -12.69 -2.32
C LYS D 385 -56.51 -11.71 -1.63
N PRO D 386 -55.50 -11.25 -2.38
CA PRO D 386 -54.37 -10.50 -1.86
C PRO D 386 -54.65 -9.05 -1.49
N ASP D 387 -55.81 -8.55 -1.90
CA ASP D 387 -56.16 -7.16 -1.62
C ASP D 387 -56.64 -7.00 -0.18
N ALA D 388 -56.90 -8.12 0.47
CA ALA D 388 -57.51 -8.12 1.77
C ALA D 388 -56.52 -8.52 2.85
N PHE D 389 -56.60 -7.88 4.00
CA PHE D 389 -55.72 -8.21 5.14
C PHE D 389 -56.13 -9.54 5.81
N ASN D 390 -55.28 -10.56 5.73
CA ASN D 390 -55.55 -11.88 6.28
C ASN D 390 -54.30 -12.66 6.69
N PRO D 391 -54.06 -12.76 8.01
CA PRO D 391 -52.94 -13.49 8.56
C PRO D 391 -52.80 -14.90 8.01
N ASP D 392 -53.91 -15.51 7.59
CA ASP D 392 -53.86 -16.89 7.07
C ASP D 392 -52.81 -17.09 5.99
N HIS D 393 -52.53 -16.01 5.24
CA HIS D 393 -51.54 -15.98 4.18
C HIS D 393 -50.19 -16.50 4.63
N PHE D 394 -49.95 -16.51 5.95
CA PHE D 394 -48.66 -16.92 6.48
C PHE D 394 -48.78 -18.10 7.44
N LEU D 395 -49.89 -18.81 7.33
CA LEU D 395 -50.10 -20.03 8.11
C LEU D 395 -50.47 -21.22 7.23
N ASP D 396 -49.94 -22.39 7.55
CA ASP D 396 -50.30 -23.62 6.84
C ASP D 396 -51.63 -24.11 7.39
N ALA D 397 -51.97 -25.37 7.15
CA ALA D 397 -53.26 -25.91 7.58
C ALA D 397 -53.39 -26.05 9.10
N ASN D 398 -52.26 -26.14 9.81
CA ASN D 398 -52.29 -26.35 11.26
C ASN D 398 -52.05 -25.10 12.08
N GLY D 399 -51.93 -23.94 11.44
CA GLY D 399 -51.58 -22.71 12.14
C GLY D 399 -50.12 -22.72 12.52
N ALA D 400 -49.29 -23.36 11.69
CA ALA D 400 -47.83 -23.24 11.78
C ALA D 400 -47.35 -22.18 10.78
N LEU D 401 -46.23 -21.51 11.10
CA LEU D 401 -45.78 -20.37 10.29
C LEU D 401 -45.32 -20.79 8.88
N LYS D 402 -45.96 -20.22 7.86
CA LYS D 402 -45.62 -20.56 6.48
C LYS D 402 -44.91 -19.40 5.76
N LYS D 403 -43.58 -19.34 5.92
CA LYS D 403 -42.75 -18.35 5.25
C LYS D 403 -42.89 -18.54 3.74
N THR D 404 -42.87 -17.43 3.00
CA THR D 404 -42.87 -17.50 1.52
C THR D 404 -41.87 -16.54 0.87
N GLU D 405 -41.30 -17.02 -0.22
CA GLU D 405 -40.25 -16.33 -0.95
C GLU D 405 -40.76 -15.10 -1.72
N ALA D 406 -42.08 -14.92 -1.74
CA ALA D 406 -42.69 -13.72 -2.32
C ALA D 406 -42.86 -12.61 -1.30
N PHE D 407 -42.53 -12.90 -0.03
CA PHE D 407 -42.53 -11.90 1.02
C PHE D 407 -41.20 -11.15 1.01
N ILE D 408 -41.12 -10.10 0.21
CA ILE D 408 -39.87 -9.37 0.08
C ILE D 408 -39.99 -7.87 0.39
N PRO D 409 -40.55 -7.53 1.57
CA PRO D 409 -40.81 -6.11 1.80
C PRO D 409 -39.52 -5.34 2.05
N PHE D 410 -38.45 -6.07 2.26
CA PHE D 410 -37.16 -5.48 2.49
C PHE D 410 -36.26 -5.58 1.28
N SER D 411 -36.84 -5.89 0.12
CA SER D 411 -36.09 -6.03 -1.13
C SER D 411 -35.09 -7.21 -1.05
N LEU D 412 -34.19 -7.32 -2.02
CA LEU D 412 -33.29 -8.47 -2.11
C LEU D 412 -31.90 -8.10 -2.55
N GLY D 413 -30.94 -8.99 -2.30
CA GLY D 413 -29.59 -8.85 -2.88
C GLY D 413 -28.69 -7.82 -2.23
N LYS D 414 -27.86 -7.17 -3.04
CA LYS D 414 -26.79 -6.35 -2.45
C LYS D 414 -27.28 -5.14 -1.69
N ARG D 415 -28.34 -4.52 -2.12
CA ARG D 415 -28.77 -3.33 -1.44
C ARG D 415 -29.78 -3.56 -0.33
N ILE D 416 -30.44 -4.71 -0.33
CA ILE D 416 -31.39 -5.10 0.69
C ILE D 416 -31.27 -4.26 1.94
N CYS D 417 -32.37 -4.07 2.69
CA CYS D 417 -32.35 -3.28 3.93
C CYS D 417 -31.28 -3.61 4.97
N LEU D 418 -30.57 -2.61 5.49
CA LEU D 418 -29.61 -2.85 6.54
C LEU D 418 -30.29 -2.90 7.86
N GLY D 419 -31.57 -2.66 7.90
CA GLY D 419 -32.26 -2.70 9.15
C GLY D 419 -33.11 -3.93 9.40
N GLU D 420 -33.25 -4.79 8.39
CA GLU D 420 -34.17 -5.90 8.51
C GLU D 420 -34.15 -6.50 9.91
N GLY D 421 -32.96 -6.86 10.39
CA GLY D 421 -32.82 -7.42 11.74
C GLY D 421 -33.53 -6.60 12.78
N ILE D 422 -33.09 -5.34 12.90
CA ILE D 422 -33.64 -4.39 13.87
C ILE D 422 -35.15 -4.20 13.71
N ALA D 423 -35.60 -3.97 12.49
CA ALA D 423 -37.00 -3.71 12.27
C ALA D 423 -37.84 -4.89 12.75
N ARG D 424 -37.43 -6.10 12.37
CA ARG D 424 -38.22 -7.27 12.68
C ARG D 424 -38.25 -7.51 14.17
N ALA D 425 -37.21 -7.02 14.84
CA ALA D 425 -37.15 -7.06 16.30
C ALA D 425 -38.03 -5.99 16.92
N GLU D 426 -38.13 -4.82 16.31
CA GLU D 426 -38.96 -3.77 16.90
C GLU D 426 -40.41 -4.14 16.71
N LEU D 427 -40.73 -4.64 15.53
CA LEU D 427 -42.12 -4.93 15.23
C LEU D 427 -42.64 -6.00 16.17
N PHE D 428 -41.81 -6.99 16.45
CA PHE D 428 -42.25 -8.03 17.36
C PHE D 428 -42.37 -7.56 18.81
N LEU D 429 -41.30 -7.02 19.34
CA LEU D 429 -41.31 -6.58 20.72
C LEU D 429 -42.38 -5.53 20.98
N PHE D 430 -42.37 -4.46 20.19
CA PHE D 430 -43.27 -3.32 20.40
C PHE D 430 -44.71 -3.72 20.24
N PHE D 431 -44.96 -4.59 19.27
CA PHE D 431 -46.30 -5.07 19.02
C PHE D 431 -46.81 -5.88 20.19
N THR D 432 -46.13 -6.97 20.49
CA THR D 432 -46.53 -7.87 21.56
C THR D 432 -46.47 -7.21 22.95
N THR D 433 -45.49 -6.35 23.23
CA THR D 433 -45.48 -5.71 24.54
C THR D 433 -46.71 -4.82 24.73
N ILE D 434 -47.13 -4.14 23.66
CA ILE D 434 -48.23 -3.18 23.78
C ILE D 434 -49.49 -3.95 23.99
N LEU D 435 -49.64 -5.00 23.18
CA LEU D 435 -50.78 -5.90 23.28
C LEU D 435 -50.84 -6.65 24.59
N GLN D 436 -49.68 -7.04 25.10
CA GLN D 436 -49.60 -7.68 26.42
C GLN D 436 -50.32 -6.88 27.48
N ASN D 437 -50.19 -5.55 27.42
CA ASN D 437 -50.72 -4.68 28.47
C ASN D 437 -51.98 -3.90 28.12
N PHE D 438 -52.43 -3.99 26.87
CA PHE D 438 -53.54 -3.15 26.45
C PHE D 438 -54.47 -3.84 25.48
N SER D 439 -55.58 -3.17 25.26
CA SER D 439 -56.52 -3.57 24.26
C SER D 439 -56.96 -2.30 23.56
N MET D 440 -57.55 -2.47 22.38
CA MET D 440 -57.73 -1.37 21.43
C MET D 440 -59.16 -0.92 21.41
N ALA D 441 -59.34 0.39 21.31
CA ALA D 441 -60.65 0.91 21.06
C ALA D 441 -60.65 2.14 20.23
N SER D 442 -61.73 2.28 19.46
CA SER D 442 -61.98 3.46 18.66
C SER D 442 -63.45 3.88 18.79
N PRO D 443 -63.74 5.17 18.51
CA PRO D 443 -65.13 5.59 18.25
C PRO D 443 -65.73 4.91 17.01
N VAL D 444 -64.92 4.80 15.97
CA VAL D 444 -65.35 4.22 14.73
C VAL D 444 -65.52 2.70 14.86
N ALA D 445 -66.56 2.17 14.22
CA ALA D 445 -66.75 0.74 14.19
C ALA D 445 -65.81 0.08 13.16
N PRO D 446 -65.41 -1.18 13.42
CA PRO D 446 -64.66 -2.04 12.49
C PRO D 446 -65.16 -2.01 11.04
N GLU D 447 -66.47 -2.18 10.82
CA GLU D 447 -67.02 -2.17 9.46
C GLU D 447 -66.78 -0.82 8.76
N ASP D 448 -66.51 0.21 9.55
CA ASP D 448 -66.45 1.57 9.04
C ASP D 448 -65.06 2.16 8.95
N ILE D 449 -64.08 1.43 9.44
CA ILE D 449 -62.69 1.88 9.39
C ILE D 449 -62.15 1.85 7.96
N ASP D 450 -61.71 3.02 7.49
CA ASP D 450 -61.23 3.10 6.13
C ASP D 450 -59.71 2.95 6.08
N LEU D 451 -59.24 1.95 5.33
CA LEU D 451 -57.82 1.63 5.26
C LEU D 451 -57.06 2.46 4.20
N THR D 452 -57.81 3.03 3.27
CA THR D 452 -57.26 3.80 2.17
C THR D 452 -56.22 4.82 2.68
N PRO D 453 -54.97 4.75 2.18
CA PRO D 453 -53.92 5.71 2.59
C PRO D 453 -54.19 7.12 2.12
N GLN D 454 -53.77 8.12 2.89
CA GLN D 454 -53.49 9.44 2.33
C GLN D 454 -52.11 9.35 1.72
N GLU D 455 -51.90 9.92 0.53
CA GLU D 455 -50.61 9.84 -0.13
C GLU D 455 -50.11 8.39 -0.35
N CYS D 456 -49.79 8.09 -1.61
CA CYS D 456 -49.23 6.79 -2.04
C CYS D 456 -48.20 6.98 -3.18
N GLY D 457 -46.96 7.24 -2.81
CA GLY D 457 -45.92 7.50 -3.79
C GLY D 457 -44.72 6.60 -3.59
N VAL D 458 -43.57 7.20 -3.32
CA VAL D 458 -42.41 6.46 -2.91
C VAL D 458 -42.74 5.63 -1.69
N GLY D 459 -43.61 6.15 -0.82
CA GLY D 459 -44.07 5.45 0.36
C GLY D 459 -45.58 5.46 0.48
N LYS D 460 -46.15 4.38 1.04
CA LYS D 460 -47.57 4.30 1.39
C LYS D 460 -47.71 4.83 2.82
N ILE D 461 -48.53 5.87 3.01
CA ILE D 461 -48.69 6.50 4.32
C ILE D 461 -50.12 6.28 4.86
N PRO D 462 -50.26 5.62 6.03
CA PRO D 462 -51.60 5.27 6.45
C PRO D 462 -52.44 6.50 6.78
N PRO D 463 -53.78 6.35 6.69
CA PRO D 463 -54.66 7.46 6.97
C PRO D 463 -54.54 7.79 8.44
N THR D 464 -54.75 9.05 8.76
CA THR D 464 -54.60 9.52 10.11
C THR D 464 -55.83 9.09 10.94
N TYR D 465 -55.60 8.56 12.14
CA TYR D 465 -56.68 8.02 12.96
C TYR D 465 -56.43 8.25 14.45
N GLN D 466 -57.52 8.17 15.22
CA GLN D 466 -57.53 8.28 16.69
C GLN D 466 -57.67 6.88 17.29
N ILE D 467 -56.94 6.62 18.37
CA ILE D 467 -57.09 5.37 19.10
C ILE D 467 -56.98 5.57 20.61
N ARG D 468 -57.50 4.62 21.37
CA ARG D 468 -57.32 4.63 22.83
C ARG D 468 -56.82 3.28 23.35
N PHE D 469 -56.01 3.34 24.41
CA PHE D 469 -55.37 2.15 24.99
C PHE D 469 -55.91 1.80 26.38
N LEU D 470 -56.55 0.63 26.45
CA LEU D 470 -57.31 0.20 27.62
C LEU D 470 -56.62 -0.90 28.39
N PRO D 471 -56.17 -0.61 29.65
CA PRO D 471 -55.39 -1.57 30.47
C PRO D 471 -56.07 -2.93 30.63
N ARG D 472 -55.28 -4.00 30.64
CA ARG D 472 -55.86 -5.33 30.62
C ARG D 472 -55.71 -5.94 32.01
N GLY E 9 0.33 32.73 -31.67
CA GLY E 9 0.34 32.13 -30.30
C GLY E 9 -1.03 31.60 -29.85
N LYS E 10 -1.98 31.57 -30.78
CA LYS E 10 -3.31 31.01 -30.52
C LYS E 10 -3.33 29.56 -31.07
N LEU E 11 -4.53 28.98 -31.23
CA LEU E 11 -4.73 27.70 -31.93
C LEU E 11 -4.19 27.84 -33.35
N PRO E 12 -3.83 26.72 -34.05
CA PRO E 12 -3.40 26.82 -35.47
C PRO E 12 -4.43 27.45 -36.41
N PRO E 13 -3.96 28.01 -37.53
CA PRO E 13 -4.93 28.73 -38.36
C PRO E 13 -5.74 27.76 -39.19
N GLY E 14 -6.74 28.28 -39.87
CA GLY E 14 -7.62 27.47 -40.70
C GLY E 14 -8.72 28.32 -41.26
N PRO E 15 -9.72 27.68 -41.85
CA PRO E 15 -10.83 28.43 -42.39
C PRO E 15 -11.64 29.08 -41.26
N ARG E 16 -12.13 30.30 -41.49
CA ARG E 16 -12.96 31.03 -40.51
C ARG E 16 -14.29 30.32 -40.34
N PRO E 17 -14.64 29.96 -39.10
CA PRO E 17 -15.82 29.17 -38.81
C PRO E 17 -17.03 30.07 -38.67
N LEU E 18 -18.22 29.47 -38.61
CA LEU E 18 -19.46 30.21 -38.36
C LEU E 18 -20.06 29.63 -37.09
N PRO E 19 -20.64 30.48 -36.23
CA PRO E 19 -21.19 29.97 -34.98
C PRO E 19 -22.28 28.97 -35.24
N LEU E 20 -22.29 27.86 -34.50
CA LEU E 20 -23.32 26.83 -34.66
C LEU E 20 -23.24 25.87 -35.85
N LEU E 21 -22.36 26.15 -36.79
CA LEU E 21 -22.24 25.35 -38.02
C LEU E 21 -20.77 24.99 -38.19
N GLY E 22 -19.90 25.79 -37.59
CA GLY E 22 -18.47 25.64 -37.76
C GLY E 22 -18.08 25.91 -39.21
N ASN E 23 -17.18 25.06 -39.72
CA ASN E 23 -16.66 25.16 -41.07
C ASN E 23 -17.45 24.34 -42.08
N LEU E 24 -18.70 24.00 -41.73
CA LEU E 24 -19.56 23.20 -42.62
C LEU E 24 -19.55 23.69 -44.06
N LEU E 25 -19.72 24.97 -44.27
CA LEU E 25 -19.82 25.46 -45.63
C LEU E 25 -18.48 25.61 -46.36
N GLN E 26 -17.39 25.02 -45.88
CA GLN E 26 -16.13 25.05 -46.64
C GLN E 26 -15.62 23.65 -46.83
N MET E 27 -16.45 22.71 -46.41
CA MET E 27 -16.14 21.30 -46.50
C MET E 27 -16.28 20.86 -47.94
N ASP E 28 -16.08 19.60 -48.19
CA ASP E 28 -16.11 19.12 -49.53
C ASP E 28 -17.16 18.05 -49.62
N ARG E 29 -18.13 18.28 -50.46
CA ARG E 29 -19.21 17.38 -50.58
C ARG E 29 -18.68 15.97 -50.58
N ARG E 30 -17.40 15.81 -50.81
CA ARG E 30 -16.86 14.47 -50.92
C ARG E 30 -16.71 13.80 -49.57
N GLY E 31 -15.98 14.41 -48.65
CA GLY E 31 -15.79 13.82 -47.36
C GLY E 31 -14.94 14.59 -46.40
N LEU E 32 -14.79 14.04 -45.22
CA LEU E 32 -14.06 14.61 -44.13
C LEU E 32 -12.59 14.70 -44.60
N LEU E 33 -12.09 13.62 -45.16
CA LEU E 33 -10.71 13.62 -45.59
C LEU E 33 -10.48 14.53 -46.77
N LYS E 34 -11.23 14.35 -47.86
CA LYS E 34 -11.05 15.22 -49.04
C LYS E 34 -11.11 16.71 -48.59
N SER E 35 -12.06 17.02 -47.69
CA SER E 35 -12.16 18.35 -47.05
C SER E 35 -10.84 18.82 -46.46
N PHE E 36 -10.29 17.99 -45.55
CA PHE E 36 -9.04 18.32 -44.87
C PHE E 36 -7.87 18.46 -45.86
N LEU E 37 -7.84 17.61 -46.89
CA LEU E 37 -6.84 17.74 -47.95
C LEU E 37 -6.85 19.15 -48.60
N ARG E 38 -8.03 19.67 -48.94
CA ARG E 38 -8.16 21.02 -49.50
C ARG E 38 -7.57 22.06 -48.56
N PHE E 39 -7.90 21.94 -47.27
CA PHE E 39 -7.48 22.92 -46.28
C PHE E 39 -5.97 22.92 -46.20
N ARG E 40 -5.37 21.74 -46.28
CA ARG E 40 -3.93 21.60 -46.22
C ARG E 40 -3.21 22.34 -47.33
N GLU E 41 -3.83 22.44 -48.49
CA GLU E 41 -3.22 23.16 -49.60
C GLU E 41 -3.15 24.64 -49.30
N LYS E 42 -4.12 25.15 -48.53
CA LYS E 42 -4.17 26.57 -48.23
C LYS E 42 -3.37 26.93 -46.97
N TYR E 43 -3.43 26.09 -45.94
CA TYR E 43 -2.89 26.45 -44.63
C TYR E 43 -1.66 25.68 -44.17
N GLY E 44 -1.18 24.74 -44.96
CA GLY E 44 0.02 23.97 -44.59
C GLY E 44 -0.24 22.79 -43.68
N ASP E 45 0.83 22.28 -43.07
CA ASP E 45 0.78 20.95 -42.46
C ASP E 45 0.04 20.86 -41.09
N VAL E 46 -0.13 22.02 -40.46
CA VAL E 46 -0.76 22.12 -39.14
C VAL E 46 -1.84 23.19 -39.25
N PHE E 47 -3.09 22.83 -38.97
CA PHE E 47 -4.21 23.76 -39.13
C PHE E 47 -5.41 23.33 -38.31
N THR E 48 -6.39 24.24 -38.18
CA THR E 48 -7.53 24.04 -37.30
C THR E 48 -8.82 24.09 -38.07
N VAL E 49 -9.63 23.04 -37.88
CA VAL E 49 -10.95 22.95 -38.47
C VAL E 49 -11.99 22.86 -37.37
N HIS E 50 -13.12 23.54 -37.56
CA HIS E 50 -14.21 23.47 -36.61
C HIS E 50 -15.27 22.51 -37.08
N LEU E 51 -15.18 21.28 -36.60
CA LEU E 51 -16.17 20.24 -36.86
C LEU E 51 -17.41 20.49 -36.01
N GLY E 52 -18.40 21.15 -36.58
CA GLY E 52 -19.50 21.65 -35.79
C GLY E 52 -18.99 22.58 -34.70
N PRO E 53 -19.43 22.33 -33.45
CA PRO E 53 -19.09 23.26 -32.38
C PRO E 53 -17.61 23.25 -31.96
N ARG E 54 -16.86 22.18 -32.15
CA ARG E 54 -15.50 22.15 -31.59
C ARG E 54 -14.33 22.30 -32.56
N PRO E 55 -13.25 22.95 -32.11
CA PRO E 55 -12.06 23.04 -32.93
C PRO E 55 -11.41 21.69 -32.85
N VAL E 56 -10.89 21.25 -33.98
CA VAL E 56 -10.09 20.04 -34.06
C VAL E 56 -8.84 20.39 -34.84
N VAL E 57 -7.70 19.95 -34.33
CA VAL E 57 -6.39 20.26 -34.94
C VAL E 57 -5.89 19.12 -35.82
N MET E 58 -5.61 19.43 -37.07
CA MET E 58 -5.16 18.44 -38.04
C MET E 58 -3.66 18.48 -38.16
N LEU E 59 -3.04 17.31 -38.15
CA LEU E 59 -1.62 17.24 -38.41
C LEU E 59 -1.34 16.37 -39.62
N CYS E 60 -0.58 16.94 -40.56
CA CYS E 60 -0.32 16.31 -41.84
C CYS E 60 1.16 16.17 -42.13
N GLY E 61 1.50 15.11 -42.85
CA GLY E 61 2.88 14.88 -43.26
C GLY E 61 3.63 14.14 -42.19
N VAL E 62 4.68 13.44 -42.59
CA VAL E 62 5.33 12.55 -41.66
C VAL E 62 6.10 13.30 -40.59
N GLU E 63 6.66 14.45 -40.95
CA GLU E 63 7.48 15.24 -40.02
C GLU E 63 6.65 15.74 -38.83
N ALA E 64 5.51 16.38 -39.13
CA ALA E 64 4.59 16.88 -38.09
C ALA E 64 4.03 15.76 -37.22
N ILE E 65 3.51 14.69 -37.84
CA ILE E 65 2.98 13.57 -37.07
C ILE E 65 4.01 13.00 -36.09
N ARG E 66 5.26 12.83 -36.54
CA ARG E 66 6.32 12.27 -35.68
C ARG E 66 6.61 13.23 -34.56
N GLU E 67 6.75 14.51 -34.92
CA GLU E 67 6.98 15.55 -33.95
C GLU E 67 5.96 15.47 -32.82
N ALA E 68 4.70 15.22 -33.18
CA ALA E 68 3.62 15.11 -32.21
C ALA E 68 3.66 13.81 -31.43
N LEU E 69 3.53 12.68 -32.13
CA LEU E 69 3.35 11.36 -31.48
C LEU E 69 4.59 10.77 -30.82
N VAL E 70 5.76 11.22 -31.26
CA VAL E 70 7.02 10.71 -30.75
C VAL E 70 7.78 11.71 -29.88
N ASP E 71 8.18 12.84 -30.44
CA ASP E 71 8.88 13.90 -29.68
C ASP E 71 8.05 14.48 -28.52
N LYS E 72 6.82 14.91 -28.80
CA LYS E 72 5.95 15.41 -27.75
C LYS E 72 4.96 14.31 -27.32
N ALA E 73 5.44 13.08 -27.19
CA ALA E 73 4.60 11.95 -26.90
C ALA E 73 3.71 12.14 -25.68
N GLU E 74 4.29 12.53 -24.54
CA GLU E 74 3.49 12.68 -23.31
C GLU E 74 2.27 13.59 -23.55
N ALA E 75 2.51 14.75 -24.16
CA ALA E 75 1.46 15.71 -24.43
C ALA E 75 0.39 15.22 -25.40
N PHE E 76 0.77 14.38 -26.36
CA PHE E 76 -0.17 13.93 -27.42
C PHE E 76 -0.70 12.52 -27.30
N SER E 77 -0.80 11.97 -26.09
CA SER E 77 -1.11 10.55 -25.92
C SER E 77 -2.57 10.23 -25.63
N GLY E 78 -3.40 11.25 -25.54
CA GLY E 78 -4.77 11.05 -25.06
C GLY E 78 -5.64 10.57 -26.19
N ARG E 79 -6.72 9.90 -25.83
CA ARG E 79 -7.65 9.42 -26.83
C ARG E 79 -8.83 10.40 -26.96
N GLY E 80 -9.14 10.81 -28.18
CA GLY E 80 -10.43 11.45 -28.44
C GLY E 80 -11.59 10.45 -28.57
N LYS E 81 -12.72 10.90 -29.08
CA LYS E 81 -13.82 9.97 -29.23
C LYS E 81 -14.46 10.05 -30.61
N ILE E 82 -15.13 8.96 -30.97
CA ILE E 82 -15.80 8.87 -32.25
C ILE E 82 -17.30 8.89 -32.05
N ALA E 83 -17.92 9.98 -32.51
CA ALA E 83 -19.29 10.32 -32.14
C ALA E 83 -20.25 9.19 -32.31
N MET E 84 -20.04 8.39 -33.34
CA MET E 84 -20.95 7.30 -33.70
C MET E 84 -20.96 6.16 -32.71
N VAL E 85 -19.88 5.97 -31.96
CA VAL E 85 -19.78 4.87 -31.01
C VAL E 85 -19.65 5.30 -29.54
N ASP E 86 -19.36 6.58 -29.32
CA ASP E 86 -19.10 7.04 -27.95
C ASP E 86 -20.23 6.69 -27.00
N PRO E 87 -21.51 6.83 -27.42
CA PRO E 87 -22.60 6.42 -26.53
C PRO E 87 -22.49 4.96 -26.04
N PHE E 88 -21.95 4.10 -26.90
CA PHE E 88 -21.73 2.76 -26.45
C PHE E 88 -20.53 2.63 -25.52
N PHE E 89 -19.39 3.18 -25.92
CA PHE E 89 -18.15 2.98 -25.16
C PHE E 89 -17.96 3.87 -23.94
N ARG E 90 -18.28 5.16 -24.12
CA ARG E 90 -18.21 6.15 -23.08
C ARG E 90 -16.97 5.99 -22.22
N GLY E 91 -15.81 5.93 -22.87
CA GLY E 91 -14.53 5.85 -22.19
C GLY E 91 -14.02 4.53 -21.69
N TYR E 92 -14.78 3.43 -21.89
CA TYR E 92 -14.41 2.04 -21.46
C TYR E 92 -13.76 1.15 -22.54
N GLY E 93 -12.90 0.21 -22.15
CA GLY E 93 -12.22 -0.66 -23.12
C GLY E 93 -10.97 0.06 -23.65
N VAL E 94 -9.88 -0.68 -23.89
CA VAL E 94 -8.59 -0.03 -24.20
C VAL E 94 -8.59 1.02 -25.32
N ILE E 95 -9.31 0.73 -26.42
CA ILE E 95 -9.31 1.67 -27.55
C ILE E 95 -9.65 3.16 -27.16
N PHE E 96 -10.72 3.31 -26.39
CA PHE E 96 -11.26 4.59 -26.02
C PHE E 96 -11.02 4.95 -24.58
N ALA E 97 -10.26 4.13 -23.86
CA ALA E 97 -9.93 4.45 -22.49
C ALA E 97 -8.95 5.62 -22.38
N ASN E 98 -9.05 6.40 -21.32
CA ASN E 98 -8.03 7.38 -21.05
C ASN E 98 -7.33 7.27 -19.68
N GLY E 99 -6.32 8.10 -19.46
CA GLY E 99 -5.56 8.07 -18.20
C GLY E 99 -5.25 6.67 -17.61
N ASN E 100 -5.52 6.46 -16.32
CA ASN E 100 -5.09 5.22 -15.70
C ASN E 100 -5.85 4.02 -16.17
N ARG E 101 -7.13 4.20 -16.47
CA ARG E 101 -7.89 3.08 -17.03
C ARG E 101 -7.19 2.50 -18.24
N TRP E 102 -6.63 3.39 -19.06
CA TRP E 102 -5.92 2.96 -20.24
C TRP E 102 -4.59 2.32 -19.89
N LYS E 103 -3.77 2.99 -19.08
CA LYS E 103 -2.49 2.40 -18.65
C LYS E 103 -2.69 0.93 -18.27
N VAL E 104 -3.70 0.65 -17.44
CA VAL E 104 -3.98 -0.69 -16.98
C VAL E 104 -4.48 -1.64 -18.08
N LEU E 105 -5.48 -1.21 -18.84
CA LEU E 105 -6.07 -2.04 -19.90
C LEU E 105 -5.08 -2.39 -20.99
N ARG E 106 -4.34 -1.40 -21.47
CA ARG E 106 -3.27 -1.61 -22.43
C ARG E 106 -2.28 -2.61 -21.89
N ARG E 107 -1.63 -2.31 -20.77
CA ARG E 107 -0.66 -3.25 -20.20
C ARG E 107 -1.19 -4.69 -20.23
N PHE E 108 -2.42 -4.88 -19.73
CA PHE E 108 -3.06 -6.19 -19.72
C PHE E 108 -3.24 -6.75 -21.12
N SER E 109 -3.85 -5.99 -22.01
CA SER E 109 -4.09 -6.44 -23.37
C SER E 109 -2.81 -6.84 -24.11
N VAL E 110 -1.73 -6.06 -23.94
CA VAL E 110 -0.45 -6.41 -24.54
C VAL E 110 0.07 -7.72 -23.95
N THR E 111 0.27 -7.79 -22.64
CA THR E 111 0.83 -8.98 -22.00
C THR E 111 -0.05 -10.22 -22.12
N THR E 112 -1.06 -10.13 -22.99
CA THR E 112 -1.96 -11.24 -23.25
C THR E 112 -1.71 -11.68 -24.67
N MET E 113 -1.31 -10.72 -25.50
CA MET E 113 -0.96 -10.99 -26.89
C MET E 113 0.46 -11.55 -26.96
N ARG E 114 1.31 -11.09 -26.04
CA ARG E 114 2.70 -11.54 -26.00
C ARG E 114 2.90 -12.73 -25.05
N ASP E 115 2.29 -12.65 -23.88
CA ASP E 115 2.42 -13.73 -22.88
C ASP E 115 1.41 -14.83 -23.18
N PHE E 116 1.93 -15.90 -23.78
CA PHE E 116 1.07 -16.99 -24.16
C PHE E 116 1.10 -18.25 -23.30
N GLY E 117 -0.10 -18.79 -23.05
CA GLY E 117 -0.36 -19.94 -22.18
C GLY E 117 0.72 -21.01 -22.15
N MET E 118 1.06 -21.45 -20.95
CA MET E 118 2.14 -22.44 -20.72
C MET E 118 2.07 -23.64 -21.69
N GLY E 119 0.99 -24.44 -21.60
CA GLY E 119 0.75 -25.56 -22.53
C GLY E 119 0.25 -25.16 -23.91
N LYS E 120 -0.73 -24.24 -23.95
CA LYS E 120 -1.40 -23.73 -25.17
C LYS E 120 -0.47 -23.26 -26.33
N ARG E 121 -1.03 -23.22 -27.54
CA ARG E 121 -0.26 -22.99 -28.80
C ARG E 121 0.42 -21.61 -29.00
N SER E 122 1.31 -21.56 -29.99
CA SER E 122 1.99 -20.35 -30.42
C SER E 122 1.01 -19.50 -31.24
N VAL E 123 1.34 -18.23 -31.41
CA VAL E 123 0.51 -17.33 -32.21
C VAL E 123 0.64 -17.69 -33.70
N GLU E 124 1.88 -17.89 -34.13
CA GLU E 124 2.18 -18.32 -35.49
C GLU E 124 1.40 -19.59 -35.79
N GLU E 125 1.52 -20.57 -34.91
CA GLU E 125 0.84 -21.85 -35.12
C GLU E 125 -0.66 -21.71 -35.27
N ARG E 126 -1.27 -20.85 -34.46
CA ARG E 126 -2.69 -20.61 -34.58
C ARG E 126 -3.02 -20.14 -36.00
N ILE E 127 -2.25 -19.17 -36.49
CA ILE E 127 -2.41 -18.63 -37.85
C ILE E 127 -2.16 -19.69 -38.91
N GLN E 128 -1.09 -20.46 -38.74
CA GLN E 128 -0.74 -21.53 -39.67
C GLN E 128 -1.80 -22.59 -39.83
N GLU E 129 -2.51 -22.90 -38.74
CA GLU E 129 -3.63 -23.83 -38.78
C GLU E 129 -4.84 -23.20 -39.46
N GLU E 130 -5.13 -21.96 -39.10
CA GLU E 130 -6.22 -21.27 -39.74
C GLU E 130 -6.01 -21.33 -41.25
N ALA E 131 -4.86 -20.83 -41.72
CA ALA E 131 -4.55 -20.81 -43.15
C ALA E 131 -4.79 -22.17 -43.84
N GLN E 132 -4.42 -23.24 -43.16
CA GLN E 132 -4.77 -24.61 -43.58
C GLN E 132 -6.30 -24.89 -43.77
N CYS E 133 -7.13 -24.60 -42.78
CA CYS E 133 -8.58 -24.70 -42.93
C CYS E 133 -9.07 -23.90 -44.11
N LEU E 134 -8.49 -22.71 -44.26
CA LEU E 134 -8.85 -21.79 -45.34
C LEU E 134 -8.60 -22.40 -46.70
N ILE E 135 -7.40 -22.91 -46.95
CA ILE E 135 -7.14 -23.49 -48.25
C ILE E 135 -7.99 -24.74 -48.46
N GLU E 136 -8.20 -25.50 -47.39
CA GLU E 136 -9.02 -26.73 -47.46
C GLU E 136 -10.51 -26.41 -47.68
N GLU E 137 -10.81 -25.13 -47.88
CA GLU E 137 -12.16 -24.64 -48.01
C GLU E 137 -12.31 -23.95 -49.34
N LEU E 138 -11.22 -23.35 -49.79
CA LEU E 138 -11.14 -22.80 -51.13
C LEU E 138 -11.17 -23.88 -52.22
N ARG E 139 -10.54 -25.01 -51.90
CA ARG E 139 -10.62 -26.20 -52.73
C ARG E 139 -12.04 -26.76 -52.72
N LYS E 140 -12.67 -26.83 -51.54
CA LYS E 140 -14.05 -27.33 -51.46
C LYS E 140 -15.02 -26.51 -52.34
N SER E 141 -14.63 -25.27 -52.70
CA SER E 141 -15.43 -24.41 -53.57
C SER E 141 -15.27 -24.76 -55.05
N LYS E 142 -14.35 -25.70 -55.30
CA LYS E 142 -14.04 -26.20 -56.64
C LYS E 142 -14.01 -25.08 -57.72
N GLY E 143 -13.48 -23.91 -57.39
CA GLY E 143 -13.18 -22.86 -58.39
C GLY E 143 -14.27 -21.83 -58.70
N ALA E 144 -15.31 -21.87 -57.88
CA ALA E 144 -16.48 -21.03 -58.07
C ALA E 144 -16.15 -19.56 -57.87
N LEU E 145 -16.96 -18.68 -58.49
CA LEU E 145 -16.98 -17.26 -58.12
C LEU E 145 -17.56 -17.13 -56.75
N MET E 146 -16.93 -16.30 -55.93
CA MET E 146 -17.38 -16.01 -54.58
C MET E 146 -16.97 -14.60 -54.22
N ASP E 147 -17.67 -14.07 -53.23
CA ASP E 147 -17.23 -12.85 -52.57
C ASP E 147 -16.40 -13.24 -51.36
N PRO E 148 -15.10 -12.92 -51.37
CA PRO E 148 -14.23 -13.42 -50.32
C PRO E 148 -14.49 -12.78 -48.96
N THR E 149 -15.26 -11.69 -48.94
CA THR E 149 -15.54 -10.90 -47.71
C THR E 149 -15.74 -11.74 -46.45
N PHE E 150 -16.70 -12.68 -46.51
CA PHE E 150 -17.10 -13.46 -45.35
C PHE E 150 -15.98 -14.38 -44.89
N LEU E 151 -15.10 -14.80 -45.80
CA LEU E 151 -13.97 -15.67 -45.47
C LEU E 151 -12.78 -14.91 -44.93
N PHE E 152 -12.44 -13.79 -45.54
CA PHE E 152 -11.35 -12.99 -45.00
C PHE E 152 -11.70 -12.51 -43.60
N GLN E 153 -12.97 -12.19 -43.36
CA GLN E 153 -13.42 -11.88 -42.02
C GLN E 153 -13.26 -13.07 -41.08
N SER E 154 -13.74 -14.24 -41.52
CA SER E 154 -13.71 -15.44 -40.70
C SER E 154 -12.32 -15.83 -40.20
N ILE E 155 -11.32 -15.79 -41.09
CA ILE E 155 -9.98 -16.21 -40.72
C ILE E 155 -9.33 -15.26 -39.71
N THR E 156 -9.46 -13.95 -39.90
CA THR E 156 -8.83 -13.02 -38.97
C THR E 156 -9.51 -13.03 -37.61
N ALA E 157 -10.83 -13.20 -37.63
CA ALA E 157 -11.65 -13.28 -36.43
C ALA E 157 -11.29 -14.50 -35.64
N ASN E 158 -11.11 -15.62 -36.33
CA ASN E 158 -10.74 -16.87 -35.66
C ASN E 158 -9.40 -16.86 -34.95
N ILE E 159 -8.52 -15.93 -35.35
CA ILE E 159 -7.26 -15.75 -34.64
C ILE E 159 -7.44 -15.07 -33.27
N ILE E 160 -8.37 -14.12 -33.17
CA ILE E 160 -8.60 -13.53 -31.85
C ILE E 160 -9.45 -14.41 -30.98
N CYS E 161 -10.53 -14.97 -31.53
CA CYS E 161 -11.36 -15.90 -30.78
C CYS E 161 -10.45 -16.94 -30.14
N SER E 162 -9.46 -17.39 -30.90
CA SER E 162 -8.48 -18.30 -30.43
C SER E 162 -7.84 -17.79 -29.15
N ILE E 163 -7.30 -16.57 -29.18
CA ILE E 163 -6.68 -15.97 -27.99
C ILE E 163 -7.67 -15.61 -26.89
N VAL E 164 -8.82 -15.07 -27.27
CA VAL E 164 -9.82 -14.58 -26.34
C VAL E 164 -10.66 -15.70 -25.76
N PHE E 165 -11.38 -16.46 -26.56
CA PHE E 165 -12.22 -17.54 -26.04
C PHE E 165 -11.56 -18.90 -26.05
N GLY E 166 -10.33 -18.97 -26.53
CA GLY E 166 -9.64 -20.26 -26.66
C GLY E 166 -10.33 -21.26 -27.58
N LYS E 167 -10.66 -20.84 -28.81
CA LYS E 167 -11.33 -21.71 -29.79
C LYS E 167 -11.65 -20.97 -31.09
N ARG E 168 -12.15 -21.71 -32.07
CA ARG E 168 -12.51 -21.16 -33.37
C ARG E 168 -13.93 -21.56 -33.78
N PHE E 169 -14.42 -20.96 -34.86
CA PHE E 169 -15.76 -21.22 -35.41
C PHE E 169 -15.67 -21.74 -36.86
N HIS E 170 -16.61 -22.60 -37.25
CA HIS E 170 -16.57 -23.18 -38.60
C HIS E 170 -17.15 -22.24 -39.65
N TYR E 171 -16.46 -22.12 -40.78
CA TYR E 171 -16.86 -21.18 -41.81
C TYR E 171 -18.36 -21.26 -42.16
N GLN E 172 -18.93 -22.47 -42.11
CA GLN E 172 -20.35 -22.69 -42.45
C GLN E 172 -21.30 -22.61 -41.23
N ASP E 173 -20.80 -22.08 -40.12
CA ASP E 173 -21.63 -21.83 -38.91
C ASP E 173 -22.45 -20.54 -39.04
N GLN E 174 -23.71 -20.63 -38.60
CA GLN E 174 -24.70 -19.53 -38.71
C GLN E 174 -24.56 -18.38 -37.70
N GLU E 175 -24.59 -18.68 -36.41
CA GLU E 175 -24.50 -17.64 -35.38
C GLU E 175 -23.25 -16.79 -35.60
N PHE E 176 -22.21 -17.45 -36.07
CA PHE E 176 -20.93 -16.86 -36.37
C PHE E 176 -21.04 -15.88 -37.54
N LEU E 177 -21.55 -16.39 -38.67
CA LEU E 177 -21.72 -15.56 -39.85
C LEU E 177 -22.60 -14.33 -39.57
N LYS E 178 -23.54 -14.46 -38.63
CA LYS E 178 -24.42 -13.37 -38.23
C LYS E 178 -23.62 -12.31 -37.45
N MET E 179 -22.78 -12.75 -36.51
CA MET E 179 -21.87 -11.83 -35.82
C MET E 179 -20.95 -11.01 -36.76
N LEU E 180 -20.25 -11.70 -37.66
CA LEU E 180 -19.28 -11.04 -38.53
C LEU E 180 -20.01 -10.02 -39.37
N ASN E 181 -21.23 -10.37 -39.77
CA ASN E 181 -22.06 -9.40 -40.44
C ASN E 181 -22.36 -8.14 -39.65
N LEU E 182 -22.55 -8.28 -38.35
CA LEU E 182 -22.79 -7.11 -37.50
C LEU E 182 -21.57 -6.23 -37.44
N PHE E 183 -20.38 -6.84 -37.48
CA PHE E 183 -19.13 -6.10 -37.49
C PHE E 183 -19.00 -5.32 -38.79
N TYR E 184 -19.15 -6.04 -39.90
CA TYR E 184 -19.02 -5.45 -41.21
C TYR E 184 -19.89 -4.21 -41.43
N GLN E 185 -21.15 -4.35 -41.04
CA GLN E 185 -22.17 -3.35 -41.26
C GLN E 185 -21.91 -2.17 -40.31
N THR E 186 -21.41 -2.47 -39.11
CA THR E 186 -21.14 -1.41 -38.15
C THR E 186 -20.02 -0.53 -38.67
N PHE E 187 -18.91 -1.18 -39.01
CA PHE E 187 -17.73 -0.48 -39.49
C PHE E 187 -18.09 0.27 -40.76
N SER E 188 -19.02 -0.30 -41.51
CA SER E 188 -19.50 0.31 -42.74
C SER E 188 -20.34 1.58 -42.48
N LEU E 189 -21.15 1.56 -41.41
CA LEU E 189 -21.98 2.70 -41.05
C LEU E 189 -21.15 3.85 -40.44
N ILE E 190 -20.12 3.50 -39.69
CA ILE E 190 -19.24 4.49 -39.07
C ILE E 190 -18.48 5.21 -40.15
N SER E 191 -18.19 4.49 -41.22
CA SER E 191 -17.35 5.03 -42.27
C SER E 191 -18.20 5.70 -43.33
N SER E 192 -19.52 5.57 -43.18
CA SER E 192 -20.46 6.17 -44.09
C SER E 192 -20.41 7.71 -44.13
N VAL E 193 -21.20 8.30 -45.01
CA VAL E 193 -21.28 9.75 -45.06
C VAL E 193 -22.07 10.31 -43.89
N PHE E 194 -23.16 9.64 -43.51
CA PHE E 194 -23.88 10.00 -42.31
C PHE E 194 -22.91 9.94 -41.14
N GLY E 195 -22.14 8.87 -41.10
CA GLY E 195 -21.17 8.69 -40.05
C GLY E 195 -20.28 9.90 -39.86
N GLN E 196 -19.93 10.54 -40.97
CA GLN E 196 -19.05 11.70 -40.92
C GLN E 196 -19.81 12.91 -40.44
N LEU E 197 -20.90 13.22 -41.12
CA LEU E 197 -21.84 14.23 -40.70
C LEU E 197 -22.16 14.10 -39.18
N PHE E 198 -22.31 12.87 -38.68
CA PHE E 198 -22.53 12.67 -37.24
C PHE E 198 -21.39 13.18 -36.38
N GLU E 199 -20.14 13.04 -36.83
CA GLU E 199 -19.01 13.59 -36.11
C GLU E 199 -19.12 15.10 -35.91
N LEU E 200 -19.62 15.78 -36.93
CA LEU E 200 -19.81 17.21 -36.89
C LEU E 200 -20.96 17.61 -36.00
N PHE E 201 -22.12 16.96 -36.18
CA PHE E 201 -23.34 17.38 -35.50
C PHE E 201 -24.07 16.32 -34.67
N SER E 202 -23.33 15.49 -33.95
CA SER E 202 -23.97 14.47 -33.11
C SER E 202 -24.95 15.11 -32.12
N GLY E 203 -24.60 16.29 -31.59
CA GLY E 203 -25.38 16.92 -30.53
C GLY E 203 -26.82 17.12 -30.95
N PHE E 204 -27.00 17.49 -32.21
CA PHE E 204 -28.33 17.68 -32.71
C PHE E 204 -28.89 16.36 -33.26
N LEU E 205 -28.07 15.59 -34.00
CA LEU E 205 -28.57 14.40 -34.67
C LEU E 205 -28.95 13.26 -33.75
N LYS E 206 -28.36 13.24 -32.55
CA LYS E 206 -28.65 12.24 -31.49
C LYS E 206 -30.16 11.97 -31.40
N HIS E 207 -30.95 13.03 -31.42
CA HIS E 207 -32.40 12.93 -31.18
C HIS E 207 -33.26 12.47 -32.35
N PHE E 208 -32.64 12.13 -33.48
CA PHE E 208 -33.41 11.67 -34.64
C PHE E 208 -32.95 10.31 -35.15
N PRO E 209 -33.83 9.60 -35.84
CA PRO E 209 -33.47 8.33 -36.44
C PRO E 209 -32.27 8.47 -37.34
N GLY E 210 -31.46 7.42 -37.44
CA GLY E 210 -30.32 7.41 -38.31
C GLY E 210 -29.33 6.34 -37.92
N ALA E 211 -28.24 6.25 -38.67
CA ALA E 211 -27.33 5.13 -38.48
C ALA E 211 -26.87 4.94 -37.03
N HIS E 212 -26.53 6.02 -36.35
CA HIS E 212 -26.00 5.94 -35.00
C HIS E 212 -26.81 4.95 -34.15
N ARG E 213 -28.12 4.92 -34.38
CA ARG E 213 -28.97 4.03 -33.60
C ARG E 213 -28.70 2.57 -33.92
N GLN E 214 -28.45 2.29 -35.21
CA GLN E 214 -28.08 0.94 -35.66
C GLN E 214 -26.71 0.47 -35.14
N VAL E 215 -25.74 1.35 -35.24
CA VAL E 215 -24.42 1.06 -34.72
C VAL E 215 -24.56 0.62 -33.26
N TYR E 216 -25.34 1.38 -32.49
CA TYR E 216 -25.59 1.10 -31.07
C TYR E 216 -26.23 -0.27 -30.90
N LYS E 217 -27.36 -0.51 -31.55
CA LYS E 217 -28.03 -1.83 -31.49
C LYS E 217 -27.05 -2.98 -31.85
N ASN E 218 -26.21 -2.76 -32.86
CA ASN E 218 -25.20 -3.78 -33.18
C ASN E 218 -24.16 -3.96 -32.06
N LEU E 219 -23.56 -2.88 -31.60
CA LEU E 219 -22.60 -2.98 -30.54
C LEU E 219 -23.19 -3.69 -29.33
N GLN E 220 -24.41 -3.32 -28.94
CA GLN E 220 -25.07 -3.99 -27.82
C GLN E 220 -25.23 -5.50 -28.03
N GLU E 221 -25.59 -5.88 -29.25
CA GLU E 221 -25.85 -7.26 -29.57
C GLU E 221 -24.60 -8.14 -29.50
N ILE E 222 -23.50 -7.62 -30.03
CA ILE E 222 -22.23 -8.32 -29.94
C ILE E 222 -21.86 -8.46 -28.46
N ASN E 223 -21.76 -7.32 -27.78
CA ASN E 223 -21.51 -7.26 -26.37
C ASN E 223 -22.35 -8.25 -25.56
N ALA E 224 -23.58 -8.52 -26.01
CA ALA E 224 -24.42 -9.44 -25.30
C ALA E 224 -23.88 -10.85 -25.39
N TYR E 225 -23.38 -11.20 -26.57
CA TYR E 225 -22.75 -12.51 -26.77
C TYR E 225 -21.49 -12.64 -25.90
N ILE E 226 -20.61 -11.66 -25.98
CA ILE E 226 -19.43 -11.62 -25.16
C ILE E 226 -19.80 -11.80 -23.71
N GLY E 227 -20.86 -11.13 -23.28
CA GLY E 227 -21.32 -11.17 -21.90
C GLY E 227 -21.68 -12.57 -21.44
N HIS E 228 -22.49 -13.25 -22.26
CA HIS E 228 -22.89 -14.64 -21.96
C HIS E 228 -21.66 -15.50 -21.90
N SER E 229 -20.78 -15.32 -22.87
CA SER E 229 -19.57 -16.10 -22.93
C SER E 229 -18.73 -15.91 -21.66
N VAL E 230 -18.67 -14.69 -21.16
CA VAL E 230 -17.95 -14.41 -19.93
C VAL E 230 -18.59 -15.20 -18.80
N GLU E 231 -19.90 -15.13 -18.67
CA GLU E 231 -20.63 -15.93 -17.67
C GLU E 231 -20.30 -17.46 -17.75
N LYS E 232 -20.35 -18.03 -18.94
CA LYS E 232 -19.99 -19.45 -19.15
C LYS E 232 -18.54 -19.71 -18.65
N HIS E 233 -17.60 -18.85 -19.02
CA HIS E 233 -16.21 -18.94 -18.52
C HIS E 233 -16.12 -18.94 -17.00
N ARG E 234 -16.79 -18.00 -16.34
CA ARG E 234 -16.71 -17.86 -14.87
C ARG E 234 -17.15 -19.12 -14.15
N GLU E 235 -18.11 -19.85 -14.73
CA GLU E 235 -18.55 -21.16 -14.19
C GLU E 235 -17.45 -22.21 -14.22
N THR E 236 -16.91 -22.45 -15.41
CA THR E 236 -15.95 -23.53 -15.59
C THR E 236 -14.51 -23.18 -15.18
N LEU E 237 -14.32 -22.01 -14.56
CA LEU E 237 -12.99 -21.40 -14.34
C LEU E 237 -12.07 -22.21 -13.44
N ASP E 238 -10.82 -22.39 -13.88
CA ASP E 238 -9.81 -23.10 -13.07
C ASP E 238 -8.61 -22.20 -12.66
N PRO E 239 -8.66 -21.63 -11.45
CA PRO E 239 -7.68 -20.69 -10.88
C PRO E 239 -6.20 -20.94 -11.17
N SER E 240 -5.82 -22.19 -11.43
CA SER E 240 -4.40 -22.47 -11.69
C SER E 240 -4.14 -23.05 -13.09
N ALA E 241 -5.17 -23.00 -13.94
CA ALA E 241 -5.03 -23.33 -15.36
C ALA E 241 -5.99 -22.48 -16.21
N PRO E 242 -5.62 -21.20 -16.47
CA PRO E 242 -6.38 -20.30 -17.33
C PRO E 242 -6.38 -20.75 -18.79
N ARG E 243 -7.54 -20.69 -19.45
CA ARG E 243 -7.66 -21.10 -20.85
C ARG E 243 -7.30 -20.03 -21.86
N ASP E 244 -7.51 -18.77 -21.50
CA ASP E 244 -7.49 -17.69 -22.49
C ASP E 244 -7.53 -16.30 -21.86
N LEU E 245 -7.67 -15.30 -22.71
CA LEU E 245 -7.69 -13.90 -22.27
C LEU E 245 -8.72 -13.74 -21.16
N ILE E 246 -9.95 -14.11 -21.44
CA ILE E 246 -11.03 -14.01 -20.47
C ILE E 246 -10.67 -14.57 -19.08
N ASP E 247 -10.17 -15.80 -19.03
CA ASP E 247 -9.78 -16.40 -17.76
C ASP E 247 -8.78 -15.52 -17.03
N THR E 248 -7.71 -15.13 -17.73
CA THR E 248 -6.67 -14.23 -17.18
C THR E 248 -7.26 -12.99 -16.51
N TYR E 249 -8.23 -12.36 -17.18
CA TYR E 249 -8.92 -11.18 -16.68
C TYR E 249 -9.81 -11.48 -15.47
N LEU E 250 -10.60 -12.55 -15.53
CA LEU E 250 -11.41 -12.98 -14.40
C LEU E 250 -10.60 -13.24 -13.13
N LEU E 251 -9.34 -13.65 -13.30
CA LEU E 251 -8.40 -13.83 -12.19
C LEU E 251 -7.78 -12.54 -11.67
N HIS E 252 -7.66 -11.52 -12.50
CA HIS E 252 -7.28 -10.20 -12.01
C HIS E 252 -8.44 -9.62 -11.23
N MET E 253 -9.66 -10.05 -11.56
CA MET E 253 -10.85 -9.61 -10.82
C MET E 253 -10.74 -10.24 -9.43
N GLU E 254 -9.62 -10.92 -9.19
CA GLU E 254 -9.28 -11.32 -7.84
C GLU E 254 -9.01 -10.04 -7.03
N LYS E 255 -8.84 -8.91 -7.73
CA LYS E 255 -8.62 -7.62 -7.07
C LYS E 255 -9.87 -6.94 -6.50
N GLU E 256 -10.88 -7.78 -6.23
CA GLU E 256 -12.16 -7.40 -5.62
C GLU E 256 -12.06 -6.50 -4.40
N LYS E 257 -10.92 -6.50 -3.73
CA LYS E 257 -10.76 -5.69 -2.52
C LYS E 257 -9.92 -4.44 -2.74
N SER E 258 -9.18 -4.39 -3.84
CA SER E 258 -8.13 -3.40 -4.08
C SER E 258 -8.43 -2.47 -5.26
N ALA E 260 -10.73 -1.83 -3.66
CA ALA E 260 -10.51 -0.53 -3.07
C ALA E 260 -10.72 0.62 -4.05
N HIS E 261 -11.18 0.30 -5.26
CA HIS E 261 -11.28 1.28 -6.37
C HIS E 261 -10.34 0.83 -7.52
N SER E 262 -10.88 0.02 -8.43
CA SER E 262 -10.05 -0.80 -9.33
C SER E 262 -10.55 -0.94 -10.76
N GLU E 263 -9.62 -1.05 -11.69
CA GLU E 263 -9.97 -0.90 -13.09
C GLU E 263 -10.50 -2.15 -13.81
N PHE E 264 -10.64 -3.26 -13.09
CA PHE E 264 -11.12 -4.50 -13.71
C PHE E 264 -12.60 -4.77 -13.46
N SER E 265 -13.44 -3.85 -13.95
CA SER E 265 -14.89 -4.00 -13.94
C SER E 265 -15.36 -5.01 -14.96
N HIS E 266 -16.60 -5.48 -14.83
CA HIS E 266 -17.23 -6.23 -15.90
C HIS E 266 -17.40 -5.36 -17.12
N GLN E 267 -17.73 -4.09 -16.90
CA GLN E 267 -17.94 -3.20 -18.05
C GLN E 267 -16.67 -3.19 -18.88
N ASN E 268 -15.51 -3.09 -18.21
CA ASN E 268 -14.28 -3.07 -18.96
C ASN E 268 -14.09 -4.37 -19.66
N LEU E 269 -14.40 -5.46 -18.97
CA LEU E 269 -14.20 -6.79 -19.53
C LEU E 269 -14.92 -6.90 -20.87
N ASN E 270 -16.23 -6.71 -20.82
CA ASN E 270 -17.00 -6.85 -22.00
C ASN E 270 -16.50 -6.03 -23.18
N LEU E 271 -16.53 -4.71 -23.02
CA LEU E 271 -16.12 -3.78 -24.06
C LEU E 271 -14.68 -3.97 -24.50
N ASN E 272 -13.79 -4.26 -23.55
CA ASN E 272 -12.38 -4.42 -23.89
C ASN E 272 -12.35 -5.54 -24.92
N THR E 273 -12.95 -6.67 -24.56
CA THR E 273 -13.06 -7.79 -25.46
C THR E 273 -13.72 -7.37 -26.79
N LEU E 274 -14.94 -6.87 -26.74
CA LEU E 274 -15.56 -6.27 -27.90
C LEU E 274 -14.53 -5.41 -28.66
N SER E 275 -13.78 -4.55 -27.94
CA SER E 275 -12.79 -3.69 -28.60
C SER E 275 -11.76 -4.49 -29.40
N LEU E 276 -11.18 -5.50 -28.76
CA LEU E 276 -10.15 -6.32 -29.38
C LEU E 276 -10.69 -7.03 -30.61
N PHE E 277 -11.64 -7.94 -30.39
CA PHE E 277 -12.40 -8.62 -31.42
C PHE E 277 -12.71 -7.80 -32.64
N PHE E 278 -13.33 -6.66 -32.43
CA PHE E 278 -13.72 -5.81 -33.53
C PHE E 278 -12.50 -5.31 -34.30
N ALA E 279 -11.55 -4.70 -33.60
CA ALA E 279 -10.35 -4.19 -34.25
C ALA E 279 -9.54 -5.27 -34.97
N GLY E 280 -9.36 -6.40 -34.30
CA GLY E 280 -8.57 -7.48 -34.86
C GLY E 280 -9.21 -8.22 -36.03
N THR E 281 -10.50 -8.00 -36.26
CA THR E 281 -11.20 -8.79 -37.26
C THR E 281 -11.40 -7.95 -38.49
N GLU E 282 -11.88 -6.72 -38.26
CA GLU E 282 -12.31 -5.85 -39.33
C GLU E 282 -11.23 -5.05 -40.06
N THR E 283 -10.02 -5.20 -39.57
CA THR E 283 -8.90 -4.40 -39.91
C THR E 283 -7.97 -5.05 -40.88
N THR E 284 -7.63 -6.28 -40.55
CA THR E 284 -6.81 -7.21 -41.30
C THR E 284 -7.64 -7.76 -42.46
N SER E 285 -8.86 -8.22 -42.16
CA SER E 285 -9.76 -8.72 -43.20
C SER E 285 -9.90 -7.68 -44.30
N THR E 286 -10.07 -6.42 -43.94
CA THR E 286 -10.14 -5.35 -44.95
C THR E 286 -8.87 -5.23 -45.80
N THR E 287 -7.69 -5.32 -45.17
CA THR E 287 -6.41 -5.22 -45.89
C THR E 287 -6.23 -6.40 -46.86
N LEU E 288 -6.46 -7.61 -46.35
CA LEU E 288 -6.48 -8.78 -47.21
C LEU E 288 -7.43 -8.65 -48.37
N ARG E 289 -8.63 -8.18 -48.09
CA ARG E 289 -9.62 -8.05 -49.14
C ARG E 289 -9.13 -7.13 -50.24
N TYR E 290 -8.51 -6.01 -49.86
CA TYR E 290 -7.94 -5.08 -50.81
C TYR E 290 -6.73 -5.68 -51.51
N GLY E 291 -5.93 -6.42 -50.76
CA GLY E 291 -4.77 -7.12 -51.32
C GLY E 291 -5.17 -7.94 -52.54
N PHE E 292 -6.15 -8.82 -52.38
CA PHE E 292 -6.55 -9.67 -53.46
C PHE E 292 -7.21 -8.95 -54.63
N LEU E 293 -7.98 -7.90 -54.36
CA LEU E 293 -8.44 -7.05 -55.43
C LEU E 293 -7.24 -6.45 -56.19
N LEU E 294 -6.19 -6.07 -55.48
CA LEU E 294 -5.04 -5.54 -56.17
C LEU E 294 -4.37 -6.60 -57.05
N MET E 295 -4.34 -7.84 -56.55
CA MET E 295 -3.74 -8.96 -57.28
C MET E 295 -4.46 -9.21 -58.61
N LEU E 296 -5.78 -9.11 -58.60
CA LEU E 296 -6.58 -9.24 -59.81
C LEU E 296 -6.25 -8.19 -60.84
N LYS E 297 -5.99 -6.97 -60.38
CA LYS E 297 -5.62 -5.90 -61.27
C LYS E 297 -4.16 -5.96 -61.70
N TYR E 298 -3.34 -6.76 -61.01
CA TYR E 298 -1.92 -6.78 -61.30
C TYR E 298 -1.39 -8.18 -61.27
N PRO E 299 -1.86 -9.01 -62.19
CA PRO E 299 -1.52 -10.42 -62.18
C PRO E 299 -0.04 -10.61 -62.26
N HIS E 300 0.67 -9.65 -62.87
CA HIS E 300 2.13 -9.70 -62.98
C HIS E 300 2.79 -9.74 -61.60
N VAL E 301 2.16 -9.02 -60.67
CA VAL E 301 2.62 -8.94 -59.30
C VAL E 301 2.34 -10.26 -58.59
N ALA E 302 1.11 -10.74 -58.75
CA ALA E 302 0.70 -12.04 -58.21
C ALA E 302 1.65 -13.16 -58.64
N GLU E 303 1.90 -13.24 -59.95
CA GLU E 303 2.87 -14.18 -60.52
C GLU E 303 4.28 -14.04 -59.95
N ARG E 304 4.75 -12.79 -59.83
CA ARG E 304 6.10 -12.54 -59.34
C ARG E 304 6.20 -12.87 -57.85
N VAL E 305 5.10 -12.66 -57.12
CA VAL E 305 5.01 -13.17 -55.75
C VAL E 305 4.96 -14.68 -55.76
N TYR E 306 4.19 -15.26 -56.69
CA TYR E 306 4.13 -16.72 -56.72
C TYR E 306 5.50 -17.31 -56.93
N ARG E 307 6.27 -16.76 -57.87
CA ARG E 307 7.61 -17.26 -58.14
C ARG E 307 8.49 -17.31 -56.91
N GLU E 308 8.59 -16.19 -56.19
CA GLU E 308 9.38 -16.13 -54.97
C GLU E 308 8.99 -17.22 -53.94
N ILE E 309 7.69 -17.48 -53.77
CA ILE E 309 7.22 -18.51 -52.85
C ILE E 309 7.72 -19.85 -53.37
N GLU E 310 7.63 -20.00 -54.69
CA GLU E 310 8.06 -21.23 -55.35
C GLU E 310 9.57 -21.41 -55.23
N GLN E 311 10.32 -20.34 -55.28
CA GLN E 311 11.75 -20.44 -55.16
C GLN E 311 12.25 -20.56 -53.74
N VAL E 312 11.53 -19.99 -52.81
CA VAL E 312 12.02 -19.97 -51.41
C VAL E 312 11.36 -20.99 -50.47
N ILE E 313 10.08 -21.25 -50.65
CA ILE E 313 9.37 -22.16 -49.77
C ILE E 313 9.10 -23.49 -50.46
N GLY E 314 8.77 -23.43 -51.74
CA GLY E 314 8.40 -24.64 -52.45
C GLY E 314 6.90 -24.78 -52.45
N PRO E 315 6.39 -25.77 -53.17
CA PRO E 315 4.95 -25.87 -53.36
C PRO E 315 4.23 -26.62 -52.24
N HIS E 316 4.96 -27.35 -51.39
CA HIS E 316 4.28 -28.13 -50.37
C HIS E 316 4.32 -27.55 -48.95
N ARG E 317 5.48 -27.51 -48.30
CA ARG E 317 5.55 -27.15 -46.88
C ARG E 317 4.96 -25.78 -46.64
N PRO E 318 4.07 -25.66 -45.64
CA PRO E 318 3.36 -24.41 -45.42
C PRO E 318 4.34 -23.29 -45.11
N PRO E 319 4.04 -22.07 -45.57
CA PRO E 319 4.89 -20.94 -45.21
C PRO E 319 4.94 -20.73 -43.70
N GLU E 320 6.00 -20.07 -43.24
CA GLU E 320 6.21 -19.78 -41.83
C GLU E 320 6.95 -18.43 -41.69
N LEU E 321 6.88 -17.81 -40.51
CA LEU E 321 7.38 -16.46 -40.36
C LEU E 321 8.84 -16.33 -40.72
N HIS E 322 9.57 -17.41 -40.47
CA HIS E 322 11.00 -17.49 -40.71
C HIS E 322 11.34 -17.05 -42.14
N ASP E 323 10.49 -17.43 -43.09
CA ASP E 323 10.71 -17.20 -44.53
C ASP E 323 10.73 -15.73 -44.92
N ARG E 324 10.23 -14.89 -44.04
CA ARG E 324 9.95 -13.50 -44.39
C ARG E 324 11.23 -12.76 -44.75
N ALA E 325 12.28 -12.96 -43.96
CA ALA E 325 13.60 -12.38 -44.19
C ALA E 325 14.14 -12.76 -45.58
N LYS E 326 13.97 -14.04 -45.93
CA LYS E 326 14.43 -14.61 -47.20
C LYS E 326 13.57 -14.23 -48.43
N MET E 327 12.49 -13.47 -48.25
CA MET E 327 11.64 -13.11 -49.42
C MET E 327 11.13 -11.66 -49.51
N PRO E 328 12.02 -10.74 -49.89
CA PRO E 328 11.72 -9.32 -49.89
C PRO E 328 10.59 -8.90 -50.80
N TYR E 329 10.47 -9.50 -51.97
CA TYR E 329 9.46 -8.96 -52.88
C TYR E 329 8.05 -9.09 -52.26
N THR E 330 7.74 -10.27 -51.71
CA THR E 330 6.46 -10.48 -51.05
C THR E 330 6.24 -9.45 -49.94
N GLU E 331 7.27 -9.27 -49.10
CA GLU E 331 7.25 -8.23 -48.08
C GLU E 331 6.96 -6.87 -48.67
N ALA E 332 7.66 -6.47 -49.72
CA ALA E 332 7.42 -5.17 -50.36
C ALA E 332 6.00 -5.03 -50.89
N VAL E 333 5.44 -6.14 -51.39
CA VAL E 333 4.08 -6.16 -51.94
C VAL E 333 3.10 -5.97 -50.82
N ILE E 334 3.32 -6.68 -49.72
CA ILE E 334 2.45 -6.57 -48.56
C ILE E 334 2.46 -5.14 -48.03
N TYR E 335 3.65 -4.60 -47.79
CA TYR E 335 3.83 -3.19 -47.39
C TYR E 335 3.05 -2.29 -48.30
N GLU E 336 3.21 -2.45 -49.61
CA GLU E 336 2.47 -1.63 -50.57
C GLU E 336 0.97 -1.79 -50.47
N ILE E 337 0.48 -3.02 -50.31
CA ILE E 337 -0.95 -3.21 -50.07
C ILE E 337 -1.48 -2.32 -48.93
N GLN E 338 -0.96 -2.47 -47.72
CA GLN E 338 -1.38 -1.65 -46.59
C GLN E 338 -1.25 -0.15 -46.87
N ARG E 339 -0.10 0.25 -47.43
CA ARG E 339 0.16 1.65 -47.71
C ARG E 339 -0.88 2.19 -48.66
N PHE E 340 -1.24 1.39 -49.65
CA PHE E 340 -2.20 1.82 -50.64
C PHE E 340 -3.63 1.69 -50.13
N SER E 341 -3.94 0.62 -49.40
CA SER E 341 -5.28 0.41 -48.85
C SER E 341 -5.61 1.51 -47.90
N ASP E 342 -4.59 2.00 -47.20
CA ASP E 342 -4.73 3.18 -46.34
C ASP E 342 -5.98 3.09 -45.45
N LEU E 343 -6.03 2.09 -44.61
CA LEU E 343 -7.20 1.75 -43.85
C LEU E 343 -7.77 2.79 -42.97
N LEU E 344 -6.96 3.46 -42.19
CA LEU E 344 -7.50 4.45 -41.26
C LEU E 344 -6.95 5.83 -41.63
N PRO E 345 -7.57 6.47 -42.63
CA PRO E 345 -6.99 7.66 -43.21
C PRO E 345 -6.66 8.81 -42.21
N MET E 346 -7.54 9.06 -41.24
CA MET E 346 -7.24 10.12 -40.26
C MET E 346 -6.82 9.53 -38.93
N GLY E 347 -6.31 8.30 -38.97
CA GLY E 347 -6.04 7.55 -37.76
C GLY E 347 -7.28 7.53 -36.89
N VAL E 348 -7.07 7.50 -35.58
CA VAL E 348 -8.16 7.59 -34.60
C VAL E 348 -7.92 8.83 -33.74
N PRO E 349 -8.99 9.60 -33.41
CA PRO E 349 -8.78 10.90 -32.76
C PRO E 349 -7.97 10.78 -31.48
N HIS E 350 -7.00 11.68 -31.35
CA HIS E 350 -6.26 11.84 -30.09
C HIS E 350 -6.76 13.11 -29.42
N ILE E 351 -6.35 13.31 -28.17
CA ILE E 351 -6.51 14.58 -27.45
C ILE E 351 -5.21 14.97 -26.76
N VAL E 352 -4.96 16.26 -26.61
CA VAL E 352 -3.78 16.62 -25.86
C VAL E 352 -4.07 16.59 -24.37
N THR E 353 -3.07 16.19 -23.60
CA THR E 353 -3.24 15.92 -22.20
C THR E 353 -2.79 17.12 -21.37
N GLN E 354 -2.40 18.20 -22.05
CA GLN E 354 -1.97 19.42 -21.39
C GLN E 354 -2.12 20.59 -22.37
N HIS E 355 -2.19 21.81 -21.86
CA HIS E 355 -1.86 23.00 -22.68
C HIS E 355 -0.49 22.73 -23.32
N THR E 356 -0.46 22.73 -24.65
CA THR E 356 0.63 22.10 -25.39
C THR E 356 1.16 23.05 -26.40
N SER E 357 2.47 23.19 -26.44
CA SER E 357 3.06 24.10 -27.39
C SER E 357 3.47 23.32 -28.65
N PHE E 358 3.22 23.88 -29.84
CA PHE E 358 3.52 23.16 -31.10
C PHE E 358 3.79 24.05 -32.30
N ARG E 359 4.97 23.90 -32.87
CA ARG E 359 5.39 24.78 -33.98
C ARG E 359 4.93 26.25 -33.79
N GLY E 360 5.09 26.77 -32.57
CA GLY E 360 4.67 28.14 -32.24
C GLY E 360 3.19 28.35 -31.95
N TYR E 361 2.39 27.30 -32.12
CA TYR E 361 0.97 27.38 -31.82
C TYR E 361 0.71 26.84 -30.44
N ILE E 362 -0.44 27.20 -29.87
CA ILE E 362 -0.81 26.62 -28.58
C ILE E 362 -2.11 25.85 -28.68
N ILE E 363 -2.04 24.57 -28.35
CA ILE E 363 -3.21 23.69 -28.34
C ILE E 363 -3.64 23.40 -26.91
N PRO E 364 -4.81 23.94 -26.48
CA PRO E 364 -5.29 23.78 -25.09
C PRO E 364 -5.58 22.37 -24.69
N LYS E 365 -5.27 22.02 -23.43
CA LYS E 365 -5.65 20.70 -22.84
C LYS E 365 -7.05 20.27 -23.29
N ASP E 366 -7.14 19.06 -23.83
CA ASP E 366 -8.39 18.40 -24.27
C ASP E 366 -8.87 18.71 -25.66
N THR E 367 -8.13 19.53 -26.39
CA THR E 367 -8.40 19.74 -27.82
C THR E 367 -8.26 18.40 -28.53
N GLU E 368 -9.19 18.08 -29.42
CA GLU E 368 -9.08 16.86 -30.21
C GLU E 368 -8.04 17.09 -31.29
N VAL E 369 -7.26 16.05 -31.58
CA VAL E 369 -6.23 16.11 -32.63
C VAL E 369 -6.26 14.89 -33.52
N PHE E 370 -6.54 15.10 -34.82
CA PHE E 370 -6.47 14.03 -35.81
C PHE E 370 -5.12 14.07 -36.46
N LEU E 371 -4.44 12.95 -36.47
CA LEU E 371 -3.20 12.83 -37.26
C LEU E 371 -3.52 12.13 -38.55
N ILE E 372 -3.63 12.91 -39.62
CA ILE E 372 -4.02 12.38 -40.92
C ILE E 372 -2.89 11.49 -41.40
N LEU E 373 -2.96 10.23 -40.96
CA LEU E 373 -1.97 9.20 -41.29
C LEU E 373 -1.78 9.07 -42.78
N SER E 374 -2.85 9.33 -43.51
CA SER E 374 -2.83 9.02 -44.90
C SER E 374 -2.12 10.12 -45.68
N THR E 375 -1.80 11.25 -45.04
CA THR E 375 -0.89 12.19 -45.72
C THR E 375 0.55 11.70 -45.66
N ALA E 376 0.85 10.76 -44.76
CA ALA E 376 2.19 10.19 -44.68
C ALA E 376 2.33 9.10 -45.73
N LEU E 377 1.48 8.08 -45.65
CA LEU E 377 1.42 7.01 -46.64
C LEU E 377 1.42 7.52 -48.08
N HIS E 378 0.90 8.71 -48.32
CA HIS E 378 0.80 9.23 -49.69
C HIS E 378 1.72 10.43 -49.97
N ASP E 379 2.75 10.58 -49.14
CA ASP E 379 3.72 11.66 -49.29
C ASP E 379 4.48 11.48 -50.60
N PRO E 380 4.47 12.50 -51.49
CA PRO E 380 5.18 12.37 -52.77
C PRO E 380 6.71 12.32 -52.61
N HIS E 381 7.19 12.89 -51.52
CA HIS E 381 8.60 13.01 -51.23
C HIS E 381 9.21 11.66 -50.83
N TYR E 382 8.35 10.66 -50.61
CA TYR E 382 8.79 9.34 -50.21
C TYR E 382 8.35 8.29 -51.23
N PHE E 383 7.35 8.63 -52.03
CA PHE E 383 6.87 7.70 -53.03
C PHE E 383 6.64 8.34 -54.41
N GLU E 384 7.58 8.12 -55.33
CA GLU E 384 7.36 8.37 -56.77
C GLU E 384 5.92 7.96 -57.18
N LYS E 385 5.14 8.92 -57.70
CA LYS E 385 3.74 8.70 -58.12
C LYS E 385 2.92 7.87 -57.09
N PRO E 386 2.57 8.49 -55.95
CA PRO E 386 2.04 7.82 -54.76
C PRO E 386 0.59 7.37 -54.90
N ASP E 387 -0.10 7.89 -55.91
CA ASP E 387 -1.50 7.56 -56.09
C ASP E 387 -1.68 6.17 -56.66
N ALA E 388 -0.57 5.58 -57.09
CA ALA E 388 -0.63 4.35 -57.86
C ALA E 388 -0.03 3.22 -57.06
N PHE E 389 -0.63 2.02 -57.20
CA PHE E 389 -0.12 0.83 -56.53
C PHE E 389 1.17 0.28 -57.17
N ASN E 390 2.27 0.30 -56.42
CA ASN E 390 3.58 -0.12 -56.95
C ASN E 390 4.55 -0.63 -55.87
N PRO E 391 4.74 -1.96 -55.82
CA PRO E 391 5.66 -2.57 -54.87
C PRO E 391 7.06 -1.97 -54.89
N ASP E 392 7.45 -1.32 -55.98
CA ASP E 392 8.82 -0.74 -56.09
C ASP E 392 9.09 0.25 -54.99
N HIS E 393 8.01 0.85 -54.49
CA HIS E 393 8.09 1.82 -53.40
C HIS E 393 8.82 1.29 -52.17
N PHE E 394 8.91 -0.04 -52.06
CA PHE E 394 9.56 -0.69 -50.92
C PHE E 394 10.73 -1.56 -51.30
N LEU E 395 11.28 -1.31 -52.49
CA LEU E 395 12.51 -1.97 -52.96
C LEU E 395 13.58 -0.95 -53.38
N ASP E 396 14.84 -1.27 -53.09
CA ASP E 396 15.98 -0.47 -53.57
C ASP E 396 16.30 -0.86 -55.00
N ALA E 397 17.49 -0.52 -55.49
CA ALA E 397 17.84 -0.82 -56.88
C ALA E 397 18.02 -2.32 -57.17
N ASN E 398 18.27 -3.13 -56.15
CA ASN E 398 18.55 -4.56 -56.35
C ASN E 398 17.39 -5.48 -56.04
N GLY E 399 16.23 -4.91 -55.71
CA GLY E 399 15.11 -5.70 -55.22
C GLY E 399 15.31 -6.23 -53.81
N ALA E 400 16.06 -5.47 -53.00
CA ALA E 400 16.14 -5.72 -51.57
C ALA E 400 15.11 -4.83 -50.86
N LEU E 401 14.65 -5.26 -49.69
CA LEU E 401 13.59 -4.56 -49.00
C LEU E 401 14.03 -3.18 -48.48
N LYS E 402 13.31 -2.13 -48.84
CA LYS E 402 13.66 -0.76 -48.45
C LYS E 402 12.61 -0.15 -47.52
N LYS E 403 12.75 -0.43 -46.23
CA LYS E 403 11.85 0.07 -45.21
C LYS E 403 11.94 1.59 -45.22
N THR E 404 10.81 2.26 -44.99
CA THR E 404 10.84 3.73 -44.84
C THR E 404 10.04 4.23 -43.64
N GLU E 405 10.55 5.29 -43.04
CA GLU E 405 9.98 5.86 -41.82
C GLU E 405 8.64 6.60 -42.05
N ALA E 406 8.24 6.76 -43.31
CA ALA E 406 6.96 7.34 -43.66
C ALA E 406 5.88 6.26 -43.74
N PHE E 407 6.27 5.00 -43.60
CA PHE E 407 5.31 3.90 -43.62
C PHE E 407 4.78 3.72 -42.22
N ILE E 408 3.73 4.46 -41.89
CA ILE E 408 3.18 4.41 -40.53
C ILE E 408 1.69 4.05 -40.49
N PRO E 409 1.30 2.91 -41.10
CA PRO E 409 -0.13 2.63 -41.18
C PRO E 409 -0.70 2.21 -39.82
N PHE E 410 0.20 1.92 -38.90
CA PHE E 410 -0.15 1.55 -37.55
C PHE E 410 0.00 2.69 -36.57
N SER E 411 0.17 3.92 -37.08
CA SER E 411 0.45 5.08 -36.24
C SER E 411 1.75 4.95 -35.42
N LEU E 412 1.93 5.81 -34.42
CA LEU E 412 3.21 5.91 -33.72
C LEU E 412 3.02 6.20 -32.24
N GLY E 413 4.07 5.95 -31.45
CA GLY E 413 4.12 6.42 -30.06
C GLY E 413 3.25 5.61 -29.12
N LYS E 414 2.72 6.28 -28.10
CA LYS E 414 2.09 5.56 -26.99
C LYS E 414 0.85 4.77 -27.38
N ARG E 415 0.09 5.28 -28.34
CA ARG E 415 -1.18 4.68 -28.70
C ARG E 415 -1.09 3.64 -29.82
N ILE E 416 0.03 3.66 -30.54
CA ILE E 416 0.31 2.72 -31.60
C ILE E 416 -0.19 1.29 -31.56
N CYS E 417 -0.77 0.80 -32.64
CA CYS E 417 -1.54 -0.44 -32.65
C CYS E 417 -0.80 -1.53 -31.89
N LEU E 418 -1.51 -2.19 -30.99
CA LEU E 418 -0.99 -3.31 -30.23
C LEU E 418 -1.06 -4.55 -31.02
N GLY E 419 -1.71 -4.50 -32.15
CA GLY E 419 -1.89 -5.69 -32.98
C GLY E 419 -0.79 -5.81 -34.02
N GLU E 420 0.01 -4.75 -34.18
CA GLU E 420 0.99 -4.71 -35.27
C GLU E 420 1.63 -6.05 -35.47
N GLY E 421 2.17 -6.62 -34.41
CA GLY E 421 2.80 -7.94 -34.48
C GLY E 421 1.91 -8.97 -35.13
N ILE E 422 0.73 -9.17 -34.56
CA ILE E 422 -0.25 -10.12 -35.08
C ILE E 422 -0.67 -9.80 -36.51
N ALA E 423 -0.94 -8.56 -36.82
CA ALA E 423 -1.45 -8.26 -38.14
C ALA E 423 -0.40 -8.62 -39.19
N ARG E 424 0.83 -8.20 -38.93
CA ARG E 424 1.90 -8.39 -39.88
C ARG E 424 2.12 -9.89 -40.08
N ALA E 425 1.86 -10.64 -39.03
CA ALA E 425 1.95 -12.07 -39.13
C ALA E 425 0.80 -12.68 -39.91
N GLU E 426 -0.40 -12.10 -39.81
CA GLU E 426 -1.54 -12.69 -40.51
C GLU E 426 -1.41 -12.34 -41.98
N LEU E 427 -1.04 -11.10 -42.26
CA LEU E 427 -0.94 -10.66 -43.64
C LEU E 427 0.06 -11.51 -44.42
N PHE E 428 1.19 -11.81 -43.79
CA PHE E 428 2.20 -12.59 -44.45
C PHE E 428 1.79 -14.05 -44.64
N LEU E 429 1.43 -14.72 -43.55
CA LEU E 429 1.05 -16.12 -43.61
C LEU E 429 -0.13 -16.38 -44.53
N PHE E 430 -1.22 -15.63 -44.32
CA PHE E 430 -2.45 -15.79 -45.09
C PHE E 430 -2.23 -15.49 -46.54
N PHE E 431 -1.49 -14.42 -46.80
CA PHE E 431 -1.24 -14.01 -48.16
C PHE E 431 -0.47 -15.07 -48.91
N THR E 432 0.71 -15.38 -48.40
CA THR E 432 1.58 -16.38 -49.02
C THR E 432 1.01 -17.80 -49.03
N THR E 433 0.34 -18.25 -47.97
CA THR E 433 -0.27 -19.57 -48.01
C THR E 433 -1.33 -19.67 -49.11
N ILE E 434 -2.15 -18.63 -49.27
CA ILE E 434 -3.23 -18.69 -50.25
C ILE E 434 -2.62 -18.76 -51.60
N LEU E 435 -1.63 -17.89 -51.84
CA LEU E 435 -0.91 -17.80 -53.11
C LEU E 435 -0.10 -19.03 -53.43
N GLN E 436 0.48 -19.64 -52.40
CA GLN E 436 1.18 -20.89 -52.58
C GLN E 436 0.29 -21.93 -53.26
N ASN E 437 -1.00 -21.97 -52.93
CA ASN E 437 -1.87 -23.03 -53.42
C ASN E 437 -2.85 -22.63 -54.52
N PHE E 438 -2.94 -21.33 -54.79
CA PHE E 438 -3.94 -20.81 -55.72
C PHE E 438 -3.45 -19.70 -56.65
N SER E 439 -4.30 -19.41 -57.62
CA SER E 439 -4.07 -18.32 -58.53
C SER E 439 -5.42 -17.68 -58.71
N MET E 440 -5.40 -16.47 -59.24
CA MET E 440 -6.54 -15.55 -59.15
C MET E 440 -7.22 -15.43 -60.48
N ALA E 441 -8.55 -15.50 -60.49
CA ALA E 441 -9.26 -15.12 -61.70
C ALA E 441 -10.56 -14.37 -61.45
N SER E 442 -10.87 -13.49 -62.39
CA SER E 442 -12.08 -12.71 -62.39
C SER E 442 -12.66 -12.63 -63.82
N PRO E 443 -13.98 -12.54 -63.93
CA PRO E 443 -14.57 -12.15 -65.19
C PRO E 443 -14.05 -10.78 -65.65
N VAL E 444 -13.91 -9.84 -64.71
CA VAL E 444 -13.45 -8.51 -65.05
C VAL E 444 -11.98 -8.50 -65.49
N ALA E 445 -11.68 -7.71 -66.52
CA ALA E 445 -10.31 -7.54 -66.96
C ALA E 445 -9.52 -6.60 -66.05
N PRO E 446 -8.22 -6.85 -65.90
CA PRO E 446 -7.29 -5.96 -65.21
C PRO E 446 -7.48 -4.46 -65.51
N GLU E 447 -7.47 -4.09 -66.79
CA GLU E 447 -7.60 -2.68 -67.17
C GLU E 447 -8.90 -2.04 -66.63
N ASP E 448 -9.87 -2.91 -66.31
CA ASP E 448 -11.24 -2.48 -66.01
C ASP E 448 -11.57 -2.54 -64.54
N ILE E 449 -10.69 -3.11 -63.73
CA ILE E 449 -10.96 -3.25 -62.32
C ILE E 449 -10.92 -1.89 -61.67
N ASP E 450 -11.99 -1.54 -60.96
CA ASP E 450 -12.07 -0.23 -60.34
C ASP E 450 -11.71 -0.30 -58.86
N LEU E 451 -10.69 0.44 -58.48
CA LEU E 451 -10.15 0.41 -57.11
C LEU E 451 -10.86 1.35 -56.13
N THR E 452 -11.54 2.36 -56.67
CA THR E 452 -12.31 3.32 -55.88
C THR E 452 -13.15 2.64 -54.80
N PRO E 453 -12.95 3.04 -53.52
CA PRO E 453 -13.68 2.48 -52.38
C PRO E 453 -15.15 2.90 -52.35
N GLN E 454 -16.04 2.04 -51.90
CA GLN E 454 -17.35 2.47 -51.44
C GLN E 454 -17.00 2.88 -50.05
N GLU E 455 -17.65 3.89 -49.51
CA GLU E 455 -17.35 4.37 -48.16
C GLU E 455 -15.87 4.73 -47.93
N CYS E 456 -15.64 5.99 -47.55
CA CYS E 456 -14.33 6.50 -47.19
C CYS E 456 -14.42 7.51 -46.04
N GLY E 457 -14.37 7.01 -44.82
CA GLY E 457 -14.54 7.88 -43.66
C GLY E 457 -13.46 7.63 -42.64
N VAL E 458 -13.86 7.12 -41.48
CA VAL E 458 -12.90 6.74 -40.47
C VAL E 458 -12.10 5.61 -41.04
N GLY E 459 -12.73 4.81 -41.89
CA GLY E 459 -12.08 3.68 -42.54
C GLY E 459 -12.29 3.71 -44.04
N LYS E 460 -11.30 3.27 -44.81
CA LYS E 460 -11.42 3.09 -46.26
C LYS E 460 -11.94 1.66 -46.47
N ILE E 461 -13.05 1.51 -47.17
CA ILE E 461 -13.64 0.18 -47.35
C ILE E 461 -13.65 -0.24 -48.83
N PRO E 462 -12.99 -1.37 -49.16
CA PRO E 462 -12.80 -1.63 -50.59
C PRO E 462 -14.12 -1.90 -51.26
N PRO E 463 -14.19 -1.65 -52.59
CA PRO E 463 -15.39 -1.93 -53.35
C PRO E 463 -15.65 -3.42 -53.33
N THR E 464 -16.90 -3.79 -53.45
CA THR E 464 -17.29 -5.18 -53.31
C THR E 464 -17.05 -5.91 -54.65
N TYR E 465 -16.36 -7.06 -54.60
CA TYR E 465 -15.96 -7.77 -55.82
C TYR E 465 -16.06 -9.30 -55.70
N GLN E 466 -16.16 -9.94 -56.86
CA GLN E 466 -16.21 -11.39 -57.01
C GLN E 466 -14.83 -11.91 -57.42
N ILE E 467 -14.42 -13.03 -56.85
CA ILE E 467 -13.16 -13.65 -57.27
C ILE E 467 -13.30 -15.16 -57.12
N ARG E 468 -12.49 -15.90 -57.88
CA ARG E 468 -12.46 -17.35 -57.81
C ARG E 468 -11.02 -17.84 -57.62
N PHE E 469 -10.86 -18.98 -56.94
CA PHE E 469 -9.52 -19.55 -56.66
C PHE E 469 -9.19 -20.88 -57.34
N LEU E 470 -8.15 -20.80 -58.19
CA LEU E 470 -7.78 -21.86 -59.11
C LEU E 470 -6.54 -22.61 -58.63
N PRO E 471 -6.70 -23.92 -58.30
CA PRO E 471 -5.60 -24.74 -57.79
C PRO E 471 -4.35 -24.72 -58.68
N ARG E 472 -3.17 -24.81 -58.07
CA ARG E 472 -1.91 -24.69 -58.79
C ARG E 472 -1.20 -26.04 -58.73
N LYS F 8 -32.16 32.45 10.26
CA LYS F 8 -32.99 32.29 9.06
C LYS F 8 -33.37 30.84 8.79
N GLY F 9 -32.39 30.02 8.51
CA GLY F 9 -32.66 28.63 8.25
C GLY F 9 -32.61 28.33 6.78
N LYS F 10 -32.38 29.31 5.94
CA LYS F 10 -31.99 28.92 4.61
C LYS F 10 -30.60 29.55 4.43
N LEU F 11 -30.25 29.90 3.19
CA LEU F 11 -29.08 30.73 2.87
C LEU F 11 -29.20 32.06 3.60
N PRO F 12 -28.07 32.75 3.89
CA PRO F 12 -28.14 34.10 4.51
C PRO F 12 -28.93 35.10 3.67
N PRO F 13 -29.45 36.14 4.32
CA PRO F 13 -30.35 37.02 3.59
C PRO F 13 -29.57 38.02 2.73
N GLY F 14 -30.29 38.80 1.95
CA GLY F 14 -29.66 39.75 1.06
C GLY F 14 -30.72 40.34 0.17
N PRO F 15 -30.29 41.09 -0.86
CA PRO F 15 -31.25 41.67 -1.77
C PRO F 15 -31.97 40.57 -2.56
N ARG F 16 -33.26 40.79 -2.85
CA ARG F 16 -34.04 39.85 -3.68
C ARG F 16 -33.52 39.90 -5.12
N PRO F 17 -33.18 38.71 -5.67
CA PRO F 17 -32.59 38.61 -6.99
C PRO F 17 -33.67 38.52 -8.05
N LEU F 18 -33.27 38.70 -9.30
CA LEU F 18 -34.16 38.52 -10.43
C LEU F 18 -33.66 37.33 -11.25
N PRO F 19 -34.57 36.49 -11.75
CA PRO F 19 -34.10 35.35 -12.53
C PRO F 19 -33.30 35.81 -13.73
N LEU F 20 -32.19 35.13 -14.03
CA LEU F 20 -31.37 35.45 -15.20
C LEU F 20 -30.46 36.69 -15.12
N LEU F 21 -30.64 37.52 -14.09
CA LEU F 21 -29.85 38.76 -13.96
C LEU F 21 -29.26 38.80 -12.55
N GLY F 22 -29.87 38.06 -11.63
CA GLY F 22 -29.48 38.09 -10.23
C GLY F 22 -29.74 39.46 -9.65
N ASN F 23 -28.81 39.90 -8.80
CA ASN F 23 -28.89 41.20 -8.14
C ASN F 23 -28.23 42.31 -8.96
N LEU F 24 -28.14 42.12 -10.27
CA LEU F 24 -27.49 43.11 -11.11
C LEU F 24 -28.03 44.50 -10.85
N LEU F 25 -29.35 44.64 -10.74
CA LEU F 25 -29.91 46.00 -10.63
C LEU F 25 -29.83 46.65 -9.22
N GLN F 26 -29.11 46.04 -8.29
CA GLN F 26 -28.94 46.66 -6.99
C GLN F 26 -27.47 46.89 -6.73
N MET F 27 -26.63 46.67 -7.72
CA MET F 27 -25.21 46.89 -7.55
C MET F 27 -24.94 48.34 -7.77
N ASP F 28 -23.65 48.68 -7.75
CA ASP F 28 -23.20 50.04 -7.81
C ASP F 28 -22.16 50.21 -8.88
N ARG F 29 -22.57 50.63 -10.06
CA ARG F 29 -21.64 50.89 -11.12
C ARG F 29 -20.55 51.46 -10.36
N ARG F 30 -19.38 50.91 -10.51
CA ARG F 30 -18.26 51.32 -9.72
C ARG F 30 -17.66 50.08 -9.12
N GLY F 31 -18.47 49.16 -8.70
CA GLY F 31 -17.80 48.00 -8.18
C GLY F 31 -18.49 46.88 -7.50
N LEU F 32 -17.81 45.77 -7.59
CA LEU F 32 -18.19 44.57 -6.90
C LEU F 32 -18.07 44.86 -5.41
N LEU F 33 -16.96 45.48 -5.02
CA LEU F 33 -16.75 45.75 -3.62
C LEU F 33 -17.67 46.85 -3.09
N LYS F 34 -17.72 47.99 -3.78
CA LYS F 34 -18.56 49.09 -3.31
C LYS F 34 -20.02 48.59 -3.15
N SER F 35 -20.46 47.79 -4.12
CA SER F 35 -21.76 47.06 -4.07
C SER F 35 -21.98 46.26 -2.80
N PHE F 36 -20.99 45.42 -2.50
CA PHE F 36 -21.04 44.58 -1.30
C PHE F 36 -21.07 45.44 -0.02
N LEU F 37 -20.25 46.49 0.03
CA LEU F 37 -20.29 47.42 1.16
C LEU F 37 -21.70 47.96 1.43
N ARG F 38 -22.42 48.37 0.37
CA ARG F 38 -23.79 48.88 0.52
C ARG F 38 -24.70 47.83 1.11
N PHE F 39 -24.58 46.60 0.62
CA PHE F 39 -25.42 45.51 1.11
C PHE F 39 -25.18 45.25 2.58
N ARG F 40 -23.91 45.31 2.99
CA ARG F 40 -23.54 45.09 4.37
C ARG F 40 -24.25 46.00 5.35
N GLU F 41 -24.42 47.26 4.97
CA GLU F 41 -25.11 48.24 5.82
C GLU F 41 -26.57 47.86 6.02
N LYS F 42 -27.16 47.22 5.03
CA LYS F 42 -28.57 46.82 5.11
C LYS F 42 -28.71 45.47 5.80
N TYR F 43 -27.84 44.51 5.51
CA TYR F 43 -28.03 43.12 5.93
C TYR F 43 -27.04 42.61 6.97
N GLY F 44 -26.05 43.42 7.34
CA GLY F 44 -25.14 42.98 8.40
C GLY F 44 -23.97 42.17 7.88
N ASP F 45 -23.31 41.45 8.78
CA ASP F 45 -21.99 40.94 8.48
C ASP F 45 -21.97 39.68 7.59
N VAL F 46 -23.09 38.96 7.54
CA VAL F 46 -23.23 37.73 6.77
C VAL F 46 -24.44 37.91 5.90
N PHE F 47 -24.26 37.82 4.58
CA PHE F 47 -25.38 38.01 3.63
C PHE F 47 -25.16 37.33 2.27
N THR F 48 -26.20 37.30 1.43
CA THR F 48 -26.16 36.55 0.18
C THR F 48 -26.44 37.43 -1.02
N VAL F 49 -25.53 37.37 -1.99
CA VAL F 49 -25.66 38.12 -3.24
C VAL F 49 -25.68 37.15 -4.40
N HIS F 50 -26.54 37.43 -5.36
CA HIS F 50 -26.63 36.61 -6.56
C HIS F 50 -25.85 37.24 -7.69
N LEU F 51 -24.58 36.86 -7.81
CA LEU F 51 -23.75 37.26 -8.92
C LEU F 51 -24.17 36.51 -10.18
N GLY F 52 -25.00 37.16 -11.00
CA GLY F 52 -25.60 36.45 -12.11
C GLY F 52 -26.42 35.28 -11.59
N PRO F 53 -26.24 34.12 -12.20
CA PRO F 53 -27.04 32.95 -11.86
C PRO F 53 -26.81 32.38 -10.45
N ARG F 54 -25.63 32.58 -9.83
CA ARG F 54 -25.28 31.90 -8.56
C ARG F 54 -25.52 32.71 -7.31
N PRO F 55 -25.84 32.03 -6.21
CA PRO F 55 -25.71 32.74 -4.95
C PRO F 55 -24.27 32.66 -4.51
N VAL F 56 -23.78 33.76 -3.96
CA VAL F 56 -22.46 33.81 -3.35
C VAL F 56 -22.65 34.42 -1.97
N VAL F 57 -22.00 33.84 -0.96
CA VAL F 57 -22.14 34.28 0.43
C VAL F 57 -20.97 35.15 0.81
N MET F 58 -21.27 36.37 1.29
CA MET F 58 -20.26 37.34 1.71
C MET F 58 -20.07 37.26 3.19
N LEU F 59 -18.83 37.36 3.64
CA LEU F 59 -18.57 37.44 5.06
C LEU F 59 -17.73 38.66 5.34
N CYS F 60 -18.23 39.47 6.26
CA CYS F 60 -17.60 40.74 6.61
C CYS F 60 -17.23 40.88 8.09
N GLY F 61 -16.18 41.65 8.35
CA GLY F 61 -15.73 41.88 9.70
C GLY F 61 -14.83 40.77 10.20
N VAL F 62 -13.94 41.10 11.12
CA VAL F 62 -12.93 40.15 11.55
C VAL F 62 -13.55 38.97 12.32
N GLU F 63 -14.62 39.22 13.08
CA GLU F 63 -15.25 38.17 13.86
C GLU F 63 -15.75 37.03 12.97
N ALA F 64 -16.55 37.41 11.98
CA ALA F 64 -17.14 36.48 11.02
C ALA F 64 -16.08 35.72 10.23
N ILE F 65 -15.17 36.45 9.61
CA ILE F 65 -14.10 35.82 8.85
C ILE F 65 -13.34 34.76 9.66
N ARG F 66 -12.94 35.11 10.89
CA ARG F 66 -12.21 34.17 11.75
C ARG F 66 -13.10 32.97 12.08
N GLU F 67 -14.36 33.23 12.38
CA GLU F 67 -15.30 32.16 12.69
C GLU F 67 -15.32 31.14 11.54
N ALA F 68 -15.32 31.65 10.30
CA ALA F 68 -15.36 30.79 9.13
C ALA F 68 -14.02 30.11 8.91
N LEU F 69 -12.98 30.90 8.69
CA LEU F 69 -11.67 30.38 8.25
C LEU F 69 -10.90 29.57 9.29
N VAL F 70 -11.11 29.90 10.55
CA VAL F 70 -10.39 29.25 11.64
C VAL F 70 -11.25 28.25 12.39
N ASP F 71 -12.36 28.70 12.98
CA ASP F 71 -13.18 27.83 13.81
C ASP F 71 -13.85 26.70 13.01
N LYS F 72 -14.44 27.06 11.87
CA LYS F 72 -15.04 26.08 10.98
C LYS F 72 -14.11 25.86 9.77
N ALA F 73 -12.81 25.68 10.04
CA ALA F 73 -11.83 25.61 8.96
C ALA F 73 -12.10 24.46 7.98
N GLU F 74 -12.39 23.26 8.51
CA GLU F 74 -12.62 22.12 7.64
C GLU F 74 -13.73 22.40 6.62
N ALA F 75 -14.86 22.93 7.10
CA ALA F 75 -15.96 23.31 6.22
C ALA F 75 -15.63 24.41 5.19
N PHE F 76 -14.77 25.36 5.55
CA PHE F 76 -14.55 26.53 4.70
C PHE F 76 -13.23 26.53 3.94
N SER F 77 -12.71 25.36 3.63
CA SER F 77 -11.35 25.29 3.09
C SER F 77 -11.22 25.26 1.57
N GLY F 78 -12.34 25.12 0.88
CA GLY F 78 -12.35 24.88 -0.57
C GLY F 78 -12.03 26.14 -1.33
N ARG F 79 -11.54 25.96 -2.55
CA ARG F 79 -11.27 27.08 -3.43
C ARG F 79 -12.41 27.23 -4.45
N GLY F 80 -12.90 28.46 -4.58
CA GLY F 80 -13.82 28.80 -5.66
C GLY F 80 -13.06 29.13 -6.92
N LYS F 81 -13.70 29.78 -7.89
CA LYS F 81 -12.95 30.08 -9.07
C LYS F 81 -13.14 31.50 -9.56
N ILE F 82 -12.22 31.98 -10.37
CA ILE F 82 -12.31 33.32 -10.91
C ILE F 82 -12.56 33.19 -12.37
N ALA F 83 -13.69 33.69 -12.80
CA ALA F 83 -14.26 33.45 -14.12
C ALA F 83 -13.30 33.83 -15.21
N MET F 84 -12.54 34.90 -15.00
CA MET F 84 -11.64 35.42 -16.03
C MET F 84 -10.47 34.51 -16.34
N VAL F 85 -10.07 33.71 -15.36
CA VAL F 85 -8.93 32.82 -15.55
C VAL F 85 -9.25 31.34 -15.47
N ASP F 86 -10.47 30.99 -15.02
CA ASP F 86 -10.83 29.57 -14.89
C ASP F 86 -10.63 28.75 -16.16
N PRO F 87 -10.97 29.30 -17.36
CA PRO F 87 -10.76 28.50 -18.56
C PRO F 87 -9.30 28.12 -18.71
N PHE F 88 -8.40 28.99 -18.24
CA PHE F 88 -6.99 28.62 -18.30
C PHE F 88 -6.58 27.60 -17.26
N PHE F 89 -6.93 27.78 -15.99
CA PHE F 89 -6.53 26.89 -14.91
C PHE F 89 -7.40 25.66 -14.67
N ARG F 90 -8.67 25.79 -14.86
CA ARG F 90 -9.60 24.65 -14.73
C ARG F 90 -9.22 23.67 -13.64
N GLY F 91 -8.92 24.19 -12.45
CA GLY F 91 -8.63 23.34 -11.30
C GLY F 91 -7.20 22.89 -11.06
N TYR F 92 -6.26 23.30 -11.92
CA TYR F 92 -4.86 22.88 -11.81
C TYR F 92 -3.96 23.92 -11.17
N GLY F 93 -2.92 23.47 -10.48
CA GLY F 93 -1.97 24.39 -9.83
C GLY F 93 -2.48 24.81 -8.47
N VAL F 94 -1.58 24.98 -7.50
CA VAL F 94 -1.98 25.14 -6.10
C VAL F 94 -3.07 26.18 -5.79
N ILE F 95 -2.98 27.37 -6.38
CA ILE F 95 -3.97 28.42 -6.13
C ILE F 95 -5.42 28.00 -6.37
N PHE F 96 -5.67 27.32 -7.49
CA PHE F 96 -7.00 26.92 -7.89
C PHE F 96 -7.30 25.44 -7.70
N ALA F 97 -6.37 24.72 -7.10
CA ALA F 97 -6.53 23.30 -6.93
C ALA F 97 -7.49 23.05 -5.78
N ASN F 98 -8.19 21.91 -5.84
CA ASN F 98 -9.03 21.52 -4.71
C ASN F 98 -8.77 20.09 -4.24
N GLY F 99 -9.41 19.69 -3.15
CA GLY F 99 -9.25 18.32 -2.65
C GLY F 99 -7.81 17.82 -2.55
N ASN F 100 -7.60 16.56 -2.94
CA ASN F 100 -6.28 15.96 -2.80
C ASN F 100 -5.24 16.61 -3.66
N ARG F 101 -5.61 17.02 -4.88
CA ARG F 101 -4.67 17.72 -5.75
C ARG F 101 -4.01 18.87 -5.03
N TRP F 102 -4.82 19.58 -4.25
CA TRP F 102 -4.34 20.71 -3.50
C TRP F 102 -3.50 20.26 -2.33
N LYS F 103 -4.01 19.30 -1.56
CA LYS F 103 -3.22 18.79 -0.43
C LYS F 103 -1.77 18.60 -0.88
N VAL F 104 -1.61 17.89 -2.00
CA VAL F 104 -0.30 17.55 -2.54
C VAL F 104 0.52 18.75 -3.03
N LEU F 105 -0.09 19.59 -3.86
CA LEU F 105 0.62 20.69 -4.46
C LEU F 105 1.05 21.64 -3.38
N ARG F 106 0.15 21.95 -2.45
CA ARG F 106 0.46 22.83 -1.34
C ARG F 106 1.68 22.31 -0.59
N ARG F 107 1.56 21.11 -0.02
CA ARG F 107 2.63 20.50 0.73
C ARG F 107 3.92 20.68 -0.02
N PHE F 108 3.92 20.33 -1.30
CA PHE F 108 5.11 20.46 -2.13
C PHE F 108 5.60 21.92 -2.22
N SER F 109 4.70 22.82 -2.57
CA SER F 109 5.07 24.21 -2.78
C SER F 109 5.64 24.86 -1.52
N VAL F 110 5.09 24.50 -0.36
CA VAL F 110 5.62 25.00 0.91
C VAL F 110 7.01 24.42 1.19
N THR F 111 7.13 23.09 1.25
CA THR F 111 8.41 22.48 1.54
C THR F 111 9.50 22.82 0.52
N THR F 112 9.23 23.71 -0.42
CA THR F 112 10.29 24.14 -1.34
C THR F 112 10.48 25.64 -1.33
N MET F 113 10.49 26.19 -0.13
CA MET F 113 10.96 27.52 0.22
C MET F 113 11.56 27.12 1.56
N ARG F 114 10.64 26.76 2.46
CA ARG F 114 10.95 26.15 3.78
C ARG F 114 11.95 24.99 3.75
N ASP F 115 12.18 24.37 2.58
CA ASP F 115 13.32 23.44 2.43
C ASP F 115 14.23 23.92 1.31
N PHE F 116 15.35 24.52 1.71
CA PHE F 116 16.27 25.05 0.73
C PHE F 116 17.58 24.32 0.49
N GLY F 117 17.91 24.22 -0.80
CA GLY F 117 19.04 23.46 -1.34
C GLY F 117 20.29 23.38 -0.46
N MET F 118 20.85 22.16 -0.36
CA MET F 118 21.98 21.86 0.52
C MET F 118 23.09 22.91 0.38
N GLY F 119 23.70 22.99 -0.81
CA GLY F 119 24.71 24.00 -1.11
C GLY F 119 24.18 25.42 -1.35
N LYS F 120 23.11 25.51 -2.16
CA LYS F 120 22.47 26.77 -2.59
C LYS F 120 22.11 27.78 -1.48
N ARG F 121 21.92 29.05 -1.87
CA ARG F 121 21.79 30.19 -0.95
C ARG F 121 20.53 30.27 -0.07
N SER F 122 20.58 31.18 0.90
CA SER F 122 19.49 31.48 1.83
C SER F 122 18.46 32.34 1.12
N VAL F 123 17.23 32.35 1.63
CA VAL F 123 16.18 33.16 1.05
C VAL F 123 16.49 34.62 1.29
N GLU F 124 16.84 34.93 2.54
CA GLU F 124 17.24 36.26 2.95
C GLU F 124 18.37 36.76 2.04
N GLU F 125 19.38 35.93 1.86
CA GLU F 125 20.52 36.32 1.04
C GLU F 125 20.11 36.59 -0.38
N ARG F 126 19.20 35.80 -0.93
CA ARG F 126 18.72 36.03 -2.28
C ARG F 126 18.15 37.44 -2.38
N ILE F 127 17.33 37.80 -1.41
CA ILE F 127 16.75 39.14 -1.33
C ILE F 127 17.81 40.24 -1.14
N GLN F 128 18.75 39.98 -0.24
CA GLN F 128 19.78 40.96 0.09
C GLN F 128 20.63 41.30 -1.12
N GLU F 129 20.85 40.32 -2.00
CA GLU F 129 21.61 40.51 -3.25
C GLU F 129 20.78 41.25 -4.24
N GLU F 130 19.51 40.87 -4.34
CA GLU F 130 18.63 41.58 -5.23
C GLU F 130 18.64 43.07 -4.87
N ALA F 131 18.34 43.38 -3.60
CA ALA F 131 18.31 44.78 -3.16
C ALA F 131 19.58 45.55 -3.55
N GLN F 132 20.73 44.88 -3.45
CA GLN F 132 21.99 45.44 -3.90
C GLN F 132 21.98 45.82 -5.39
N CYS F 133 21.64 44.89 -6.28
CA CYS F 133 21.49 45.21 -7.72
C CYS F 133 20.57 46.40 -7.93
N LEU F 134 19.51 46.42 -7.13
CA LEU F 134 18.47 47.42 -7.28
C LEU F 134 19.03 48.79 -6.97
N ILE F 135 19.74 48.94 -5.84
CA ILE F 135 20.29 50.26 -5.52
C ILE F 135 21.38 50.65 -6.51
N GLU F 136 22.14 49.65 -6.98
CA GLU F 136 23.22 49.90 -7.93
C GLU F 136 22.67 50.29 -9.31
N GLU F 137 21.36 50.43 -9.39
CA GLU F 137 20.67 50.65 -10.66
C GLU F 137 19.90 51.95 -10.53
N LEU F 138 19.44 52.23 -9.31
CA LEU F 138 18.84 53.50 -8.98
C LEU F 138 19.89 54.60 -9.01
N ARG F 139 21.08 54.25 -8.55
CA ARG F 139 22.27 55.07 -8.71
C ARG F 139 22.52 55.35 -10.20
N LYS F 140 22.54 54.30 -11.04
CA LYS F 140 22.80 54.45 -12.48
C LYS F 140 21.77 55.32 -13.23
N SER F 141 20.63 55.63 -12.60
CA SER F 141 19.61 56.52 -13.18
C SER F 141 19.92 57.99 -12.86
N LYS F 142 20.97 58.20 -12.06
CA LYS F 142 21.49 59.52 -11.66
C LYS F 142 20.42 60.56 -11.25
N GLY F 143 19.33 60.11 -10.62
CA GLY F 143 18.33 61.04 -10.05
C GLY F 143 17.15 61.43 -10.95
N ALA F 144 17.06 60.76 -12.11
CA ALA F 144 16.00 61.01 -13.09
C ALA F 144 14.60 60.64 -12.57
N LEU F 145 13.57 61.28 -13.13
CA LEU F 145 12.20 60.79 -12.96
C LEU F 145 12.02 59.46 -13.67
N MET F 146 11.34 58.53 -12.99
CA MET F 146 11.03 57.23 -13.56
C MET F 146 9.71 56.72 -13.02
N ASP F 147 9.10 55.79 -13.74
CA ASP F 147 7.99 55.04 -13.19
C ASP F 147 8.61 53.78 -12.60
N PRO F 148 8.51 53.62 -11.26
CA PRO F 148 9.16 52.49 -10.62
C PRO F 148 8.52 51.14 -10.96
N THR F 149 7.32 51.15 -11.53
CA THR F 149 6.58 49.93 -11.85
C THR F 149 7.44 48.76 -12.33
N PHE F 150 8.22 48.99 -13.38
CA PHE F 150 8.95 47.93 -14.05
C PHE F 150 10.05 47.37 -13.12
N LEU F 151 10.57 48.21 -12.23
CA LEU F 151 11.61 47.79 -11.29
C LEU F 151 11.07 47.06 -10.08
N PHE F 152 9.97 47.55 -9.52
CA PHE F 152 9.41 46.87 -8.38
C PHE F 152 8.95 45.47 -8.79
N GLN F 153 8.45 45.36 -10.01
CA GLN F 153 8.12 44.07 -10.59
C GLN F 153 9.34 43.16 -10.70
N SER F 154 10.40 43.67 -11.32
CA SER F 154 11.61 42.90 -11.56
C SER F 154 12.25 42.32 -10.30
N ILE F 155 12.35 43.12 -9.24
CA ILE F 155 13.01 42.66 -8.03
C ILE F 155 12.22 41.54 -7.33
N THR F 156 10.90 41.65 -7.26
CA THR F 156 10.11 40.60 -6.62
C THR F 156 10.06 39.34 -7.46
N ALA F 157 10.02 39.52 -8.77
CA ALA F 157 10.02 38.42 -9.74
C ALA F 157 11.33 37.64 -9.70
N ASN F 158 12.44 38.37 -9.57
CA ASN F 158 13.75 37.74 -9.50
C ASN F 158 13.92 36.84 -8.27
N ILE F 159 13.21 37.16 -7.19
CA ILE F 159 13.26 36.31 -6.03
C ILE F 159 12.57 34.99 -6.32
N ILE F 160 11.49 35.03 -7.09
CA ILE F 160 10.79 33.81 -7.49
C ILE F 160 11.68 32.99 -8.41
N CYS F 161 12.06 33.58 -9.55
CA CYS F 161 12.94 32.93 -10.50
C CYS F 161 14.11 32.26 -9.82
N SER F 162 14.65 32.97 -8.85
CA SER F 162 15.75 32.45 -8.11
C SER F 162 15.42 31.07 -7.53
N ILE F 163 14.30 30.95 -6.81
CA ILE F 163 13.87 29.66 -6.24
C ILE F 163 13.43 28.63 -7.29
N VAL F 164 12.67 29.10 -8.29
CA VAL F 164 12.05 28.25 -9.30
C VAL F 164 13.04 27.77 -10.33
N PHE F 165 13.63 28.70 -11.11
CA PHE F 165 14.60 28.39 -12.16
C PHE F 165 16.06 28.41 -11.73
N GLY F 166 16.32 28.84 -10.51
CA GLY F 166 17.68 28.94 -10.01
C GLY F 166 18.50 30.00 -10.74
N LYS F 167 17.99 31.22 -10.83
CA LYS F 167 18.69 32.32 -11.51
C LYS F 167 17.85 33.59 -11.57
N ARG F 168 18.47 34.67 -12.04
CA ARG F 168 17.81 35.97 -12.13
C ARG F 168 17.96 36.58 -13.53
N PHE F 169 17.23 37.67 -13.79
CA PHE F 169 17.26 38.36 -15.08
C PHE F 169 17.69 39.80 -14.90
N HIS F 170 18.38 40.34 -15.89
CA HIS F 170 18.89 41.71 -15.81
C HIS F 170 17.82 42.76 -16.11
N TYR F 171 17.79 43.80 -15.31
CA TYR F 171 16.75 44.83 -15.43
C TYR F 171 16.55 45.37 -16.86
N GLN F 172 17.64 45.48 -17.62
CA GLN F 172 17.58 45.97 -19.00
C GLN F 172 17.42 44.85 -20.05
N ASP F 173 17.03 43.65 -19.62
CA ASP F 173 16.71 42.52 -20.54
C ASP F 173 15.31 42.62 -21.15
N GLN F 174 15.21 42.32 -22.45
CA GLN F 174 13.98 42.48 -23.22
C GLN F 174 12.93 41.39 -23.03
N GLU F 175 13.30 40.13 -23.27
CA GLU F 175 12.33 39.02 -23.16
C GLU F 175 11.70 39.00 -21.75
N PHE F 176 12.48 39.45 -20.78
CA PHE F 176 12.06 39.58 -19.38
C PHE F 176 11.04 40.69 -19.23
N LEU F 177 11.40 41.88 -19.66
CA LEU F 177 10.52 43.04 -19.55
C LEU F 177 9.19 42.80 -20.27
N LYS F 178 9.22 41.95 -21.31
CA LYS F 178 8.02 41.57 -22.06
C LYS F 178 7.11 40.68 -21.20
N MET F 179 7.70 39.69 -20.51
CA MET F 179 6.95 38.82 -19.60
C MET F 179 6.26 39.60 -18.47
N LEU F 180 7.04 40.44 -17.77
CA LEU F 180 6.49 41.18 -16.63
C LEU F 180 5.33 42.02 -17.12
N ASN F 181 5.47 42.55 -18.33
CA ASN F 181 4.37 43.28 -18.94
C ASN F 181 3.11 42.46 -19.15
N LEU F 182 3.26 41.17 -19.43
CA LEU F 182 2.12 40.30 -19.58
C LEU F 182 1.45 40.04 -18.25
N PHE F 183 2.26 39.96 -17.20
CA PHE F 183 1.73 39.82 -15.85
C PHE F 183 0.92 41.05 -15.50
N TYR F 184 1.52 42.22 -15.70
CA TYR F 184 0.92 43.43 -15.21
C TYR F 184 -0.45 43.64 -15.83
N GLN F 185 -0.51 43.38 -17.13
CA GLN F 185 -1.66 43.66 -17.95
C GLN F 185 -2.73 42.60 -17.69
N THR F 186 -2.29 41.39 -17.38
CA THR F 186 -3.18 40.29 -17.07
C THR F 186 -3.80 40.52 -15.70
N PHE F 187 -3.00 41.06 -14.79
CA PHE F 187 -3.47 41.37 -13.44
C PHE F 187 -4.36 42.60 -13.48
N SER F 188 -4.11 43.48 -14.45
CA SER F 188 -4.89 44.67 -14.62
C SER F 188 -6.27 44.42 -15.21
N LEU F 189 -6.33 43.51 -16.16
CA LEU F 189 -7.59 43.15 -16.82
C LEU F 189 -8.55 42.35 -15.92
N ILE F 190 -7.99 41.50 -15.06
CA ILE F 190 -8.79 40.73 -14.12
C ILE F 190 -9.45 41.67 -13.14
N SER F 191 -8.74 42.74 -12.79
CA SER F 191 -9.21 43.66 -11.79
C SER F 191 -10.08 44.75 -12.41
N SER F 192 -10.16 44.75 -13.74
CA SER F 192 -10.91 45.77 -14.46
C SER F 192 -12.40 45.70 -14.19
N VAL F 193 -13.13 46.63 -14.79
CA VAL F 193 -14.59 46.63 -14.64
C VAL F 193 -15.23 45.50 -15.46
N PHE F 194 -14.75 45.29 -16.68
CA PHE F 194 -15.16 44.15 -17.44
C PHE F 194 -14.89 42.88 -16.62
N GLY F 195 -13.70 42.82 -16.03
CA GLY F 195 -13.28 41.67 -15.22
C GLY F 195 -14.32 41.30 -14.19
N GLN F 196 -14.95 42.33 -13.61
CA GLN F 196 -15.96 42.10 -12.60
C GLN F 196 -17.26 41.65 -13.23
N LEU F 197 -17.70 42.39 -14.25
CA LEU F 197 -18.87 42.01 -15.01
C LEU F 197 -18.75 40.58 -15.51
N PHE F 198 -17.53 40.14 -15.82
CA PHE F 198 -17.33 38.78 -16.29
C PHE F 198 -17.63 37.76 -15.20
N GLU F 199 -17.34 38.10 -13.94
CA GLU F 199 -17.64 37.22 -12.81
C GLU F 199 -19.10 36.94 -12.72
N LEU F 200 -19.90 37.97 -13.00
CA LEU F 200 -21.36 37.86 -12.99
C LEU F 200 -21.89 37.03 -14.17
N PHE F 201 -21.43 37.35 -15.38
CA PHE F 201 -22.07 36.82 -16.60
C PHE F 201 -21.12 36.14 -17.60
N SER F 202 -20.12 35.43 -17.08
CA SER F 202 -19.18 34.70 -17.93
C SER F 202 -19.91 33.78 -18.86
N GLY F 203 -20.95 33.09 -18.38
CA GLY F 203 -21.71 32.13 -19.18
C GLY F 203 -22.18 32.69 -20.51
N PHE F 204 -22.56 33.96 -20.50
CA PHE F 204 -22.97 34.60 -21.72
C PHE F 204 -21.81 35.33 -22.38
N LEU F 205 -20.96 35.99 -21.59
CA LEU F 205 -19.90 36.81 -22.20
C LEU F 205 -18.82 36.02 -22.86
N LYS F 206 -18.69 34.73 -22.46
CA LYS F 206 -17.71 33.76 -23.01
C LYS F 206 -17.67 33.85 -24.53
N HIS F 207 -18.84 34.01 -25.18
CA HIS F 207 -18.95 33.87 -26.63
C HIS F 207 -18.60 35.12 -27.43
N PHE F 208 -18.27 36.20 -26.73
CA PHE F 208 -17.98 37.44 -27.43
C PHE F 208 -16.59 37.96 -27.13
N PRO F 209 -16.03 38.76 -28.04
CA PRO F 209 -14.78 39.45 -27.80
C PRO F 209 -14.77 40.18 -26.46
N GLY F 210 -13.63 40.20 -25.81
CA GLY F 210 -13.49 40.97 -24.58
C GLY F 210 -12.20 40.60 -23.91
N ALA F 211 -11.91 41.23 -22.78
CA ALA F 211 -10.64 41.01 -22.08
C ALA F 211 -10.33 39.52 -21.78
N HIS F 212 -11.32 38.76 -21.33
CA HIS F 212 -11.16 37.35 -21.02
C HIS F 212 -10.30 36.63 -22.06
N ARG F 213 -10.46 37.01 -23.32
CA ARG F 213 -9.68 36.39 -24.38
C ARG F 213 -8.21 36.78 -24.31
N GLN F 214 -7.95 38.05 -24.00
CA GLN F 214 -6.58 38.55 -23.81
C GLN F 214 -5.88 37.94 -22.58
N VAL F 215 -6.62 37.85 -21.47
CA VAL F 215 -6.10 37.22 -20.25
C VAL F 215 -5.68 35.78 -20.55
N TYR F 216 -6.49 35.07 -21.34
CA TYR F 216 -6.14 33.72 -21.80
C TYR F 216 -4.85 33.69 -22.65
N LYS F 217 -4.82 34.43 -23.76
CA LYS F 217 -3.61 34.52 -24.60
C LYS F 217 -2.36 34.87 -23.76
N ASN F 218 -2.49 35.82 -22.84
CA ASN F 218 -1.38 36.09 -21.94
C ASN F 218 -0.96 34.85 -21.13
N LEU F 219 -1.91 34.24 -20.42
CA LEU F 219 -1.64 33.03 -19.60
C LEU F 219 -1.06 31.91 -20.45
N GLN F 220 -1.61 31.70 -21.62
CA GLN F 220 -0.96 30.75 -22.50
C GLN F 220 0.51 31.06 -22.82
N GLU F 221 0.80 32.34 -23.09
CA GLU F 221 2.14 32.73 -23.54
C GLU F 221 3.21 32.60 -22.46
N ILE F 222 2.85 32.99 -21.24
CA ILE F 222 3.75 32.81 -20.11
C ILE F 222 3.98 31.31 -19.94
N ASN F 223 2.89 30.54 -19.84
CA ASN F 223 2.93 29.10 -19.68
C ASN F 223 3.76 28.37 -20.72
N ALA F 224 3.75 28.89 -21.94
CA ALA F 224 4.65 28.41 -22.99
C ALA F 224 6.13 28.58 -22.61
N TYR F 225 6.52 29.76 -22.09
CA TYR F 225 7.90 29.98 -21.64
C TYR F 225 8.30 29.02 -20.54
N ILE F 226 7.45 28.90 -19.52
CA ILE F 226 7.61 27.94 -18.43
C ILE F 226 7.75 26.52 -18.97
N GLY F 227 6.92 26.17 -19.97
CA GLY F 227 7.00 24.87 -20.61
C GLY F 227 8.34 24.53 -21.24
N HIS F 228 8.86 25.45 -22.06
CA HIS F 228 10.17 25.28 -22.67
C HIS F 228 11.24 25.19 -21.59
N SER F 229 11.17 26.07 -20.61
CA SER F 229 12.14 26.05 -19.53
C SER F 229 12.12 24.70 -18.78
N VAL F 230 10.93 24.15 -18.55
CA VAL F 230 10.83 22.80 -17.98
C VAL F 230 11.57 21.78 -18.87
N GLU F 231 11.31 21.80 -20.18
CA GLU F 231 12.02 20.92 -21.13
C GLU F 231 13.55 21.05 -21.01
N LYS F 232 14.06 22.29 -20.98
CA LYS F 232 15.50 22.55 -20.86
C LYS F 232 16.03 21.95 -19.55
N HIS F 233 15.31 22.15 -18.45
CA HIS F 233 15.63 21.49 -17.16
C HIS F 233 15.70 19.96 -17.27
N ARG F 234 14.70 19.32 -17.86
CA ARG F 234 14.65 17.86 -17.96
C ARG F 234 15.87 17.25 -18.66
N GLU F 235 16.44 17.99 -19.61
CA GLU F 235 17.66 17.55 -20.31
C GLU F 235 18.87 17.54 -19.41
N THR F 236 19.14 18.67 -18.74
CA THR F 236 20.35 18.83 -17.95
C THR F 236 20.24 18.27 -16.52
N LEU F 237 19.15 17.55 -16.25
CA LEU F 237 18.77 17.14 -14.89
C LEU F 237 19.79 16.22 -14.21
N ASP F 238 20.14 16.52 -12.96
CA ASP F 238 21.02 15.64 -12.16
C ASP F 238 20.33 15.05 -10.90
N PRO F 239 19.83 13.80 -11.00
CA PRO F 239 19.07 13.08 -9.97
C PRO F 239 19.55 13.23 -8.53
N SER F 240 20.82 13.56 -8.31
CA SER F 240 21.33 13.66 -6.95
C SER F 240 21.94 15.04 -6.64
N ALA F 241 21.68 16.01 -7.51
CA ALA F 241 21.98 17.43 -7.25
C ALA F 241 20.94 18.35 -7.91
N PRO F 242 19.71 18.42 -7.35
CA PRO F 242 18.65 19.32 -7.85
C PRO F 242 19.04 20.80 -7.77
N ARG F 243 18.79 21.55 -8.85
CA ARG F 243 19.10 22.98 -8.84
C ARG F 243 18.04 23.89 -8.19
N ASP F 244 16.77 23.52 -8.28
CA ASP F 244 15.67 24.40 -7.94
C ASP F 244 14.33 23.67 -7.77
N LEU F 245 13.27 24.47 -7.66
CA LEU F 245 11.89 23.98 -7.56
C LEU F 245 11.58 22.98 -8.68
N ILE F 246 11.81 23.38 -9.94
CA ILE F 246 11.54 22.54 -11.11
C ILE F 246 12.23 21.19 -11.03
N ASP F 247 13.52 21.17 -10.68
CA ASP F 247 14.22 19.88 -10.53
C ASP F 247 13.50 18.98 -9.51
N THR F 248 13.25 19.54 -8.33
CA THR F 248 12.61 18.81 -7.23
C THR F 248 11.34 18.14 -7.73
N TYR F 249 10.55 18.90 -8.49
CA TYR F 249 9.27 18.42 -9.02
C TYR F 249 9.48 17.32 -10.05
N LEU F 250 10.44 17.52 -10.95
CA LEU F 250 10.74 16.52 -11.97
C LEU F 250 11.15 15.17 -11.35
N LEU F 251 11.74 15.25 -10.16
CA LEU F 251 12.14 14.06 -9.42
C LEU F 251 11.01 13.36 -8.68
N HIS F 252 9.97 14.11 -8.34
CA HIS F 252 8.75 13.51 -7.81
C HIS F 252 8.00 12.82 -8.93
N MET F 253 8.18 13.32 -10.16
CA MET F 253 7.60 12.68 -11.33
C MET F 253 8.12 11.29 -11.71
N GLU F 254 9.14 10.83 -11.00
CA GLU F 254 9.53 9.44 -11.08
C GLU F 254 8.40 8.61 -10.45
N LYS F 255 7.40 9.31 -9.89
CA LYS F 255 6.21 8.62 -9.32
C LYS F 255 5.36 8.10 -10.48
N GLU F 256 6.03 7.97 -11.63
CA GLU F 256 5.49 7.50 -12.91
C GLU F 256 4.67 6.21 -12.80
N LYS F 257 4.90 5.44 -11.75
CA LYS F 257 4.18 4.19 -11.62
C LYS F 257 3.07 4.22 -10.57
N SER F 258 3.10 5.25 -9.72
CA SER F 258 2.26 5.31 -8.51
C SER F 258 1.23 6.42 -8.57
N ALA F 260 0.35 5.13 -10.86
CA ALA F 260 -0.88 4.38 -10.56
C ALA F 260 -2.10 5.29 -10.50
N HIS F 261 -1.92 6.59 -10.81
CA HIS F 261 -2.95 7.64 -10.61
C HIS F 261 -2.43 8.71 -9.62
N SER F 262 -1.75 9.72 -10.15
CA SER F 262 -0.86 10.56 -9.37
C SER F 262 -0.86 12.03 -9.75
N GLU F 263 -0.66 12.88 -8.75
CA GLU F 263 -0.93 14.31 -8.92
C GLU F 263 0.20 15.12 -9.54
N PHE F 264 1.31 14.49 -9.90
CA PHE F 264 2.44 15.23 -10.48
C PHE F 264 2.46 15.21 -12.00
N SER F 265 1.45 15.81 -12.61
CA SER F 265 1.36 15.92 -14.06
C SER F 265 2.21 17.06 -14.56
N HIS F 266 2.49 17.06 -15.85
CA HIS F 266 3.09 18.25 -16.47
C HIS F 266 2.14 19.43 -16.33
N GLN F 267 0.84 19.16 -16.50
CA GLN F 267 -0.12 20.23 -16.46
C GLN F 267 0.05 20.99 -15.16
N ASN F 268 0.06 20.26 -14.05
CA ASN F 268 0.25 20.86 -12.74
C ASN F 268 1.59 21.57 -12.64
N LEU F 269 2.63 20.93 -13.19
CA LEU F 269 3.96 21.53 -13.19
C LEU F 269 3.90 22.93 -13.76
N ASN F 270 3.44 23.02 -15.00
CA ASN F 270 3.49 24.30 -15.66
C ASN F 270 2.54 25.29 -14.95
N LEU F 271 1.34 24.80 -14.64
CA LEU F 271 0.30 25.61 -14.03
C LEU F 271 0.68 26.06 -12.62
N ASN F 272 1.33 25.18 -11.88
CA ASN F 272 1.71 25.51 -10.52
C ASN F 272 2.76 26.57 -10.54
N THR F 273 3.77 26.37 -11.37
CA THR F 273 4.84 27.34 -11.50
C THR F 273 4.27 28.70 -11.94
N LEU F 274 3.48 28.70 -13.02
CA LEU F 274 2.77 29.89 -13.43
C LEU F 274 2.09 30.51 -12.21
N SER F 275 1.33 29.70 -11.48
CA SER F 275 0.69 30.17 -10.27
C SER F 275 1.67 30.91 -9.32
N LEU F 276 2.79 30.28 -8.99
CA LEU F 276 3.74 30.82 -8.02
C LEU F 276 4.31 32.13 -8.51
N PHE F 277 5.07 32.06 -9.59
CA PHE F 277 5.54 33.20 -10.34
C PHE F 277 4.60 34.39 -10.32
N PHE F 278 3.38 34.18 -10.80
CA PHE F 278 2.45 35.30 -10.92
C PHE F 278 2.11 35.90 -9.57
N ALA F 279 1.72 35.06 -8.62
CA ALA F 279 1.37 35.54 -7.28
C ALA F 279 2.53 36.29 -6.60
N GLY F 280 3.72 35.71 -6.67
CA GLY F 280 4.86 36.27 -5.96
C GLY F 280 5.45 37.51 -6.59
N THR F 281 5.02 37.79 -7.81
CA THR F 281 5.61 38.89 -8.52
C THR F 281 4.70 40.06 -8.39
N GLU F 282 3.44 39.83 -8.71
CA GLU F 282 2.46 40.90 -8.88
C GLU F 282 1.83 41.44 -7.60
N THR F 283 2.03 40.78 -6.47
CA THR F 283 1.41 41.27 -5.25
C THR F 283 2.35 42.10 -4.37
N THR F 284 3.59 41.65 -4.23
CA THR F 284 4.59 42.38 -3.47
C THR F 284 4.97 43.64 -4.21
N SER F 285 5.21 43.51 -5.51
CA SER F 285 5.54 44.66 -6.33
C SER F 285 4.44 45.70 -6.18
N THR F 286 3.19 45.28 -6.20
CA THR F 286 2.08 46.21 -6.00
C THR F 286 2.14 46.92 -4.65
N THR F 287 2.48 46.18 -3.59
CA THR F 287 2.53 46.73 -2.23
C THR F 287 3.67 47.72 -2.12
N LEU F 288 4.84 47.33 -2.60
CA LEU F 288 5.95 48.26 -2.66
C LEU F 288 5.60 49.51 -3.43
N ARG F 289 4.94 49.36 -4.57
CA ARG F 289 4.61 50.50 -5.41
C ARG F 289 3.74 51.48 -4.64
N TYR F 290 2.79 50.95 -3.89
CA TYR F 290 1.92 51.77 -3.07
C TYR F 290 2.71 52.39 -1.93
N GLY F 291 3.60 51.60 -1.35
CA GLY F 291 4.43 52.05 -0.25
C GLY F 291 5.11 53.35 -0.60
N PHE F 292 5.79 53.38 -1.74
CA PHE F 292 6.53 54.56 -2.13
C PHE F 292 5.68 55.74 -2.55
N LEU F 293 4.53 55.47 -3.16
CA LEU F 293 3.59 56.56 -3.35
C LEU F 293 3.21 57.16 -2.01
N LEU F 294 3.00 56.30 -1.01
CA LEU F 294 2.61 56.81 0.30
C LEU F 294 3.72 57.66 0.91
N MET F 295 4.97 57.25 0.71
CA MET F 295 6.12 57.99 1.23
C MET F 295 6.22 59.39 0.63
N LEU F 296 5.89 59.50 -0.65
CA LEU F 296 5.86 60.79 -1.32
C LEU F 296 4.83 61.72 -0.69
N LYS F 297 3.69 61.15 -0.32
CA LYS F 297 2.64 61.93 0.29
C LYS F 297 2.94 62.26 1.76
N TYR F 298 3.85 61.51 2.38
CA TYR F 298 4.07 61.64 3.82
C TYR F 298 5.55 61.66 4.14
N PRO F 299 6.27 62.69 3.65
CA PRO F 299 7.74 62.70 3.74
C PRO F 299 8.20 62.62 5.18
N HIS F 300 7.35 63.11 6.09
CA HIS F 300 7.58 63.01 7.54
C HIS F 300 7.75 61.58 8.01
N VAL F 301 6.96 60.68 7.43
CA VAL F 301 7.05 59.26 7.73
C VAL F 301 8.31 58.66 7.12
N ALA F 302 8.58 58.99 5.86
CA ALA F 302 9.81 58.58 5.20
C ALA F 302 11.05 58.99 6.00
N GLU F 303 11.11 60.26 6.41
CA GLU F 303 12.19 60.80 7.24
C GLU F 303 12.33 60.09 8.59
N ARG F 304 11.20 59.80 9.23
CA ARG F 304 11.22 59.14 10.52
C ARG F 304 11.61 57.68 10.39
N VAL F 305 11.24 57.05 9.28
CA VAL F 305 11.76 55.71 8.96
C VAL F 305 13.26 55.81 8.69
N TYR F 306 13.68 56.80 7.90
CA TYR F 306 15.10 56.97 7.62
C TYR F 306 15.92 57.08 8.90
N ARG F 307 15.44 57.88 9.83
CA ARG F 307 16.13 58.06 11.11
C ARG F 307 16.36 56.75 11.84
N GLU F 308 15.31 55.93 11.96
CA GLU F 308 15.43 54.64 12.64
C GLU F 308 16.48 53.74 11.99
N ILE F 309 16.52 53.72 10.66
CA ILE F 309 17.52 52.93 9.91
C ILE F 309 18.95 53.22 10.33
N GLU F 310 19.33 54.49 10.22
CA GLU F 310 20.67 54.94 10.60
C GLU F 310 20.95 54.71 12.09
N GLN F 311 19.99 55.06 12.95
CA GLN F 311 20.19 54.89 14.39
C GLN F 311 20.30 53.40 14.76
N VAL F 312 19.75 52.50 13.94
CA VAL F 312 19.79 51.06 14.25
C VAL F 312 20.73 50.25 13.35
N ILE F 313 20.79 50.60 12.08
CA ILE F 313 21.61 49.86 11.10
C ILE F 313 22.86 50.65 10.71
N GLY F 314 22.69 51.95 10.54
CA GLY F 314 23.78 52.80 10.08
C GLY F 314 23.66 52.99 8.59
N PRO F 315 24.53 53.82 8.01
CA PRO F 315 24.39 54.17 6.61
C PRO F 315 25.09 53.19 5.66
N HIS F 316 25.92 52.30 6.17
CA HIS F 316 26.65 51.40 5.26
C HIS F 316 26.15 49.94 5.20
N ARG F 317 26.35 49.17 6.26
CA ARG F 317 26.04 47.72 6.23
C ARG F 317 24.59 47.49 5.82
N PRO F 318 24.37 46.58 4.87
CA PRO F 318 23.02 46.36 4.30
C PRO F 318 22.08 45.87 5.39
N PRO F 319 20.80 46.29 5.32
CA PRO F 319 19.83 45.78 6.30
C PRO F 319 19.73 44.25 6.27
N GLU F 320 19.29 43.65 7.36
CA GLU F 320 19.10 42.22 7.44
C GLU F 320 17.91 41.91 8.36
N LEU F 321 17.31 40.72 8.21
CA LEU F 321 16.06 40.42 8.89
C LEU F 321 16.18 40.58 10.39
N HIS F 322 17.38 40.35 10.90
CA HIS F 322 17.66 40.43 12.32
C HIS F 322 17.23 41.78 12.91
N ASP F 323 17.40 42.85 12.11
CA ASP F 323 17.17 44.21 12.55
C ASP F 323 15.71 44.51 12.83
N ARG F 324 14.82 43.66 12.32
CA ARG F 324 13.39 43.92 12.35
C ARG F 324 12.85 44.08 13.78
N ALA F 325 13.25 43.17 14.67
CA ALA F 325 12.91 43.23 16.10
C ALA F 325 13.30 44.57 16.76
N LYS F 326 14.50 45.04 16.44
CA LYS F 326 15.06 46.30 16.94
C LYS F 326 14.50 47.58 16.32
N MET F 327 13.61 47.48 15.34
CA MET F 327 13.08 48.70 14.72
C MET F 327 11.57 48.75 14.43
N PRO F 328 10.77 49.00 15.48
CA PRO F 328 9.30 48.91 15.41
C PRO F 328 8.63 49.95 14.47
N TYR F 329 9.14 51.19 14.41
CA TYR F 329 8.48 52.18 13.59
C TYR F 329 8.41 51.75 12.13
N THR F 330 9.52 51.22 11.62
CA THR F 330 9.56 50.75 10.23
C THR F 330 8.55 49.60 10.05
N GLU F 331 8.59 48.65 10.97
CA GLU F 331 7.61 47.59 10.97
C GLU F 331 6.19 48.11 10.95
N ALA F 332 5.87 49.04 11.84
CA ALA F 332 4.52 49.60 11.85
C ALA F 332 4.15 50.29 10.55
N VAL F 333 5.13 50.93 9.91
CA VAL F 333 4.89 51.62 8.63
C VAL F 333 4.58 50.61 7.57
N ILE F 334 5.39 49.57 7.50
CA ILE F 334 5.16 48.48 6.55
C ILE F 334 3.80 47.84 6.73
N TYR F 335 3.47 47.41 7.96
CA TYR F 335 2.13 46.92 8.27
C TYR F 335 1.05 47.88 7.75
N GLU F 336 1.18 49.18 8.06
CA GLU F 336 0.19 50.17 7.62
C GLU F 336 0.09 50.25 6.10
N ILE F 337 1.24 50.24 5.41
CA ILE F 337 1.23 50.12 3.96
C ILE F 337 0.32 48.97 3.52
N GLN F 338 0.66 47.74 3.86
CA GLN F 338 -0.15 46.58 3.48
C GLN F 338 -1.63 46.73 3.82
N ARG F 339 -1.92 47.20 5.03
CA ARG F 339 -3.28 47.35 5.53
C ARG F 339 -4.03 48.38 4.69
N PHE F 340 -3.34 49.46 4.33
CA PHE F 340 -3.96 50.54 3.58
C PHE F 340 -4.04 50.27 2.09
N SER F 341 -2.99 49.66 1.51
CA SER F 341 -3.00 49.23 0.10
C SER F 341 -4.10 48.20 -0.16
N ASP F 342 -4.38 47.36 0.84
CA ASP F 342 -5.53 46.46 0.80
C ASP F 342 -5.60 45.74 -0.55
N LEU F 343 -4.59 44.91 -0.81
CA LEU F 343 -4.34 44.38 -2.14
C LEU F 343 -5.41 43.43 -2.70
N LEU F 344 -5.97 42.59 -1.84
CA LEU F 344 -7.01 41.66 -2.25
C LEU F 344 -8.24 41.97 -1.42
N PRO F 345 -9.06 42.90 -1.91
CA PRO F 345 -10.19 43.34 -1.11
C PRO F 345 -11.22 42.24 -0.78
N MET F 346 -11.49 41.36 -1.74
CA MET F 346 -12.43 40.28 -1.45
C MET F 346 -11.73 38.93 -1.24
N GLY F 347 -10.44 39.00 -0.94
CA GLY F 347 -9.62 37.81 -0.85
C GLY F 347 -9.72 37.09 -2.18
N VAL F 348 -9.67 35.76 -2.11
CA VAL F 348 -9.88 34.90 -3.29
C VAL F 348 -11.00 33.94 -2.96
N PRO F 349 -11.92 33.68 -3.91
CA PRO F 349 -13.13 32.92 -3.60
C PRO F 349 -12.84 31.56 -2.95
N HIS F 350 -13.58 31.25 -1.90
CA HIS F 350 -13.58 29.93 -1.28
C HIS F 350 -14.88 29.26 -1.67
N ILE F 351 -14.99 27.97 -1.37
CA ILE F 351 -16.29 27.25 -1.41
C ILE F 351 -16.43 26.38 -0.20
N VAL F 352 -17.63 26.15 0.28
CA VAL F 352 -17.74 25.24 1.41
C VAL F 352 -17.71 23.76 0.96
N THR F 353 -17.05 22.94 1.76
CA THR F 353 -16.77 21.57 1.40
C THR F 353 -17.82 20.59 1.96
N GLN F 354 -18.84 21.17 2.60
CA GLN F 354 -19.97 20.41 3.13
C GLN F 354 -21.20 21.32 3.25
N HIS F 355 -22.39 20.72 3.36
CA HIS F 355 -23.55 21.45 3.87
C HIS F 355 -23.11 21.95 5.23
N THR F 356 -23.17 23.25 5.44
CA THR F 356 -22.44 23.90 6.52
C THR F 356 -23.37 24.80 7.29
N SER F 357 -23.28 24.70 8.61
CA SER F 357 -24.09 25.55 9.47
C SER F 357 -23.29 26.78 9.87
N PHE F 358 -23.92 27.95 9.83
CA PHE F 358 -23.22 29.19 10.18
C PHE F 358 -24.12 30.31 10.69
N ARG F 359 -23.88 30.73 11.94
CA ARG F 359 -24.69 31.76 12.57
C ARG F 359 -26.19 31.54 12.33
N GLY F 360 -26.62 30.29 12.40
CA GLY F 360 -28.02 29.95 12.20
C GLY F 360 -28.49 29.86 10.77
N TYR F 361 -27.57 30.09 9.83
CA TYR F 361 -27.87 29.94 8.40
C TYR F 361 -27.31 28.63 7.89
N ILE F 362 -27.79 28.18 6.74
CA ILE F 362 -27.22 26.99 6.15
C ILE F 362 -26.67 27.34 4.78
N ILE F 363 -25.39 27.03 4.60
CA ILE F 363 -24.73 27.20 3.32
C ILE F 363 -24.42 25.85 2.71
N PRO F 364 -25.12 25.47 1.60
CA PRO F 364 -24.99 24.12 1.01
C PRO F 364 -23.62 23.88 0.41
N LYS F 365 -23.20 22.60 0.43
CA LYS F 365 -21.94 22.17 -0.20
C LYS F 365 -21.76 22.82 -1.55
N ASP F 366 -20.61 23.47 -1.75
CA ASP F 366 -20.18 24.03 -3.04
C ASP F 366 -20.67 25.41 -3.32
N THR F 367 -21.34 26.02 -2.36
CA THR F 367 -21.63 27.44 -2.43
C THR F 367 -20.35 28.24 -2.41
N GLU F 368 -20.21 29.20 -3.32
CA GLU F 368 -19.03 30.09 -3.29
C GLU F 368 -19.08 31.05 -2.10
N VAL F 369 -17.95 31.31 -1.47
CA VAL F 369 -17.92 32.25 -0.35
C VAL F 369 -16.77 33.21 -0.49
N PHE F 370 -17.08 34.50 -0.59
CA PHE F 370 -16.03 35.55 -0.50
C PHE F 370 -15.78 36.00 0.92
N LEU F 371 -14.55 36.06 1.34
CA LEU F 371 -14.22 36.67 2.62
C LEU F 371 -13.70 38.04 2.35
N ILE F 372 -14.53 39.04 2.54
CA ILE F 372 -14.23 40.44 2.23
C ILE F 372 -13.18 40.88 3.22
N LEU F 373 -11.93 40.58 2.88
CA LEU F 373 -10.79 40.81 3.75
C LEU F 373 -10.68 42.26 4.11
N SER F 374 -11.16 43.10 3.21
CA SER F 374 -10.90 44.49 3.38
C SER F 374 -11.90 45.12 4.34
N THR F 375 -12.92 44.37 4.77
CA THR F 375 -13.76 44.86 5.86
C THR F 375 -13.04 44.67 7.20
N ALA F 376 -12.00 43.83 7.23
CA ALA F 376 -11.20 43.62 8.44
C ALA F 376 -10.18 44.76 8.53
N LEU F 377 -9.30 44.80 7.54
CA LEU F 377 -8.30 45.86 7.45
C LEU F 377 -8.87 47.25 7.67
N HIS F 378 -10.16 47.44 7.42
CA HIS F 378 -10.78 48.76 7.54
C HIS F 378 -11.84 48.86 8.65
N ASP F 379 -11.80 47.92 9.57
CA ASP F 379 -12.67 47.91 10.74
C ASP F 379 -12.43 49.15 11.61
N PRO F 380 -13.48 49.96 11.88
CA PRO F 380 -13.26 51.18 12.68
C PRO F 380 -12.94 50.87 14.14
N HIS F 381 -13.40 49.70 14.58
CA HIS F 381 -13.28 49.25 15.95
C HIS F 381 -11.85 48.86 16.30
N TYR F 382 -11.01 48.79 15.27
CA TYR F 382 -9.60 48.45 15.46
C TYR F 382 -8.70 49.59 15.01
N PHE F 383 -9.22 50.48 14.17
CA PHE F 383 -8.40 51.58 13.64
C PHE F 383 -9.12 52.93 13.67
N GLU F 384 -8.76 53.77 14.64
CA GLU F 384 -9.18 55.16 14.67
C GLU F 384 -9.01 55.76 13.26
N LYS F 385 -10.09 56.34 12.73
CA LYS F 385 -10.13 56.88 11.35
C LYS F 385 -9.38 56.00 10.32
N PRO F 386 -9.99 54.83 9.95
CA PRO F 386 -9.37 53.77 9.14
C PRO F 386 -9.19 54.11 7.66
N ASP F 387 -9.86 55.14 7.18
CA ASP F 387 -9.75 55.51 5.77
C ASP F 387 -8.42 56.18 5.45
N ALA F 388 -7.69 56.54 6.50
CA ALA F 388 -6.52 57.39 6.34
C ALA F 388 -5.26 56.61 6.70
N PHE F 389 -4.19 56.89 5.95
CA PHE F 389 -2.90 56.22 6.18
C PHE F 389 -2.19 56.76 7.43
N ASN F 390 -2.00 55.90 8.43
CA ASN F 390 -1.37 56.31 9.68
C ASN F 390 -0.71 55.16 10.43
N PRO F 391 0.64 55.13 10.41
CA PRO F 391 1.44 54.13 11.10
C PRO F 391 1.07 53.94 12.57
N ASP F 392 0.46 54.95 13.18
CA ASP F 392 0.14 54.89 14.61
C ASP F 392 -0.77 53.70 14.92
N HIS F 393 -1.51 53.25 13.89
CA HIS F 393 -2.41 52.12 14.01
C HIS F 393 -1.72 50.87 14.53
N PHE F 394 -0.40 50.82 14.39
CA PHE F 394 0.38 49.64 14.80
C PHE F 394 1.42 49.94 15.86
N LEU F 395 1.20 51.04 16.56
CA LEU F 395 2.05 51.42 17.68
C LEU F 395 1.18 51.63 18.93
N ASP F 396 1.71 51.23 20.09
CA ASP F 396 1.11 51.57 21.38
C ASP F 396 1.53 52.99 21.80
N ALA F 397 1.36 53.32 23.08
CA ALA F 397 1.62 54.69 23.52
C ALA F 397 3.11 55.08 23.50
N ASN F 398 4.00 54.09 23.52
CA ASN F 398 5.44 54.35 23.60
C ASN F 398 6.20 54.21 22.28
N GLY F 399 5.47 53.98 21.20
CA GLY F 399 6.09 53.66 19.91
C GLY F 399 6.70 52.27 19.88
N ALA F 400 6.08 51.33 20.61
CA ALA F 400 6.39 49.90 20.52
C ALA F 400 5.37 49.24 19.59
N LEU F 401 5.78 48.16 18.92
CA LEU F 401 4.96 47.54 17.90
C LEU F 401 3.70 46.88 18.48
N LYS F 402 2.53 47.29 18.00
CA LYS F 402 1.24 46.76 18.49
C LYS F 402 0.54 45.93 17.41
N LYS F 403 0.89 44.64 17.37
CA LYS F 403 0.26 43.68 16.46
C LYS F 403 -1.24 43.56 16.78
N THR F 404 -2.06 43.39 15.76
CA THR F 404 -3.51 43.20 15.96
C THR F 404 -4.08 42.10 15.09
N GLU F 405 -5.01 41.37 15.69
CA GLU F 405 -5.61 40.18 15.10
C GLU F 405 -6.56 40.48 13.92
N ALA F 406 -6.78 41.78 13.69
CA ALA F 406 -7.59 42.25 12.56
C ALA F 406 -6.71 42.59 11.36
N PHE F 407 -5.40 42.47 11.53
CA PHE F 407 -4.48 42.62 10.41
C PHE F 407 -4.31 41.29 9.70
N ILE F 408 -5.19 41.03 8.74
CA ILE F 408 -5.19 39.74 8.06
C ILE F 408 -5.09 39.89 6.53
N PRO F 409 -4.07 40.64 6.04
CA PRO F 409 -4.00 40.89 4.59
C PRO F 409 -3.58 39.64 3.83
N PHE F 410 -3.17 38.62 4.57
CA PHE F 410 -2.78 37.34 4.00
C PHE F 410 -3.86 36.30 4.21
N SER F 411 -5.06 36.72 4.61
CA SER F 411 -6.14 35.78 4.95
C SER F 411 -5.76 34.83 6.13
N LEU F 412 -6.56 33.79 6.34
CA LEU F 412 -6.40 32.91 7.51
C LEU F 412 -6.63 31.45 7.20
N GLY F 413 -6.09 30.59 8.06
CA GLY F 413 -6.47 29.16 8.07
C GLY F 413 -5.83 28.37 6.95
N LYS F 414 -6.53 27.34 6.46
CA LYS F 414 -5.91 26.37 5.56
C LYS F 414 -5.34 26.96 4.27
N ARG F 415 -6.02 27.97 3.72
CA ARG F 415 -5.63 28.47 2.41
C ARG F 415 -4.66 29.63 2.49
N ILE F 416 -4.54 30.24 3.65
CA ILE F 416 -3.65 31.35 3.88
C ILE F 416 -2.32 31.41 3.20
N CYS F 417 -1.97 32.58 2.66
CA CYS F 417 -0.85 32.75 1.73
C CYS F 417 0.38 31.92 2.08
N LEU F 418 0.94 31.21 1.13
CA LEU F 418 2.13 30.48 1.43
C LEU F 418 3.34 31.32 1.15
N GLY F 419 3.13 32.56 0.80
CA GLY F 419 4.24 33.47 0.61
C GLY F 419 4.46 34.42 1.77
N GLU F 420 3.55 34.38 2.76
CA GLU F 420 3.63 35.33 3.85
C GLU F 420 5.09 35.56 4.25
N GLY F 421 5.78 34.47 4.59
CA GLY F 421 7.17 34.52 5.01
C GLY F 421 8.00 35.37 4.07
N ILE F 422 8.04 34.95 2.82
CA ILE F 422 8.82 35.63 1.80
C ILE F 422 8.39 37.08 1.63
N ALA F 423 7.10 37.33 1.51
CA ALA F 423 6.63 38.67 1.24
C ALA F 423 7.11 39.63 2.34
N ARG F 424 6.90 39.23 3.59
CA ARG F 424 7.20 40.08 4.72
C ARG F 424 8.69 40.35 4.75
N ALA F 425 9.45 39.39 4.25
CA ALA F 425 10.88 39.54 4.14
C ALA F 425 11.27 40.48 3.01
N GLU F 426 10.54 40.46 1.90
CA GLU F 426 10.88 41.34 0.77
C GLU F 426 10.52 42.77 1.12
N LEU F 427 9.34 42.92 1.71
CA LEU F 427 8.86 44.25 2.02
C LEU F 427 9.83 44.93 2.97
N PHE F 428 10.35 44.17 3.94
CA PHE F 428 11.23 44.76 4.93
C PHE F 428 12.56 45.13 4.33
N LEU F 429 13.22 44.13 3.73
CA LEU F 429 14.54 44.33 3.15
C LEU F 429 14.56 45.38 2.04
N PHE F 430 13.65 45.23 1.06
CA PHE F 430 13.59 46.13 -0.08
C PHE F 430 13.27 47.56 0.30
N PHE F 431 12.33 47.70 1.23
CA PHE F 431 11.93 49.00 1.71
C PHE F 431 13.11 49.70 2.40
N THR F 432 13.59 49.08 3.49
CA THR F 432 14.67 49.66 4.26
C THR F 432 15.96 49.81 3.47
N THR F 433 16.32 48.87 2.60
CA THR F 433 17.53 49.04 1.80
C THR F 433 17.43 50.25 0.88
N ILE F 434 16.27 50.44 0.26
CA ILE F 434 16.09 51.56 -0.66
C ILE F 434 16.22 52.87 0.10
N LEU F 435 15.50 52.93 1.21
CA LEU F 435 15.49 54.12 2.04
C LEU F 435 16.81 54.39 2.69
N GLN F 436 17.56 53.34 3.00
CA GLN F 436 18.90 53.50 3.54
C GLN F 436 19.76 54.35 2.62
N ASN F 437 19.60 54.15 1.31
CA ASN F 437 20.49 54.79 0.33
C ASN F 437 19.89 55.96 -0.42
N PHE F 438 18.57 56.16 -0.26
CA PHE F 438 17.87 57.17 -1.02
C PHE F 438 16.83 57.99 -0.25
N SER F 439 16.36 59.04 -0.90
CA SER F 439 15.26 59.82 -0.41
C SER F 439 14.37 60.09 -1.61
N MET F 440 13.15 60.53 -1.33
CA MET F 440 12.08 60.54 -2.32
C MET F 440 11.78 61.93 -2.82
N ALA F 441 11.56 62.07 -4.12
CA ALA F 441 11.07 63.34 -4.64
C ALA F 441 10.14 63.17 -5.81
N SER F 442 9.18 64.09 -5.87
CA SER F 442 8.21 64.18 -6.95
C SER F 442 8.05 65.63 -7.37
N PRO F 443 7.67 65.86 -8.66
CA PRO F 443 7.15 67.18 -9.07
C PRO F 443 5.89 67.54 -8.28
N VAL F 444 5.03 66.54 -8.05
CA VAL F 444 3.77 66.73 -7.35
C VAL F 444 4.01 67.00 -5.87
N ALA F 445 3.24 67.94 -5.30
CA ALA F 445 3.27 68.21 -3.86
C ALA F 445 2.48 67.18 -3.06
N PRO F 446 2.91 66.91 -1.82
CA PRO F 446 2.24 66.01 -0.86
C PRO F 446 0.73 66.21 -0.77
N GLU F 447 0.30 67.45 -0.56
CA GLU F 447 -1.13 67.76 -0.44
C GLU F 447 -1.92 67.37 -1.70
N ASP F 448 -1.23 67.27 -2.83
CA ASP F 448 -1.85 67.07 -4.13
C ASP F 448 -1.78 65.63 -4.65
N ILE F 449 -1.04 64.78 -3.95
CA ILE F 449 -0.86 63.40 -4.39
C ILE F 449 -2.18 62.63 -4.23
N ASP F 450 -2.69 62.10 -5.33
CA ASP F 450 -3.95 61.38 -5.28
C ASP F 450 -3.76 59.88 -5.10
N LEU F 451 -4.33 59.35 -4.02
CA LEU F 451 -4.16 57.95 -3.66
C LEU F 451 -5.15 57.00 -4.33
N THR F 452 -6.23 57.56 -4.85
CA THR F 452 -7.27 56.79 -5.54
C THR F 452 -6.68 55.84 -6.59
N PRO F 453 -7.00 54.53 -6.47
CA PRO F 453 -6.50 53.51 -7.42
C PRO F 453 -7.17 53.62 -8.77
N GLN F 454 -6.43 53.34 -9.85
CA GLN F 454 -7.04 52.91 -11.12
C GLN F 454 -7.30 51.43 -10.88
N GLU F 455 -8.33 50.84 -11.47
CA GLU F 455 -8.68 49.42 -11.20
C GLU F 455 -8.86 49.02 -9.70
N CYS F 456 -10.08 48.64 -9.35
CA CYS F 456 -10.39 48.17 -8.00
C CYS F 456 -11.35 46.94 -8.03
N GLY F 457 -10.79 45.77 -8.29
CA GLY F 457 -11.62 44.57 -8.41
C GLY F 457 -11.11 43.46 -7.53
N VAL F 458 -10.70 42.37 -8.16
CA VAL F 458 -10.06 41.30 -7.44
C VAL F 458 -8.83 41.83 -6.76
N GLY F 459 -8.15 42.77 -7.43
CA GLY F 459 -7.00 43.47 -6.87
C GLY F 459 -7.12 44.99 -6.87
N LYS F 460 -6.56 45.66 -5.86
CA LYS F 460 -6.47 47.12 -5.81
C LYS F 460 -5.16 47.48 -6.51
N ILE F 461 -5.22 48.29 -7.55
CA ILE F 461 -4.00 48.63 -8.31
C ILE F 461 -3.69 50.12 -8.21
N PRO F 462 -2.51 50.46 -7.71
CA PRO F 462 -2.30 51.86 -7.40
C PRO F 462 -2.22 52.71 -8.65
N PRO F 463 -2.52 54.01 -8.51
CA PRO F 463 -2.47 54.91 -9.64
C PRO F 463 -1.04 54.99 -10.12
N THR F 464 -0.88 55.26 -11.40
CA THR F 464 0.44 55.27 -11.99
C THR F 464 1.12 56.62 -11.72
N TYR F 465 2.34 56.59 -11.21
CA TYR F 465 3.03 57.82 -10.81
C TYR F 465 4.52 57.86 -11.17
N GLN F 466 5.07 59.07 -11.21
CA GLN F 466 6.48 59.34 -11.47
C GLN F 466 7.24 59.66 -10.15
N ILE F 467 8.43 59.08 -9.98
CA ILE F 467 9.25 59.35 -8.79
C ILE F 467 10.72 59.43 -9.15
N ARG F 468 11.49 60.06 -8.27
CA ARG F 468 12.94 60.16 -8.45
C ARG F 468 13.67 59.72 -7.18
N PHE F 469 14.85 59.13 -7.35
CA PHE F 469 15.64 58.63 -6.21
C PHE F 469 16.97 59.40 -6.03
N LEU F 470 17.04 60.10 -4.90
CA LEU F 470 18.11 61.02 -4.58
C LEU F 470 19.06 60.45 -3.54
N PRO F 471 20.32 60.16 -3.95
CA PRO F 471 21.35 59.59 -3.05
C PRO F 471 21.51 60.34 -1.71
N ARG F 472 21.75 59.60 -0.64
CA ARG F 472 21.82 60.20 0.67
C ARG F 472 23.28 60.25 1.11
#